data_8CCQ
#
_entry.id   8CCQ
#
_cell.length_a   141.533
_cell.length_b   148.395
_cell.length_c   232.680
_cell.angle_alpha   90.00
_cell.angle_beta   90.00
_cell.angle_gamma   90.00
#
_symmetry.space_group_name_H-M   'P 2 21 21'
#
loop_
_entity.id
_entity.type
_entity.pdbx_description
1 polymer AroA
2 polymer AroB
3 non-polymer '2-AMINO-5,6-DIMERCAPTO-7-METHYL-3,7,8A,9-TETRAHYDRO-8-OXA-1,3,9,10-TETRAAZA-ANTHRACEN-4-ONE GUANOSINE DINUCLEOTIDE'
4 non-polymer 'OXYGEN ATOM'
5 non-polymer 'MOLYBDENUM(IV) ION'
6 non-polymer 'FE3-S4 CLUSTER'
7 non-polymer 'SULFATE ION'
8 non-polymer 'TRIETHYLENE GLYCOL'
9 non-polymer GLYCEROL
10 non-polymer TRIHYDROXYANTIMONITE(III)
11 non-polymer 3,6,9,12,15,18-HEXAOXAICOSANE-1,20-DIOL
12 non-polymer 'FE2/S2 (INORGANIC) CLUSTER'
13 water water
#
loop_
_entity_poly.entity_id
_entity_poly.type
_entity_poly.pdbx_seq_one_letter_code
_entity_poly.pdbx_strand_id
1 'polypeptide(L)'
;MAFKRHIDRLPIIPADAKKHNVTCHFCIVGCGYHAYTWPINKQGGTDPQNNIFGVDLSEQQQAESDAWYSPSMYNVVKQD
GRDVHVVIKPDHECVVNSGLGSVRGARMAETSFSEARNTQQQRLTDPLVWRYGQMQPTSWDDALDLVARVTAKIVKEKGE
DALIVSAFDHGGAGGGYENTWGTGKLYFEAMKVKNIRIHNRPAYNSEVHGTRDMGVGELNNCYEDAELADTIVAVGTNAL
ETQTNYFLNHWIPNLRGESLGKKKELMPEEPHEAGRIIIVDPRRTVTVNACEQTAGADNVLHLAINSGTDLALFNALFTY
IADKGWVDRDFIDKSTLREGTARPPLYPARGVSEANPGHLSSFEDAVEGCRMSIEEAAEITGLDAAQIIKAAEWIGMPKE
GGKRRRVMFGYEKGLIWGNDNYRTNGALVNLALATGNIGRPGGGVVRLGGHQEGYVRPSDAHVGRPAAYVDQLLIGGQGG
VHHIWGCDHYKTTLNAHEFKRVYKKRTDMVKDAMSAAPYGDREAMVNAIVDAINQGGLFAVNVDIIPTKIGEACHVILPA
ATSGEMNLTSMNGERRMRLTERYMDPPGQSMPDCLIAARLANTMERVLTEMGDVGYAAQFKGFDWQTEEDAFMDGYNKNA
HGGEFVTYERLSAMGTNGFQEPATGFTDGKIEGTQRLYTDGVFSTDDGKARFMDAPWRGLQAPGKQQQKDSHKYLINNGR
ANVVWQSAYLDQENDFVMDRFPYPFIEMNPEDMAEAGLKEGDLVEIYNDAGATQAMAYPTPTARRGETFMLFGFPTGVQG
NVTSAGTNELIIPNYKQTWGNIRKISDAPRNVAHLSFKSKEYQSA
;
A,C,E,G
2 'polypeptide(L)'
;MSRCQNMVDIGRRQFLRGGALAAAGATAAVFGVGAPQARAATAAAGVEYPANRLANISELTLNEPLDVAYPDEDAAGVLL
KLGTRVEGGVGPDGDIVGFSTICPHKGFPLSYSADNKTFNCPGHFSVFDPEKGGQQVWGQATQNLPQYVLRVADNGDIFA
EGVDELIYGRLSNVL
;
B,D,F,H
#
loop_
_chem_comp.id
_chem_comp.type
_chem_comp.name
_chem_comp.formula
4MO non-polymer 'MOLYBDENUM(IV) ION' 'Mo 4'
F3S non-polymer 'FE3-S4 CLUSTER' 'Fe3 S4'
FES non-polymer 'FE2/S2 (INORGANIC) CLUSTER' 'Fe2 S2'
GOL non-polymer GLYCEROL 'C3 H8 O3'
MGD non-polymer '2-AMINO-5,6-DIMERCAPTO-7-METHYL-3,7,8A,9-TETRAHYDRO-8-OXA-1,3,9,10-TETRAAZA-ANTHRACEN-4-ONE GUANOSINE DINUCLEOTIDE' 'C20 H26 N10 O13 P2 S2'
O non-polymer 'OXYGEN ATOM' O
P33 non-polymer 3,6,9,12,15,18-HEXAOXAICOSANE-1,20-DIOL 'C14 H30 O8'
PGE non-polymer 'TRIETHYLENE GLYCOL' 'C6 H14 O4'
SBO non-polymer TRIHYDROXYANTIMONITE(III) 'H3 O3 Sb'
SO4 non-polymer 'SULFATE ION' 'O4 S -2'
#
# COMPACT_ATOMS: atom_id res chain seq x y z
N ALA A 2 -23.13 -39.08 -13.01
CA ALA A 2 -23.14 -39.37 -11.55
C ALA A 2 -21.83 -39.99 -11.20
N PHE A 3 -21.29 -39.66 -10.03
CA PHE A 3 -20.05 -40.20 -9.58
C PHE A 3 -20.21 -41.66 -9.12
N LYS A 4 -19.30 -42.51 -9.59
CA LYS A 4 -19.30 -43.98 -9.29
C LYS A 4 -17.90 -44.38 -9.04
N ARG A 5 -17.66 -45.09 -7.92
CA ARG A 5 -16.31 -45.40 -7.53
C ARG A 5 -15.71 -46.58 -8.33
N HIS A 6 -16.55 -47.39 -8.95
CA HIS A 6 -16.11 -48.64 -9.62
C HIS A 6 -15.31 -49.56 -8.74
N ILE A 7 -15.60 -49.58 -7.42
CA ILE A 7 -15.02 -50.52 -6.48
C ILE A 7 -16.08 -51.68 -6.37
N ASP A 8 -15.70 -52.82 -6.89
CA ASP A 8 -16.58 -53.98 -7.12
C ASP A 8 -16.52 -54.97 -5.97
N ARG A 9 -15.51 -54.83 -5.13
CA ARG A 9 -15.37 -55.64 -3.93
C ARG A 9 -14.45 -55.05 -2.89
N LEU A 10 -14.66 -55.45 -1.65
CA LEU A 10 -13.93 -54.86 -0.57
C LEU A 10 -13.24 -55.99 0.18
N PRO A 11 -12.02 -55.75 0.66
CA PRO A 11 -11.45 -56.68 1.59
C PRO A 11 -12.40 -56.97 2.77
N ILE A 12 -12.35 -58.21 3.27
CA ILE A 12 -13.24 -58.69 4.29
C ILE A 12 -12.55 -58.53 5.62
N ILE A 13 -13.23 -57.95 6.60
CA ILE A 13 -12.67 -57.83 7.90
C ILE A 13 -12.50 -59.29 8.44
N PRO A 14 -11.27 -59.64 8.81
CA PRO A 14 -11.07 -60.98 9.33
C PRO A 14 -11.50 -61.06 10.79
N ALA A 15 -11.63 -62.29 11.27
CA ALA A 15 -12.05 -62.56 12.63
C ALA A 15 -11.15 -61.98 13.67
N ASP A 16 -9.86 -61.91 13.41
CA ASP A 16 -8.91 -61.36 14.39
C ASP A 16 -8.55 -59.88 14.21
N ALA A 17 -9.35 -59.11 13.48
CA ALA A 17 -9.08 -57.64 13.39
C ALA A 17 -9.14 -56.92 14.73
N LYS A 18 -8.39 -55.85 14.87
CA LYS A 18 -8.35 -55.07 16.08
C LYS A 18 -9.54 -54.06 16.02
N LYS A 19 -10.30 -54.03 17.10
CA LYS A 19 -11.57 -53.31 17.21
C LYS A 19 -11.35 -52.09 18.00
N HIS A 20 -11.83 -50.93 17.53
CA HIS A 20 -11.69 -49.66 18.22
C HIS A 20 -13.04 -48.97 18.30
N ASN A 21 -13.32 -48.35 19.43
CA ASN A 21 -14.58 -47.64 19.62
C ASN A 21 -14.42 -46.24 19.00
N VAL A 22 -15.37 -45.86 18.17
CA VAL A 22 -15.30 -44.59 17.47
C VAL A 22 -16.65 -43.92 17.51
N THR A 23 -16.65 -42.68 18.01
CA THR A 23 -17.75 -41.81 17.89
C THR A 23 -17.60 -41.10 16.55
N CYS A 24 -18.71 -40.88 15.89
CA CYS A 24 -18.68 -40.12 14.63
C CYS A 24 -17.94 -38.84 14.82
N HIS A 25 -17.06 -38.52 13.86
CA HIS A 25 -16.37 -37.25 13.88
C HIS A 25 -17.25 -36.04 13.89
N PHE A 26 -18.46 -36.16 13.36
CA PHE A 26 -19.17 -34.99 12.84
C PHE A 26 -20.29 -34.46 13.74
N CYS A 27 -21.55 -34.77 13.52
CA CYS A 27 -22.56 -33.96 14.17
C CYS A 27 -22.86 -34.37 15.61
N ILE A 28 -23.63 -33.49 16.25
CA ILE A 28 -24.13 -33.60 17.63
C ILE A 28 -24.63 -34.97 18.08
N VAL A 29 -25.22 -35.70 17.16
CA VAL A 29 -25.89 -36.98 17.47
C VAL A 29 -24.83 -37.93 18.06
N GLY A 30 -23.60 -37.89 17.59
CA GLY A 30 -22.58 -38.73 18.13
C GLY A 30 -22.84 -40.23 17.95
N CYS A 31 -23.32 -40.65 16.78
CA CYS A 31 -23.50 -42.10 16.44
C CYS A 31 -22.27 -42.95 16.75
N GLY A 32 -22.47 -44.17 17.24
CA GLY A 32 -21.35 -45.03 17.53
C GLY A 32 -20.94 -45.87 16.34
N TYR A 33 -19.65 -46.03 16.17
CA TYR A 33 -19.01 -46.85 15.15
C TYR A 33 -17.94 -47.67 15.77
N HIS A 34 -17.47 -48.63 14.97
CA HIS A 34 -16.19 -49.28 15.22
C HIS A 34 -15.24 -49.17 14.05
N ALA A 35 -13.97 -48.98 14.41
CA ALA A 35 -12.87 -49.10 13.48
C ALA A 35 -12.20 -50.44 13.69
N TYR A 36 -12.26 -51.27 12.66
CA TYR A 36 -11.54 -52.55 12.60
C TYR A 36 -10.33 -52.40 11.66
N THR A 37 -9.17 -52.66 12.21
CA THR A 37 -7.96 -52.63 11.46
C THR A 37 -7.26 -54.01 11.46
N TRP A 38 -6.55 -54.29 10.40
CA TRP A 38 -5.72 -55.47 10.29
C TRP A 38 -4.59 -55.29 9.25
N PRO A 39 -3.60 -56.17 9.28
CA PRO A 39 -2.45 -55.96 8.39
C PRO A 39 -2.75 -55.96 6.89
N ILE A 40 -2.02 -55.12 6.17
CA ILE A 40 -2.22 -54.84 4.77
C ILE A 40 -2.09 -56.12 3.97
N ASN A 41 -1.24 -57.04 4.44
CA ASN A 41 -1.12 -58.31 3.69
C ASN A 41 -2.01 -59.45 4.17
N LYS A 42 -3.07 -59.14 4.94
CA LYS A 42 -4.00 -60.15 5.41
C LYS A 42 -5.40 -59.76 5.08
N GLN A 43 -6.29 -60.75 5.19
CA GLN A 43 -7.70 -60.53 4.92
C GLN A 43 -8.54 -61.64 5.47
N GLY A 44 -9.82 -61.34 5.63
CA GLY A 44 -10.80 -62.32 5.93
C GLY A 44 -11.29 -63.03 4.70
N GLY A 45 -12.10 -64.07 4.96
CA GLY A 45 -12.77 -64.83 3.92
C GLY A 45 -14.25 -64.91 4.23
N THR A 46 -14.98 -65.44 3.27
CA THR A 46 -16.41 -65.53 3.34
C THR A 46 -16.96 -66.60 4.35
N ASP A 47 -16.15 -67.60 4.73
CA ASP A 47 -16.62 -68.60 5.77
C ASP A 47 -16.73 -67.94 7.13
N PRO A 48 -17.77 -68.28 7.93
CA PRO A 48 -17.98 -67.65 9.24
C PRO A 48 -16.77 -67.57 10.11
N GLN A 49 -15.85 -68.51 9.95
CA GLN A 49 -14.71 -68.65 10.82
CA GLN A 49 -14.72 -68.63 10.83
C GLN A 49 -13.67 -67.61 10.46
N ASN A 50 -13.77 -67.11 9.24
CA ASN A 50 -12.76 -66.26 8.68
C ASN A 50 -13.19 -64.80 8.60
N ASN A 51 -14.22 -64.42 9.32
CA ASN A 51 -14.61 -63.02 9.29
C ASN A 51 -15.15 -62.59 10.62
N ILE A 52 -15.11 -61.28 10.84
CA ILE A 52 -15.46 -60.67 12.10
C ILE A 52 -16.93 -60.88 12.38
N PHE A 53 -17.75 -61.14 11.35
CA PHE A 53 -19.20 -61.32 11.59
C PHE A 53 -19.71 -62.72 12.00
N GLY A 54 -18.91 -63.77 11.79
CA GLY A 54 -19.41 -65.14 11.97
C GLY A 54 -20.52 -65.51 10.99
N VAL A 55 -20.48 -64.94 9.80
CA VAL A 55 -21.60 -65.10 8.87
C VAL A 55 -20.98 -65.62 7.60
N ASP A 56 -21.80 -66.22 6.75
CA ASP A 56 -21.32 -66.73 5.45
C ASP A 56 -21.53 -65.58 4.47
N LEU A 57 -20.45 -64.84 4.22
CA LEU A 57 -20.48 -63.68 3.30
C LEU A 57 -20.56 -64.05 1.82
N SER A 58 -20.52 -65.35 1.47
CA SER A 58 -20.81 -65.76 0.07
C SER A 58 -22.31 -65.67 -0.29
N GLU A 59 -23.15 -65.32 0.69
CA GLU A 59 -24.58 -65.10 0.52
C GLU A 59 -24.97 -63.62 0.57
N GLN A 60 -25.86 -63.22 -0.32
CA GLN A 60 -26.50 -61.92 -0.22
C GLN A 60 -27.04 -61.66 1.13
N GLN A 61 -26.76 -60.51 1.72
CA GLN A 61 -27.36 -60.15 3.00
C GLN A 61 -28.66 -59.41 2.86
N GLN A 62 -29.48 -59.46 3.90
CA GLN A 62 -30.77 -58.77 3.88
C GLN A 62 -30.61 -57.35 4.39
N ALA A 63 -31.67 -56.58 4.22
CA ALA A 63 -31.77 -55.21 4.69
C ALA A 63 -31.30 -55.11 6.11
N GLU A 64 -30.65 -54.00 6.42
CA GLU A 64 -30.19 -53.72 7.74
C GLU A 64 -29.15 -54.69 8.26
N SER A 65 -28.40 -55.39 7.41
CA SER A 65 -27.40 -56.31 7.89
C SER A 65 -26.19 -55.59 8.53
N ASP A 66 -25.74 -56.12 9.65
CA ASP A 66 -24.50 -55.74 10.26
C ASP A 66 -23.32 -56.21 9.42
N ALA A 67 -23.52 -57.25 8.59
CA ALA A 67 -22.45 -57.88 7.85
C ALA A 67 -22.31 -57.28 6.43
N TRP A 68 -22.23 -55.95 6.38
CA TRP A 68 -21.92 -55.24 5.14
C TRP A 68 -21.32 -53.89 5.55
N TYR A 69 -20.55 -53.33 4.63
CA TYR A 69 -20.11 -51.96 4.68
C TYR A 69 -19.94 -51.44 3.25
N SER A 70 -20.15 -50.14 3.10
CA SER A 70 -20.12 -49.50 1.81
C SER A 70 -18.67 -49.12 1.54
N PRO A 71 -18.35 -48.85 0.27
CA PRO A 71 -16.95 -48.44 -0.01
C PRO A 71 -16.37 -47.24 0.79
N SER A 72 -17.25 -46.30 1.13
CA SER A 72 -16.83 -45.11 1.84
C SER A 72 -16.42 -45.43 3.25
N MET A 73 -16.72 -46.64 3.73
CA MET A 73 -16.32 -47.08 5.09
C MET A 73 -15.02 -47.87 5.12
N TYR A 74 -14.37 -48.04 3.95
CA TYR A 74 -13.13 -48.80 3.84
C TYR A 74 -11.98 -47.90 3.41
N ASN A 75 -10.83 -48.07 4.02
CA ASN A 75 -9.62 -47.43 3.49
C ASN A 75 -8.40 -48.21 3.91
N VAL A 76 -7.25 -47.70 3.52
CA VAL A 76 -5.95 -48.13 4.08
C VAL A 76 -5.25 -46.94 4.76
N VAL A 77 -4.86 -47.08 6.03
CA VAL A 77 -4.26 -46.01 6.80
C VAL A 77 -2.99 -46.45 7.49
N LYS A 78 -2.16 -45.50 7.85
CA LYS A 78 -1.01 -45.82 8.66
C LYS A 78 -1.40 -46.00 10.12
N GLN A 79 -0.89 -47.04 10.74
CA GLN A 79 -1.10 -47.26 12.18
C GLN A 79 0.22 -47.77 12.76
N ASP A 80 0.80 -47.00 13.67
CA ASP A 80 2.07 -47.29 14.27
C ASP A 80 3.12 -47.50 13.20
N GLY A 81 3.08 -46.66 12.18
CA GLY A 81 4.04 -46.75 11.11
C GLY A 81 3.83 -47.76 9.99
N ARG A 82 2.79 -48.57 10.04
CA ARG A 82 2.53 -49.54 9.00
C ARG A 82 1.18 -49.34 8.39
N ASP A 83 1.10 -49.65 7.11
CA ASP A 83 -0.19 -49.64 6.43
C ASP A 83 -1.09 -50.75 6.93
N VAL A 84 -2.31 -50.39 7.32
CA VAL A 84 -3.36 -51.36 7.70
C VAL A 84 -4.64 -51.07 6.94
N HIS A 85 -5.39 -52.13 6.66
CA HIS A 85 -6.77 -51.99 6.22
C HIS A 85 -7.59 -51.42 7.39
N VAL A 86 -8.59 -50.59 7.10
CA VAL A 86 -9.53 -50.11 8.10
C VAL A 86 -10.93 -50.12 7.57
N VAL A 87 -11.84 -50.56 8.40
CA VAL A 87 -13.24 -50.37 8.15
C VAL A 87 -13.82 -49.64 9.32
N ILE A 88 -14.55 -48.57 9.01
CA ILE A 88 -15.20 -47.75 10.07
C ILE A 88 -16.68 -47.78 9.87
N LYS A 89 -17.34 -48.65 10.64
CA LYS A 89 -18.77 -48.99 10.35
C LYS A 89 -19.63 -48.78 11.57
N PRO A 90 -20.90 -48.40 11.35
CA PRO A 90 -21.71 -48.03 12.50
C PRO A 90 -22.09 -49.22 13.40
N ASP A 91 -22.27 -48.94 14.69
CA ASP A 91 -22.48 -49.95 15.74
C ASP A 91 -23.94 -50.25 15.94
N HIS A 92 -24.35 -51.44 15.54
CA HIS A 92 -25.74 -51.89 15.79
C HIS A 92 -26.23 -51.82 17.22
N GLU A 93 -25.32 -51.99 18.16
CA GLU A 93 -25.62 -52.03 19.61
C GLU A 93 -25.63 -50.66 20.24
N CYS A 94 -25.34 -49.58 19.51
CA CYS A 94 -25.21 -48.27 20.14
C CYS A 94 -26.58 -47.77 20.16
N VAL A 95 -27.02 -47.35 21.31
CA VAL A 95 -28.44 -46.96 21.45
C VAL A 95 -28.75 -45.62 20.77
N VAL A 96 -27.73 -44.79 20.57
CA VAL A 96 -27.92 -43.56 19.82
C VAL A 96 -28.43 -43.81 18.42
N ASN A 97 -27.74 -44.67 17.69
CA ASN A 97 -28.01 -44.83 16.26
C ASN A 97 -28.55 -46.21 15.83
N SER A 98 -28.36 -47.23 16.68
CA SER A 98 -28.84 -48.58 16.33
C SER A 98 -28.35 -49.03 14.95
N GLY A 99 -27.07 -48.79 14.69
CA GLY A 99 -26.47 -49.21 13.42
C GLY A 99 -26.67 -48.26 12.23
N LEU A 100 -27.46 -47.21 12.34
CA LEU A 100 -27.51 -46.23 11.32
C LEU A 100 -26.20 -45.43 11.23
N GLY A 101 -25.82 -45.16 9.99
CA GLY A 101 -24.68 -44.30 9.67
C GLY A 101 -25.20 -43.31 8.61
N SER A 102 -25.14 -42.01 8.91
CA SER A 102 -25.55 -40.96 7.99
C SER A 102 -24.62 -40.90 6.82
N VAL A 103 -25.06 -40.20 5.80
CA VAL A 103 -24.22 -39.92 4.62
C VAL A 103 -22.88 -39.26 4.92
N ARG A 104 -22.77 -38.61 6.09
CA ARG A 104 -21.52 -38.06 6.56
C ARG A 104 -20.66 -39.04 7.37
N GLY A 105 -21.21 -39.58 8.46
CA GLY A 105 -20.47 -40.57 9.25
C GLY A 105 -19.95 -41.76 8.45
N ALA A 106 -20.77 -42.22 7.50
CA ALA A 106 -20.41 -43.39 6.73
C ALA A 106 -19.25 -43.14 5.77
N ARG A 107 -18.80 -41.90 5.65
CA ARG A 107 -17.64 -41.62 4.86
C ARG A 107 -16.43 -41.24 5.66
N MET A 108 -16.44 -41.47 6.99
CA MET A 108 -15.25 -41.28 7.77
C MET A 108 -13.98 -42.00 7.23
N ALA A 109 -14.11 -43.25 6.79
CA ALA A 109 -12.91 -43.93 6.31
C ALA A 109 -12.35 -43.25 5.04
N GLU A 110 -13.25 -43.04 4.09
CA GLU A 110 -12.95 -42.47 2.77
C GLU A 110 -12.41 -41.03 2.83
N THR A 111 -12.79 -40.31 3.86
CA THR A 111 -12.21 -39.02 4.15
C THR A 111 -11.06 -39.02 5.16
N SER A 112 -10.52 -40.19 5.52
CA SER A 112 -9.32 -40.28 6.26
C SER A 112 -8.12 -40.14 5.28
N PHE A 113 -6.97 -39.78 5.82
CA PHE A 113 -5.74 -39.67 5.06
C PHE A 113 -5.18 -41.05 4.72
N SER A 114 -4.95 -41.30 3.45
CA SER A 114 -4.35 -42.54 2.99
C SER A 114 -3.37 -42.21 1.88
N GLU A 115 -2.08 -42.44 2.14
CA GLU A 115 -1.10 -42.39 1.06
C GLU A 115 -1.29 -43.55 0.12
N ALA A 116 -1.63 -44.72 0.62
CA ALA A 116 -1.78 -45.90 -0.29
C ALA A 116 -2.92 -45.76 -1.27
N ARG A 117 -4.06 -45.21 -0.83
CA ARG A 117 -5.25 -45.08 -1.68
C ARG A 117 -5.48 -43.64 -2.13
N ASN A 118 -4.51 -42.79 -1.83
CA ASN A 118 -4.53 -41.37 -2.23
C ASN A 118 -5.76 -40.59 -1.81
N THR A 119 -6.33 -40.84 -0.64
CA THR A 119 -7.40 -40.00 -0.18
C THR A 119 -6.89 -38.85 0.69
N GLN A 120 -7.59 -37.71 0.60
CA GLN A 120 -7.31 -36.53 1.38
C GLN A 120 -5.83 -36.15 1.35
N GLN A 121 -5.27 -36.20 0.16
CA GLN A 121 -3.89 -35.70 -0.06
C GLN A 121 -3.77 -34.18 0.20
N GLN A 122 -4.86 -33.43 0.32
CA GLN A 122 -4.78 -32.07 0.83
C GLN A 122 -4.33 -31.97 2.30
N ARG A 123 -4.38 -33.06 3.08
CA ARG A 123 -3.99 -32.91 4.46
C ARG A 123 -2.59 -32.32 4.71
N LEU A 124 -2.52 -31.42 5.67
CA LEU A 124 -1.26 -30.80 6.12
C LEU A 124 -0.35 -31.87 6.80
N THR A 125 0.92 -31.83 6.47
CA THR A 125 1.89 -32.74 6.99
C THR A 125 3.02 -32.00 7.69
N ASP A 126 3.27 -30.75 7.31
CA ASP A 126 4.42 -30.01 7.80
C ASP A 126 4.02 -28.60 8.20
N PRO A 127 4.71 -28.06 9.22
CA PRO A 127 4.66 -26.61 9.44
C PRO A 127 5.10 -25.85 8.18
N LEU A 128 4.47 -24.71 7.93
CA LEU A 128 4.70 -23.88 6.75
C LEU A 128 4.90 -22.48 7.21
N VAL A 129 5.83 -21.76 6.62
CA VAL A 129 6.10 -20.41 6.98
C VAL A 129 6.20 -19.63 5.71
N TRP A 130 5.66 -18.42 5.73
CA TRP A 130 5.80 -17.51 4.59
C TRP A 130 7.21 -16.90 4.59
N ARG A 131 8.00 -17.26 3.58
CA ARG A 131 9.39 -16.78 3.41
C ARG A 131 9.88 -17.00 2.01
N TYR A 132 10.72 -16.11 1.49
CA TYR A 132 11.30 -16.29 0.10
C TYR A 132 10.25 -16.17 -1.01
N GLY A 133 9.16 -15.46 -0.71
CA GLY A 133 8.05 -15.23 -1.63
C GLY A 133 6.84 -16.15 -1.75
N GLN A 134 6.81 -17.18 -0.93
CA GLN A 134 5.84 -18.27 -1.01
CA GLN A 134 5.93 -18.30 -1.04
C GLN A 134 5.82 -18.91 0.39
N MET A 135 4.81 -19.73 0.67
CA MET A 135 4.80 -20.57 1.83
C MET A 135 5.85 -21.68 1.65
N GLN A 136 6.61 -22.00 2.71
CA GLN A 136 7.66 -23.01 2.63
C GLN A 136 7.57 -23.98 3.81
N PRO A 137 7.82 -25.27 3.58
CA PRO A 137 7.79 -26.17 4.73
C PRO A 137 9.02 -26.05 5.62
N THR A 138 8.83 -26.37 6.89
CA THR A 138 9.89 -26.21 7.84
C THR A 138 9.67 -27.16 8.99
N SER A 139 10.56 -27.09 9.97
CA SER A 139 10.41 -27.85 11.20
C SER A 139 9.48 -27.20 12.24
N TRP A 140 8.97 -28.03 13.14
CA TRP A 140 8.22 -27.51 14.30
C TRP A 140 9.03 -26.55 15.13
N ASP A 141 10.31 -26.85 15.34
CA ASP A 141 11.14 -26.00 16.17
C ASP A 141 11.24 -24.62 15.56
N ASP A 142 11.51 -24.54 14.27
CA ASP A 142 11.57 -23.25 13.58
C ASP A 142 10.23 -22.49 13.68
N ALA A 143 9.13 -23.13 13.21
CA ALA A 143 7.80 -22.50 13.14
C ALA A 143 7.34 -22.04 14.53
N LEU A 144 7.46 -22.92 15.51
CA LEU A 144 7.05 -22.52 16.86
C LEU A 144 7.85 -21.37 17.39
N ASP A 145 9.13 -21.32 17.09
CA ASP A 145 9.98 -20.25 17.62
C ASP A 145 9.52 -18.93 17.03
N LEU A 146 9.32 -18.90 15.72
CA LEU A 146 8.83 -17.67 15.06
C LEU A 146 7.48 -17.17 15.66
N VAL A 147 6.54 -18.08 15.84
CA VAL A 147 5.24 -17.76 16.34
C VAL A 147 5.37 -17.16 17.71
N ALA A 148 6.13 -17.83 18.57
CA ALA A 148 6.30 -17.34 19.90
C ALA A 148 7.06 -16.01 20.00
N ARG A 149 8.07 -15.79 19.18
CA ARG A 149 8.83 -14.57 19.26
CA ARG A 149 8.83 -14.56 19.32
C ARG A 149 7.98 -13.36 18.87
N VAL A 150 7.21 -13.53 17.81
CA VAL A 150 6.36 -12.46 17.35
C VAL A 150 5.26 -12.19 18.39
N THR A 151 4.68 -13.27 18.94
CA THR A 151 3.53 -13.20 19.80
C THR A 151 4.03 -12.52 21.09
N ALA A 152 5.17 -13.00 21.56
CA ALA A 152 5.71 -12.46 22.84
C ALA A 152 6.14 -11.03 22.73
N LYS A 153 6.73 -10.67 21.59
CA LYS A 153 7.13 -9.31 21.43
C LYS A 153 5.95 -8.36 21.40
N ILE A 154 4.89 -8.78 20.72
CA ILE A 154 3.73 -7.93 20.55
C ILE A 154 2.99 -7.73 21.89
N VAL A 155 2.83 -8.82 22.60
CA VAL A 155 2.10 -8.83 23.83
C VAL A 155 2.92 -8.00 24.87
N LYS A 156 4.23 -8.13 24.87
CA LYS A 156 5.07 -7.41 25.77
C LYS A 156 4.99 -5.94 25.45
N GLU A 157 4.95 -5.54 24.19
CA GLU A 157 4.93 -4.14 23.82
C GLU A 157 3.51 -3.53 23.85
N LYS A 158 2.48 -4.32 23.64
CA LYS A 158 1.14 -3.74 23.50
C LYS A 158 0.13 -4.33 24.43
N GLY A 159 0.50 -5.32 25.25
CA GLY A 159 -0.42 -6.02 26.11
C GLY A 159 -1.02 -7.26 25.46
N GLU A 160 -1.64 -8.08 26.26
CA GLU A 160 -2.39 -9.25 25.75
C GLU A 160 -3.58 -8.90 24.83
N ASP A 161 -4.09 -7.66 24.93
CA ASP A 161 -5.17 -7.22 24.05
C ASP A 161 -4.76 -7.16 22.57
N ALA A 162 -3.48 -7.07 22.32
CA ALA A 162 -3.00 -7.20 20.93
C ALA A 162 -2.99 -8.58 20.32
N LEU A 163 -3.13 -9.61 21.13
CA LEU A 163 -3.34 -10.91 20.68
C LEU A 163 -4.83 -11.24 20.49
N ILE A 164 -5.20 -11.60 19.26
CA ILE A 164 -6.54 -11.97 18.85
C ILE A 164 -6.56 -13.47 18.64
N VAL A 165 -7.54 -14.15 19.16
CA VAL A 165 -7.66 -15.53 18.99
C VAL A 165 -9.02 -15.83 18.40
N SER A 166 -9.03 -16.73 17.41
CA SER A 166 -10.25 -17.45 16.98
C SER A 166 -10.07 -18.96 17.20
N ALA A 167 -10.96 -19.60 17.93
CA ALA A 167 -10.84 -21.02 18.21
C ALA A 167 -12.15 -21.75 18.30
N PHE A 168 -12.15 -22.97 17.82
CA PHE A 168 -13.20 -23.93 18.14
C PHE A 168 -13.52 -23.88 19.66
N ASP A 169 -14.78 -24.09 20.02
CA ASP A 169 -15.16 -24.38 21.40
C ASP A 169 -15.96 -25.69 21.49
N HIS A 170 -15.96 -26.47 20.42
CA HIS A 170 -16.87 -27.57 20.26
C HIS A 170 -16.20 -28.93 20.54
N GLY A 171 -17.00 -30.00 20.36
CA GLY A 171 -16.63 -31.37 20.59
C GLY A 171 -16.36 -32.04 19.25
N GLY A 172 -16.08 -33.34 19.29
CA GLY A 172 -15.79 -34.16 18.12
C GLY A 172 -14.49 -33.72 17.45
N ALA A 173 -14.33 -34.12 16.19
CA ALA A 173 -13.16 -33.79 15.43
C ALA A 173 -13.02 -32.28 15.34
N GLY A 174 -11.82 -31.80 15.58
CA GLY A 174 -11.61 -30.38 15.63
C GLY A 174 -12.01 -29.72 16.93
N GLY A 175 -12.19 -30.53 17.95
CA GLY A 175 -12.55 -30.00 19.24
C GLY A 175 -12.31 -31.10 20.28
N GLY A 176 -13.19 -31.12 21.25
CA GLY A 176 -13.20 -32.17 22.29
C GLY A 176 -12.52 -31.75 23.56
N TYR A 177 -12.64 -32.58 24.58
CA TYR A 177 -12.19 -32.13 25.94
C TYR A 177 -10.70 -31.88 26.10
N GLU A 178 -9.91 -32.69 25.40
CA GLU A 178 -8.49 -32.54 25.42
C GLU A 178 -8.13 -31.23 24.75
N ASN A 179 -8.71 -31.00 23.56
CA ASN A 179 -8.34 -29.85 22.76
C ASN A 179 -8.87 -28.50 23.29
N THR A 180 -10.12 -28.48 23.78
CA THR A 180 -10.61 -27.25 24.37
C THR A 180 -9.84 -26.91 25.64
N TRP A 181 -9.43 -27.93 26.39
CA TRP A 181 -8.61 -27.65 27.59
C TRP A 181 -7.25 -27.06 27.21
N GLY A 182 -6.61 -27.69 26.21
CA GLY A 182 -5.27 -27.25 25.83
C GLY A 182 -5.26 -25.80 25.41
N THR A 183 -6.13 -25.47 24.47
CA THR A 183 -6.27 -24.11 24.02
C THR A 183 -6.74 -23.13 25.14
N GLY A 184 -7.73 -23.54 25.92
CA GLY A 184 -8.21 -22.71 27.02
C GLY A 184 -7.18 -22.44 28.09
N LYS A 185 -6.38 -23.45 28.46
CA LYS A 185 -5.30 -23.25 29.46
C LYS A 185 -4.30 -22.25 28.90
N LEU A 186 -3.96 -22.37 27.62
CA LEU A 186 -3.02 -21.41 27.06
C LEU A 186 -3.54 -20.00 27.13
N TYR A 187 -4.78 -19.77 26.65
CA TYR A 187 -5.29 -18.39 26.52
C TYR A 187 -5.98 -17.75 27.75
N PHE A 188 -6.48 -18.59 28.66
CA PHE A 188 -7.28 -18.18 29.81
C PHE A 188 -6.59 -18.46 31.17
N GLU A 189 -5.67 -19.40 31.21
CA GLU A 189 -4.89 -19.66 32.40
C GLU A 189 -3.53 -18.97 32.31
N ALA A 190 -2.68 -19.38 31.38
CA ALA A 190 -1.37 -18.77 31.19
C ALA A 190 -1.48 -17.33 30.85
N MET A 191 -2.51 -17.01 30.06
CA MET A 191 -2.82 -15.63 29.65
C MET A 191 -4.23 -15.27 30.10
N LYS A 192 -4.61 -14.01 29.92
CA LYS A 192 -6.01 -13.56 30.07
C LYS A 192 -6.43 -12.85 28.75
N VAL A 193 -6.45 -13.60 27.66
CA VAL A 193 -6.86 -13.12 26.35
C VAL A 193 -8.36 -12.74 26.38
N LYS A 194 -8.66 -11.48 26.15
CA LYS A 194 -10.02 -11.01 26.09
C LYS A 194 -10.59 -11.01 24.67
N ASN A 195 -9.73 -10.68 23.70
CA ASN A 195 -10.10 -10.62 22.28
C ASN A 195 -10.07 -11.95 21.61
N ILE A 196 -10.95 -12.80 22.06
CA ILE A 196 -11.08 -14.15 21.57
C ILE A 196 -12.49 -14.35 21.05
N ARG A 197 -12.64 -14.98 19.91
CA ARG A 197 -13.96 -15.41 19.43
C ARG A 197 -13.96 -16.91 19.20
N ILE A 198 -15.13 -17.44 18.93
CA ILE A 198 -15.42 -18.85 18.85
C ILE A 198 -15.59 -19.15 17.35
N HIS A 199 -15.56 -20.38 16.98
CA HIS A 199 -15.56 -20.76 15.56
C HIS A 199 -16.78 -20.28 14.77
N ASN A 200 -17.91 -20.09 15.44
CA ASN A 200 -19.20 -19.77 14.76
C ASN A 200 -19.85 -18.43 15.10
N ARG A 201 -19.20 -17.65 15.94
CA ARG A 201 -19.73 -16.40 16.39
C ARG A 201 -18.59 -15.47 16.78
N PRO A 202 -18.72 -14.17 16.57
CA PRO A 202 -17.55 -13.29 16.59
C PRO A 202 -17.18 -12.68 17.97
N ALA A 203 -17.53 -13.37 19.06
CA ALA A 203 -17.20 -12.94 20.41
C ALA A 203 -17.21 -14.14 21.31
N TYR A 204 -16.70 -13.98 22.53
CA TYR A 204 -16.67 -15.15 23.43
C TYR A 204 -17.93 -15.08 24.31
N ASN A 205 -19.05 -15.52 23.72
CA ASN A 205 -20.39 -15.49 24.36
C ASN A 205 -20.91 -16.90 24.35
N SER A 206 -22.09 -17.10 24.91
CA SER A 206 -22.84 -18.28 24.75
C SER A 206 -23.90 -18.04 23.65
N GLU A 207 -24.23 -19.11 22.97
CA GLU A 207 -25.33 -19.09 22.04
C GLU A 207 -26.68 -18.88 22.71
N VAL A 208 -26.79 -19.30 23.98
CA VAL A 208 -28.08 -19.48 24.64
C VAL A 208 -28.03 -18.88 26.03
N HIS A 209 -27.53 -17.65 26.11
CA HIS A 209 -27.52 -16.95 27.40
C HIS A 209 -28.95 -16.88 27.99
N GLY A 210 -29.96 -16.78 27.11
CA GLY A 210 -31.35 -16.78 27.61
C GLY A 210 -31.75 -17.94 28.52
N THR A 211 -31.66 -19.16 28.00
CA THR A 211 -32.06 -20.33 28.74
C THR A 211 -31.11 -20.52 29.98
N ARG A 212 -29.82 -20.18 29.81
CA ARG A 212 -28.85 -20.38 30.88
C ARG A 212 -29.16 -19.39 32.03
N ASP A 213 -29.46 -18.15 31.72
CA ASP A 213 -29.76 -17.16 32.73
C ASP A 213 -31.07 -17.56 33.47
N MET A 214 -31.96 -18.25 32.77
CA MET A 214 -33.18 -18.73 33.37
C MET A 214 -32.97 -19.93 34.32
N GLY A 215 -31.80 -20.53 34.28
CA GLY A 215 -31.45 -21.72 35.10
C GLY A 215 -31.58 -23.01 34.40
N VAL A 216 -31.84 -22.94 33.07
CA VAL A 216 -32.13 -24.14 32.30
C VAL A 216 -30.98 -24.38 31.30
N GLY A 217 -30.02 -25.17 31.71
CA GLY A 217 -28.95 -25.59 30.82
C GLY A 217 -29.58 -26.24 29.60
N GLU A 218 -29.01 -25.98 28.43
CA GLU A 218 -29.66 -26.32 27.14
C GLU A 218 -29.63 -27.76 26.73
N LEU A 219 -28.94 -28.64 27.46
CA LEU A 219 -28.98 -30.04 27.14
C LEU A 219 -29.47 -30.78 28.35
N ASN A 220 -30.78 -30.79 28.54
CA ASN A 220 -31.36 -31.18 29.81
C ASN A 220 -32.12 -32.48 29.76
N ASN A 221 -32.28 -33.07 28.58
CA ASN A 221 -33.10 -34.28 28.44
C ASN A 221 -32.32 -35.48 27.95
N CYS A 222 -33.00 -36.48 27.44
CA CYS A 222 -32.32 -37.54 26.75
C CYS A 222 -33.03 -37.80 25.48
N TYR A 223 -32.41 -38.60 24.65
CA TYR A 223 -32.96 -38.87 23.32
C TYR A 223 -34.22 -39.76 23.35
N GLU A 224 -34.33 -40.58 24.40
CA GLU A 224 -35.54 -41.32 24.60
C GLU A 224 -36.75 -40.40 24.75
N ASP A 225 -36.54 -39.20 25.28
CA ASP A 225 -37.62 -38.30 25.41
C ASP A 225 -38.30 -37.96 24.10
N ALA A 226 -37.57 -37.95 22.99
CA ALA A 226 -38.21 -37.73 21.67
C ALA A 226 -39.12 -38.88 21.31
N GLU A 227 -38.82 -40.07 21.81
CA GLU A 227 -39.69 -41.27 21.57
C GLU A 227 -40.96 -41.25 22.43
N LEU A 228 -40.89 -40.55 23.55
CA LEU A 228 -41.92 -40.59 24.60
C LEU A 228 -42.90 -39.44 24.61
N ALA A 229 -42.63 -38.35 23.87
CA ALA A 229 -43.45 -37.19 23.92
C ALA A 229 -44.78 -37.43 23.26
N ASP A 230 -45.78 -36.69 23.73
CA ASP A 230 -47.03 -36.58 22.99
C ASP A 230 -46.86 -35.68 21.77
N THR A 231 -46.15 -34.57 21.98
CA THR A 231 -45.91 -33.60 20.91
C THR A 231 -44.42 -33.21 20.91
N ILE A 232 -43.81 -33.21 19.74
CA ILE A 232 -42.47 -32.61 19.54
C ILE A 232 -42.72 -31.23 18.91
N VAL A 233 -42.10 -30.22 19.48
CA VAL A 233 -42.06 -28.90 18.92
C VAL A 233 -40.58 -28.65 18.47
N ALA A 234 -40.39 -28.58 17.16
CA ALA A 234 -39.12 -28.50 16.54
C ALA A 234 -39.01 -27.13 15.93
N VAL A 235 -38.23 -26.25 16.53
CA VAL A 235 -38.13 -24.87 16.15
C VAL A 235 -36.77 -24.58 15.48
N GLY A 236 -36.81 -24.17 14.23
CA GLY A 236 -35.57 -23.77 13.59
C GLY A 236 -34.54 -24.86 13.47
N THR A 237 -35.03 -26.06 13.19
CA THR A 237 -34.18 -27.20 13.01
C THR A 237 -34.63 -27.94 11.75
N ASN A 238 -33.69 -28.48 11.01
CA ASN A 238 -33.98 -29.28 9.84
C ASN A 238 -33.38 -30.66 10.12
N ALA A 239 -33.87 -31.24 11.21
CA ALA A 239 -33.37 -32.49 11.78
C ALA A 239 -33.13 -33.66 10.87
N LEU A 240 -33.90 -33.90 9.83
CA LEU A 240 -33.56 -35.03 8.99
C LEU A 240 -32.18 -34.81 8.35
N GLU A 241 -31.91 -33.55 7.99
CA GLU A 241 -30.60 -33.28 7.36
C GLU A 241 -29.50 -32.99 8.34
N THR A 242 -29.82 -32.40 9.46
CA THR A 242 -28.82 -31.83 10.39
C THR A 242 -28.64 -32.52 11.76
N GLN A 243 -29.59 -33.35 12.17
CA GLN A 243 -29.48 -34.21 13.38
C GLN A 243 -30.02 -35.57 13.00
N THR A 244 -29.50 -36.07 11.88
CA THR A 244 -30.16 -37.11 11.11
C THR A 244 -30.58 -38.35 11.87
N ASN A 245 -29.64 -38.94 12.60
CA ASN A 245 -29.93 -40.25 13.21
C ASN A 245 -30.71 -40.14 14.50
N TYR A 246 -30.67 -38.99 15.15
CA TYR A 246 -31.55 -38.70 16.25
C TYR A 246 -32.94 -38.67 15.72
N PHE A 247 -33.13 -37.93 14.61
CA PHE A 247 -34.41 -37.88 13.99
C PHE A 247 -34.90 -39.29 13.59
N LEU A 248 -34.10 -40.01 12.84
CA LEU A 248 -34.49 -41.31 12.30
C LEU A 248 -34.58 -42.40 13.40
N ASN A 249 -33.70 -42.40 14.39
CA ASN A 249 -33.72 -43.47 15.37
C ASN A 249 -34.61 -43.17 16.58
N HIS A 250 -35.05 -41.94 16.83
CA HIS A 250 -35.88 -41.61 17.95
C HIS A 250 -37.15 -40.84 17.65
N TRP A 251 -37.15 -39.86 16.70
CA TRP A 251 -38.33 -39.09 16.48
C TRP A 251 -39.31 -39.92 15.66
N ILE A 252 -38.76 -40.54 14.62
CA ILE A 252 -39.57 -41.32 13.71
C ILE A 252 -40.35 -42.44 14.41
N PRO A 253 -39.73 -43.18 15.31
CA PRO A 253 -40.56 -44.21 15.97
C PRO A 253 -41.73 -43.67 16.80
N ASN A 254 -41.58 -42.45 17.34
CA ASN A 254 -42.70 -41.80 17.99
C ASN A 254 -43.81 -41.44 17.00
N LEU A 255 -43.43 -40.83 15.91
CA LEU A 255 -44.39 -40.42 14.87
C LEU A 255 -45.13 -41.59 14.19
N ARG A 256 -44.45 -42.70 14.10
CA ARG A 256 -44.96 -43.90 13.50
C ARG A 256 -45.82 -44.69 14.51
N GLY A 257 -45.82 -44.31 15.79
CA GLY A 257 -46.50 -45.05 16.84
C GLY A 257 -45.78 -46.29 17.31
N GLU A 258 -44.55 -46.53 16.85
CA GLU A 258 -43.78 -47.68 17.28
C GLU A 258 -43.39 -47.60 18.72
N SER A 259 -43.29 -46.40 19.28
CA SER A 259 -42.92 -46.25 20.67
C SER A 259 -44.15 -46.40 21.66
N LEU A 260 -45.37 -46.62 21.16
CA LEU A 260 -46.60 -46.66 21.97
C LEU A 260 -46.52 -47.65 23.11
N GLY A 261 -46.01 -48.84 22.79
CA GLY A 261 -45.83 -49.94 23.75
C GLY A 261 -44.94 -49.52 24.88
N LYS A 262 -43.77 -48.99 24.54
CA LYS A 262 -42.87 -48.40 25.54
C LYS A 262 -43.55 -47.20 26.26
N LYS A 263 -44.29 -46.34 25.57
CA LYS A 263 -44.96 -45.23 26.29
C LYS A 263 -45.86 -45.76 27.41
N LYS A 264 -46.69 -46.73 27.01
CA LYS A 264 -47.75 -47.36 27.85
C LYS A 264 -47.07 -48.00 29.05
N GLU A 265 -45.91 -48.59 28.79
CA GLU A 265 -45.10 -49.26 29.76
C GLU A 265 -44.54 -48.32 30.80
N LEU A 266 -43.89 -47.24 30.39
CA LEU A 266 -43.22 -46.35 31.35
C LEU A 266 -44.11 -45.30 31.95
N MET A 267 -45.23 -44.99 31.32
CA MET A 267 -46.21 -43.96 31.80
C MET A 267 -47.63 -44.55 31.63
N PRO A 268 -47.91 -45.66 32.36
CA PRO A 268 -49.28 -46.12 32.41
C PRO A 268 -49.98 -45.07 33.26
N GLU A 269 -51.27 -45.03 33.30
CA GLU A 269 -51.95 -43.95 34.06
C GLU A 269 -52.12 -42.69 33.24
N GLU A 270 -51.87 -42.76 31.93
CA GLU A 270 -52.31 -41.70 31.04
C GLU A 270 -52.46 -42.27 29.63
N PRO A 271 -53.31 -41.64 28.84
CA PRO A 271 -53.38 -42.00 27.44
C PRO A 271 -52.15 -41.58 26.62
N HIS A 272 -51.96 -42.34 25.54
CA HIS A 272 -50.84 -42.21 24.63
C HIS A 272 -51.34 -42.42 23.25
N GLU A 273 -50.93 -41.57 22.35
CA GLU A 273 -51.15 -41.74 20.93
C GLU A 273 -49.79 -41.58 20.26
N ALA A 274 -49.76 -41.82 18.96
CA ALA A 274 -48.56 -41.56 18.19
C ALA A 274 -48.27 -40.07 18.33
N GLY A 275 -46.98 -39.78 18.38
CA GLY A 275 -46.54 -38.38 18.53
C GLY A 275 -46.99 -37.54 17.36
N ARG A 276 -47.28 -36.30 17.67
CA ARG A 276 -47.50 -35.28 16.71
C ARG A 276 -46.36 -34.30 16.78
N ILE A 277 -46.20 -33.53 15.73
CA ILE A 277 -45.03 -32.65 15.61
C ILE A 277 -45.44 -31.31 15.01
N ILE A 278 -45.02 -30.26 15.70
CA ILE A 278 -45.03 -28.90 15.21
C ILE A 278 -43.61 -28.50 14.71
N ILE A 279 -43.51 -28.06 13.46
CA ILE A 279 -42.23 -27.61 12.90
C ILE A 279 -42.37 -26.14 12.64
N VAL A 280 -41.60 -25.36 13.36
CA VAL A 280 -41.57 -23.91 13.17
C VAL A 280 -40.35 -23.54 12.30
N ASP A 281 -40.61 -23.22 11.04
CA ASP A 281 -39.55 -23.04 10.03
C ASP A 281 -40.19 -22.31 8.85
N PRO A 282 -39.69 -21.13 8.48
CA PRO A 282 -40.27 -20.46 7.27
C PRO A 282 -40.25 -21.31 6.01
N ARG A 283 -39.30 -22.24 5.94
CA ARG A 283 -39.12 -23.12 4.82
C ARG A 283 -39.71 -24.49 5.05
N ARG A 284 -40.35 -25.03 4.01
CA ARG A 284 -40.67 -26.41 3.97
C ARG A 284 -39.48 -27.22 3.56
N THR A 285 -39.01 -28.06 4.47
CA THR A 285 -37.85 -28.87 4.32
C THR A 285 -38.17 -30.35 4.13
N VAL A 286 -37.14 -31.12 3.83
CA VAL A 286 -37.30 -32.56 3.71
C VAL A 286 -37.71 -33.15 5.07
N THR A 287 -37.39 -32.43 6.15
CA THR A 287 -37.77 -32.85 7.45
C THR A 287 -39.34 -32.83 7.58
N VAL A 288 -39.93 -31.76 7.11
CA VAL A 288 -41.37 -31.64 7.13
C VAL A 288 -42.00 -32.75 6.28
N ASN A 289 -41.52 -32.90 5.06
CA ASN A 289 -41.94 -33.99 4.19
C ASN A 289 -41.87 -35.37 4.85
N ALA A 290 -40.76 -35.73 5.47
CA ALA A 290 -40.61 -37.05 6.05
C ALA A 290 -41.61 -37.24 7.23
N CYS A 291 -41.84 -36.18 8.00
CA CYS A 291 -42.78 -36.18 9.11
C CYS A 291 -44.21 -36.53 8.59
N GLU A 292 -44.66 -35.87 7.53
CA GLU A 292 -45.99 -36.12 6.92
C GLU A 292 -46.11 -37.56 6.43
N GLN A 293 -45.06 -38.03 5.80
CA GLN A 293 -44.97 -39.32 5.20
C GLN A 293 -45.03 -40.42 6.28
N THR A 294 -44.61 -40.14 7.49
CA THR A 294 -44.49 -41.12 8.58
C THR A 294 -45.70 -41.04 9.49
N ALA A 295 -46.10 -39.83 9.87
CA ALA A 295 -47.17 -39.62 10.84
C ALA A 295 -48.53 -39.38 10.23
N GLY A 296 -48.59 -39.13 8.92
CA GLY A 296 -49.75 -38.47 8.32
C GLY A 296 -49.75 -36.96 8.43
N ALA A 297 -50.15 -36.28 7.36
CA ALA A 297 -50.21 -34.81 7.36
C ALA A 297 -51.09 -34.21 8.48
N ASP A 298 -52.08 -34.98 8.98
CA ASP A 298 -52.91 -34.52 10.07
C ASP A 298 -52.18 -34.39 11.42
N ASN A 299 -51.07 -35.10 11.58
CA ASN A 299 -50.27 -35.05 12.76
C ASN A 299 -49.01 -34.23 12.62
N VAL A 300 -48.96 -33.39 11.59
CA VAL A 300 -47.84 -32.51 11.40
C VAL A 300 -48.38 -31.12 11.23
N LEU A 301 -47.92 -30.20 12.05
CA LEU A 301 -48.28 -28.84 11.86
C LEU A 301 -47.03 -28.00 11.48
N HIS A 302 -46.92 -27.66 10.20
CA HIS A 302 -45.81 -26.84 9.70
C HIS A 302 -46.20 -25.42 9.79
N LEU A 303 -45.67 -24.73 10.80
CA LEU A 303 -45.85 -23.33 10.94
C LEU A 303 -44.75 -22.55 10.15
N ALA A 304 -45.09 -22.19 8.93
CA ALA A 304 -44.21 -21.54 8.00
C ALA A 304 -44.28 -20.04 8.25
N ILE A 305 -43.72 -19.68 9.38
CA ILE A 305 -43.68 -18.32 9.81
C ILE A 305 -42.85 -17.44 8.89
N ASN A 306 -43.16 -16.18 8.95
CA ASN A 306 -42.30 -15.13 8.41
C ASN A 306 -40.92 -15.20 9.10
N SER A 307 -39.87 -15.12 8.29
CA SER A 307 -38.50 -15.12 8.75
C SER A 307 -38.36 -14.17 9.89
N GLY A 308 -37.87 -14.69 11.00
CA GLY A 308 -37.55 -13.84 12.14
C GLY A 308 -38.69 -13.54 13.09
N THR A 309 -39.84 -14.19 12.95
CA THR A 309 -40.97 -13.79 13.77
C THR A 309 -41.31 -14.81 14.86
N ASP A 310 -40.42 -15.76 15.10
CA ASP A 310 -40.63 -16.76 16.16
C ASP A 310 -41.09 -16.17 17.52
N LEU A 311 -40.47 -15.10 17.97
CA LEU A 311 -40.74 -14.51 19.25
C LEU A 311 -42.26 -14.15 19.35
N ALA A 312 -42.83 -13.58 18.31
CA ALA A 312 -44.22 -13.21 18.33
C ALA A 312 -45.12 -14.49 18.46
N LEU A 313 -44.78 -15.56 17.72
CA LEU A 313 -45.47 -16.80 17.84
C LEU A 313 -45.35 -17.32 19.25
N PHE A 314 -44.14 -17.33 19.82
CA PHE A 314 -44.01 -17.96 21.16
C PHE A 314 -44.73 -17.12 22.24
N ASN A 315 -44.72 -15.80 22.13
CA ASN A 315 -45.39 -15.02 23.08
C ASN A 315 -46.91 -15.19 22.98
N ALA A 316 -47.45 -15.36 21.77
CA ALA A 316 -48.86 -15.63 21.62
C ALA A 316 -49.26 -17.00 22.15
N LEU A 317 -48.44 -18.02 21.94
CA LEU A 317 -48.63 -19.32 22.50
C LEU A 317 -48.65 -19.29 24.00
N PHE A 318 -47.69 -18.56 24.58
CA PHE A 318 -47.51 -18.48 26.04
C PHE A 318 -48.74 -17.79 26.61
N THR A 319 -49.12 -16.67 26.04
CA THR A 319 -50.33 -15.97 26.46
C THR A 319 -51.60 -16.83 26.42
N TYR A 320 -51.77 -17.57 25.33
CA TYR A 320 -52.97 -18.36 25.09
C TYR A 320 -53.02 -19.52 26.10
N ILE A 321 -51.89 -20.18 26.32
CA ILE A 321 -51.77 -21.37 27.18
C ILE A 321 -51.97 -20.96 28.65
N ALA A 322 -51.39 -19.85 29.04
CA ALA A 322 -51.56 -19.27 30.35
C ALA A 322 -52.96 -18.88 30.58
N ASP A 323 -53.60 -18.20 29.65
CA ASP A 323 -54.97 -17.79 29.84
C ASP A 323 -55.99 -18.96 29.96
N LYS A 324 -55.75 -20.05 29.27
CA LYS A 324 -56.56 -21.23 29.37
C LYS A 324 -56.26 -22.02 30.62
N GLY A 325 -55.10 -21.77 31.25
CA GLY A 325 -54.65 -22.49 32.46
C GLY A 325 -54.08 -23.85 32.15
N TRP A 326 -53.61 -24.05 30.91
CA TRP A 326 -52.96 -25.31 30.52
C TRP A 326 -51.48 -25.36 31.00
N VAL A 327 -51.29 -25.17 32.31
CA VAL A 327 -49.98 -24.94 32.92
C VAL A 327 -49.82 -25.90 34.08
N ASP A 328 -48.59 -26.20 34.44
CA ASP A 328 -48.34 -27.13 35.52
C ASP A 328 -48.14 -26.27 36.75
N ARG A 329 -49.22 -26.09 37.50
CA ARG A 329 -49.24 -25.07 38.56
C ARG A 329 -48.34 -25.45 39.72
N ASP A 330 -48.22 -26.74 39.98
CA ASP A 330 -47.39 -27.20 41.07
C ASP A 330 -45.91 -26.97 40.71
N PHE A 331 -45.53 -27.28 39.46
CA PHE A 331 -44.18 -27.00 39.00
C PHE A 331 -43.85 -25.50 39.09
N ILE A 332 -44.75 -24.66 38.61
CA ILE A 332 -44.52 -23.25 38.69
C ILE A 332 -44.33 -22.80 40.14
N ASP A 333 -45.19 -23.31 41.03
CA ASP A 333 -45.19 -22.84 42.43
C ASP A 333 -43.93 -23.35 43.12
N LYS A 334 -43.54 -24.60 42.88
CA LYS A 334 -42.43 -25.21 43.61
C LYS A 334 -41.08 -24.87 43.05
N SER A 335 -40.96 -24.72 41.72
CA SER A 335 -39.64 -24.74 41.08
C SER A 335 -39.29 -23.47 40.27
N THR A 336 -40.14 -22.46 40.30
CA THR A 336 -39.85 -21.21 39.60
C THR A 336 -39.97 -19.96 40.49
N LEU A 337 -39.28 -18.93 40.09
CA LEU A 337 -39.21 -17.67 40.78
C LEU A 337 -40.56 -17.06 41.04
N ARG A 338 -40.87 -16.83 42.33
CA ARG A 338 -42.10 -16.14 42.74
C ARG A 338 -41.92 -14.66 43.03
N GLU A 339 -40.67 -14.21 43.12
CA GLU A 339 -40.35 -12.79 43.46
C GLU A 339 -41.12 -11.84 42.58
N GLY A 340 -41.69 -10.79 43.17
CA GLY A 340 -42.16 -9.66 42.36
C GLY A 340 -40.93 -9.01 41.79
N THR A 341 -41.02 -8.34 40.64
CA THR A 341 -39.95 -7.42 40.22
C THR A 341 -40.39 -6.25 39.37
N ALA A 342 -39.43 -5.39 39.05
CA ALA A 342 -39.68 -4.16 38.31
C ALA A 342 -39.00 -4.29 36.97
N ARG A 343 -39.75 -4.05 35.91
CA ARG A 343 -39.18 -3.84 34.63
C ARG A 343 -38.16 -2.74 34.62
N PRO A 344 -37.07 -2.94 33.87
CA PRO A 344 -36.06 -1.87 33.84
C PRO A 344 -36.56 -0.63 33.07
N PRO A 345 -35.88 0.47 33.26
CA PRO A 345 -36.38 1.74 32.78
C PRO A 345 -36.55 1.85 31.29
N LEU A 346 -35.69 1.20 30.49
CA LEU A 346 -35.85 1.30 29.02
C LEU A 346 -36.69 0.21 28.41
N TYR A 347 -37.26 -0.66 29.24
CA TYR A 347 -38.27 -1.59 28.75
C TYR A 347 -39.48 -0.91 28.16
N PRO A 348 -40.06 -1.46 27.12
CA PRO A 348 -39.73 -2.80 26.58
C PRO A 348 -38.72 -2.84 25.42
N ALA A 349 -38.37 -1.69 24.84
CA ALA A 349 -37.43 -1.66 23.71
C ALA A 349 -36.02 -2.19 24.09
N ARG A 350 -35.54 -1.93 25.31
CA ARG A 350 -34.19 -2.25 25.67
C ARG A 350 -34.19 -2.77 27.07
N GLY A 351 -33.25 -3.65 27.40
CA GLY A 351 -33.18 -4.23 28.73
C GLY A 351 -32.41 -3.32 29.66
N VAL A 352 -32.09 -3.83 30.85
CA VAL A 352 -31.38 -3.02 31.80
C VAL A 352 -30.01 -2.57 31.32
N SER A 353 -29.31 -3.46 30.62
CA SER A 353 -28.14 -3.09 29.80
C SER A 353 -27.97 -4.03 28.61
N GLU A 354 -26.95 -3.76 27.79
CA GLU A 354 -26.54 -4.63 26.71
C GLU A 354 -26.27 -6.01 27.21
N ALA A 355 -25.78 -6.15 28.46
CA ALA A 355 -25.61 -7.49 29.05
C ALA A 355 -26.86 -8.32 29.24
N ASN A 356 -28.01 -7.66 29.31
CA ASN A 356 -29.26 -8.28 29.73
C ASN A 356 -30.41 -7.83 28.85
N PRO A 357 -30.48 -8.35 27.62
CA PRO A 357 -31.54 -7.86 26.72
C PRO A 357 -33.01 -8.12 27.13
N GLY A 358 -33.23 -9.10 28.00
CA GLY A 358 -34.56 -9.44 28.48
C GLY A 358 -34.65 -9.37 30.01
N HIS A 359 -35.84 -9.47 30.53
CA HIS A 359 -36.06 -9.24 31.93
C HIS A 359 -36.57 -10.51 32.56
N LEU A 360 -35.84 -11.01 33.54
CA LEU A 360 -36.19 -12.28 34.17
C LEU A 360 -37.26 -12.05 35.23
N SER A 361 -38.24 -12.94 35.32
CA SER A 361 -39.36 -12.71 36.25
C SER A 361 -40.13 -13.95 36.58
N SER A 362 -41.22 -13.73 37.31
CA SER A 362 -42.17 -14.77 37.67
C SER A 362 -43.03 -15.10 36.49
N PHE A 363 -43.68 -16.27 36.57
CA PHE A 363 -44.67 -16.72 35.61
C PHE A 363 -45.65 -15.63 35.27
N GLU A 364 -46.20 -15.00 36.30
CA GLU A 364 -47.31 -14.07 36.08
C GLU A 364 -46.86 -12.79 35.47
N ASP A 365 -45.73 -12.26 35.93
CA ASP A 365 -45.19 -11.06 35.31
C ASP A 365 -44.72 -11.29 33.87
N ALA A 366 -44.19 -12.48 33.58
CA ALA A 366 -43.77 -12.80 32.23
C ALA A 366 -44.97 -12.88 31.29
N VAL A 367 -46.04 -13.54 31.74
CA VAL A 367 -47.26 -13.60 30.93
C VAL A 367 -47.73 -12.18 30.60
N GLU A 368 -47.76 -11.28 31.58
CA GLU A 368 -48.24 -9.93 31.28
C GLU A 368 -47.27 -9.16 30.40
N GLY A 369 -46.00 -9.36 30.64
CA GLY A 369 -44.98 -8.71 29.80
C GLY A 369 -44.95 -9.22 28.36
N CYS A 370 -45.08 -10.53 28.17
CA CYS A 370 -45.05 -11.14 26.82
C CYS A 370 -46.40 -10.99 26.08
N ARG A 371 -47.48 -10.55 26.79
CA ARG A 371 -48.86 -10.74 26.35
C ARG A 371 -49.01 -10.34 24.89
N MET A 372 -49.48 -11.26 24.07
CA MET A 372 -49.77 -10.95 22.69
C MET A 372 -50.97 -11.76 22.24
N SER A 373 -51.88 -11.10 21.55
CA SER A 373 -53.09 -11.75 21.06
C SER A 373 -52.75 -12.62 19.89
N ILE A 374 -53.64 -13.59 19.63
CA ILE A 374 -53.58 -14.42 18.50
C ILE A 374 -53.62 -13.62 17.19
N GLU A 375 -54.43 -12.56 17.16
CA GLU A 375 -54.61 -11.77 15.96
C GLU A 375 -53.35 -10.97 15.69
N GLU A 376 -52.72 -10.41 16.72
CA GLU A 376 -51.46 -9.70 16.50
C GLU A 376 -50.35 -10.65 15.99
N ALA A 377 -50.21 -11.81 16.62
CA ALA A 377 -49.20 -12.76 16.19
C ALA A 377 -49.49 -13.28 14.77
N ALA A 378 -50.75 -13.36 14.37
CA ALA A 378 -51.09 -13.81 13.01
C ALA A 378 -50.61 -12.76 12.02
N GLU A 379 -50.87 -11.49 12.32
CA GLU A 379 -50.42 -10.39 11.50
C GLU A 379 -48.90 -10.41 11.32
N ILE A 380 -48.16 -10.52 12.42
CA ILE A 380 -46.68 -10.50 12.42
C ILE A 380 -46.04 -11.74 11.73
N THR A 381 -46.49 -12.93 12.16
CA THR A 381 -45.93 -14.17 11.67
C THR A 381 -46.43 -14.53 10.28
N GLY A 382 -47.57 -13.99 9.87
CA GLY A 382 -48.21 -14.41 8.57
C GLY A 382 -49.01 -15.68 8.71
N LEU A 383 -49.04 -16.28 9.90
CA LEU A 383 -49.77 -17.52 10.09
C LEU A 383 -51.28 -17.21 10.18
N ASP A 384 -52.12 -18.23 9.98
CA ASP A 384 -53.54 -18.07 10.28
C ASP A 384 -53.75 -18.17 11.80
N ALA A 385 -54.67 -17.39 12.33
CA ALA A 385 -55.13 -17.53 13.74
C ALA A 385 -55.42 -18.97 14.09
N ALA A 386 -56.08 -19.69 13.21
CA ALA A 386 -56.34 -21.12 13.46
C ALA A 386 -55.09 -21.99 13.72
N GLN A 387 -54.00 -21.67 13.03
CA GLN A 387 -52.80 -22.47 13.11
C GLN A 387 -52.19 -22.22 14.48
N ILE A 388 -52.20 -20.97 14.95
CA ILE A 388 -51.59 -20.64 16.23
C ILE A 388 -52.37 -21.31 17.39
N ILE A 389 -53.71 -21.23 17.32
CA ILE A 389 -54.62 -21.88 18.28
C ILE A 389 -54.39 -23.38 18.28
N LYS A 390 -54.34 -23.99 17.11
CA LYS A 390 -54.05 -25.41 17.03
C LYS A 390 -52.70 -25.77 17.71
N ALA A 391 -51.67 -25.00 17.44
CA ALA A 391 -50.38 -25.24 18.09
C ALA A 391 -50.49 -25.15 19.60
N ALA A 392 -51.16 -24.11 20.09
CA ALA A 392 -51.40 -24.00 21.52
C ALA A 392 -52.04 -25.27 22.10
N GLU A 393 -53.02 -25.83 21.37
CA GLU A 393 -53.71 -27.02 21.80
C GLU A 393 -52.81 -28.21 21.80
N TRP A 394 -52.03 -28.39 20.74
CA TRP A 394 -51.09 -29.51 20.64
C TRP A 394 -49.97 -29.51 21.63
N ILE A 395 -49.69 -28.36 22.21
CA ILE A 395 -48.72 -28.15 23.27
C ILE A 395 -49.32 -28.22 24.69
N GLY A 396 -50.45 -27.55 24.90
CA GLY A 396 -51.04 -27.36 26.26
C GLY A 396 -52.29 -28.15 26.65
N MET A 397 -53.14 -28.52 25.68
CA MET A 397 -54.45 -29.20 25.96
C MET A 397 -54.22 -30.46 26.75
N PRO A 398 -54.83 -30.59 27.97
CA PRO A 398 -54.65 -31.82 28.71
C PRO A 398 -55.15 -33.00 27.97
N LYS A 399 -54.58 -34.15 28.17
CA LYS A 399 -55.05 -35.38 27.52
C LYS A 399 -56.34 -35.90 28.24
N GLU A 400 -56.94 -36.98 27.74
CA GLU A 400 -58.19 -37.56 28.26
C GLU A 400 -58.28 -37.66 29.78
N GLY A 401 -57.29 -38.10 30.52
CA GLY A 401 -57.60 -38.04 32.02
C GLY A 401 -57.62 -36.68 32.79
N GLY A 402 -57.54 -35.54 32.11
CA GLY A 402 -56.97 -34.29 32.73
C GLY A 402 -55.44 -34.36 32.83
N LYS A 403 -54.82 -35.30 32.11
CA LYS A 403 -53.39 -35.57 32.29
C LYS A 403 -52.50 -34.56 31.49
N ARG A 404 -51.43 -34.07 32.09
CA ARG A 404 -50.53 -33.07 31.48
C ARG A 404 -49.97 -33.65 30.17
N ARG A 405 -50.01 -32.86 29.12
CA ARG A 405 -49.51 -33.27 27.80
C ARG A 405 -47.97 -33.12 27.82
N ARG A 406 -47.29 -34.15 27.36
CA ARG A 406 -45.85 -34.23 27.42
C ARG A 406 -45.29 -33.70 26.11
N VAL A 407 -44.44 -32.69 26.21
CA VAL A 407 -43.94 -32.01 25.03
C VAL A 407 -42.42 -31.81 25.14
N MET A 408 -41.70 -32.31 24.12
CA MET A 408 -40.28 -32.03 23.90
C MET A 408 -40.16 -30.80 22.95
N PHE A 409 -39.58 -29.75 23.46
CA PHE A 409 -39.26 -28.55 22.69
C PHE A 409 -37.79 -28.65 22.32
N GLY A 410 -37.55 -28.67 21.02
CA GLY A 410 -36.24 -28.81 20.45
C GLY A 410 -35.99 -27.61 19.54
N TYR A 411 -34.83 -26.99 19.64
CA TYR A 411 -34.54 -25.79 18.81
C TYR A 411 -33.10 -25.80 18.36
N GLU A 412 -32.83 -25.18 17.20
CA GLU A 412 -31.48 -25.05 16.74
C GLU A 412 -31.25 -23.70 16.06
N LYS A 413 -30.54 -23.66 14.92
CA LYS A 413 -29.96 -22.39 14.45
C LYS A 413 -30.97 -21.46 13.81
N GLY A 414 -32.13 -21.97 13.42
CA GLY A 414 -33.19 -21.05 12.97
C GLY A 414 -33.68 -20.15 14.08
N LEU A 415 -33.58 -20.63 15.33
CA LEU A 415 -33.80 -19.76 16.47
C LEU A 415 -32.52 -19.01 16.86
N ILE A 416 -31.41 -19.74 17.05
CA ILE A 416 -30.22 -19.16 17.68
C ILE A 416 -29.56 -18.11 16.78
N TRP A 417 -29.51 -18.39 15.48
CA TRP A 417 -29.11 -17.37 14.50
C TRP A 417 -30.24 -16.53 13.96
N GLY A 418 -31.42 -16.68 14.56
CA GLY A 418 -32.59 -15.91 14.20
C GLY A 418 -32.74 -14.64 14.97
N ASN A 419 -33.86 -13.97 14.76
CA ASN A 419 -34.11 -12.66 15.32
C ASN A 419 -34.20 -12.66 16.86
N ASP A 420 -33.51 -11.73 17.49
CA ASP A 420 -33.62 -11.39 18.88
C ASP A 420 -33.35 -12.65 19.72
N ASN A 421 -32.15 -13.18 19.59
CA ASN A 421 -31.78 -14.51 20.14
C ASN A 421 -32.17 -14.63 21.64
N TYR A 422 -31.88 -13.59 22.39
CA TYR A 422 -32.00 -13.70 23.87
C TYR A 422 -33.50 -13.80 24.20
N ARG A 423 -34.31 -12.89 23.63
CA ARG A 423 -35.76 -12.91 23.88
C ARG A 423 -36.48 -14.14 23.29
N THR A 424 -36.08 -14.54 22.06
CA THR A 424 -36.69 -15.64 21.45
C THR A 424 -36.37 -16.90 22.19
N ASN A 425 -35.14 -17.09 22.66
CA ASN A 425 -34.75 -18.27 23.42
C ASN A 425 -35.58 -18.31 24.71
N GLY A 426 -35.71 -17.20 25.39
CA GLY A 426 -36.48 -17.16 26.64
C GLY A 426 -37.96 -17.43 26.44
N ALA A 427 -38.49 -16.94 25.34
CA ALA A 427 -39.90 -17.13 25.03
C ALA A 427 -40.27 -18.58 24.77
N LEU A 428 -39.32 -19.36 24.24
CA LEU A 428 -39.59 -20.75 24.01
C LEU A 428 -39.43 -21.47 25.34
N VAL A 429 -38.42 -21.10 26.10
CA VAL A 429 -38.23 -21.71 27.41
C VAL A 429 -39.49 -21.43 28.32
N ASN A 430 -40.08 -20.24 28.29
CA ASN A 430 -41.37 -19.97 28.96
C ASN A 430 -42.40 -21.07 28.72
N LEU A 431 -42.53 -21.56 27.48
CA LEU A 431 -43.54 -22.52 27.18
C LEU A 431 -43.28 -23.83 27.91
N ALA A 432 -42.01 -24.22 27.92
CA ALA A 432 -41.60 -25.49 28.54
C ALA A 432 -41.70 -25.39 30.08
N LEU A 433 -41.33 -24.24 30.63
CA LEU A 433 -41.46 -23.97 32.09
C LEU A 433 -42.94 -23.99 32.53
N ALA A 434 -43.77 -23.31 31.77
CA ALA A 434 -45.18 -23.19 32.06
C ALA A 434 -45.89 -24.52 32.01
N THR A 435 -45.48 -25.42 31.12
CA THR A 435 -46.09 -26.71 30.95
C THR A 435 -45.45 -27.88 31.73
N GLY A 436 -44.50 -27.57 32.61
CA GLY A 436 -43.74 -28.52 33.39
C GLY A 436 -42.96 -29.52 32.59
N ASN A 437 -42.55 -29.20 31.35
CA ASN A 437 -41.90 -30.14 30.50
C ASN A 437 -40.37 -30.02 30.56
N ILE A 438 -39.82 -29.93 31.76
CA ILE A 438 -38.37 -30.02 31.98
C ILE A 438 -38.13 -31.01 33.13
N GLY A 439 -37.20 -31.93 32.91
CA GLY A 439 -36.75 -32.90 33.90
C GLY A 439 -37.67 -34.09 34.09
N ARG A 440 -38.58 -34.31 33.15
CA ARG A 440 -39.65 -35.33 33.17
C ARG A 440 -39.56 -36.13 31.83
N PRO A 441 -40.01 -37.38 31.82
CA PRO A 441 -40.04 -38.15 30.60
C PRO A 441 -40.93 -37.52 29.55
N GLY A 442 -40.52 -37.65 28.29
CA GLY A 442 -41.23 -37.02 27.21
C GLY A 442 -41.09 -35.53 27.13
N GLY A 443 -40.26 -34.91 27.95
CA GLY A 443 -40.14 -33.43 27.91
C GLY A 443 -38.76 -32.92 27.45
N GLY A 444 -38.49 -31.69 27.78
CA GLY A 444 -37.20 -31.08 27.58
C GLY A 444 -37.40 -29.80 26.79
N VAL A 445 -36.55 -28.83 27.02
CA VAL A 445 -36.44 -27.68 26.14
C VAL A 445 -34.94 -27.54 25.87
N VAL A 446 -34.53 -28.02 24.70
CA VAL A 446 -33.15 -28.33 24.41
C VAL A 446 -32.69 -27.81 23.06
N ARG A 447 -31.41 -27.46 23.01
CA ARG A 447 -30.74 -27.42 21.69
C ARG A 447 -30.74 -28.80 21.10
N LEU A 448 -30.97 -28.86 19.79
CA LEU A 448 -30.80 -30.04 19.02
C LEU A 448 -29.34 -30.21 18.63
N GLY A 449 -28.57 -29.11 18.65
CA GLY A 449 -27.14 -29.11 18.58
C GLY A 449 -26.56 -29.15 17.17
N GLY A 450 -25.27 -29.03 17.12
CA GLY A 450 -24.53 -28.86 15.88
C GLY A 450 -23.38 -29.82 15.83
N HIS A 451 -22.24 -29.40 16.39
CA HIS A 451 -21.14 -30.29 16.75
C HIS A 451 -21.50 -31.05 18.01
N GLN A 452 -20.84 -32.16 18.27
CA GLN A 452 -20.73 -32.68 19.64
C GLN A 452 -20.16 -31.60 20.56
N GLU A 453 -20.22 -31.86 21.86
CA GLU A 453 -19.75 -30.92 22.87
C GLU A 453 -18.56 -31.53 23.60
N GLY A 454 -17.59 -30.71 23.92
CA GLY A 454 -16.45 -31.16 24.70
C GLY A 454 -15.65 -30.01 25.20
N TYR A 455 -16.34 -29.21 25.99
CA TYR A 455 -15.81 -28.00 26.53
C TYR A 455 -15.36 -28.16 27.98
N VAL A 456 -14.08 -27.94 28.22
CA VAL A 456 -13.59 -27.66 29.58
C VAL A 456 -12.43 -26.66 29.45
N ARG A 457 -12.56 -25.53 30.16
CA ARG A 457 -11.63 -24.48 30.11
C ARG A 457 -11.58 -23.79 31.44
N PRO A 458 -10.51 -23.05 31.70
CA PRO A 458 -10.46 -22.11 32.79
C PRO A 458 -11.47 -21.02 32.60
N SER A 459 -11.67 -20.26 33.66
CA SER A 459 -12.65 -19.24 33.74
C SER A 459 -12.45 -18.24 32.63
N ASP A 460 -13.57 -17.82 32.04
CA ASP A 460 -13.57 -16.79 31.03
C ASP A 460 -14.07 -15.49 31.63
N ALA A 461 -14.11 -15.35 32.94
CA ALA A 461 -14.65 -14.09 33.56
C ALA A 461 -14.06 -12.78 33.04
N HIS A 462 -12.78 -12.79 32.72
CA HIS A 462 -12.14 -11.63 32.12
C HIS A 462 -12.64 -11.21 30.72
N VAL A 463 -13.30 -12.07 29.95
CA VAL A 463 -13.77 -11.63 28.62
C VAL A 463 -14.86 -10.56 28.62
N GLY A 464 -15.67 -10.48 29.71
CA GLY A 464 -16.75 -9.55 29.80
C GLY A 464 -18.08 -10.04 29.16
N ARG A 465 -19.11 -9.26 29.38
CA ARG A 465 -20.41 -9.58 28.87
C ARG A 465 -21.07 -8.27 28.73
N PRO A 466 -21.38 -7.79 27.52
CA PRO A 466 -20.95 -8.36 26.23
C PRO A 466 -19.42 -8.45 26.04
N ALA A 467 -18.96 -9.46 25.33
CA ALA A 467 -17.56 -9.64 25.04
C ALA A 467 -17.19 -8.85 23.78
N ALA A 468 -15.91 -8.70 23.48
CA ALA A 468 -15.50 -7.90 22.32
C ALA A 468 -15.94 -8.55 21.02
N TYR A 469 -16.35 -7.68 20.10
CA TYR A 469 -16.75 -8.08 18.75
C TYR A 469 -15.44 -8.16 17.92
N VAL A 470 -14.85 -9.32 17.90
CA VAL A 470 -13.49 -9.50 17.38
C VAL A 470 -13.35 -9.11 15.87
N ASP A 471 -14.31 -9.55 15.05
CA ASP A 471 -14.27 -9.24 13.60
C ASP A 471 -14.25 -7.75 13.36
N GLN A 472 -14.96 -7.02 14.19
CA GLN A 472 -15.00 -5.54 14.07
C GLN A 472 -13.72 -4.93 14.49
N LEU A 473 -13.09 -5.48 15.54
CA LEU A 473 -11.72 -5.05 15.84
C LEU A 473 -10.79 -5.26 14.63
N LEU A 474 -10.82 -6.47 14.07
CA LEU A 474 -9.94 -6.80 12.94
C LEU A 474 -10.22 -5.91 11.74
N ILE A 475 -11.48 -5.74 11.40
CA ILE A 475 -11.90 -4.95 10.25
C ILE A 475 -11.57 -3.48 10.49
N GLY A 476 -11.61 -3.04 11.75
CA GLY A 476 -11.20 -1.69 12.11
C GLY A 476 -9.72 -1.42 12.28
N GLY A 477 -8.84 -2.39 11.98
CA GLY A 477 -7.40 -2.20 12.05
C GLY A 477 -6.76 -2.45 13.36
N GLN A 478 -7.43 -3.10 14.30
CA GLN A 478 -6.86 -3.29 15.64
C GLN A 478 -6.33 -4.72 15.73
N GLY A 479 -5.57 -4.94 16.80
CA GLY A 479 -4.92 -6.16 17.04
C GLY A 479 -3.61 -6.30 16.26
N GLY A 480 -2.74 -7.16 16.74
CA GLY A 480 -1.46 -7.35 16.09
C GLY A 480 -1.14 -8.73 15.56
N VAL A 481 -1.50 -9.73 16.32
CA VAL A 481 -1.24 -11.10 15.99
C VAL A 481 -2.58 -11.84 16.17
N HIS A 482 -2.87 -12.78 15.29
CA HIS A 482 -4.04 -13.57 15.27
C HIS A 482 -3.64 -15.04 15.26
N HIS A 483 -4.08 -15.79 16.28
CA HIS A 483 -4.03 -17.24 16.27
C HIS A 483 -5.40 -17.80 15.93
N ILE A 484 -5.47 -18.65 14.91
CA ILE A 484 -6.65 -19.22 14.39
C ILE A 484 -6.59 -20.71 14.54
N TRP A 485 -7.51 -21.27 15.31
CA TRP A 485 -7.59 -22.68 15.55
C TRP A 485 -8.91 -23.30 15.03
N GLY A 486 -8.81 -24.17 14.01
CA GLY A 486 -9.91 -24.96 13.56
C GLY A 486 -11.20 -24.27 13.23
N CYS A 487 -11.08 -23.17 12.48
CA CYS A 487 -12.19 -22.48 11.93
C CYS A 487 -11.74 -21.69 10.73
N ASP A 488 -12.69 -21.37 9.84
CA ASP A 488 -12.31 -20.64 8.58
C ASP A 488 -13.29 -19.52 8.28
N HIS A 489 -13.02 -18.36 8.88
CA HIS A 489 -13.88 -17.20 8.81
C HIS A 489 -14.16 -16.79 7.37
N TYR A 490 -13.24 -17.06 6.44
CA TYR A 490 -13.44 -16.77 5.00
C TYR A 490 -14.68 -17.42 4.41
N LYS A 491 -15.00 -18.58 4.94
CA LYS A 491 -16.18 -19.30 4.54
C LYS A 491 -17.41 -19.12 5.43
N THR A 492 -17.22 -18.84 6.73
CA THR A 492 -18.29 -19.02 7.70
C THR A 492 -18.60 -17.81 8.64
N THR A 493 -17.85 -16.72 8.58
CA THR A 493 -18.23 -15.61 9.45
C THR A 493 -19.32 -14.76 8.78
N LEU A 494 -19.85 -13.84 9.55
CA LEU A 494 -20.81 -12.86 9.03
C LEU A 494 -20.03 -11.75 8.39
N ASN A 495 -20.68 -11.01 7.48
CA ASN A 495 -20.09 -9.87 6.83
C ASN A 495 -18.73 -10.25 6.28
N ALA A 496 -18.71 -11.38 5.57
CA ALA A 496 -17.51 -12.03 5.24
C ALA A 496 -16.79 -11.39 4.09
N HIS A 497 -17.50 -10.64 3.23
CA HIS A 497 -16.90 -9.99 2.12
C HIS A 497 -15.96 -8.89 2.61
N GLU A 498 -16.49 -8.01 3.46
CA GLU A 498 -15.71 -6.98 4.10
C GLU A 498 -14.58 -7.58 4.90
N PHE A 499 -14.88 -8.62 5.65
CA PHE A 499 -13.83 -9.26 6.42
C PHE A 499 -12.64 -9.70 5.55
N LYS A 500 -12.92 -10.39 4.43
CA LYS A 500 -11.88 -10.88 3.54
C LYS A 500 -11.04 -9.74 2.92
N ARG A 501 -11.71 -8.66 2.55
CA ARG A 501 -11.04 -7.52 1.99
C ARG A 501 -9.99 -6.91 2.90
N VAL A 502 -10.39 -6.67 4.13
CA VAL A 502 -9.51 -6.07 5.08
C VAL A 502 -8.47 -7.05 5.59
N TYR A 503 -8.89 -8.27 5.82
CA TYR A 503 -8.00 -9.30 6.31
C TYR A 503 -6.82 -9.51 5.31
N LYS A 504 -7.12 -9.55 4.02
CA LYS A 504 -6.13 -9.69 3.02
C LYS A 504 -5.14 -8.53 3.06
N LYS A 505 -5.63 -7.28 3.03
CA LYS A 505 -4.76 -6.10 3.12
C LYS A 505 -3.86 -6.06 4.32
N ARG A 506 -4.39 -6.37 5.50
CA ARG A 506 -3.57 -6.32 6.69
C ARG A 506 -2.45 -7.39 6.72
N THR A 507 -2.84 -8.61 6.35
CA THR A 507 -1.90 -9.70 6.28
C THR A 507 -0.87 -9.49 5.14
N ASP A 508 -1.30 -8.92 4.01
CA ASP A 508 -0.38 -8.63 2.96
C ASP A 508 0.74 -7.69 3.41
N MET A 509 0.46 -6.78 4.35
CA MET A 509 1.47 -5.86 4.83
C MET A 509 2.59 -6.65 5.51
N VAL A 510 2.20 -7.63 6.30
CA VAL A 510 3.16 -8.47 6.95
C VAL A 510 3.85 -9.39 5.95
N LYS A 511 3.14 -9.91 4.94
CA LYS A 511 3.78 -10.71 3.93
C LYS A 511 4.88 -9.94 3.19
N ASP A 512 4.59 -8.70 2.87
CA ASP A 512 5.44 -7.88 2.04
C ASP A 512 6.73 -7.57 2.85
N ALA A 513 6.59 -7.35 4.16
CA ALA A 513 7.72 -7.17 5.04
C ALA A 513 8.58 -8.43 5.18
N MET A 514 7.93 -9.59 5.40
CA MET A 514 8.62 -10.82 5.49
C MET A 514 9.39 -11.20 4.22
N SER A 515 8.80 -10.96 3.06
CA SER A 515 9.45 -11.34 1.83
C SER A 515 10.72 -10.51 1.59
N ALA A 516 10.82 -9.32 2.17
CA ALA A 516 11.91 -8.42 1.98
C ALA A 516 12.95 -8.41 3.11
N ALA A 517 12.78 -9.26 4.10
CA ALA A 517 13.67 -9.31 5.21
C ALA A 517 14.40 -10.66 5.15
N PRO A 518 15.53 -10.78 5.87
CA PRO A 518 16.28 -11.99 5.74
C PRO A 518 15.83 -12.96 6.81
N TYR A 519 15.48 -14.18 6.43
CA TYR A 519 14.85 -15.12 7.35
C TYR A 519 15.91 -15.72 8.28
N GLY A 520 17.09 -15.93 7.72
CA GLY A 520 18.16 -16.55 8.44
C GLY A 520 18.71 -15.70 9.59
N ASP A 521 18.44 -14.40 9.56
CA ASP A 521 18.65 -13.53 10.71
C ASP A 521 17.26 -13.38 11.33
N ARG A 522 16.98 -14.22 12.31
CA ARG A 522 15.63 -14.38 12.78
C ARG A 522 15.16 -13.15 13.54
N GLU A 523 16.06 -12.44 14.14
CA GLU A 523 15.73 -11.24 14.84
C GLU A 523 15.34 -10.15 13.88
N ALA A 524 16.03 -10.04 12.75
CA ALA A 524 15.67 -9.05 11.78
C ALA A 524 14.27 -9.36 11.19
N MET A 525 13.98 -10.62 11.00
CA MET A 525 12.67 -11.04 10.55
C MET A 525 11.54 -10.63 11.54
N VAL A 526 11.71 -10.97 12.81
CA VAL A 526 10.77 -10.65 13.86
C VAL A 526 10.59 -9.16 13.92
N ASN A 527 11.66 -8.39 13.86
CA ASN A 527 11.51 -6.92 13.81
C ASN A 527 10.76 -6.37 12.64
N ALA A 528 11.04 -6.94 11.48
CA ALA A 528 10.35 -6.49 10.25
C ALA A 528 8.82 -6.78 10.35
N ILE A 529 8.51 -7.93 10.95
CA ILE A 529 7.13 -8.31 11.20
C ILE A 529 6.45 -7.29 12.14
N VAL A 530 7.06 -7.08 13.29
CA VAL A 530 6.50 -6.20 14.30
C VAL A 530 6.32 -4.77 13.79
N ASP A 531 7.27 -4.31 12.97
CA ASP A 531 7.21 -2.97 12.41
C ASP A 531 5.95 -2.88 11.52
N ALA A 532 5.74 -3.93 10.71
CA ALA A 532 4.61 -4.01 9.81
C ALA A 532 3.27 -4.06 10.60
N ILE A 533 3.27 -4.83 11.68
CA ILE A 533 2.16 -4.82 12.63
C ILE A 533 1.91 -3.43 13.15
N ASN A 534 2.93 -2.73 13.62
CA ASN A 534 2.79 -1.33 14.13
C ASN A 534 2.23 -0.37 13.13
N GLN A 535 2.44 -0.61 11.85
CA GLN A 535 1.89 0.21 10.79
C GLN A 535 0.46 -0.17 10.44
N GLY A 536 -0.11 -1.19 11.09
CA GLY A 536 -1.49 -1.56 10.88
C GLY A 536 -1.67 -2.96 10.32
N GLY A 537 -0.56 -3.69 10.14
CA GLY A 537 -0.67 -5.07 9.67
C GLY A 537 -1.16 -6.04 10.69
N LEU A 538 -1.22 -7.31 10.25
CA LEU A 538 -1.57 -8.39 11.13
C LEU A 538 -0.76 -9.61 10.80
N PHE A 539 -0.14 -10.22 11.82
CA PHE A 539 0.53 -11.53 11.73
C PHE A 539 -0.44 -12.62 12.15
N ALA A 540 -0.60 -13.63 11.31
CA ALA A 540 -1.69 -14.60 11.40
C ALA A 540 -1.13 -15.98 11.35
N VAL A 541 -1.50 -16.78 12.35
CA VAL A 541 -1.05 -18.13 12.46
C VAL A 541 -2.27 -19.02 12.38
N ASN A 542 -2.26 -20.05 11.52
CA ASN A 542 -3.36 -20.97 11.36
C ASN A 542 -3.01 -22.39 11.83
N VAL A 543 -3.79 -22.95 12.78
CA VAL A 543 -3.70 -24.36 13.11
C VAL A 543 -4.91 -25.09 12.53
N ASP A 544 -4.65 -26.05 11.65
CA ASP A 544 -5.69 -26.69 10.91
C ASP A 544 -5.15 -28.04 10.40
N ILE A 545 -6.00 -28.79 9.72
CA ILE A 545 -5.66 -30.07 9.09
C ILE A 545 -5.57 -29.99 7.54
N ILE A 546 -6.00 -28.86 6.96
CA ILE A 546 -5.92 -28.66 5.51
C ILE A 546 -5.47 -27.26 5.19
N PRO A 547 -5.04 -27.02 3.95
CA PRO A 547 -4.93 -25.62 3.57
C PRO A 547 -6.33 -24.93 3.50
N THR A 548 -6.55 -23.98 4.40
CA THR A 548 -7.80 -23.25 4.49
C THR A 548 -7.87 -21.98 3.59
N LYS A 549 -9.07 -21.40 3.52
CA LYS A 549 -9.27 -20.13 2.82
C LYS A 549 -8.61 -18.97 3.55
N ILE A 550 -8.90 -18.84 4.83
CA ILE A 550 -8.20 -17.86 5.61
C ILE A 550 -6.70 -18.17 5.69
N GLY A 551 -6.31 -19.45 5.64
CA GLY A 551 -4.93 -19.85 5.63
C GLY A 551 -4.17 -19.25 4.48
N GLU A 552 -4.83 -18.92 3.38
CA GLU A 552 -4.19 -18.25 2.25
C GLU A 552 -3.71 -16.85 2.62
N ALA A 553 -4.17 -16.30 3.77
CA ALA A 553 -3.71 -14.99 4.25
C ALA A 553 -2.69 -15.13 5.38
N CYS A 554 -2.51 -16.32 5.91
CA CYS A 554 -1.66 -16.51 7.05
C CYS A 554 -0.14 -16.67 6.75
N HIS A 555 0.64 -16.45 7.78
CA HIS A 555 2.07 -16.40 7.71
C HIS A 555 2.74 -17.64 8.27
N VAL A 556 2.05 -18.33 9.17
CA VAL A 556 2.53 -19.60 9.63
C VAL A 556 1.32 -20.53 9.69
N ILE A 557 1.55 -21.78 9.30
CA ILE A 557 0.57 -22.83 9.32
C ILE A 557 1.11 -24.00 10.11
N LEU A 558 0.33 -24.49 11.07
CA LEU A 558 0.75 -25.60 11.94
C LEU A 558 -0.22 -26.77 11.75
N PRO A 559 0.29 -27.99 11.45
CA PRO A 559 -0.52 -29.09 11.09
C PRO A 559 -1.05 -29.90 12.26
N ALA A 560 -2.37 -29.97 12.36
CA ALA A 560 -3.05 -30.70 13.45
C ALA A 560 -3.41 -32.11 13.01
N ALA A 561 -3.52 -32.97 14.03
CA ALA A 561 -4.02 -34.33 13.91
C ALA A 561 -5.47 -34.30 14.44
N THR A 562 -6.38 -34.96 13.79
CA THR A 562 -7.78 -34.91 14.19
C THR A 562 -8.28 -36.24 14.79
N SER A 563 -9.55 -36.28 15.18
CA SER A 563 -10.08 -37.47 15.85
C SER A 563 -9.81 -38.76 15.07
N GLY A 564 -9.43 -39.81 15.81
CA GLY A 564 -9.05 -41.10 15.18
C GLY A 564 -7.55 -41.24 14.98
N GLU A 565 -6.84 -40.12 14.81
CA GLU A 565 -5.39 -40.04 14.73
C GLU A 565 -4.89 -39.74 16.11
N MET A 566 -5.82 -39.43 17.00
CA MET A 566 -5.62 -39.21 18.39
C MET A 566 -6.81 -39.81 19.12
N ASN A 567 -6.64 -40.05 20.41
CA ASN A 567 -7.76 -40.32 21.30
C ASN A 567 -8.53 -39.02 21.54
N LEU A 568 -9.85 -39.13 21.68
CA LEU A 568 -10.71 -37.95 21.85
C LEU A 568 -12.02 -38.25 22.55
N THR A 569 -12.37 -37.35 23.43
CA THR A 569 -13.58 -37.45 24.25
C THR A 569 -14.50 -36.26 23.96
N SER A 570 -15.77 -36.52 23.94
CA SER A 570 -16.86 -35.53 23.78
C SER A 570 -18.14 -36.19 24.14
N MET A 571 -19.19 -35.39 24.29
CA MET A 571 -20.56 -35.87 24.56
C MET A 571 -21.51 -35.36 23.42
N ASN A 572 -22.61 -36.07 23.21
CA ASN A 572 -23.60 -35.80 22.19
C ASN A 572 -24.75 -34.96 22.76
N GLY A 573 -25.86 -34.85 22.04
CA GLY A 573 -26.96 -33.97 22.47
C GLY A 573 -27.82 -34.38 23.71
N GLU A 574 -27.47 -35.54 24.26
CA GLU A 574 -28.03 -36.25 25.40
C GLU A 574 -26.97 -36.29 26.54
N ARG A 575 -25.83 -35.63 26.33
CA ARG A 575 -24.67 -35.65 27.24
C ARG A 575 -23.97 -37.01 27.34
N ARG A 576 -24.07 -37.84 26.30
CA ARG A 576 -23.47 -39.14 26.29
C ARG A 576 -22.02 -38.98 25.90
N MET A 577 -21.14 -39.09 26.88
CA MET A 577 -19.69 -38.97 26.71
C MET A 577 -19.10 -40.33 26.33
N ARG A 578 -18.28 -40.33 25.28
CA ARG A 578 -17.62 -41.51 24.73
C ARG A 578 -16.20 -41.15 24.49
N LEU A 579 -15.35 -42.16 24.56
CA LEU A 579 -13.99 -42.09 24.08
C LEU A 579 -13.89 -42.64 22.65
N THR A 580 -13.36 -41.80 21.76
CA THR A 580 -12.92 -42.31 20.45
C THR A 580 -11.47 -42.78 20.59
N GLU A 581 -11.25 -44.06 20.32
CA GLU A 581 -9.97 -44.66 20.54
C GLU A 581 -9.14 -44.53 19.27
N ARG A 582 -7.95 -43.98 19.39
CA ARG A 582 -7.03 -43.86 18.24
C ARG A 582 -6.84 -45.14 17.45
N TYR A 583 -7.03 -45.05 16.14
CA TYR A 583 -6.86 -46.19 15.24
C TYR A 583 -5.87 -46.00 14.10
N MET A 584 -5.30 -44.81 13.99
CA MET A 584 -4.36 -44.46 12.92
C MET A 584 -3.41 -43.38 13.35
N ASP A 585 -2.42 -43.10 12.54
CA ASP A 585 -1.40 -42.10 12.82
C ASP A 585 -1.77 -40.74 12.23
N PRO A 586 -1.42 -39.63 12.89
CA PRO A 586 -1.47 -38.32 12.30
C PRO A 586 -0.68 -38.30 10.98
N PRO A 587 -1.18 -37.59 9.95
CA PRO A 587 -0.44 -37.41 8.69
C PRO A 587 0.88 -36.71 8.92
N GLY A 588 1.97 -37.23 8.39
CA GLY A 588 3.23 -36.53 8.42
C GLY A 588 3.64 -36.11 9.81
N GLN A 589 3.95 -34.85 10.06
CA GLN A 589 4.35 -34.43 11.40
C GLN A 589 3.26 -33.72 12.12
N SER A 590 2.03 -33.99 11.72
CA SER A 590 0.91 -33.32 12.33
C SER A 590 0.75 -33.78 13.79
N MET A 591 0.16 -32.90 14.60
CA MET A 591 0.14 -33.05 16.04
C MET A 591 -1.27 -32.69 16.57
N PRO A 592 -1.79 -33.43 17.58
CA PRO A 592 -3.09 -33.04 18.22
C PRO A 592 -3.10 -31.61 18.71
N ASP A 593 -4.21 -30.93 18.58
CA ASP A 593 -4.26 -29.49 19.01
C ASP A 593 -3.84 -29.26 20.45
N CYS A 594 -4.24 -30.14 21.34
CA CYS A 594 -3.85 -29.92 22.74
C CYS A 594 -2.32 -29.92 22.88
N LEU A 595 -1.64 -30.75 22.06
CA LEU A 595 -0.20 -30.86 22.18
C LEU A 595 0.46 -29.72 21.47
N ILE A 596 -0.12 -29.24 20.36
CA ILE A 596 0.33 -27.99 19.75
C ILE A 596 0.25 -26.83 20.76
N ALA A 597 -0.85 -26.71 21.48
CA ALA A 597 -0.99 -25.66 22.46
C ALA A 597 0.08 -25.82 23.57
N ALA A 598 0.28 -27.01 24.06
CA ALA A 598 1.36 -27.27 25.03
C ALA A 598 2.76 -26.91 24.46
N ARG A 599 3.04 -27.27 23.21
CA ARG A 599 4.37 -26.97 22.65
C ARG A 599 4.49 -25.48 22.46
N LEU A 600 3.38 -24.83 22.15
CA LEU A 600 3.43 -23.37 22.02
C LEU A 600 3.57 -22.75 23.40
N ALA A 601 2.87 -23.25 24.42
CA ALA A 601 3.15 -22.78 25.77
C ALA A 601 4.66 -22.91 26.19
N ASN A 602 5.27 -24.07 25.90
CA ASN A 602 6.66 -24.31 26.21
C ASN A 602 7.57 -23.34 25.50
N THR A 603 7.23 -22.99 24.26
CA THR A 603 8.05 -22.10 23.46
C THR A 603 7.87 -20.72 24.00
N MET A 604 6.65 -20.37 24.37
CA MET A 604 6.44 -19.05 24.98
C MET A 604 7.28 -18.90 26.27
N GLU A 605 7.25 -19.90 27.12
CA GLU A 605 8.08 -19.92 28.35
C GLU A 605 9.55 -19.70 28.01
N ARG A 606 10.07 -20.43 27.02
CA ARG A 606 11.46 -20.36 26.64
C ARG A 606 11.77 -18.98 26.15
N VAL A 607 10.91 -18.46 25.30
CA VAL A 607 11.19 -17.18 24.62
C VAL A 607 11.08 -16.03 25.57
N LEU A 608 10.07 -16.04 26.38
CA LEU A 608 9.92 -14.97 27.38
C LEU A 608 11.03 -15.01 28.41
N THR A 609 11.48 -16.23 28.76
CA THR A 609 12.63 -16.35 29.69
C THR A 609 13.87 -15.65 29.07
N GLU A 610 14.12 -15.94 27.80
CA GLU A 610 15.22 -15.35 27.06
C GLU A 610 15.13 -13.84 26.97
N MET A 611 13.92 -13.29 26.92
CA MET A 611 13.69 -11.83 26.85
C MET A 611 13.87 -11.19 28.26
N GLY A 612 14.01 -12.01 29.27
CA GLY A 612 14.12 -11.45 30.58
C GLY A 612 12.86 -11.27 31.38
N ASP A 613 11.68 -11.69 30.89
CA ASP A 613 10.42 -11.62 31.67
CA ASP A 613 10.41 -11.62 31.60
C ASP A 613 10.09 -12.98 32.24
N VAL A 614 10.82 -13.31 33.30
CA VAL A 614 10.75 -14.60 33.92
C VAL A 614 9.46 -14.79 34.68
N GLY A 615 8.91 -13.72 35.27
CA GLY A 615 7.62 -13.80 35.91
C GLY A 615 6.49 -14.14 34.91
N TYR A 616 6.44 -13.44 33.78
CA TYR A 616 5.45 -13.77 32.78
C TYR A 616 5.69 -15.17 32.22
N ALA A 617 6.95 -15.50 31.90
CA ALA A 617 7.31 -16.84 31.42
C ALA A 617 6.72 -17.94 32.27
N ALA A 618 6.72 -17.70 33.57
CA ALA A 618 6.37 -18.78 34.51
C ALA A 618 4.86 -19.08 34.46
N GLN A 619 4.09 -18.11 33.99
CA GLN A 619 2.67 -18.33 33.76
C GLN A 619 2.40 -19.40 32.71
N PHE A 620 3.38 -19.75 31.85
CA PHE A 620 3.24 -20.74 30.80
C PHE A 620 3.66 -22.16 31.17
N LYS A 621 3.91 -22.40 32.46
CA LYS A 621 4.15 -23.72 32.97
C LYS A 621 2.87 -24.52 33.05
N GLY A 622 2.98 -25.82 33.30
CA GLY A 622 1.81 -26.68 33.38
C GLY A 622 1.37 -27.29 32.09
N PHE A 623 2.30 -27.35 31.16
CA PHE A 623 2.08 -27.93 29.86
C PHE A 623 3.16 -28.95 29.50
N ASP A 624 3.44 -29.86 30.41
CA ASP A 624 4.38 -30.95 30.12
C ASP A 624 3.71 -32.15 29.50
N TRP A 625 2.72 -31.95 28.66
CA TRP A 625 1.93 -33.08 28.17
C TRP A 625 2.64 -33.73 27.04
N GLN A 626 2.62 -35.07 27.04
CA GLN A 626 3.20 -35.82 25.96
C GLN A 626 2.22 -36.53 25.11
N THR A 627 1.00 -36.68 25.58
CA THR A 627 -0.02 -37.36 24.86
C THR A 627 -1.33 -36.70 25.27
N GLU A 628 -2.33 -36.82 24.41
CA GLU A 628 -3.63 -36.20 24.61
C GLU A 628 -4.28 -36.63 25.92
N GLU A 629 -4.06 -37.88 26.35
CA GLU A 629 -4.57 -38.29 27.65
C GLU A 629 -4.07 -37.42 28.80
N ASP A 630 -2.86 -36.88 28.74
CA ASP A 630 -2.38 -35.92 29.75
C ASP A 630 -3.24 -34.68 29.82
N ALA A 631 -3.75 -34.20 28.69
CA ALA A 631 -4.65 -33.00 28.66
C ALA A 631 -6.06 -33.38 29.15
N PHE A 632 -6.53 -34.57 28.84
CA PHE A 632 -7.75 -35.06 29.45
C PHE A 632 -7.66 -35.07 30.97
N MET A 633 -6.54 -35.57 31.52
CA MET A 633 -6.39 -35.69 32.99
C MET A 633 -6.24 -34.39 33.65
N ASP A 634 -5.53 -33.45 33.05
CA ASP A 634 -5.39 -32.10 33.59
C ASP A 634 -6.66 -31.25 33.46
N GLY A 635 -7.45 -31.49 32.41
CA GLY A 635 -8.61 -30.68 32.13
C GLY A 635 -9.83 -31.37 32.70
N TYR A 636 -10.41 -32.28 31.93
CA TYR A 636 -11.72 -32.82 32.29
C TYR A 636 -11.73 -33.48 33.70
N ASN A 637 -10.70 -34.27 33.95
CA ASN A 637 -10.70 -35.18 35.11
C ASN A 637 -10.68 -34.35 36.38
N LYS A 638 -9.91 -33.26 36.37
CA LYS A 638 -9.81 -32.35 37.53
C LYS A 638 -10.83 -31.25 37.56
N ASN A 639 -11.53 -30.95 36.46
CA ASN A 639 -12.40 -29.78 36.42
C ASN A 639 -13.86 -30.08 36.16
N ALA A 640 -14.22 -31.22 35.59
CA ALA A 640 -15.63 -31.44 35.24
C ALA A 640 -16.30 -31.91 36.48
N HIS A 641 -17.61 -31.72 36.56
CA HIS A 641 -18.39 -32.28 37.67
C HIS A 641 -18.45 -33.78 37.45
N GLY A 642 -18.08 -34.52 38.49
CA GLY A 642 -17.92 -35.93 38.39
C GLY A 642 -16.71 -36.40 37.60
N GLY A 643 -15.79 -35.49 37.28
CA GLY A 643 -14.63 -35.81 36.43
C GLY A 643 -13.73 -36.88 37.00
N GLU A 644 -13.65 -36.91 38.33
CA GLU A 644 -12.85 -37.92 38.99
C GLU A 644 -13.31 -39.33 38.77
N PHE A 645 -14.55 -39.59 38.36
CA PHE A 645 -14.99 -40.93 38.03
C PHE A 645 -14.56 -41.40 36.67
N VAL A 646 -14.00 -40.50 35.88
CA VAL A 646 -13.84 -40.76 34.46
C VAL A 646 -12.38 -40.82 34.10
N THR A 647 -12.01 -41.93 33.45
CA THR A 647 -10.69 -42.08 32.85
C THR A 647 -10.85 -42.79 31.49
N TYR A 648 -9.79 -42.77 30.70
CA TYR A 648 -9.79 -43.45 29.38
C TYR A 648 -10.12 -44.94 29.44
N GLU A 649 -9.47 -45.59 30.38
CA GLU A 649 -9.68 -47.00 30.59
C GLU A 649 -11.13 -47.31 30.96
N ARG A 650 -11.68 -46.51 31.84
CA ARG A 650 -13.11 -46.66 32.17
C ARG A 650 -14.08 -46.34 31.02
N LEU A 651 -13.86 -45.23 30.34
CA LEU A 651 -14.67 -44.93 29.17
C LEU A 651 -14.60 -46.02 28.12
N SER A 652 -13.37 -46.49 27.88
CA SER A 652 -13.19 -47.53 26.91
C SER A 652 -14.06 -48.79 27.19
N ALA A 653 -14.09 -49.19 28.44
CA ALA A 653 -14.86 -50.34 28.81
C ALA A 653 -16.37 -50.09 28.61
N MET A 654 -16.84 -48.85 28.69
CA MET A 654 -18.23 -48.56 28.49
C MET A 654 -18.65 -48.65 27.01
N GLY A 655 -17.71 -48.60 26.07
CA GLY A 655 -18.04 -48.76 24.64
C GLY A 655 -18.64 -47.48 24.04
N THR A 656 -19.29 -47.66 22.91
CA THR A 656 -19.97 -46.52 22.21
C THR A 656 -21.22 -46.01 22.92
N ASN A 657 -21.77 -46.76 23.87
CA ASN A 657 -22.80 -46.23 24.71
C ASN A 657 -22.35 -45.26 25.79
N GLY A 658 -21.07 -45.30 26.16
CA GLY A 658 -20.54 -44.37 27.11
C GLY A 658 -21.36 -44.30 28.39
N PHE A 659 -21.53 -43.10 28.90
CA PHE A 659 -22.45 -42.81 29.96
C PHE A 659 -22.91 -41.33 29.76
N GLN A 660 -23.93 -40.89 30.48
CA GLN A 660 -24.46 -39.53 30.35
C GLN A 660 -23.97 -38.64 31.46
N GLU A 661 -23.42 -37.48 31.08
CA GLU A 661 -22.83 -36.57 32.04
C GLU A 661 -23.90 -35.84 32.80
N PRO A 662 -23.61 -35.49 34.07
CA PRO A 662 -22.35 -35.80 34.77
C PRO A 662 -22.31 -37.18 35.39
N ALA A 663 -21.10 -37.66 35.57
CA ALA A 663 -20.86 -38.92 36.25
C ALA A 663 -21.18 -38.69 37.73
N THR A 664 -21.86 -39.64 38.34
CA THR A 664 -22.13 -39.58 39.77
C THR A 664 -21.33 -40.62 40.56
N GLY A 665 -20.76 -41.62 39.91
CA GLY A 665 -19.99 -42.59 40.62
C GLY A 665 -19.44 -43.61 39.65
N PHE A 666 -18.65 -44.54 40.20
CA PHE A 666 -18.10 -45.65 39.44
C PHE A 666 -18.29 -46.97 40.21
N THR A 667 -19.01 -47.96 39.71
CA THR A 667 -19.25 -49.24 40.43
C THR A 667 -19.30 -50.40 39.48
N ASP A 668 -18.67 -51.54 39.77
CA ASP A 668 -18.91 -52.73 38.93
C ASP A 668 -18.40 -52.52 37.49
N GLY A 669 -17.28 -51.82 37.37
CA GLY A 669 -16.76 -51.36 36.08
C GLY A 669 -17.64 -50.41 35.28
N LYS A 670 -18.57 -49.69 35.89
CA LYS A 670 -19.53 -48.82 35.18
C LYS A 670 -19.49 -47.43 35.73
N ILE A 671 -19.20 -46.45 34.85
CA ILE A 671 -19.35 -45.04 35.22
C ILE A 671 -20.83 -44.84 35.25
N GLU A 672 -21.33 -44.32 36.37
CA GLU A 672 -22.74 -44.09 36.57
C GLU A 672 -23.02 -42.66 36.24
N GLY A 673 -24.11 -42.44 35.53
CA GLY A 673 -24.46 -41.08 35.06
C GLY A 673 -25.88 -40.60 35.22
N THR A 674 -26.20 -39.53 34.52
CA THR A 674 -27.38 -38.79 34.77
C THR A 674 -28.22 -38.74 33.46
N GLN A 675 -29.39 -39.38 33.47
CA GLN A 675 -30.20 -39.52 32.31
C GLN A 675 -30.88 -38.21 31.83
N ARG A 676 -31.38 -37.44 32.79
CA ARG A 676 -32.01 -36.17 32.58
C ARG A 676 -31.57 -35.22 33.62
N LEU A 677 -31.56 -33.94 33.28
CA LEU A 677 -31.25 -32.92 34.25
C LEU A 677 -32.53 -32.41 34.88
N TYR A 678 -32.38 -31.80 36.04
CA TYR A 678 -33.47 -31.15 36.70
C TYR A 678 -34.61 -32.06 37.14
N THR A 679 -34.36 -33.36 37.40
CA THR A 679 -35.50 -34.24 37.73
C THR A 679 -36.08 -33.94 39.12
N ASP A 680 -35.33 -33.23 39.91
CA ASP A 680 -35.78 -32.81 41.24
C ASP A 680 -36.31 -31.36 41.26
N GLY A 681 -36.42 -30.70 40.09
CA GLY A 681 -36.90 -29.33 40.04
C GLY A 681 -35.96 -28.30 40.57
N VAL A 682 -34.70 -28.62 40.80
CA VAL A 682 -33.70 -27.67 41.24
C VAL A 682 -32.77 -27.21 40.09
N PHE A 683 -32.85 -25.93 39.76
CA PHE A 683 -32.35 -25.39 38.52
C PHE A 683 -31.01 -24.72 38.80
N SER A 684 -30.35 -24.26 37.75
CA SER A 684 -28.96 -23.82 37.81
C SER A 684 -28.91 -22.36 38.09
N THR A 685 -29.43 -21.97 39.25
CA THR A 685 -29.45 -20.58 39.74
C THR A 685 -29.06 -20.63 41.24
N ASP A 686 -28.75 -19.50 41.82
CA ASP A 686 -28.40 -19.50 43.25
C ASP A 686 -29.55 -20.00 44.14
N ASP A 687 -30.80 -19.58 43.90
CA ASP A 687 -31.92 -20.13 44.70
C ASP A 687 -32.48 -21.49 44.20
N GLY A 688 -31.91 -22.09 43.16
CA GLY A 688 -32.47 -23.30 42.55
C GLY A 688 -33.82 -23.16 41.81
N LYS A 689 -34.32 -21.93 41.68
CA LYS A 689 -35.57 -21.68 41.01
C LYS A 689 -35.28 -21.26 39.55
N ALA A 690 -36.02 -21.79 38.61
CA ALA A 690 -35.95 -21.24 37.21
C ALA A 690 -36.68 -19.91 37.13
N ARG A 691 -36.26 -19.06 36.20
CA ARG A 691 -36.93 -17.80 35.91
C ARG A 691 -37.64 -17.88 34.58
N PHE A 692 -38.78 -17.21 34.49
CA PHE A 692 -39.45 -16.98 33.23
C PHE A 692 -38.80 -15.72 32.65
N MET A 693 -39.12 -15.40 31.41
CA MET A 693 -38.64 -14.13 30.84
C MET A 693 -39.79 -13.31 30.30
N ASP A 694 -39.82 -12.07 30.73
CA ASP A 694 -40.70 -11.10 30.21
C ASP A 694 -39.93 -10.58 28.98
N ALA A 695 -40.40 -10.95 27.80
CA ALA A 695 -39.65 -10.85 26.54
C ALA A 695 -40.52 -10.36 25.42
N PRO A 696 -40.89 -9.12 25.49
CA PRO A 696 -41.80 -8.68 24.53
C PRO A 696 -41.22 -8.53 23.12
N TRP A 697 -42.04 -8.86 22.12
CA TRP A 697 -41.76 -8.56 20.73
C TRP A 697 -41.36 -7.11 20.48
N ARG A 698 -40.23 -6.92 19.77
CA ARG A 698 -39.76 -5.57 19.42
C ARG A 698 -39.25 -5.51 18.00
N GLY A 699 -39.82 -6.33 17.13
CA GLY A 699 -39.48 -6.33 15.72
C GLY A 699 -38.14 -7.01 15.44
N LEU A 700 -37.55 -6.66 14.29
CA LEU A 700 -36.20 -7.10 13.90
C LEU A 700 -35.24 -6.30 14.74
N GLN A 701 -34.55 -6.99 15.63
CA GLN A 701 -33.76 -6.36 16.66
C GLN A 701 -32.42 -5.90 16.17
N ALA A 702 -31.74 -6.69 15.35
CA ALA A 702 -30.37 -6.34 15.01
C ALA A 702 -30.28 -5.12 14.09
N PRO A 703 -29.26 -4.27 14.25
CA PRO A 703 -29.14 -3.03 13.44
C PRO A 703 -29.05 -3.29 11.96
N GLY A 704 -29.79 -2.49 11.20
CA GLY A 704 -29.85 -2.62 9.81
C GLY A 704 -30.75 -3.66 9.19
N LYS A 705 -31.36 -4.55 9.97
CA LYS A 705 -32.00 -5.68 9.40
C LYS A 705 -33.31 -5.30 8.69
N GLN A 706 -34.04 -4.40 9.32
CA GLN A 706 -35.30 -3.93 8.78
C GLN A 706 -35.05 -3.18 7.44
N GLN A 707 -34.03 -2.34 7.43
CA GLN A 707 -33.61 -1.66 6.19
C GLN A 707 -33.13 -2.61 5.12
N GLN A 708 -32.38 -3.66 5.48
CA GLN A 708 -31.96 -4.66 4.49
C GLN A 708 -33.15 -5.36 3.83
N LYS A 709 -34.12 -5.73 4.66
CA LYS A 709 -35.30 -6.37 4.19
C LYS A 709 -36.11 -5.47 3.30
N ASP A 710 -36.30 -4.24 3.74
CA ASP A 710 -37.10 -3.29 2.97
C ASP A 710 -36.50 -2.94 1.64
N SER A 711 -35.20 -3.09 1.44
CA SER A 711 -34.57 -2.53 0.27
C SER A 711 -34.00 -3.59 -0.67
N HIS A 712 -34.30 -4.86 -0.43
CA HIS A 712 -33.88 -5.92 -1.37
C HIS A 712 -35.02 -6.85 -1.64
N LYS A 713 -34.93 -7.59 -2.73
CA LYS A 713 -36.03 -8.33 -3.22
C LYS A 713 -36.24 -9.68 -2.55
N TYR A 714 -35.21 -10.45 -2.28
CA TYR A 714 -35.41 -11.81 -1.77
C TYR A 714 -34.89 -12.07 -0.34
N LEU A 715 -35.58 -12.94 0.39
CA LEU A 715 -34.96 -13.50 1.58
C LEU A 715 -33.84 -14.44 1.18
N ILE A 716 -32.65 -14.25 1.77
CA ILE A 716 -31.58 -15.20 1.52
C ILE A 716 -31.41 -16.03 2.80
N ASN A 717 -32.38 -16.93 3.01
CA ASN A 717 -32.27 -17.92 4.05
C ASN A 717 -31.02 -18.77 3.76
N ASN A 718 -30.52 -19.47 4.78
CA ASN A 718 -29.24 -20.11 4.67
C ASN A 718 -29.05 -21.15 5.74
N GLY A 719 -28.23 -22.13 5.40
CA GLY A 719 -28.06 -23.29 6.25
C GLY A 719 -27.48 -24.49 5.57
N ARG A 720 -27.76 -25.66 6.12
CA ARG A 720 -27.14 -26.89 5.75
C ARG A 720 -27.77 -27.64 4.61
N ALA A 721 -26.95 -28.54 4.06
CA ALA A 721 -27.39 -29.60 3.18
C ALA A 721 -26.97 -30.89 3.89
N ASN A 722 -27.84 -31.90 3.83
CA ASN A 722 -27.53 -33.28 4.29
C ASN A 722 -26.19 -33.84 3.82
N VAL A 723 -25.93 -33.72 2.53
CA VAL A 723 -24.76 -34.32 1.98
C VAL A 723 -23.42 -33.65 2.40
N VAL A 724 -23.43 -32.34 2.65
CA VAL A 724 -22.29 -31.54 2.89
C VAL A 724 -21.96 -31.38 4.41
N TRP A 725 -20.73 -31.70 4.81
CA TRP A 725 -20.28 -31.38 6.21
C TRP A 725 -19.58 -30.01 6.30
N GLN A 726 -20.27 -29.07 6.93
CA GLN A 726 -19.71 -27.80 7.39
C GLN A 726 -19.20 -27.01 6.18
N SER A 727 -18.00 -26.45 6.24
CA SER A 727 -17.45 -25.66 5.13
C SER A 727 -16.78 -26.53 4.04
N ALA A 728 -17.13 -27.82 4.00
CA ALA A 728 -16.65 -28.76 2.99
C ALA A 728 -15.12 -28.89 3.01
N TYR A 729 -14.59 -28.79 4.22
CA TYR A 729 -13.16 -28.80 4.35
C TYR A 729 -12.60 -30.16 3.92
N LEU A 730 -13.25 -31.25 4.33
CA LEU A 730 -12.93 -32.59 3.79
C LEU A 730 -13.63 -32.84 2.45
N ASP A 731 -14.85 -32.36 2.35
CA ASP A 731 -15.69 -32.72 1.25
C ASP A 731 -15.21 -32.19 -0.07
N GLN A 732 -14.44 -31.09 -0.03
CA GLN A 732 -13.94 -30.53 -1.26
C GLN A 732 -12.94 -31.49 -1.98
N GLU A 733 -12.38 -32.49 -1.29
CA GLU A 733 -11.61 -33.55 -1.93
C GLU A 733 -12.37 -34.91 -1.85
N ASN A 734 -13.69 -34.85 -1.85
CA ASN A 734 -14.54 -36.04 -1.84
C ASN A 734 -15.44 -35.92 -3.07
N ASP A 735 -15.18 -36.77 -4.07
CA ASP A 735 -15.89 -36.64 -5.32
C ASP A 735 -17.36 -36.93 -5.24
N PHE A 736 -17.77 -37.76 -4.31
CA PHE A 736 -19.18 -38.02 -4.12
C PHE A 736 -19.92 -36.76 -3.73
N VAL A 737 -19.32 -35.94 -2.87
CA VAL A 737 -19.97 -34.69 -2.48
C VAL A 737 -19.88 -33.67 -3.61
N MET A 738 -18.71 -33.46 -4.16
CA MET A 738 -18.51 -32.28 -5.11
C MET A 738 -19.12 -32.55 -6.48
N ASP A 739 -19.26 -33.82 -6.86
CA ASP A 739 -20.04 -34.28 -8.07
C ASP A 739 -21.50 -33.91 -7.93
N ARG A 740 -22.01 -33.93 -6.69
CA ARG A 740 -23.41 -33.55 -6.45
C ARG A 740 -23.61 -32.04 -6.48
N PHE A 741 -22.74 -31.30 -5.79
CA PHE A 741 -22.84 -29.86 -5.72
C PHE A 741 -21.49 -29.16 -5.98
N PRO A 742 -21.15 -28.90 -7.26
CA PRO A 742 -19.90 -28.25 -7.49
C PRO A 742 -19.95 -26.77 -7.04
N TYR A 743 -21.12 -26.15 -7.08
CA TYR A 743 -21.39 -24.85 -6.54
C TYR A 743 -22.41 -25.02 -5.41
N PRO A 744 -22.43 -24.08 -4.45
CA PRO A 744 -23.53 -24.13 -3.48
C PRO A 744 -24.80 -23.96 -4.22
N PHE A 745 -25.84 -24.65 -3.81
CA PHE A 745 -27.18 -24.37 -4.35
C PHE A 745 -27.80 -23.14 -3.73
N ILE A 746 -28.63 -22.46 -4.50
CA ILE A 746 -29.59 -21.54 -3.95
C ILE A 746 -30.97 -22.04 -4.43
N GLU A 747 -31.75 -22.54 -3.47
CA GLU A 747 -33.14 -23.02 -3.69
C GLU A 747 -34.00 -21.85 -4.03
N MET A 748 -34.67 -21.94 -5.16
CA MET A 748 -35.47 -20.83 -5.63
C MET A 748 -36.82 -21.38 -6.15
N ASN A 749 -37.89 -20.69 -5.79
CA ASN A 749 -39.21 -20.98 -6.29
C ASN A 749 -39.18 -20.84 -7.84
N PRO A 750 -39.79 -21.75 -8.57
CA PRO A 750 -39.56 -21.80 -10.03
C PRO A 750 -40.18 -20.62 -10.81
N GLU A 751 -41.23 -20.05 -10.26
CA GLU A 751 -41.79 -18.83 -10.77
C GLU A 751 -40.90 -17.65 -10.48
N ASP A 752 -40.24 -17.64 -9.32
CA ASP A 752 -39.30 -16.55 -9.07
C ASP A 752 -38.20 -16.63 -10.13
N MET A 753 -37.77 -17.84 -10.43
CA MET A 753 -36.75 -18.14 -11.42
C MET A 753 -37.22 -17.59 -12.80
N ALA A 754 -38.44 -17.91 -13.17
CA ALA A 754 -38.97 -17.51 -14.51
C ALA A 754 -39.00 -16.02 -14.59
N GLU A 755 -39.50 -15.37 -13.56
CA GLU A 755 -39.59 -13.93 -13.51
C GLU A 755 -38.24 -13.21 -13.53
N ALA A 756 -37.18 -13.85 -13.06
CA ALA A 756 -35.84 -13.34 -13.11
C ALA A 756 -35.01 -13.84 -14.32
N GLY A 757 -35.63 -14.58 -15.20
CA GLY A 757 -34.96 -15.18 -16.35
C GLY A 757 -33.94 -16.23 -16.07
N LEU A 758 -34.13 -17.02 -15.01
CA LEU A 758 -33.10 -17.98 -14.59
C LEU A 758 -33.54 -19.38 -14.90
N LYS A 759 -32.62 -20.23 -15.25
CA LYS A 759 -32.90 -21.64 -15.45
C LYS A 759 -32.10 -22.39 -14.44
N GLU A 760 -32.47 -23.65 -14.29
CA GLU A 760 -31.76 -24.58 -13.42
C GLU A 760 -30.27 -24.63 -13.76
N GLY A 761 -29.42 -24.45 -12.75
CA GLY A 761 -28.00 -24.54 -12.97
C GLY A 761 -27.32 -23.22 -13.26
N ASP A 762 -28.09 -22.20 -13.60
CA ASP A 762 -27.52 -20.86 -13.81
C ASP A 762 -26.73 -20.42 -12.61
N LEU A 763 -25.59 -19.82 -12.89
CA LEU A 763 -24.73 -19.19 -11.87
C LEU A 763 -25.23 -17.79 -11.63
N VAL A 764 -25.57 -17.51 -10.38
CA VAL A 764 -26.19 -16.23 -10.05
C VAL A 764 -25.38 -15.54 -8.99
N GLU A 765 -25.43 -14.23 -9.00
CA GLU A 765 -24.82 -13.39 -8.01
C GLU A 765 -25.92 -12.95 -7.07
N ILE A 766 -25.66 -13.12 -5.78
CA ILE A 766 -26.48 -12.59 -4.71
C ILE A 766 -25.74 -11.39 -4.20
N TYR A 767 -26.41 -10.26 -4.08
CA TYR A 767 -25.75 -9.06 -3.69
C TYR A 767 -26.64 -8.14 -2.88
N ASN A 768 -26.02 -7.37 -1.99
CA ASN A 768 -26.72 -6.42 -1.14
C ASN A 768 -25.75 -5.38 -0.57
N ASP A 769 -26.13 -4.60 0.42
CA ASP A 769 -25.21 -3.65 1.07
C ASP A 769 -23.98 -4.27 1.73
N ALA A 770 -24.03 -5.53 2.12
CA ALA A 770 -22.93 -6.13 2.86
C ALA A 770 -21.89 -6.71 1.91
N GLY A 771 -22.28 -7.19 0.75
CA GLY A 771 -21.35 -7.79 -0.15
C GLY A 771 -22.04 -8.53 -1.29
N ALA A 772 -21.34 -9.47 -1.91
CA ALA A 772 -21.85 -10.23 -3.05
C ALA A 772 -21.20 -11.59 -3.05
N THR A 773 -21.90 -12.54 -3.61
CA THR A 773 -21.39 -13.89 -3.70
C THR A 773 -22.07 -14.60 -4.87
N GLN A 774 -21.75 -15.85 -5.07
CA GLN A 774 -22.38 -16.64 -6.14
C GLN A 774 -22.97 -17.96 -5.68
N ALA A 775 -23.92 -18.47 -6.44
CA ALA A 775 -24.49 -19.75 -6.22
C ALA A 775 -25.16 -20.26 -7.50
N MET A 776 -25.56 -21.52 -7.46
CA MET A 776 -26.19 -22.21 -8.58
C MET A 776 -27.67 -22.33 -8.26
N ALA A 777 -28.50 -21.79 -9.14
CA ALA A 777 -29.96 -21.82 -8.94
C ALA A 777 -30.51 -23.23 -9.04
N TYR A 778 -31.31 -23.61 -8.05
CA TYR A 778 -31.82 -24.96 -7.93
C TYR A 778 -33.33 -24.83 -7.79
N PRO A 779 -34.11 -25.19 -8.84
CA PRO A 779 -35.55 -24.92 -8.76
C PRO A 779 -36.18 -25.84 -7.68
N THR A 780 -36.96 -25.19 -6.84
CA THR A 780 -37.46 -25.78 -5.64
C THR A 780 -38.94 -25.45 -5.49
N PRO A 781 -39.79 -26.36 -5.97
CA PRO A 781 -41.21 -26.03 -5.95
C PRO A 781 -41.81 -25.76 -4.56
N THR A 782 -41.20 -26.29 -3.51
CA THR A 782 -41.65 -26.04 -2.15
C THR A 782 -41.23 -24.70 -1.64
N ALA A 783 -40.34 -23.95 -2.30
CA ALA A 783 -39.98 -22.64 -1.79
C ALA A 783 -41.12 -21.66 -1.92
N ARG A 784 -41.27 -20.76 -0.97
CA ARG A 784 -42.25 -19.69 -1.15
C ARG A 784 -41.70 -18.62 -2.04
N ARG A 785 -42.60 -17.95 -2.76
CA ARG A 785 -42.21 -16.86 -3.62
C ARG A 785 -41.51 -15.75 -2.78
N GLY A 786 -40.36 -15.27 -3.27
CA GLY A 786 -39.59 -14.25 -2.57
C GLY A 786 -38.63 -14.82 -1.53
N GLU A 787 -38.62 -16.12 -1.33
CA GLU A 787 -37.81 -16.80 -0.27
C GLU A 787 -36.88 -17.86 -0.91
N THR A 788 -35.58 -17.60 -0.80
CA THR A 788 -34.56 -18.49 -1.28
C THR A 788 -33.82 -19.05 -0.11
N PHE A 789 -33.09 -20.10 -0.39
CA PHE A 789 -32.24 -20.72 0.60
C PHE A 789 -30.91 -21.12 -0.01
N MET A 790 -29.84 -20.49 0.48
CA MET A 790 -28.50 -20.79 0.00
C MET A 790 -27.69 -21.63 1.01
N LEU A 791 -27.08 -22.70 0.49
CA LEU A 791 -26.15 -23.51 1.26
C LEU A 791 -25.07 -22.61 1.81
N PHE A 792 -24.84 -22.67 3.12
CA PHE A 792 -23.84 -21.82 3.79
C PHE A 792 -22.45 -22.42 3.69
N GLY A 793 -21.45 -21.60 3.95
CA GLY A 793 -20.13 -22.10 4.29
C GLY A 793 -19.28 -22.65 3.15
N PHE A 794 -19.76 -22.53 1.92
CA PHE A 794 -19.27 -23.37 0.87
C PHE A 794 -18.14 -22.72 0.11
N PRO A 795 -17.09 -23.48 -0.18
CA PRO A 795 -15.92 -22.75 -0.76
C PRO A 795 -16.08 -22.14 -2.18
N THR A 796 -16.96 -22.69 -2.98
CA THR A 796 -17.24 -22.18 -4.33
C THR A 796 -18.39 -21.17 -4.40
N GLY A 797 -18.82 -20.66 -3.24
CA GLY A 797 -19.76 -19.54 -3.20
C GLY A 797 -20.23 -19.38 -1.77
N VAL A 798 -19.67 -18.40 -1.09
CA VAL A 798 -19.76 -18.20 0.36
C VAL A 798 -20.95 -17.28 0.67
N GLN A 799 -21.95 -17.86 1.30
CA GLN A 799 -23.18 -17.14 1.62
C GLN A 799 -22.99 -16.02 2.62
N GLY A 800 -22.07 -16.22 3.56
CA GLY A 800 -21.73 -15.20 4.55
C GLY A 800 -21.37 -13.87 4.00
N ASN A 801 -20.97 -13.84 2.72
CA ASN A 801 -20.58 -12.55 2.12
C ASN A 801 -21.70 -11.57 2.10
N VAL A 802 -22.95 -12.08 2.10
CA VAL A 802 -24.10 -11.22 2.06
C VAL A 802 -24.79 -11.07 3.39
N THR A 803 -24.19 -11.62 4.44
CA THR A 803 -24.76 -11.39 5.79
C THR A 803 -24.18 -10.08 6.27
N SER A 804 -25.03 -9.21 6.86
CA SER A 804 -24.54 -7.97 7.40
C SER A 804 -23.73 -8.25 8.69
N ALA A 805 -23.07 -7.20 9.18
CA ALA A 805 -22.38 -7.21 10.45
C ALA A 805 -23.31 -7.21 11.71
N GLY A 806 -24.65 -7.15 11.48
CA GLY A 806 -25.68 -7.11 12.58
C GLY A 806 -25.72 -8.29 13.50
N THR A 807 -25.57 -7.97 14.78
CA THR A 807 -25.69 -8.88 15.88
C THR A 807 -26.67 -8.36 16.91
N ASN A 808 -27.04 -9.18 17.89
CA ASN A 808 -27.84 -8.68 19.01
C ASN A 808 -26.88 -8.10 20.00
N GLU A 809 -27.39 -7.78 21.15
CA GLU A 809 -26.64 -7.00 22.12
C GLU A 809 -25.49 -7.78 22.70
N LEU A 810 -25.65 -9.09 22.73
CA LEU A 810 -24.59 -9.97 23.20
C LEU A 810 -23.64 -10.51 22.11
N ILE A 811 -23.72 -9.93 20.94
CA ILE A 811 -22.85 -10.25 19.81
C ILE A 811 -23.11 -11.60 19.21
N ILE A 812 -24.39 -11.99 19.19
CA ILE A 812 -24.82 -13.18 18.50
C ILE A 812 -25.07 -12.80 17.04
N PRO A 813 -24.48 -13.54 16.12
CA PRO A 813 -24.66 -13.17 14.74
C PRO A 813 -26.01 -13.60 14.17
N ASN A 814 -26.73 -12.67 13.57
CA ASN A 814 -28.08 -12.89 13.06
C ASN A 814 -28.07 -13.32 11.58
N TYR A 815 -27.41 -14.43 11.34
CA TYR A 815 -27.25 -14.99 9.98
C TYR A 815 -28.56 -15.23 9.22
N LYS A 816 -29.59 -15.72 9.90
CA LYS A 816 -30.77 -16.20 9.16
C LYS A 816 -31.61 -15.10 8.52
N GLN A 817 -31.57 -13.91 9.10
CA GLN A 817 -32.30 -12.75 8.59
C GLN A 817 -31.38 -11.98 7.69
N THR A 818 -31.39 -12.42 6.40
CA THR A 818 -30.62 -11.82 5.36
C THR A 818 -31.48 -11.68 4.10
N TRP A 819 -31.41 -10.51 3.51
CA TRP A 819 -32.11 -10.22 2.29
C TRP A 819 -31.13 -9.64 1.28
N GLY A 820 -31.40 -9.92 0.02
CA GLY A 820 -30.56 -9.44 -1.04
C GLY A 820 -31.21 -9.57 -2.44
N ASN A 821 -30.48 -9.04 -3.42
CA ASN A 821 -30.88 -9.11 -4.82
C ASN A 821 -30.18 -10.22 -5.52
N ILE A 822 -30.76 -10.66 -6.63
CA ILE A 822 -30.18 -11.74 -7.38
C ILE A 822 -30.10 -11.38 -8.87
N ARG A 823 -28.95 -11.64 -9.49
CA ARG A 823 -28.79 -11.48 -10.96
C ARG A 823 -27.89 -12.48 -11.54
N LYS A 824 -28.11 -12.82 -12.81
CA LYS A 824 -27.35 -13.86 -13.46
C LYS A 824 -25.88 -13.45 -13.69
N ILE A 825 -24.96 -14.37 -13.41
CA ILE A 825 -23.53 -14.24 -13.79
C ILE A 825 -23.29 -15.00 -15.09
N SER A 826 -23.75 -16.22 -15.17
CA SER A 826 -23.50 -17.07 -16.35
C SER A 826 -24.66 -18.00 -16.54
N ASP A 827 -24.97 -18.32 -17.78
CA ASP A 827 -25.77 -19.51 -18.07
C ASP A 827 -25.16 -20.75 -17.46
N ALA A 828 -26.04 -21.68 -17.11
CA ALA A 828 -25.63 -22.91 -16.47
C ALA A 828 -24.26 -23.36 -16.98
N PRO A 829 -23.27 -23.48 -16.11
CA PRO A 829 -22.01 -23.96 -16.67
C PRO A 829 -22.06 -25.44 -17.03
N ARG A 830 -21.17 -25.83 -17.94
CA ARG A 830 -21.07 -27.19 -18.40
C ARG A 830 -20.76 -28.12 -17.29
N ASN A 831 -20.06 -27.69 -16.23
CA ASN A 831 -19.75 -28.59 -15.12
C ASN A 831 -20.95 -28.93 -14.20
N VAL A 832 -22.14 -28.40 -14.46
CA VAL A 832 -23.35 -28.85 -13.77
C VAL A 832 -24.33 -29.56 -14.68
N ALA A 833 -23.96 -29.79 -15.94
CA ALA A 833 -24.86 -30.48 -16.88
C ALA A 833 -25.28 -31.87 -16.42
N HIS A 834 -24.42 -32.57 -15.75
CA HIS A 834 -24.75 -33.92 -15.19
C HIS A 834 -25.65 -33.95 -13.92
N LEU A 835 -25.97 -32.79 -13.35
CA LEU A 835 -26.77 -32.72 -12.13
C LEU A 835 -28.21 -33.07 -12.31
N SER A 836 -28.76 -33.78 -11.32
CA SER A 836 -30.20 -33.85 -11.15
C SER A 836 -30.68 -32.56 -10.50
N PHE A 837 -31.74 -31.96 -11.02
CA PHE A 837 -32.39 -30.84 -10.34
C PHE A 837 -33.77 -31.20 -9.82
N LYS A 838 -33.97 -32.45 -9.52
CA LYS A 838 -35.23 -32.95 -9.10
C LYS A 838 -35.43 -32.67 -7.58
N SER A 839 -36.68 -32.81 -7.16
CA SER A 839 -37.12 -32.48 -5.83
C SER A 839 -36.35 -33.38 -4.88
N LYS A 840 -35.91 -32.78 -3.78
CA LYS A 840 -35.19 -33.55 -2.76
C LYS A 840 -36.18 -34.36 -1.89
N GLU A 841 -37.48 -34.13 -2.03
CA GLU A 841 -38.52 -34.79 -1.23
C GLU A 841 -38.86 -36.16 -1.73
N TYR A 842 -38.65 -37.15 -0.86
CA TYR A 842 -39.14 -38.49 -1.04
C TYR A 842 -40.58 -38.52 -1.45
N GLN A 843 -40.91 -39.37 -2.39
CA GLN A 843 -42.25 -39.58 -2.93
C GLN A 843 -42.60 -41.03 -2.68
N SER A 844 -43.79 -41.16 -2.15
CA SER A 844 -44.38 -42.41 -1.69
C SER A 844 -44.91 -43.27 -2.86
N ALA B 44 -7.47 -63.58 -10.08
CA ALA B 44 -7.70 -62.38 -10.97
C ALA B 44 -7.76 -61.07 -10.17
N ALA B 45 -7.13 -60.05 -10.74
CA ALA B 45 -7.06 -58.72 -10.10
C ALA B 45 -8.43 -58.07 -9.91
N GLY B 46 -9.33 -58.29 -10.85
CA GLY B 46 -10.68 -57.74 -10.79
C GLY B 46 -11.76 -58.79 -10.73
N VAL B 47 -12.95 -58.36 -10.35
CA VAL B 47 -14.16 -59.14 -10.39
C VAL B 47 -14.51 -59.60 -11.81
N GLU B 48 -14.84 -60.87 -11.99
CA GLU B 48 -15.25 -61.38 -13.31
C GLU B 48 -16.75 -61.38 -13.37
N TYR B 49 -17.29 -60.49 -14.17
CA TYR B 49 -18.71 -60.33 -14.31
C TYR B 49 -19.17 -61.28 -15.38
N PRO B 50 -20.34 -61.87 -15.20
CA PRO B 50 -20.89 -62.71 -16.26
C PRO B 50 -21.63 -61.82 -17.21
N ALA B 51 -21.73 -62.16 -18.50
CA ALA B 51 -22.60 -61.40 -19.42
C ALA B 51 -23.97 -62.07 -19.44
N ASN B 52 -24.96 -61.48 -18.77
CA ASN B 52 -26.23 -62.12 -18.57
C ASN B 52 -27.28 -61.43 -19.34
N ARG B 53 -28.09 -62.24 -20.03
CA ARG B 53 -29.19 -61.76 -20.86
C ARG B 53 -30.32 -61.42 -19.90
N LEU B 54 -30.88 -60.23 -20.01
CA LEU B 54 -31.91 -59.79 -19.07
C LEU B 54 -33.27 -59.76 -19.66
N ALA B 55 -33.35 -59.42 -20.93
CA ALA B 55 -34.64 -59.27 -21.55
C ALA B 55 -34.40 -58.93 -22.98
N ASN B 56 -35.48 -58.69 -23.72
CA ASN B 56 -35.37 -58.20 -25.07
C ASN B 56 -35.95 -56.84 -25.06
N ILE B 57 -35.38 -55.96 -25.86
CA ILE B 57 -35.91 -54.61 -26.01
C ILE B 57 -37.43 -54.56 -26.23
N SER B 58 -38.00 -55.55 -26.93
CA SER B 58 -39.46 -55.61 -27.21
C SER B 58 -40.30 -55.76 -25.96
N GLU B 59 -39.72 -56.30 -24.90
CA GLU B 59 -40.38 -56.49 -23.61
C GLU B 59 -40.59 -55.21 -22.77
N LEU B 60 -39.98 -54.07 -23.15
CA LEU B 60 -39.99 -52.85 -22.33
C LEU B 60 -41.02 -51.88 -22.83
N THR B 61 -41.86 -51.41 -21.92
CA THR B 61 -42.76 -50.32 -22.19
C THR B 61 -42.16 -49.07 -21.52
N LEU B 62 -42.25 -47.97 -22.25
CA LEU B 62 -41.78 -46.70 -21.83
C LEU B 62 -42.21 -46.39 -20.39
N ASN B 63 -41.21 -46.12 -19.54
CA ASN B 63 -41.45 -45.65 -18.16
C ASN B 63 -42.13 -46.65 -17.24
N GLU B 64 -42.01 -47.95 -17.53
CA GLU B 64 -42.44 -48.98 -16.61
C GLU B 64 -41.29 -49.89 -16.35
N PRO B 65 -40.76 -49.87 -15.11
CA PRO B 65 -39.65 -50.77 -14.83
C PRO B 65 -40.00 -52.24 -15.13
N LEU B 66 -39.02 -53.03 -15.55
CA LEU B 66 -39.15 -54.47 -15.69
C LEU B 66 -38.19 -55.11 -14.69
N ASP B 67 -38.68 -55.92 -13.77
CA ASP B 67 -37.80 -56.50 -12.73
C ASP B 67 -36.80 -57.46 -13.37
N VAL B 68 -35.55 -57.41 -12.93
CA VAL B 68 -34.52 -58.32 -13.37
C VAL B 68 -33.69 -58.55 -12.14
N ALA B 69 -32.62 -59.32 -12.31
CA ALA B 69 -31.65 -59.52 -11.29
C ALA B 69 -30.32 -59.75 -11.90
N TYR B 70 -29.31 -59.05 -11.37
CA TYR B 70 -27.97 -59.06 -11.91
C TYR B 70 -26.98 -58.59 -10.81
N PRO B 71 -25.85 -59.27 -10.62
CA PRO B 71 -25.34 -60.33 -11.48
C PRO B 71 -25.73 -61.77 -11.14
N ASP B 72 -26.59 -61.95 -10.14
CA ASP B 72 -27.23 -63.22 -9.87
C ASP B 72 -28.65 -62.96 -9.35
N GLU B 73 -29.36 -64.03 -9.04
CA GLU B 73 -30.81 -63.94 -8.81
C GLU B 73 -31.15 -63.24 -7.51
N ASP B 74 -30.21 -63.21 -6.55
CA ASP B 74 -30.39 -62.47 -5.27
C ASP B 74 -30.05 -60.95 -5.28
N ALA B 75 -29.76 -60.39 -6.45
CA ALA B 75 -29.44 -58.93 -6.57
C ALA B 75 -30.46 -58.27 -7.46
N ALA B 76 -31.55 -57.85 -6.85
CA ALA B 76 -32.67 -57.28 -7.59
C ALA B 76 -32.38 -55.94 -8.16
N GLY B 77 -32.97 -55.73 -9.33
CA GLY B 77 -32.83 -54.52 -10.10
C GLY B 77 -33.92 -54.43 -11.14
N VAL B 78 -33.90 -53.37 -11.93
CA VAL B 78 -34.87 -53.18 -12.96
C VAL B 78 -34.17 -52.73 -14.24
N LEU B 79 -34.80 -53.00 -15.37
CA LEU B 79 -34.51 -52.29 -16.62
C LEU B 79 -35.59 -51.28 -16.77
N LEU B 80 -35.21 -50.13 -17.33
CA LEU B 80 -36.16 -49.05 -17.47
C LEU B 80 -35.87 -48.26 -18.74
N LYS B 81 -36.89 -48.04 -19.55
CA LYS B 81 -36.80 -47.26 -20.80
C LYS B 81 -37.37 -45.90 -20.53
N LEU B 82 -36.54 -44.87 -20.68
CA LEU B 82 -36.89 -43.51 -20.20
C LEU B 82 -37.43 -42.55 -21.23
N GLY B 83 -37.21 -42.81 -22.52
CA GLY B 83 -37.81 -42.00 -23.59
C GLY B 83 -37.05 -40.74 -23.92
N THR B 84 -35.78 -40.74 -23.56
CA THR B 84 -34.91 -39.57 -23.68
C THR B 84 -33.52 -40.15 -23.46
N ARG B 85 -32.50 -39.71 -24.22
CA ARG B 85 -31.14 -40.32 -24.15
C ARG B 85 -30.48 -39.93 -22.85
N VAL B 86 -29.88 -40.87 -22.14
CA VAL B 86 -29.33 -40.57 -20.82
C VAL B 86 -28.05 -41.34 -20.55
N GLU B 87 -27.35 -40.94 -19.49
CA GLU B 87 -26.14 -41.58 -19.08
C GLU B 87 -26.35 -43.10 -18.86
N GLY B 88 -25.48 -43.92 -19.48
CA GLY B 88 -25.52 -45.42 -19.43
C GLY B 88 -26.69 -46.04 -20.20
N GLY B 89 -27.45 -45.21 -20.90
CA GLY B 89 -28.64 -45.64 -21.61
C GLY B 89 -28.22 -46.29 -22.95
N VAL B 90 -28.94 -47.33 -23.32
CA VAL B 90 -28.67 -48.12 -24.49
C VAL B 90 -29.94 -48.24 -25.32
N GLY B 91 -29.81 -48.96 -26.45
CA GLY B 91 -30.92 -49.12 -27.33
C GLY B 91 -30.87 -48.05 -28.36
N PRO B 92 -31.70 -48.18 -29.43
CA PRO B 92 -31.82 -47.16 -30.47
C PRO B 92 -31.95 -45.74 -29.95
N ASP B 93 -32.77 -45.53 -28.91
CA ASP B 93 -32.93 -44.17 -28.40
C ASP B 93 -31.97 -43.80 -27.26
N GLY B 94 -31.04 -44.70 -26.90
CA GLY B 94 -30.07 -44.44 -25.84
C GLY B 94 -30.73 -44.16 -24.48
N ASP B 95 -31.87 -44.80 -24.21
CA ASP B 95 -32.76 -44.47 -23.09
C ASP B 95 -33.14 -45.62 -22.17
N ILE B 96 -32.49 -46.74 -22.36
CA ILE B 96 -32.62 -47.94 -21.56
C ILE B 96 -31.48 -48.09 -20.57
N VAL B 97 -31.86 -48.16 -19.30
CA VAL B 97 -30.92 -48.23 -18.20
C VAL B 97 -31.28 -49.39 -17.30
N GLY B 98 -30.27 -49.87 -16.59
CA GLY B 98 -30.47 -50.87 -15.58
C GLY B 98 -29.83 -50.45 -14.28
N PHE B 99 -30.59 -50.58 -13.21
CA PHE B 99 -30.12 -50.26 -11.85
C PHE B 99 -30.53 -51.33 -10.86
N SER B 100 -29.65 -51.56 -9.89
CA SER B 100 -30.05 -52.13 -8.60
C SER B 100 -31.15 -51.29 -7.97
N THR B 101 -32.15 -52.00 -7.43
CA THR B 101 -33.29 -51.37 -6.80
C THR B 101 -33.30 -51.64 -5.30
N ILE B 102 -32.14 -51.96 -4.79
CA ILE B 102 -31.91 -52.16 -3.37
C ILE B 102 -31.02 -51.00 -2.83
N CYS B 103 -31.58 -50.28 -1.88
CA CYS B 103 -31.04 -49.01 -1.41
C CYS B 103 -29.63 -49.22 -0.88
N PRO B 104 -28.63 -48.50 -1.43
CA PRO B 104 -27.26 -48.66 -0.93
C PRO B 104 -27.07 -48.17 0.52
N HIS B 105 -28.05 -47.54 1.13
CA HIS B 105 -27.88 -47.18 2.59
C HIS B 105 -28.07 -48.40 3.51
N LYS B 106 -29.31 -48.86 3.64
CA LYS B 106 -29.62 -50.03 4.51
C LYS B 106 -30.45 -51.12 3.81
N GLY B 107 -30.54 -51.06 2.49
CA GLY B 107 -31.06 -52.18 1.74
C GLY B 107 -32.55 -52.33 1.60
N PHE B 108 -33.31 -51.29 1.90
CA PHE B 108 -34.73 -51.38 1.69
C PHE B 108 -34.95 -51.36 0.17
N PRO B 109 -36.03 -51.97 -0.28
CA PRO B 109 -36.30 -51.92 -1.70
C PRO B 109 -36.90 -50.57 -2.11
N LEU B 110 -36.44 -50.09 -3.26
CA LEU B 110 -36.83 -48.81 -3.77
C LEU B 110 -38.13 -48.86 -4.55
N SER B 111 -38.95 -47.83 -4.42
CA SER B 111 -40.12 -47.70 -5.25
C SER B 111 -39.83 -46.71 -6.39
N TYR B 112 -40.54 -46.83 -7.50
CA TYR B 112 -40.35 -45.98 -8.65
C TYR B 112 -41.46 -45.02 -8.74
N SER B 113 -41.21 -43.72 -8.79
CA SER B 113 -42.28 -42.80 -9.07
C SER B 113 -42.31 -42.55 -10.57
N ALA B 114 -43.41 -42.91 -11.26
CA ALA B 114 -43.45 -42.69 -12.71
C ALA B 114 -43.64 -41.22 -13.05
N ASP B 115 -44.30 -40.43 -12.19
CA ASP B 115 -44.52 -39.02 -12.48
C ASP B 115 -43.21 -38.21 -12.46
N ASN B 116 -42.23 -38.62 -11.65
CA ASN B 116 -40.93 -37.93 -11.51
C ASN B 116 -39.77 -38.55 -12.18
N LYS B 117 -39.96 -39.81 -12.50
CA LYS B 117 -38.90 -40.70 -12.85
C LYS B 117 -37.77 -40.73 -11.79
N THR B 118 -38.14 -41.17 -10.59
CA THR B 118 -37.20 -41.32 -9.52
C THR B 118 -37.45 -42.62 -8.84
N PHE B 119 -36.40 -43.17 -8.24
CA PHE B 119 -36.49 -44.18 -7.23
C PHE B 119 -36.53 -43.52 -5.85
N ASN B 120 -37.30 -44.11 -4.96
CA ASN B 120 -37.62 -43.52 -3.68
C ASN B 120 -37.52 -44.60 -2.61
N CYS B 121 -36.84 -44.31 -1.50
CA CYS B 121 -36.61 -45.29 -0.46
C CYS B 121 -37.47 -45.01 0.76
N PRO B 122 -38.34 -45.96 1.10
CA PRO B 122 -39.21 -45.80 2.27
C PRO B 122 -38.47 -45.98 3.57
N GLY B 123 -37.30 -46.55 3.51
CA GLY B 123 -36.44 -46.65 4.69
C GLY B 123 -36.16 -45.29 5.33
N HIS B 124 -35.37 -44.45 4.64
CA HIS B 124 -34.98 -43.16 5.21
C HIS B 124 -34.95 -41.99 4.24
N PHE B 125 -35.81 -42.06 3.26
CA PHE B 125 -36.27 -40.97 2.45
C PHE B 125 -35.35 -40.60 1.31
N SER B 126 -34.48 -41.51 0.94
CA SER B 126 -33.52 -41.28 -0.13
C SER B 126 -34.26 -41.27 -1.50
N VAL B 127 -33.70 -40.49 -2.44
CA VAL B 127 -34.24 -40.28 -3.80
C VAL B 127 -33.08 -40.35 -4.81
N PHE B 128 -33.22 -41.21 -5.82
CA PHE B 128 -32.24 -41.42 -6.85
C PHE B 128 -32.83 -41.11 -8.23
N ASP B 129 -32.00 -40.58 -9.13
CA ASP B 129 -32.46 -40.08 -10.44
C ASP B 129 -31.89 -41.00 -11.54
N PRO B 130 -32.72 -41.86 -12.09
CA PRO B 130 -32.22 -42.76 -13.13
C PRO B 130 -31.98 -42.05 -14.47
N GLU B 131 -32.52 -40.84 -14.63
CA GLU B 131 -32.20 -40.02 -15.80
C GLU B 131 -30.79 -39.36 -15.70
N LYS B 132 -30.14 -39.47 -14.52
CA LYS B 132 -28.78 -38.92 -14.28
C LYS B 132 -27.89 -39.87 -13.61
N GLY B 133 -27.74 -41.04 -14.19
CA GLY B 133 -26.77 -42.02 -13.73
C GLY B 133 -27.03 -42.60 -12.36
N GLY B 134 -28.27 -42.49 -11.87
CA GLY B 134 -28.63 -42.92 -10.54
C GLY B 134 -28.19 -41.95 -9.47
N GLN B 135 -28.04 -40.68 -9.81
CA GLN B 135 -27.55 -39.69 -8.81
C GLN B 135 -28.51 -39.59 -7.67
N GLN B 136 -27.98 -39.71 -6.45
CA GLN B 136 -28.76 -39.47 -5.26
C GLN B 136 -29.09 -37.98 -5.20
N VAL B 137 -30.36 -37.67 -5.40
CA VAL B 137 -30.89 -36.36 -5.47
C VAL B 137 -30.86 -35.82 -4.04
N TRP B 138 -31.25 -36.65 -3.09
CA TRP B 138 -31.17 -36.41 -1.65
C TRP B 138 -31.15 -37.80 -0.97
N GLY B 139 -30.32 -38.02 0.01
CA GLY B 139 -30.41 -39.29 0.70
C GLY B 139 -29.27 -39.62 1.58
N GLN B 140 -29.34 -40.82 2.14
CA GLN B 140 -28.46 -41.27 3.17
C GLN B 140 -27.35 -42.20 2.76
N ALA B 141 -27.38 -42.68 1.54
CA ALA B 141 -26.33 -43.53 1.00
C ALA B 141 -25.12 -42.72 0.70
N THR B 142 -23.99 -43.37 0.70
CA THR B 142 -22.77 -42.73 0.30
C THR B 142 -22.40 -43.12 -1.14
N GLN B 143 -23.36 -43.67 -1.85
CA GLN B 143 -23.18 -44.14 -3.21
C GLN B 143 -24.38 -43.68 -3.98
N ASN B 144 -24.14 -43.31 -5.24
CA ASN B 144 -25.19 -43.17 -6.18
C ASN B 144 -25.62 -44.60 -6.62
N LEU B 145 -26.79 -44.72 -7.26
CA LEU B 145 -27.38 -46.02 -7.42
C LEU B 145 -26.55 -46.93 -8.36
N PRO B 146 -26.18 -48.14 -7.90
CA PRO B 146 -25.39 -49.06 -8.75
C PRO B 146 -26.09 -49.29 -10.09
N GLN B 147 -25.39 -48.94 -11.17
CA GLN B 147 -25.92 -48.98 -12.50
C GLN B 147 -25.24 -50.08 -13.31
N TYR B 148 -26.04 -50.75 -14.14
CA TYR B 148 -25.58 -51.87 -14.99
C TYR B 148 -24.94 -51.37 -16.27
N VAL B 149 -23.84 -52.02 -16.62
CA VAL B 149 -23.23 -51.80 -17.91
C VAL B 149 -24.02 -52.68 -18.85
N LEU B 150 -24.78 -52.08 -19.74
CA LEU B 150 -25.65 -52.79 -20.67
C LEU B 150 -25.15 -52.81 -22.13
N ARG B 151 -25.56 -53.87 -22.85
CA ARG B 151 -25.28 -54.03 -24.28
C ARG B 151 -26.51 -54.65 -24.99
N VAL B 152 -26.96 -54.04 -26.09
CA VAL B 152 -28.05 -54.60 -26.87
C VAL B 152 -27.45 -55.36 -28.04
N ALA B 153 -27.83 -56.62 -28.23
CA ALA B 153 -27.33 -57.46 -29.33
C ALA B 153 -28.19 -57.21 -30.57
N ASP B 154 -27.78 -57.78 -31.71
CA ASP B 154 -28.48 -57.51 -33.00
C ASP B 154 -29.92 -58.02 -33.02
N ASN B 155 -30.20 -59.12 -32.33
CA ASN B 155 -31.61 -59.51 -32.09
C ASN B 155 -32.45 -58.66 -31.04
N GLY B 156 -31.91 -57.57 -30.48
CA GLY B 156 -32.63 -56.79 -29.44
C GLY B 156 -32.53 -57.33 -28.01
N ASP B 157 -31.73 -58.37 -27.79
CA ASP B 157 -31.51 -58.91 -26.46
C ASP B 157 -30.55 -57.99 -25.68
N ILE B 158 -30.96 -57.67 -24.45
CA ILE B 158 -30.21 -56.75 -23.59
C ILE B 158 -29.42 -57.57 -22.63
N PHE B 159 -28.11 -57.36 -22.67
CA PHE B 159 -27.19 -58.04 -21.78
C PHE B 159 -26.57 -57.07 -20.72
N ALA B 160 -26.25 -57.58 -19.50
CA ALA B 160 -25.56 -56.80 -18.48
C ALA B 160 -24.21 -57.43 -18.24
N GLU B 161 -23.17 -56.61 -18.19
CA GLU B 161 -21.80 -57.13 -18.15
C GLU B 161 -20.96 -56.41 -17.09
N GLY B 162 -21.60 -55.75 -16.14
CA GLY B 162 -20.86 -55.01 -15.15
C GLY B 162 -21.81 -54.16 -14.34
N VAL B 163 -21.26 -53.66 -13.25
CA VAL B 163 -21.97 -52.74 -12.36
C VAL B 163 -20.96 -51.74 -11.83
N ASP B 164 -21.35 -50.49 -11.67
CA ASP B 164 -20.36 -49.41 -11.43
C ASP B 164 -20.21 -49.01 -9.92
N GLU B 165 -21.00 -49.64 -9.04
CA GLU B 165 -20.90 -49.43 -7.60
C GLU B 165 -21.13 -50.75 -6.89
N LEU B 166 -20.76 -50.82 -5.63
CA LEU B 166 -20.92 -52.03 -4.82
C LEU B 166 -22.37 -52.17 -4.42
N ILE B 167 -22.97 -53.33 -4.78
CA ILE B 167 -24.40 -53.62 -4.58
C ILE B 167 -24.59 -53.79 -3.10
N TYR B 168 -25.69 -53.27 -2.57
CA TYR B 168 -26.02 -53.45 -1.16
C TYR B 168 -25.97 -54.96 -0.72
N GLY B 169 -25.38 -55.20 0.45
CA GLY B 169 -25.40 -56.48 1.10
C GLY B 169 -24.49 -57.57 0.59
N ARG B 170 -23.61 -57.21 -0.34
CA ARG B 170 -22.53 -58.10 -0.71
C ARG B 170 -21.22 -57.33 -0.71
N LEU B 171 -20.17 -57.97 -0.25
CA LEU B 171 -18.83 -57.42 -0.23
C LEU B 171 -18.05 -57.66 -1.51
N SER B 172 -18.66 -58.41 -2.44
CA SER B 172 -18.15 -58.57 -3.80
C SER B 172 -19.35 -58.61 -4.73
N ASN B 173 -19.37 -57.89 -5.86
CA ASN B 173 -20.60 -57.87 -6.65
C ASN B 173 -20.97 -59.24 -7.25
N VAL B 174 -19.94 -60.02 -7.54
CA VAL B 174 -20.04 -61.43 -7.98
C VAL B 174 -19.68 -62.24 -6.73
N LEU B 175 -20.68 -62.90 -6.16
CA LEU B 175 -20.50 -63.74 -4.98
C LEU B 175 -20.07 -65.15 -5.42
N ALA C 2 15.97 38.80 21.10
CA ALA C 2 14.49 39.09 21.21
C ALA C 2 14.08 39.69 19.90
N PHE C 3 12.91 39.33 19.43
CA PHE C 3 12.37 39.97 18.28
C PHE C 3 11.97 41.44 18.50
N LYS C 4 12.40 42.31 17.57
CA LYS C 4 12.15 43.75 17.58
C LYS C 4 11.80 44.14 16.14
N ARG C 5 10.79 44.98 15.98
CA ARG C 5 10.33 45.32 14.63
C ARG C 5 11.07 46.43 13.98
N HIS C 6 11.82 47.21 14.76
CA HIS C 6 12.52 48.40 14.24
C HIS C 6 11.56 49.33 13.55
N ILE C 7 10.31 49.37 14.01
CA ILE C 7 9.36 50.31 13.48
C ILE C 7 9.33 51.46 14.47
N ASP C 8 9.88 52.58 14.11
CA ASP C 8 9.93 53.61 15.16
C ASP C 8 9.04 54.81 14.91
N ARG C 9 8.21 54.73 13.91
CA ARG C 9 7.07 55.61 13.85
C ARG C 9 5.94 55.02 13.05
N LEU C 10 4.73 55.37 13.40
CA LEU C 10 3.53 54.90 12.73
C LEU C 10 2.83 56.05 12.17
N PRO C 11 2.12 55.87 11.03
CA PRO C 11 1.21 56.90 10.54
C PRO C 11 0.15 57.29 11.55
N ILE C 12 -0.20 58.56 11.57
CA ILE C 12 -1.19 59.06 12.49
C ILE C 12 -2.56 58.94 11.88
N ILE C 13 -3.50 58.39 12.65
CA ILE C 13 -4.91 58.32 12.14
C ILE C 13 -5.45 59.72 11.97
N PRO C 14 -5.92 60.07 10.77
CA PRO C 14 -6.42 61.40 10.55
C PRO C 14 -7.84 61.59 11.12
N ALA C 15 -8.23 62.85 11.30
CA ALA C 15 -9.54 63.22 11.88
C ALA C 15 -10.68 62.67 11.08
N ASP C 16 -10.51 62.57 9.77
CA ASP C 16 -11.56 62.02 8.93
C ASP C 16 -11.49 60.47 8.60
N ALA C 17 -10.82 59.67 9.39
CA ALA C 17 -10.71 58.26 9.09
C ALA C 17 -12.06 57.57 9.27
N LYS C 18 -12.27 56.44 8.56
CA LYS C 18 -13.56 55.76 8.58
C LYS C 18 -13.54 54.82 9.73
N LYS C 19 -14.54 54.89 10.59
CA LYS C 19 -14.53 54.14 11.86
C LYS C 19 -15.38 52.90 11.72
N HIS C 20 -14.89 51.74 12.15
CA HIS C 20 -15.66 50.50 12.06
C HIS C 20 -15.64 49.90 13.45
N ASN C 21 -16.78 49.38 13.93
CA ASN C 21 -16.84 48.62 15.19
C ASN C 21 -16.31 47.19 14.94
N VAL C 22 -15.42 46.70 15.80
CA VAL C 22 -14.82 45.44 15.63
C VAL C 22 -14.81 44.78 17.00
N THR C 23 -15.36 43.59 17.09
CA THR C 23 -15.13 42.72 18.31
C THR C 23 -13.81 41.97 18.09
N CYS C 24 -13.02 41.77 19.14
CA CYS C 24 -11.88 40.93 18.99
C CYS C 24 -12.22 39.60 18.24
N HIS C 25 -11.31 39.23 17.32
CA HIS C 25 -11.41 37.98 16.54
C HIS C 25 -11.41 36.75 17.40
N PHE C 26 -10.79 36.85 18.58
CA PHE C 26 -10.34 35.71 19.34
C PHE C 26 -11.21 35.25 20.53
N CYS C 27 -10.80 35.50 21.77
CA CYS C 27 -11.38 34.75 22.85
C CYS C 27 -12.82 35.27 23.26
N ILE C 28 -13.46 34.43 24.07
CA ILE C 28 -14.78 34.57 24.65
C ILE C 28 -15.06 35.98 25.19
N VAL C 29 -14.06 36.63 25.74
CA VAL C 29 -14.26 37.93 26.36
C VAL C 29 -14.88 38.92 25.40
N GLY C 30 -14.46 38.89 24.15
CA GLY C 30 -15.05 39.71 23.14
C GLY C 30 -14.83 41.20 23.35
N CYS C 31 -13.59 41.59 23.66
CA CYS C 31 -13.23 43.01 23.82
C CYS C 31 -13.61 43.86 22.62
N GLY C 32 -14.04 45.09 22.88
CA GLY C 32 -14.38 46.02 21.81
C GLY C 32 -13.14 46.76 21.31
N TYR C 33 -13.12 46.95 20.00
CA TYR C 33 -12.09 47.63 19.25
C TYR C 33 -12.81 48.48 18.21
N HIS C 34 -12.03 49.39 17.63
CA HIS C 34 -12.39 50.00 16.37
C HIS C 34 -11.27 49.83 15.41
N ALA C 35 -11.67 49.70 14.15
CA ALA C 35 -10.78 49.73 13.04
C ALA C 35 -11.02 51.07 12.33
N TYR C 36 -9.96 51.87 12.22
CA TYR C 36 -9.96 53.10 11.46
C TYR C 36 -9.18 52.94 10.18
N THR C 37 -9.77 53.36 9.06
CA THR C 37 -9.08 53.26 7.82
C THR C 37 -9.08 54.59 7.06
N TRP C 38 -8.07 54.79 6.21
CA TRP C 38 -7.96 56.03 5.48
C TRP C 38 -7.02 55.79 4.32
N PRO C 39 -7.09 56.65 3.28
CA PRO C 39 -6.35 56.35 2.06
C PRO C 39 -4.85 56.31 2.24
N ILE C 40 -4.21 55.41 1.46
CA ILE C 40 -2.77 55.14 1.56
C ILE C 40 -1.88 56.41 1.38
N ASN C 41 -2.35 57.32 0.57
CA ASN C 41 -1.71 58.61 0.30
C ASN C 41 -2.06 59.73 1.32
N LYS C 42 -2.77 59.45 2.39
CA LYS C 42 -3.13 60.48 3.33
C LYS C 42 -2.67 60.09 4.71
N GLN C 43 -2.62 61.08 5.59
CA GLN C 43 -2.21 60.80 6.97
C GLN C 43 -2.61 61.92 7.93
N GLY C 44 -2.67 61.61 9.20
CA GLY C 44 -2.94 62.65 10.23
C GLY C 44 -1.70 63.43 10.65
N GLY C 45 -1.94 64.41 11.52
CA GLY C 45 -0.90 65.30 12.05
C GLY C 45 -0.94 65.32 13.57
N THR C 46 0.09 65.90 14.17
CA THR C 46 0.18 65.90 15.63
C THR C 46 -0.70 66.99 16.28
N ASP C 47 -1.09 68.03 15.55
CA ASP C 47 -2.11 68.98 16.08
C ASP C 47 -3.47 68.30 16.29
N PRO C 48 -4.18 68.63 17.39
CA PRO C 48 -5.48 68.00 17.72
C PRO C 48 -6.50 67.95 16.61
N GLN C 49 -6.55 69.01 15.83
CA GLN C 49 -7.48 69.03 14.70
C GLN C 49 -7.10 68.07 13.59
N ASN C 50 -5.89 67.50 13.58
CA ASN C 50 -5.46 66.64 12.44
C ASN C 50 -5.35 65.19 12.79
N ASN C 51 -5.98 64.78 13.88
CA ASN C 51 -6.01 63.42 14.20
C ASN C 51 -7.31 63.06 14.90
N ILE C 52 -7.59 61.75 14.90
CA ILE C 52 -8.89 61.24 15.29
C ILE C 52 -9.05 61.44 16.80
N PHE C 53 -7.97 61.58 17.55
CA PHE C 53 -8.11 61.65 18.99
C PHE C 53 -8.46 63.07 19.49
N GLY C 54 -8.14 64.10 18.67
CA GLY C 54 -8.21 65.51 19.07
C GLY C 54 -7.17 65.77 20.14
N VAL C 55 -6.00 65.17 19.98
CA VAL C 55 -4.97 65.17 21.03
C VAL C 55 -3.77 65.78 20.40
N ASP C 56 -2.96 66.46 21.20
CA ASP C 56 -1.67 66.97 20.72
C ASP C 56 -0.64 65.82 20.84
N LEU C 57 -0.36 65.20 19.71
CA LEU C 57 0.51 64.02 19.65
C LEU C 57 2.05 64.33 19.64
N SER C 58 2.42 65.62 19.64
CA SER C 58 3.83 65.98 19.84
C SER C 58 4.27 65.86 21.26
N GLU C 59 3.42 65.46 22.17
CA GLU C 59 3.84 65.25 23.54
C GLU C 59 3.67 63.78 23.91
N GLN C 60 4.56 63.29 24.76
CA GLN C 60 4.46 62.00 25.38
C GLN C 60 3.09 61.80 26.01
N GLN C 61 2.47 60.66 25.77
CA GLN C 61 1.23 60.29 26.44
C GLN C 61 1.53 59.56 27.73
N GLN C 62 0.58 59.67 28.66
CA GLN C 62 0.66 59.06 29.97
C GLN C 62 0.06 57.68 29.91
N ALA C 63 0.29 56.89 30.95
CA ALA C 63 -0.27 55.54 31.08
C ALA C 63 -1.76 55.48 30.74
N GLU C 64 -2.18 54.40 30.07
CA GLU C 64 -3.58 54.12 29.76
C GLU C 64 -4.18 55.10 28.78
N SER C 65 -3.32 55.72 28.00
CA SER C 65 -3.80 56.71 27.04
C SER C 65 -4.52 56.08 25.87
N ASP C 66 -5.61 56.73 25.46
CA ASP C 66 -6.33 56.37 24.30
C ASP C 66 -5.55 56.76 23.04
N ALA C 67 -4.64 57.71 23.14
CA ALA C 67 -4.07 58.33 21.87
C ALA C 67 -2.71 57.74 21.57
N TRP C 68 -2.70 56.42 21.47
CA TRP C 68 -1.53 55.64 21.13
C TRP C 68 -2.00 54.24 20.67
N TYR C 69 -1.09 53.61 19.95
CA TYR C 69 -1.32 52.23 19.45
C TYR C 69 0.05 51.65 19.12
N SER C 70 0.21 50.35 19.34
CA SER C 70 1.43 49.65 19.09
C SER C 70 1.54 49.31 17.62
N PRO C 71 2.75 49.01 17.16
CA PRO C 71 2.87 48.65 15.77
C PRO C 71 2.01 47.46 15.35
N SER C 72 1.72 46.52 16.26
CA SER C 72 0.91 45.35 15.94
C SER C 72 -0.54 45.68 15.65
N MET C 73 -0.93 46.92 15.98
CA MET C 73 -2.25 47.45 15.74
C MET C 73 -2.35 48.20 14.43
N TYR C 74 -1.26 48.28 13.67
CA TYR C 74 -1.22 49.07 12.47
C TYR C 74 -0.88 48.15 11.29
N ASN C 75 -1.48 48.44 10.13
CA ASN C 75 -1.16 47.69 8.90
C ASN C 75 -1.69 48.45 7.70
N VAL C 76 -1.41 47.93 6.49
CA VAL C 76 -2.00 48.42 5.24
C VAL C 76 -2.82 47.26 4.57
N VAL C 77 -4.09 47.48 4.23
CA VAL C 77 -4.96 46.38 3.78
C VAL C 77 -5.71 46.87 2.61
N LYS C 78 -6.25 45.93 1.84
CA LYS C 78 -7.11 46.27 0.76
C LYS C 78 -8.54 46.49 1.28
N GLN C 79 -9.16 47.55 0.80
CA GLN C 79 -10.57 47.91 1.14
C GLN C 79 -11.25 48.40 -0.13
N ASP C 80 -12.27 47.67 -0.57
CA ASP C 80 -12.89 47.97 -1.90
C ASP C 80 -11.88 48.10 -3.05
N GLY C 81 -10.89 47.22 -3.12
CA GLY C 81 -9.85 47.23 -4.19
C GLY C 81 -8.67 48.16 -4.00
N ARG C 82 -8.66 49.03 -3.00
CA ARG C 82 -7.64 50.07 -2.84
C ARG C 82 -6.93 49.84 -1.53
N ASP C 83 -5.62 50.03 -1.50
CA ASP C 83 -4.85 49.92 -0.28
C ASP C 83 -5.22 51.10 0.64
N VAL C 84 -5.48 50.79 1.90
CA VAL C 84 -5.78 51.76 2.92
C VAL C 84 -4.92 51.45 4.14
N HIS C 85 -4.55 52.51 4.88
CA HIS C 85 -3.99 52.32 6.20
C HIS C 85 -5.11 51.80 7.09
N VAL C 86 -4.77 51.02 8.10
CA VAL C 86 -5.73 50.60 9.05
C VAL C 86 -5.07 50.58 10.43
N VAL C 87 -5.81 51.04 11.43
CA VAL C 87 -5.45 50.82 12.84
C VAL C 87 -6.61 50.11 13.54
N ILE C 88 -6.31 49.06 14.32
CA ILE C 88 -7.34 48.29 15.01
C ILE C 88 -6.94 48.38 16.44
N LYS C 89 -7.64 49.22 17.21
CA LYS C 89 -7.20 49.53 18.62
C LYS C 89 -8.35 49.35 19.56
N PRO C 90 -8.07 49.02 20.84
CA PRO C 90 -9.16 48.74 21.76
C PRO C 90 -10.01 49.97 22.10
N ASP C 91 -11.28 49.72 22.37
CA ASP C 91 -12.28 50.77 22.62
C ASP C 91 -12.30 51.10 24.10
N HIS C 92 -11.86 52.31 24.42
CA HIS C 92 -11.99 52.87 25.81
C HIS C 92 -13.37 52.82 26.43
N GLU C 93 -14.36 53.05 25.61
CA GLU C 93 -15.76 53.05 26.01
C GLU C 93 -16.44 51.70 26.11
N CYS C 94 -15.80 50.63 25.70
CA CYS C 94 -16.48 49.37 25.72
C CYS C 94 -16.47 48.92 27.17
N VAL C 95 -17.63 48.57 27.71
CA VAL C 95 -17.66 48.13 29.13
C VAL C 95 -16.97 46.79 29.35
N VAL C 96 -16.79 46.00 28.27
CA VAL C 96 -16.13 44.69 28.46
C VAL C 96 -14.71 44.85 28.93
N ASN C 97 -13.94 45.66 28.19
CA ASN C 97 -12.53 45.72 28.36
C ASN C 97 -12.05 47.10 28.83
N SER C 98 -12.88 48.13 28.69
CA SER C 98 -12.50 49.51 29.12
C SER C 98 -11.15 49.90 28.52
N GLY C 99 -10.95 49.55 27.25
CA GLY C 99 -9.75 50.01 26.54
C GLY C 99 -8.59 49.06 26.58
N LEU C 100 -8.65 48.01 27.37
CA LEU C 100 -7.61 46.96 27.37
C LEU C 100 -7.64 46.11 26.08
N GLY C 101 -6.45 45.75 25.61
CA GLY C 101 -6.29 44.91 24.41
C GLY C 101 -5.28 43.88 24.79
N SER C 102 -5.66 42.60 24.79
CA SER C 102 -4.72 41.55 25.17
C SER C 102 -3.59 41.45 24.15
N VAL C 103 -2.57 40.69 24.54
CA VAL C 103 -1.47 40.33 23.59
C VAL C 103 -1.97 39.72 22.28
N ARG C 104 -3.15 39.11 22.27
CA ARG C 104 -3.73 38.57 21.04
C ARG C 104 -4.48 39.60 20.26
N GLY C 105 -5.51 40.19 20.88
CA GLY C 105 -6.36 41.13 20.18
C GLY C 105 -5.59 42.31 19.62
N ALA C 106 -4.59 42.74 20.35
CA ALA C 106 -3.79 43.85 19.91
C ALA C 106 -2.92 43.61 18.68
N ARG C 107 -2.78 42.35 18.23
CA ARG C 107 -2.10 41.99 16.99
C ARG C 107 -3.05 41.59 15.87
N MET C 108 -4.34 41.91 15.99
CA MET C 108 -5.26 41.75 14.88
C MET C 108 -4.80 42.42 13.58
N ALA C 109 -4.28 43.67 13.65
CA ALA C 109 -3.93 44.35 12.42
C ALA C 109 -2.71 43.66 11.77
N GLU C 110 -1.74 43.31 12.60
CA GLU C 110 -0.48 42.75 12.17
C GLU C 110 -0.65 41.29 11.63
N THR C 111 -1.68 40.60 12.12
CA THR C 111 -2.07 39.26 11.60
C THR C 111 -3.15 39.33 10.52
N SER C 112 -3.49 40.52 10.03
CA SER C 112 -4.29 40.68 8.85
C SER C 112 -3.45 40.51 7.61
N PHE C 113 -4.12 40.27 6.49
CA PHE C 113 -3.46 40.03 5.24
C PHE C 113 -3.08 41.36 4.64
N SER C 114 -1.80 41.47 4.27
CA SER C 114 -1.31 42.67 3.61
C SER C 114 -0.35 42.38 2.49
N GLU C 115 -0.68 42.71 1.24
CA GLU C 115 0.32 42.58 0.17
C GLU C 115 1.35 43.66 0.33
N ALA C 116 0.92 44.87 0.66
CA ALA C 116 1.84 45.99 0.80
C ALA C 116 2.87 45.78 1.85
N ARG C 117 2.51 45.25 3.01
CA ARG C 117 3.49 45.09 4.08
C ARG C 117 3.88 43.62 4.33
N ASN C 118 3.43 42.71 3.48
CA ASN C 118 3.83 41.32 3.50
C ASN C 118 3.51 40.61 4.78
N THR C 119 2.36 40.87 5.35
CA THR C 119 1.97 40.12 6.52
C THR C 119 0.99 38.98 6.05
N GLN C 120 1.10 37.84 6.73
CA GLN C 120 0.21 36.67 6.51
C GLN C 120 0.08 36.30 5.01
N GLN C 121 1.23 36.28 4.37
CA GLN C 121 1.33 35.81 2.99
C GLN C 121 1.00 34.31 2.89
N GLN C 122 0.96 33.54 3.97
CA GLN C 122 0.43 32.17 3.93
C GLN C 122 -1.09 32.11 3.61
N ARG C 123 -1.84 33.22 3.70
CA ARG C 123 -3.29 33.21 3.52
C ARG C 123 -3.71 32.58 2.21
N LEU C 124 -4.71 31.71 2.25
CA LEU C 124 -5.23 31.17 0.99
C LEU C 124 -5.89 32.23 0.17
N THR C 125 -5.70 32.15 -1.13
CA THR C 125 -6.29 33.08 -2.09
C THR C 125 -7.11 32.41 -3.21
N ASP C 126 -6.82 31.14 -3.49
CA ASP C 126 -7.43 30.40 -4.60
C ASP C 126 -7.82 29.00 -4.15
N PRO C 127 -8.94 28.46 -4.68
CA PRO C 127 -9.22 27.00 -4.57
C PRO C 127 -8.04 26.19 -5.08
N LEU C 128 -7.71 25.11 -4.35
CA LEU C 128 -6.65 24.25 -4.76
C LEU C 128 -7.23 22.87 -4.98
N VAL C 129 -6.73 22.16 -5.99
CA VAL C 129 -7.09 20.77 -6.29
C VAL C 129 -5.86 19.91 -6.48
N TRP C 130 -5.87 18.72 -5.91
CA TRP C 130 -4.87 17.74 -6.13
C TRP C 130 -5.03 17.15 -7.54
N ARG C 131 -4.11 17.53 -8.42
CA ARG C 131 -4.02 17.05 -9.78
C ARG C 131 -2.63 17.23 -10.35
N TYR C 132 -2.25 16.31 -11.25
CA TYR C 132 -0.97 16.40 -11.95
C TYR C 132 0.20 16.20 -11.01
N GLY C 133 -0.02 15.52 -9.89
CA GLY C 133 0.97 15.20 -8.89
C GLY C 133 1.26 16.14 -7.73
N GLN C 134 0.50 17.21 -7.66
CA GLN C 134 0.62 18.21 -6.59
CA GLN C 134 0.63 18.26 -6.65
C GLN C 134 -0.68 19.03 -6.50
N MET C 135 -0.75 19.91 -5.51
CA MET C 135 -1.85 20.81 -5.38
C MET C 135 -1.70 21.87 -6.44
N GLN C 136 -2.78 22.15 -7.14
CA GLN C 136 -2.85 23.13 -8.21
C GLN C 136 -3.98 24.15 -7.96
N PRO C 137 -3.70 25.45 -8.13
CA PRO C 137 -4.78 26.41 -8.07
C PRO C 137 -5.73 26.32 -9.25
N THR C 138 -6.97 26.70 -9.01
CA THR C 138 -8.00 26.64 -10.02
C THR C 138 -9.16 27.63 -9.69
N SER C 139 -10.21 27.56 -10.47
CA SER C 139 -11.40 28.38 -10.31
C SER C 139 -12.31 27.76 -9.29
N TRP C 140 -13.12 28.63 -8.68
CA TRP C 140 -14.26 28.15 -7.83
C TRP C 140 -15.16 27.18 -8.61
N ASP C 141 -15.52 27.52 -9.82
CA ASP C 141 -16.43 26.68 -10.56
C ASP C 141 -15.90 25.26 -10.70
N ASP C 142 -14.62 25.15 -11.05
CA ASP C 142 -13.96 23.84 -11.16
C ASP C 142 -13.91 23.14 -9.86
N ALA C 143 -13.40 23.78 -8.80
CA ALA C 143 -13.28 23.08 -7.53
C ALA C 143 -14.60 22.64 -6.91
N LEU C 144 -15.59 23.53 -6.96
CA LEU C 144 -16.94 23.21 -6.43
C LEU C 144 -17.62 22.06 -7.19
N ASP C 145 -17.50 22.08 -8.50
CA ASP C 145 -17.95 21.01 -9.35
C ASP C 145 -17.36 19.66 -8.97
N LEU C 146 -16.04 19.60 -8.76
CA LEU C 146 -15.44 18.33 -8.38
C LEU C 146 -15.95 17.90 -7.02
N VAL C 147 -15.98 18.85 -6.08
CA VAL C 147 -16.45 18.52 -4.74
C VAL C 147 -17.90 17.98 -4.73
N ALA C 148 -18.75 18.68 -5.44
CA ALA C 148 -20.15 18.28 -5.54
C ALA C 148 -20.37 16.93 -6.25
N ARG C 149 -19.66 16.71 -7.35
CA ARG C 149 -19.81 15.47 -8.13
CA ARG C 149 -19.87 15.49 -8.12
C ARG C 149 -19.41 14.25 -7.30
N VAL C 150 -18.30 14.38 -6.54
CA VAL C 150 -17.82 13.27 -5.69
C VAL C 150 -18.76 13.06 -4.53
N THR C 151 -19.17 14.16 -3.90
CA THR C 151 -20.02 14.09 -2.71
C THR C 151 -21.41 13.52 -3.14
N ALA C 152 -21.97 14.05 -4.21
CA ALA C 152 -23.23 13.53 -4.69
C ALA C 152 -23.15 12.05 -5.11
N LYS C 153 -22.07 11.62 -5.78
CA LYS C 153 -21.99 10.21 -6.21
C LYS C 153 -21.92 9.30 -4.99
N ILE C 154 -21.18 9.71 -3.99
CA ILE C 154 -21.00 8.90 -2.80
C ILE C 154 -22.26 8.80 -1.97
N VAL C 155 -22.88 9.97 -1.76
CA VAL C 155 -24.14 9.99 -1.03
C VAL C 155 -25.25 9.19 -1.75
N LYS C 156 -25.38 9.29 -3.07
CA LYS C 156 -26.31 8.43 -3.78
C LYS C 156 -25.99 6.95 -3.70
N GLU C 157 -24.72 6.58 -3.81
CA GLU C 157 -24.39 5.18 -3.83
C GLU C 157 -24.40 4.57 -2.44
N LYS C 158 -24.03 5.34 -1.41
CA LYS C 158 -23.85 4.79 -0.04
C LYS C 158 -24.69 5.42 1.03
N GLY C 159 -25.43 6.49 0.68
CA GLY C 159 -26.15 7.28 1.64
C GLY C 159 -25.38 8.41 2.30
N GLU C 160 -26.12 9.30 2.92
CA GLU C 160 -25.58 10.45 3.66
C GLU C 160 -24.66 10.09 4.81
N ASP C 161 -24.74 8.88 5.29
CA ASP C 161 -23.86 8.45 6.37
C ASP C 161 -22.39 8.33 5.90
N ALA C 162 -22.18 8.18 4.59
CA ALA C 162 -20.81 8.13 4.01
C ALA C 162 -20.14 9.55 3.94
N LEU C 163 -20.93 10.62 4.07
CA LEU C 163 -20.43 11.98 4.26
C LEU C 163 -20.08 12.27 5.74
N ILE C 164 -18.82 12.50 6.00
CA ILE C 164 -18.28 12.87 7.33
C ILE C 164 -18.01 14.39 7.31
N VAL C 165 -18.37 15.06 8.40
CA VAL C 165 -18.17 16.50 8.49
C VAL C 165 -17.51 16.85 9.79
N SER C 166 -16.50 17.70 9.72
CA SER C 166 -15.84 18.31 10.87
C SER C 166 -16.02 19.82 10.67
N ALA C 167 -16.63 20.51 11.63
CA ALA C 167 -16.88 21.94 11.49
C ALA C 167 -16.91 22.64 12.82
N PHE C 168 -16.39 23.90 12.80
CA PHE C 168 -16.61 24.88 13.83
C PHE C 168 -18.07 24.88 14.21
N ASP C 169 -18.34 25.06 15.49
CA ASP C 169 -19.67 25.50 15.97
C ASP C 169 -19.58 26.79 16.81
N HIS C 170 -18.42 27.44 16.83
CA HIS C 170 -18.12 28.56 17.70
C HIS C 170 -18.44 29.93 17.06
N GLY C 171 -18.22 30.99 17.83
CA GLY C 171 -18.42 32.40 17.37
C GLY C 171 -17.08 33.03 17.04
N GLY C 172 -17.12 34.32 16.73
CA GLY C 172 -15.89 35.06 16.41
C GLY C 172 -15.33 34.63 15.05
N ALA C 173 -14.06 34.99 14.79
CA ALA C 173 -13.40 34.62 13.52
C ALA C 173 -13.37 33.07 13.38
N GLY C 174 -13.78 32.62 12.21
CA GLY C 174 -13.91 31.17 11.96
C GLY C 174 -15.19 30.53 12.51
N GLY C 175 -16.13 31.39 12.91
CA GLY C 175 -17.47 30.99 13.25
C GLY C 175 -18.44 32.13 13.12
N GLY C 176 -19.37 32.16 14.05
CA GLY C 176 -20.37 33.22 14.11
C GLY C 176 -21.72 32.82 13.54
N TYR C 177 -22.73 33.68 13.73
CA TYR C 177 -24.09 33.34 13.39
C TYR C 177 -24.26 33.12 11.92
N GLU C 178 -23.60 33.89 11.08
CA GLU C 178 -23.84 33.75 9.66
C GLU C 178 -23.26 32.37 9.19
N ASN C 179 -22.07 32.05 9.70
CA ASN C 179 -21.32 30.87 9.27
C ASN C 179 -21.83 29.59 9.91
N THR C 180 -22.15 29.61 11.19
CA THR C 180 -22.83 28.42 11.80
C THR C 180 -24.16 28.10 11.15
N TRP C 181 -24.88 29.13 10.73
CA TRP C 181 -26.11 28.92 9.99
C TRP C 181 -25.85 28.40 8.59
N GLY C 182 -24.95 29.02 7.84
CA GLY C 182 -24.63 28.48 6.49
C GLY C 182 -24.31 26.98 6.48
N THR C 183 -23.39 26.60 7.34
CA THR C 183 -22.92 25.23 7.42
C THR C 183 -23.99 24.29 7.99
N GLY C 184 -24.69 24.77 9.01
CA GLY C 184 -25.87 24.09 9.61
C GLY C 184 -26.99 23.80 8.64
N LYS C 185 -27.33 24.81 7.87
CA LYS C 185 -28.34 24.67 6.90
C LYS C 185 -27.99 23.63 5.86
N LEU C 186 -26.76 23.64 5.38
CA LEU C 186 -26.33 22.64 4.39
C LEU C 186 -26.39 21.24 4.94
N TYR C 187 -25.92 21.02 6.15
CA TYR C 187 -25.77 19.63 6.61
C TYR C 187 -26.94 19.05 7.39
N PHE C 188 -27.77 19.94 7.93
CA PHE C 188 -28.92 19.58 8.77
C PHE C 188 -30.26 19.94 8.19
N GLU C 189 -30.33 20.88 7.25
CA GLU C 189 -31.57 21.15 6.57
C GLU C 189 -31.57 20.47 5.22
N ALA C 190 -30.65 20.83 4.33
CA ALA C 190 -30.60 20.22 2.99
C ALA C 190 -30.30 18.71 3.12
N MET C 191 -29.49 18.35 4.10
CA MET C 191 -29.11 16.98 4.38
C MET C 191 -29.44 16.66 5.79
N LYS C 192 -29.23 15.40 6.17
CA LYS C 192 -29.32 14.95 7.56
C LYS C 192 -28.04 14.24 7.96
N VAL C 193 -26.95 14.99 7.98
CA VAL C 193 -25.65 14.40 8.26
C VAL C 193 -25.60 14.06 9.74
N LYS C 194 -25.38 12.78 10.03
CA LYS C 194 -25.23 12.25 11.38
C LYS C 194 -23.77 12.25 11.85
N ASN C 195 -22.89 11.90 10.91
CA ASN C 195 -21.45 11.66 11.25
C ASN C 195 -20.73 13.01 11.11
N ILE C 196 -21.07 13.90 12.01
CA ILE C 196 -20.57 15.26 12.08
C ILE C 196 -19.97 15.43 13.46
N ARG C 197 -18.77 16.04 13.51
CA ARG C 197 -18.12 16.39 14.77
C ARG C 197 -17.85 17.89 14.81
N ILE C 198 -17.41 18.34 15.95
CA ILE C 198 -17.21 19.77 16.22
C ILE C 198 -15.69 20.01 16.29
N HIS C 199 -15.31 21.28 16.23
CA HIS C 199 -13.92 21.64 16.10
C HIS C 199 -13.10 21.11 17.26
N ASN C 200 -13.71 20.93 18.44
CA ASN C 200 -12.94 20.60 19.65
C ASN C 200 -13.19 19.30 20.27
N ARG C 201 -14.10 18.57 19.68
CA ARG C 201 -14.59 17.33 20.27
C ARG C 201 -15.14 16.43 19.16
N PRO C 202 -14.92 15.12 19.31
CA PRO C 202 -15.07 14.22 18.14
C PRO C 202 -16.49 13.65 17.90
N ALA C 203 -17.52 14.31 18.45
CA ALA C 203 -18.91 13.98 18.26
C ALA C 203 -19.73 15.28 18.32
N TYR C 204 -20.98 15.19 17.89
CA TYR C 204 -21.88 16.34 17.86
C TYR C 204 -22.71 16.36 19.14
N ASN C 205 -22.02 16.83 20.14
CA ASN C 205 -22.48 16.81 21.51
C ASN C 205 -22.31 18.25 22.08
N SER C 206 -22.73 18.41 23.33
CA SER C 206 -22.57 19.63 24.08
C SER C 206 -21.47 19.34 25.05
N GLU C 207 -20.67 20.34 25.28
CA GLU C 207 -19.64 20.27 26.34
C GLU C 207 -20.22 20.07 27.72
N VAL C 208 -21.44 20.59 27.88
CA VAL C 208 -21.98 20.77 29.22
C VAL C 208 -23.37 20.21 29.33
N HIS C 209 -23.57 18.96 28.91
CA HIS C 209 -24.87 18.33 29.05
C HIS C 209 -25.36 18.34 30.51
N GLY C 210 -24.46 18.26 31.46
CA GLY C 210 -24.80 18.17 32.86
C GLY C 210 -25.64 19.37 33.29
N THR C 211 -25.09 20.57 33.17
CA THR C 211 -25.76 21.77 33.63
C THR C 211 -27.04 21.97 32.79
N ARG C 212 -26.97 21.69 31.49
CA ARG C 212 -28.09 21.90 30.66
C ARG C 212 -29.27 21.00 31.03
N ASP C 213 -29.02 19.75 31.29
CA ASP C 213 -30.07 18.82 31.70
C ASP C 213 -30.64 19.25 33.09
N MET C 214 -29.83 19.86 33.93
CA MET C 214 -30.30 20.34 35.23
C MET C 214 -31.24 21.57 35.08
N GLY C 215 -31.37 22.10 33.87
CA GLY C 215 -32.09 23.30 33.57
C GLY C 215 -31.34 24.63 33.68
N VAL C 216 -30.02 24.55 33.87
CA VAL C 216 -29.15 25.71 33.94
C VAL C 216 -28.21 25.91 32.72
N GLY C 217 -28.66 26.75 31.82
CA GLY C 217 -27.85 27.28 30.77
C GLY C 217 -26.53 27.79 31.33
N GLU C 218 -25.45 27.46 30.62
CA GLU C 218 -24.09 27.69 31.14
C GLU C 218 -23.62 29.15 31.07
N LEU C 219 -24.31 30.03 30.33
CA LEU C 219 -23.92 31.44 30.30
C LEU C 219 -25.08 32.25 30.90
N ASN C 220 -25.17 32.24 32.24
CA ASN C 220 -26.37 32.70 32.93
C ASN C 220 -26.24 34.05 33.66
N ASN C 221 -25.07 34.67 33.63
CA ASN C 221 -24.74 35.82 34.50
C ASN C 221 -24.22 36.98 33.69
N CYS C 222 -23.66 37.98 34.35
CA CYS C 222 -23.01 39.07 33.61
C CYS C 222 -21.65 39.27 34.20
N TYR C 223 -20.78 39.92 33.42
CA TYR C 223 -19.41 40.17 33.84
C TYR C 223 -19.34 41.03 35.12
N GLU C 224 -20.35 41.87 35.33
CA GLU C 224 -20.41 42.68 36.55
C GLU C 224 -20.55 41.76 37.75
N ASP C 225 -21.19 40.60 37.61
CA ASP C 225 -21.21 39.63 38.74
C ASP C 225 -19.83 39.27 39.31
N ALA C 226 -18.79 39.23 38.47
CA ALA C 226 -17.43 39.02 38.97
C ALA C 226 -16.93 40.15 39.87
N GLU C 227 -17.35 41.38 39.56
CA GLU C 227 -17.16 42.53 40.46
C GLU C 227 -17.96 42.51 41.82
N LEU C 228 -19.14 41.92 41.81
CA LEU C 228 -20.08 41.96 42.93
C LEU C 228 -20.00 40.82 43.90
N ALA C 229 -19.40 39.69 43.50
CA ALA C 229 -19.39 38.53 44.41
C ALA C 229 -18.56 38.74 45.70
N ASP C 230 -18.91 38.02 46.77
CA ASP C 230 -18.05 37.96 47.99
C ASP C 230 -16.88 37.00 47.70
N THR C 231 -17.22 35.88 47.05
CA THR C 231 -16.23 34.88 46.67
C THR C 231 -16.43 34.53 45.16
N ILE C 232 -15.30 34.41 44.46
CA ILE C 232 -15.22 33.75 43.12
C ILE C 232 -14.63 32.37 43.28
N VAL C 233 -15.32 31.40 42.71
CA VAL C 233 -14.80 30.05 42.63
C VAL C 233 -14.53 29.80 41.12
N ALA C 234 -13.25 29.70 40.82
CA ALA C 234 -12.67 29.59 39.46
C ALA C 234 -12.11 28.18 39.34
N VAL C 235 -12.81 27.31 38.64
CA VAL C 235 -12.46 25.91 38.56
C VAL C 235 -11.95 25.59 37.13
N GLY C 236 -10.72 25.11 37.04
CA GLY C 236 -10.13 24.69 35.77
C GLY C 236 -10.03 25.77 34.73
N THR C 237 -9.61 26.94 35.18
CA THR C 237 -9.49 28.15 34.35
C THR C 237 -8.18 28.80 34.71
N ASN C 238 -7.49 29.27 33.68
CA ASN C 238 -6.27 30.05 33.84
C ASN C 238 -6.53 31.43 33.27
N ALA C 239 -7.57 32.04 33.85
CA ALA C 239 -8.17 33.27 33.39
C ALA C 239 -7.28 34.46 33.00
N LEU C 240 -6.21 34.66 33.72
CA LEU C 240 -5.30 35.73 33.34
C LEU C 240 -4.71 35.47 31.90
N GLU C 241 -4.44 34.19 31.59
CA GLU C 241 -3.88 33.80 30.26
C GLU C 241 -4.98 33.55 29.24
N THR C 242 -6.15 33.06 29.70
CA THR C 242 -7.22 32.54 28.84
C THR C 242 -8.51 33.31 28.80
N GLN C 243 -8.77 34.17 29.78
CA GLN C 243 -9.93 35.03 29.69
C GLN C 243 -9.53 36.41 30.15
N THR C 244 -8.39 36.79 29.61
CA THR C 244 -7.54 37.84 30.10
C THR C 244 -8.25 39.11 30.57
N ASN C 245 -8.99 39.75 29.68
CA ASN C 245 -9.55 41.07 30.02
C ASN C 245 -10.87 41.04 30.85
N TYR C 246 -11.48 39.88 30.95
CA TYR C 246 -12.57 39.68 31.86
C TYR C 246 -11.93 39.69 33.24
N PHE C 247 -10.91 38.84 33.40
CA PHE C 247 -10.12 38.79 34.60
C PHE C 247 -9.60 40.17 34.98
N LEU C 248 -9.00 40.91 34.03
CA LEU C 248 -8.34 42.14 34.43
C LEU C 248 -9.32 43.30 34.73
N ASN C 249 -10.40 43.38 33.98
CA ASN C 249 -11.32 44.51 34.06
C ASN C 249 -12.53 44.21 34.95
N HIS C 250 -12.65 42.98 35.47
CA HIS C 250 -13.78 42.63 36.28
C HIS C 250 -13.46 41.88 37.55
N TRP C 251 -12.60 40.90 37.49
CA TRP C 251 -12.25 40.12 38.67
C TRP C 251 -11.32 40.92 39.57
N ILE C 252 -10.26 41.47 38.98
CA ILE C 252 -9.24 42.22 39.71
C ILE C 252 -9.86 43.38 40.55
N PRO C 253 -10.73 44.21 39.96
CA PRO C 253 -11.34 45.25 40.81
C PRO C 253 -12.02 44.70 42.04
N ASN C 254 -12.71 43.57 41.90
CA ASN C 254 -13.29 42.92 43.05
C ASN C 254 -12.21 42.57 44.10
N LEU C 255 -11.16 41.88 43.69
CA LEU C 255 -10.12 41.44 44.63
C LEU C 255 -9.34 42.63 45.27
N ARG C 256 -9.18 43.70 44.50
CA ARG C 256 -8.56 44.95 44.96
C ARG C 256 -9.46 45.78 45.94
N GLY C 257 -10.74 45.41 46.08
CA GLY C 257 -11.77 46.21 46.79
C GLY C 257 -12.28 47.45 46.06
N GLU C 258 -11.94 47.66 44.81
CA GLU C 258 -12.35 48.86 44.12
C GLU C 258 -13.78 48.79 43.70
N SER C 259 -14.40 47.61 43.71
CA SER C 259 -15.85 47.50 43.47
C SER C 259 -16.76 47.65 44.73
N LEU C 260 -16.17 47.84 45.91
CA LEU C 260 -16.94 48.03 47.19
C LEU C 260 -18.06 49.09 47.17
N GLY C 261 -17.78 50.25 46.59
CA GLY C 261 -18.75 51.27 46.41
C GLY C 261 -19.91 50.82 45.59
N LYS C 262 -19.63 50.16 44.49
CA LYS C 262 -20.71 49.60 43.65
C LYS C 262 -21.46 48.50 44.43
N LYS C 263 -20.74 47.61 45.11
CA LYS C 263 -21.45 46.58 45.89
C LYS C 263 -22.45 47.19 46.93
N LYS C 264 -22.03 48.31 47.55
CA LYS C 264 -22.84 48.99 48.59
C LYS C 264 -24.04 49.72 48.04
N GLU C 265 -23.89 50.35 46.89
CA GLU C 265 -25.04 50.93 46.20
C GLU C 265 -25.99 49.84 45.69
N LEU C 266 -25.49 48.71 45.19
CA LEU C 266 -26.43 47.73 44.59
C LEU C 266 -27.06 46.82 45.59
N MET C 267 -26.30 46.46 46.60
CA MET C 267 -26.79 45.58 47.65
C MET C 267 -26.50 46.26 48.99
N PRO C 268 -27.22 47.38 49.30
CA PRO C 268 -27.09 47.95 50.66
C PRO C 268 -27.84 46.92 51.50
N GLU C 269 -27.77 46.94 52.80
CA GLU C 269 -28.49 45.89 53.60
C GLU C 269 -27.70 44.60 53.86
N GLU C 270 -26.44 44.53 53.45
CA GLU C 270 -25.59 43.40 53.80
C GLU C 270 -24.17 43.91 53.84
N PRO C 271 -23.31 43.26 54.59
CA PRO C 271 -21.97 43.73 54.53
C PRO C 271 -21.28 43.27 53.18
N HIS C 272 -20.10 43.85 52.93
CA HIS C 272 -19.25 43.65 51.77
C HIS C 272 -17.77 43.92 52.15
N GLU C 273 -16.90 42.99 51.81
CA GLU C 273 -15.47 43.17 51.83
C GLU C 273 -14.97 42.91 50.39
N ALA C 274 -13.70 43.28 50.16
CA ALA C 274 -13.04 42.89 48.92
C ALA C 274 -13.26 41.38 48.68
N GLY C 275 -13.38 41.03 47.39
CA GLY C 275 -13.48 39.62 46.94
C GLY C 275 -12.31 38.77 47.39
N ARG C 276 -12.68 37.56 47.74
CA ARG C 276 -11.78 36.45 47.90
C ARG C 276 -12.04 35.48 46.73
N ILE C 277 -11.05 34.64 46.49
CA ILE C 277 -11.09 33.71 45.36
C ILE C 277 -10.49 32.38 45.71
N ILE C 278 -11.20 31.34 45.26
CA ILE C 278 -10.82 29.97 45.37
C ILE C 278 -10.53 29.49 43.91
N ILE C 279 -9.33 28.97 43.73
CA ILE C 279 -8.84 28.51 42.41
C ILE C 279 -8.61 27.01 42.53
N VAL C 280 -9.40 26.23 41.81
CA VAL C 280 -9.29 24.74 41.83
C VAL C 280 -8.50 24.38 40.56
N ASP C 281 -7.21 24.16 40.71
CA ASP C 281 -6.31 23.90 39.60
C ASP C 281 -5.12 23.14 40.12
N PRO C 282 -4.86 21.93 39.58
CA PRO C 282 -3.69 21.16 40.01
C PRO C 282 -2.37 21.92 39.91
N ARG C 283 -2.32 22.90 39.02
CA ARG C 283 -1.15 23.64 38.73
C ARG C 283 -1.29 25.05 39.27
N ARG C 284 -0.17 25.60 39.72
CA ARG C 284 -0.09 26.99 40.13
C ARG C 284 0.27 27.81 38.94
N THR C 285 -0.67 28.65 38.53
CA THR C 285 -0.56 29.38 37.30
C THR C 285 -0.30 30.79 37.61
N VAL C 286 -0.01 31.55 36.57
CA VAL C 286 0.16 32.99 36.74
C VAL C 286 -1.12 33.63 37.24
N THR C 287 -2.27 33.00 36.99
CA THR C 287 -3.53 33.52 37.48
C THR C 287 -3.49 33.48 39.05
N VAL C 288 -3.08 32.35 39.63
CA VAL C 288 -2.95 32.23 41.09
C VAL C 288 -1.99 33.29 41.58
N ASN C 289 -0.88 33.51 40.88
CA ASN C 289 0.10 34.51 41.31
C ASN C 289 -0.49 35.90 41.32
N ALA C 290 -1.15 36.31 40.23
CA ALA C 290 -1.72 37.65 40.13
C ALA C 290 -2.78 37.90 41.18
N CYS C 291 -3.57 36.87 41.46
CA CYS C 291 -4.55 36.93 42.51
C CYS C 291 -3.92 37.18 43.88
N GLU C 292 -2.92 36.40 44.26
CA GLU C 292 -2.20 36.62 45.53
C GLU C 292 -1.65 38.06 45.59
N GLN C 293 -1.13 38.49 44.48
CA GLN C 293 -0.51 39.77 44.33
C GLN C 293 -1.48 40.94 44.48
N THR C 294 -2.74 40.72 44.14
CA THR C 294 -3.70 41.74 44.13
C THR C 294 -4.55 41.67 45.40
N ALA C 295 -4.91 40.49 45.86
CA ALA C 295 -5.81 40.34 47.03
C ALA C 295 -5.05 40.07 48.34
N GLY C 296 -3.78 39.72 48.25
CA GLY C 296 -3.02 39.19 49.37
C GLY C 296 -3.29 37.71 49.46
N ALA C 297 -2.29 36.94 49.86
CA ALA C 297 -2.41 35.47 49.93
C ALA C 297 -3.51 34.98 50.87
N ASP C 298 -3.83 35.74 51.91
CA ASP C 298 -4.90 35.32 52.84
C ASP C 298 -6.25 35.33 52.17
N ASN C 299 -6.40 36.09 51.08
CA ASN C 299 -7.67 36.08 50.35
C ASN C 299 -7.70 35.20 49.09
N VAL C 300 -6.70 34.34 48.93
CA VAL C 300 -6.63 33.42 47.78
C VAL C 300 -6.52 32.03 48.31
N LEU C 301 -7.48 31.17 48.00
CA LEU C 301 -7.32 29.78 48.38
C LEU C 301 -7.06 28.94 47.08
N HIS C 302 -5.80 28.60 46.84
CA HIS C 302 -5.45 27.67 45.75
C HIS C 302 -5.59 26.22 46.18
N LEU C 303 -6.70 25.60 45.77
CA LEU C 303 -6.88 24.17 45.94
C LEU C 303 -6.15 23.40 44.78
N ALA C 304 -4.88 23.10 44.98
CA ALA C 304 -4.07 22.34 44.05
C ALA C 304 -4.40 20.87 44.09
N ILE C 305 -5.63 20.54 43.69
CA ILE C 305 -6.12 19.16 43.70
C ILE C 305 -5.23 18.25 42.90
N ASN C 306 -5.34 16.95 43.17
CA ASN C 306 -4.81 15.95 42.26
C ASN C 306 -5.60 16.04 40.95
N SER C 307 -4.89 15.87 39.83
CA SER C 307 -5.54 15.86 38.51
C SER C 307 -6.79 14.94 38.50
N GLY C 308 -7.90 15.50 38.02
CA GLY C 308 -9.10 14.75 37.80
C GLY C 308 -9.93 14.42 39.02
N THR C 309 -9.64 15.07 40.14
CA THR C 309 -10.39 14.83 41.38
C THR C 309 -11.39 15.94 41.81
N ASP C 310 -11.70 16.86 40.89
CA ASP C 310 -12.70 17.88 41.15
C ASP C 310 -14.00 17.35 41.74
N LEU C 311 -14.50 16.24 41.23
CA LEU C 311 -15.81 15.73 41.61
C LEU C 311 -15.85 15.41 43.14
N ALA C 312 -14.74 14.90 43.66
CA ALA C 312 -14.63 14.50 45.05
C ALA C 312 -14.65 15.76 45.89
N LEU C 313 -13.91 16.78 45.46
CA LEU C 313 -13.96 18.04 46.14
C LEU C 313 -15.36 18.62 46.17
N PHE C 314 -16.01 18.71 45.02
CA PHE C 314 -17.36 19.30 44.99
C PHE C 314 -18.40 18.53 45.80
N ASN C 315 -18.32 17.22 45.79
CA ASN C 315 -19.26 16.43 46.58
C ASN C 315 -19.03 16.62 48.07
N ALA C 316 -17.77 16.74 48.48
CA ALA C 316 -17.45 17.04 49.87
C ALA C 316 -17.90 18.43 50.26
N LEU C 317 -17.77 19.44 49.39
CA LEU C 317 -18.27 20.78 49.72
C LEU C 317 -19.78 20.79 49.89
N PHE C 318 -20.49 20.12 48.97
CA PHE C 318 -21.94 20.05 48.95
C PHE C 318 -22.41 19.41 50.25
N THR C 319 -21.78 18.31 50.63
CA THR C 319 -22.12 17.54 51.80
C THR C 319 -21.96 18.45 53.03
N TYR C 320 -20.87 19.20 53.10
CA TYR C 320 -20.58 19.97 54.28
C TYR C 320 -21.51 21.17 54.40
N ILE C 321 -21.68 21.89 53.31
CA ILE C 321 -22.65 22.98 53.26
C ILE C 321 -24.10 22.52 53.57
N ALA C 322 -24.52 21.39 53.01
CA ALA C 322 -25.87 20.91 53.22
C ALA C 322 -26.05 20.52 54.67
N ASP C 323 -25.05 19.86 55.25
CA ASP C 323 -25.07 19.48 56.68
C ASP C 323 -25.10 20.65 57.65
N LYS C 324 -24.49 21.74 57.26
CA LYS C 324 -24.40 22.93 58.08
C LYS C 324 -25.64 23.79 57.94
N GLY C 325 -26.48 23.49 56.96
CA GLY C 325 -27.64 24.28 56.65
C GLY C 325 -27.29 25.60 56.01
N TRP C 326 -26.07 25.77 55.52
CA TRP C 326 -25.69 27.00 54.81
C TRP C 326 -26.25 27.11 53.36
N VAL C 327 -27.56 26.94 53.25
CA VAL C 327 -28.22 26.85 51.97
C VAL C 327 -29.33 27.87 51.90
N ASP C 328 -29.83 28.13 50.69
CA ASP C 328 -30.90 29.07 50.44
C ASP C 328 -32.20 28.26 50.32
N ARG C 329 -32.82 28.06 51.49
CA ARG C 329 -33.99 27.23 51.63
C ARG C 329 -35.10 27.68 50.75
N ASP C 330 -35.27 28.99 50.65
CA ASP C 330 -36.39 29.50 49.86
C ASP C 330 -36.22 29.22 48.38
N PHE C 331 -34.97 29.40 47.93
CA PHE C 331 -34.61 29.08 46.54
C PHE C 331 -34.81 27.57 46.27
N ILE C 332 -34.30 26.73 47.15
CA ILE C 332 -34.47 25.32 47.03
C ILE C 332 -35.94 24.97 46.89
N ASP C 333 -36.78 25.50 47.80
CA ASP C 333 -38.22 25.12 47.81
C ASP C 333 -39.00 25.69 46.66
N LYS C 334 -38.71 26.91 46.25
CA LYS C 334 -39.47 27.50 45.16
C LYS C 334 -39.01 27.10 43.74
N SER C 335 -37.69 26.94 43.54
CA SER C 335 -37.14 26.87 42.16
C SER C 335 -36.44 25.54 41.77
N THR C 336 -36.50 24.52 42.62
CA THR C 336 -35.87 23.20 42.33
C THR C 336 -36.82 22.03 42.55
N LEU C 337 -36.51 20.92 41.92
CA LEU C 337 -37.38 19.78 41.92
C LEU C 337 -37.43 19.20 43.34
N ARG C 338 -38.64 18.98 43.85
CA ARG C 338 -38.86 18.59 45.25
C ARG C 338 -39.10 17.10 45.44
N GLU C 339 -39.62 16.43 44.42
CA GLU C 339 -39.74 14.95 44.44
C GLU C 339 -38.67 14.26 43.54
N GLY C 340 -37.61 13.75 44.17
CA GLY C 340 -36.57 12.97 43.48
C GLY C 340 -37.12 11.63 43.03
N THR C 341 -36.48 10.97 42.06
CA THR C 341 -36.96 9.65 41.69
C THR C 341 -35.93 8.65 42.13
N ALA C 342 -36.26 7.39 41.95
CA ALA C 342 -35.34 6.35 42.37
C ALA C 342 -34.12 6.31 41.43
N ARG C 343 -32.96 6.01 42.01
CA ARG C 343 -31.76 5.79 41.23
C ARG C 343 -31.97 4.69 40.19
N PRO C 344 -31.25 4.77 39.06
CA PRO C 344 -31.35 3.67 38.12
C PRO C 344 -30.67 2.35 38.63
N PRO C 345 -31.07 1.19 38.09
CA PRO C 345 -30.59 -0.09 38.59
C PRO C 345 -29.08 -0.21 38.60
N LEU C 346 -28.38 0.44 37.67
CA LEU C 346 -26.92 0.32 37.57
C LEU C 346 -26.13 1.32 38.41
N TYR C 347 -26.83 2.23 39.07
CA TYR C 347 -26.22 3.29 39.89
C TYR C 347 -25.58 2.62 41.13
N PRO C 348 -24.52 3.19 41.70
CA PRO C 348 -23.85 4.41 41.32
C PRO C 348 -22.85 4.34 40.12
N ALA C 349 -22.43 3.15 39.70
CA ALA C 349 -21.28 3.06 38.79
C ALA C 349 -21.65 3.55 37.37
N ARG C 350 -22.92 3.44 36.96
CA ARG C 350 -23.37 3.84 35.65
C ARG C 350 -24.82 4.32 35.71
N GLY C 351 -25.17 5.26 34.83
CA GLY C 351 -26.52 5.76 34.73
C GLY C 351 -27.54 4.87 34.07
N VAL C 352 -28.72 5.40 33.84
CA VAL C 352 -29.75 4.58 33.19
C VAL C 352 -29.29 4.10 31.77
N SER C 353 -28.57 4.98 31.05
CA SER C 353 -27.92 4.58 29.79
C SER C 353 -26.71 5.50 29.53
N GLU C 354 -25.97 5.23 28.48
CA GLU C 354 -24.85 6.11 28.12
C GLU C 354 -25.29 7.56 27.87
N ALA C 355 -26.55 7.76 27.43
CA ALA C 355 -27.09 9.09 27.26
C ALA C 355 -27.14 9.84 28.55
N ASN C 356 -27.18 9.15 29.71
CA ASN C 356 -27.52 9.85 31.00
C ASN C 356 -26.60 9.41 32.09
N PRO C 357 -25.41 9.99 32.17
CA PRO C 357 -24.39 9.42 33.08
C PRO C 357 -24.67 9.62 34.55
N GLY C 358 -25.49 10.61 34.85
CA GLY C 358 -25.75 11.06 36.20
C GLY C 358 -27.26 10.98 36.42
N HIS C 359 -27.66 11.04 37.68
CA HIS C 359 -29.06 10.93 38.07
C HIS C 359 -29.58 12.30 38.55
N LEU C 360 -30.52 12.87 37.83
CA LEU C 360 -31.13 14.15 38.21
C LEU C 360 -32.18 13.97 39.35
N SER C 361 -32.04 14.70 40.45
CA SER C 361 -33.07 14.60 41.50
C SER C 361 -33.29 15.89 42.32
N SER C 362 -33.95 15.71 43.47
CA SER C 362 -34.10 16.73 44.53
C SER C 362 -32.80 17.05 45.25
N PHE C 363 -32.77 18.19 45.91
CA PHE C 363 -31.64 18.59 46.78
C PHE C 363 -31.26 17.51 47.75
N GLU C 364 -32.26 17.00 48.45
CA GLU C 364 -32.02 16.03 49.55
C GLU C 364 -31.52 14.68 49.05
N ASP C 365 -32.15 14.18 47.99
CA ASP C 365 -31.67 12.96 47.32
C ASP C 365 -30.26 13.15 46.78
N ALA C 366 -29.99 14.33 46.22
CA ALA C 366 -28.64 14.64 45.69
C ALA C 366 -27.61 14.69 46.77
N VAL C 367 -27.95 15.24 47.94
CA VAL C 367 -26.96 15.35 49.01
C VAL C 367 -26.60 13.95 49.49
N GLU C 368 -27.60 13.10 49.68
CA GLU C 368 -27.34 11.69 50.13
C GLU C 368 -26.60 10.87 49.10
N GLY C 369 -26.92 11.16 47.84
CA GLY C 369 -26.26 10.54 46.69
C GLY C 369 -24.81 10.91 46.58
N CYS C 370 -24.54 12.22 46.69
CA CYS C 370 -23.19 12.76 46.58
C CYS C 370 -22.36 12.61 47.82
N ARG C 371 -23.01 12.35 48.93
CA ARG C 371 -22.40 12.38 50.28
C ARG C 371 -20.98 11.93 50.26
N MET C 372 -20.08 12.80 50.71
CA MET C 372 -18.69 12.43 50.89
C MET C 372 -18.08 13.23 52.01
N SER C 373 -17.44 12.57 52.93
CA SER C 373 -16.86 13.26 54.06
C SER C 373 -15.62 13.99 53.61
N ILE C 374 -15.25 14.98 54.39
CA ILE C 374 -14.01 15.74 54.25
C ILE C 374 -12.71 14.89 54.21
N GLU C 375 -12.66 13.88 55.03
CA GLU C 375 -11.49 13.01 55.13
C GLU C 375 -11.37 12.19 53.84
N GLU C 376 -12.49 11.72 53.31
CA GLU C 376 -12.44 10.91 52.08
C GLU C 376 -11.98 11.77 50.90
N ALA C 377 -12.52 12.96 50.83
CA ALA C 377 -12.14 13.93 49.80
C ALA C 377 -10.71 14.37 49.92
N ALA C 378 -10.25 14.56 51.14
CA ALA C 378 -8.87 14.88 51.35
C ALA C 378 -7.95 13.77 50.85
N GLU C 379 -8.31 12.52 51.11
CA GLU C 379 -7.58 11.37 50.51
C GLU C 379 -7.54 11.43 48.96
N ILE C 380 -8.69 11.54 48.37
CA ILE C 380 -8.76 11.43 46.93
C ILE C 380 -8.04 12.61 46.29
N THR C 381 -8.30 13.81 46.79
CA THR C 381 -7.87 15.08 46.15
C THR C 381 -6.47 15.47 46.50
N GLY C 382 -5.98 14.89 47.58
CA GLY C 382 -4.65 15.22 48.13
C GLY C 382 -4.60 16.54 48.93
N LEU C 383 -5.73 17.22 49.03
CA LEU C 383 -5.81 18.43 49.85
C LEU C 383 -5.82 18.10 51.37
N ASP C 384 -5.49 19.10 52.17
CA ASP C 384 -5.71 19.04 53.63
C ASP C 384 -7.15 19.22 53.97
N ALA C 385 -7.60 18.46 54.99
CA ALA C 385 -8.99 18.63 55.49
C ALA C 385 -9.30 20.06 55.77
N ALA C 386 -8.32 20.79 56.32
CA ALA C 386 -8.52 22.21 56.61
C ALA C 386 -8.79 23.11 55.40
N GLN C 387 -8.12 22.83 54.26
CA GLN C 387 -8.43 23.55 53.00
C GLN C 387 -9.85 23.31 52.53
N ILE C 388 -10.34 22.08 52.66
CA ILE C 388 -11.65 21.78 52.15
C ILE C 388 -12.70 22.55 53.01
N ILE C 389 -12.53 22.51 54.35
CA ILE C 389 -13.43 23.23 55.25
C ILE C 389 -13.37 24.74 55.00
N LYS C 390 -12.16 25.29 54.88
CA LYS C 390 -12.05 26.72 54.54
C LYS C 390 -12.85 27.07 53.25
N ALA C 391 -12.62 26.28 52.18
CA ALA C 391 -13.41 26.43 50.96
C ALA C 391 -14.91 26.45 51.25
N ALA C 392 -15.38 25.48 52.04
CA ALA C 392 -16.83 25.40 52.41
C ALA C 392 -17.32 26.69 53.08
N GLU C 393 -16.48 27.22 53.96
CA GLU C 393 -16.82 28.46 54.62
C GLU C 393 -16.88 29.65 53.66
N TRP C 394 -15.87 29.78 52.79
CA TRP C 394 -15.81 30.88 51.79
C TRP C 394 -16.93 30.84 50.75
N ILE C 395 -17.58 29.69 50.63
CA ILE C 395 -18.76 29.54 49.77
C ILE C 395 -20.10 29.70 50.53
N GLY C 396 -20.23 29.02 51.66
CA GLY C 396 -21.55 28.87 52.29
C GLY C 396 -21.85 29.65 53.56
N MET C 397 -20.82 29.95 54.33
CA MET C 397 -21.01 30.61 55.64
C MET C 397 -21.72 31.94 55.47
N PRO C 398 -22.86 32.14 56.20
CA PRO C 398 -23.55 33.41 56.02
C PRO C 398 -22.66 34.54 56.49
N LYS C 399 -22.83 35.74 55.96
CA LYS C 399 -22.04 36.90 56.38
C LYS C 399 -22.64 37.44 57.73
N GLU C 400 -21.90 38.30 58.44
CA GLU C 400 -22.44 38.96 59.66
C GLU C 400 -23.84 39.52 59.42
N GLY C 401 -24.77 39.08 60.25
CA GLY C 401 -26.17 39.41 60.07
C GLY C 401 -26.97 38.28 59.47
N GLY C 402 -26.33 37.11 59.28
CA GLY C 402 -26.96 35.95 58.63
C GLY C 402 -27.32 36.14 57.15
N LYS C 403 -26.62 37.01 56.42
CA LYS C 403 -26.94 37.25 55.00
C LYS C 403 -26.17 36.26 54.07
N ARG C 404 -26.88 35.81 53.03
CA ARG C 404 -26.41 34.77 52.09
C ARG C 404 -25.14 35.23 51.44
N ARG C 405 -24.11 34.36 51.45
CA ARG C 405 -22.80 34.74 50.79
C ARG C 405 -23.01 34.65 49.26
N ARG C 406 -22.59 35.70 48.56
CA ARG C 406 -22.71 35.77 47.10
C ARG C 406 -21.43 35.22 46.47
N VAL C 407 -21.65 34.26 45.56
CA VAL C 407 -20.58 33.41 45.04
C VAL C 407 -20.82 33.23 43.54
N MET C 408 -19.85 33.67 42.74
CA MET C 408 -19.78 33.39 41.31
C MET C 408 -18.89 32.16 41.05
N PHE C 409 -19.53 31.09 40.56
CA PHE C 409 -18.87 29.84 40.19
C PHE C 409 -18.53 29.88 38.68
N GLY C 410 -17.25 29.97 38.36
CA GLY C 410 -16.71 30.02 36.98
C GLY C 410 -15.87 28.75 36.75
N TYR C 411 -16.12 28.03 35.65
CA TYR C 411 -15.36 26.82 35.31
C TYR C 411 -15.01 26.83 33.84
N GLU C 412 -13.92 26.17 33.47
CA GLU C 412 -13.65 26.04 32.00
C GLU C 412 -13.05 24.66 31.71
N LYS C 413 -11.97 24.58 30.91
CA LYS C 413 -11.59 23.26 30.32
C LYS C 413 -10.89 22.33 31.30
N GLY C 414 -10.32 22.84 32.38
CA GLY C 414 -9.87 21.97 33.49
C GLY C 414 -10.99 21.11 34.05
N LEU C 415 -12.21 21.66 33.99
CA LEU C 415 -13.35 20.88 34.32
C LEU C 415 -13.89 20.13 33.08
N ILE C 416 -14.26 20.85 32.02
CA ILE C 416 -14.93 20.26 30.87
C ILE C 416 -14.12 19.10 30.19
N TRP C 417 -12.81 19.28 30.02
CA TRP C 417 -11.95 18.21 29.51
C TRP C 417 -11.32 17.42 30.65
N GLY C 418 -11.83 17.63 31.87
CA GLY C 418 -11.41 16.86 33.02
C GLY C 418 -12.24 15.62 33.28
N ASN C 419 -11.99 15.01 34.41
CA ASN C 419 -12.55 13.68 34.66
C ASN C 419 -14.06 13.74 34.88
N ASP C 420 -14.78 12.78 34.30
CA ASP C 420 -16.19 12.58 34.54
C ASP C 420 -16.96 13.87 34.31
N ASN C 421 -16.90 14.34 33.06
CA ASN C 421 -17.44 15.65 32.70
C ASN C 421 -18.89 15.84 33.20
N TYR C 422 -19.76 14.87 32.94
CA TYR C 422 -21.19 14.99 33.25
C TYR C 422 -21.35 15.22 34.75
N ARG C 423 -20.78 14.28 35.51
CA ARG C 423 -20.90 14.29 36.96
C ARG C 423 -20.26 15.49 37.65
N THR C 424 -19.09 15.88 37.17
CA THR C 424 -18.34 16.98 37.79
C THR C 424 -19.03 18.31 37.54
N ASN C 425 -19.56 18.44 36.33
CA ASN C 425 -20.29 19.63 35.98
C ASN C 425 -21.53 19.74 36.89
N GLY C 426 -22.27 18.64 37.03
CA GLY C 426 -23.50 18.68 37.84
C GLY C 426 -23.16 18.93 39.31
N ALA C 427 -22.03 18.40 39.75
CA ALA C 427 -21.62 18.50 41.15
C ALA C 427 -21.30 19.93 41.50
N LEU C 428 -20.72 20.67 40.54
CA LEU C 428 -20.43 22.09 40.75
C LEU C 428 -21.68 22.89 40.69
N VAL C 429 -22.56 22.59 39.74
CA VAL C 429 -23.84 23.29 39.65
C VAL C 429 -24.69 23.06 40.91
N ASN C 430 -24.56 21.90 41.55
CA ASN C 430 -25.24 21.66 42.83
C ASN C 430 -24.89 22.75 43.86
N LEU C 431 -23.62 23.16 43.94
CA LEU C 431 -23.21 24.09 45.00
C LEU C 431 -23.89 25.45 44.77
N ALA C 432 -24.00 25.84 43.50
CA ALA C 432 -24.63 27.09 43.17
C ALA C 432 -26.14 27.07 43.40
N LEU C 433 -26.76 25.97 43.05
CA LEU C 433 -28.19 25.78 43.31
C LEU C 433 -28.44 25.80 44.84
N ALA C 434 -27.66 25.00 45.57
CA ALA C 434 -27.77 24.91 47.03
C ALA C 434 -27.70 26.27 47.72
N THR C 435 -26.84 27.15 47.21
CA THR C 435 -26.56 28.45 47.85
C THR C 435 -27.32 29.66 47.24
N GLY C 436 -28.27 29.36 46.38
CA GLY C 436 -29.02 30.39 45.67
C GLY C 436 -28.26 31.33 44.76
N ASN C 437 -27.08 30.92 44.30
CA ASN C 437 -26.19 31.80 43.52
C ASN C 437 -26.37 31.64 41.99
N ILE C 438 -27.60 31.59 41.53
CA ILE C 438 -27.87 31.63 40.12
C ILE C 438 -29.00 32.59 40.00
N GLY C 439 -28.88 33.55 39.09
CA GLY C 439 -29.97 34.47 38.80
C GLY C 439 -29.97 35.78 39.57
N ARG C 440 -29.00 35.96 40.46
CA ARG C 440 -28.87 37.12 41.33
C ARG C 440 -27.52 37.80 41.17
N PRO C 441 -27.43 39.09 41.57
CA PRO C 441 -26.15 39.78 41.57
C PRO C 441 -25.11 39.08 42.38
N GLY C 442 -23.88 39.12 41.84
CA GLY C 442 -22.75 38.47 42.50
C GLY C 442 -22.76 36.96 42.45
N GLY C 443 -23.64 36.38 41.63
CA GLY C 443 -23.72 34.94 41.46
C GLY C 443 -23.39 34.44 40.05
N GLY C 444 -23.90 33.24 39.76
CA GLY C 444 -23.67 32.54 38.49
C GLY C 444 -22.98 31.22 38.73
N VAL C 445 -23.33 30.22 37.92
CA VAL C 445 -22.47 29.02 37.77
C VAL C 445 -22.32 28.86 36.26
N VAL C 446 -21.19 29.37 35.77
CA VAL C 446 -20.97 29.66 34.36
C VAL C 446 -19.65 29.07 33.81
N ARG C 447 -19.72 28.68 32.54
CA ARG C 447 -18.51 28.57 31.71
C ARG C 447 -17.87 29.93 31.61
N LEU C 448 -16.54 29.97 31.72
CA LEU C 448 -15.79 31.19 31.41
C LEU C 448 -15.43 31.30 29.97
N GLY C 449 -15.46 30.15 29.30
CA GLY C 449 -15.53 30.10 27.88
C GLY C 449 -14.20 30.15 27.16
N GLY C 450 -14.29 30.07 25.83
CA GLY C 450 -13.11 29.86 25.00
C GLY C 450 -13.12 30.76 23.81
N HIS C 451 -13.85 30.33 22.76
CA HIS C 451 -14.23 31.23 21.72
C HIS C 451 -15.47 32.01 22.20
N GLN C 452 -15.76 33.05 21.45
CA GLN C 452 -17.10 33.62 21.44
C GLN C 452 -18.09 32.61 20.94
N GLU C 453 -19.36 32.89 21.20
CA GLU C 453 -20.47 32.04 20.82
C GLU C 453 -21.22 32.69 19.72
N GLY C 454 -21.62 31.90 18.71
CA GLY C 454 -22.42 32.47 17.61
C GLY C 454 -23.11 31.33 16.87
N TYR C 455 -23.83 30.52 17.63
CA TYR C 455 -24.47 29.34 17.13
C TYR C 455 -25.94 29.50 16.82
N VAL C 456 -26.29 29.24 15.57
CA VAL C 456 -27.64 29.06 15.18
C VAL C 456 -27.66 28.10 13.98
N ARG C 457 -28.42 27.03 14.15
CA ARG C 457 -28.49 25.91 13.21
C ARG C 457 -29.87 25.24 13.27
N PRO C 458 -30.29 24.58 12.17
CA PRO C 458 -31.42 23.66 12.20
C PRO C 458 -31.24 22.62 13.25
N SER C 459 -32.35 22.01 13.57
CA SER C 459 -32.38 20.91 14.47
C SER C 459 -31.27 19.84 14.20
N ASP C 460 -30.68 19.36 15.28
CA ASP C 460 -29.69 18.31 15.24
C ASP C 460 -30.20 16.99 15.82
N ALA C 461 -31.51 16.80 15.81
CA ALA C 461 -32.13 15.68 16.52
C ALA C 461 -31.64 14.36 15.95
N HIS C 462 -31.40 14.31 14.65
CA HIS C 462 -30.98 13.11 13.96
C HIS C 462 -29.60 12.60 14.38
N VAL C 463 -28.81 13.40 15.11
CA VAL C 463 -27.46 13.02 15.35
C VAL C 463 -27.39 12.04 16.50
N GLY C 464 -28.46 11.99 17.31
CA GLY C 464 -28.54 11.06 18.48
C GLY C 464 -27.74 11.56 19.65
N ARG C 465 -27.90 10.85 20.76
CA ARG C 465 -27.21 11.11 22.00
C ARG C 465 -27.09 9.77 22.70
N PRO C 466 -25.88 9.23 22.94
CA PRO C 466 -24.57 9.69 22.43
C PRO C 466 -24.52 9.80 20.91
N ALA C 467 -23.81 10.79 20.38
CA ALA C 467 -23.60 10.94 18.97
C ALA C 467 -22.43 10.04 18.49
N ALA C 468 -22.30 9.91 17.16
CA ALA C 468 -21.15 9.14 16.60
C ALA C 468 -19.76 9.74 16.96
N TYR C 469 -18.87 8.87 17.39
CA TYR C 469 -17.49 9.20 17.65
C TYR C 469 -16.78 9.21 16.26
N VAL C 470 -16.79 10.35 15.64
CA VAL C 470 -16.34 10.49 14.27
C VAL C 470 -14.85 10.06 14.00
N ASP C 471 -13.95 10.45 14.89
CA ASP C 471 -12.59 10.07 14.76
C ASP C 471 -12.42 8.56 14.71
N GLN C 472 -13.18 7.82 15.54
CA GLN C 472 -13.11 6.38 15.57
C GLN C 472 -13.68 5.76 14.28
N LEU C 473 -14.76 6.30 13.74
CA LEU C 473 -15.20 5.91 12.39
C LEU C 473 -14.05 6.06 11.37
N LEU C 474 -13.40 7.21 11.38
CA LEU C 474 -12.39 7.53 10.41
C LEU C 474 -11.16 6.60 10.55
N ILE C 475 -10.72 6.45 11.78
CA ILE C 475 -9.57 5.63 12.08
C ILE C 475 -9.88 4.16 11.74
N GLY C 476 -11.15 3.79 11.80
CA GLY C 476 -11.56 2.40 11.60
C GLY C 476 -11.91 2.16 10.15
N GLY C 477 -11.68 3.13 9.27
CA GLY C 477 -11.87 2.89 7.83
C GLY C 477 -13.25 3.20 7.25
N GLN C 478 -14.10 3.81 8.03
CA GLN C 478 -15.43 4.19 7.55
C GLN C 478 -15.51 5.63 7.02
N GLY C 479 -16.58 5.90 6.29
CA GLY C 479 -16.79 7.18 5.65
C GLY C 479 -16.11 7.22 4.32
N GLY C 480 -16.66 8.00 3.43
CA GLY C 480 -16.07 8.14 2.11
C GLY C 480 -15.58 9.51 1.74
N VAL C 481 -16.34 10.55 2.12
CA VAL C 481 -16.03 11.93 1.87
C VAL C 481 -16.00 12.71 3.24
N HIS C 482 -14.99 13.55 3.45
CA HIS C 482 -14.84 14.32 4.68
C HIS C 482 -14.78 15.76 4.21
N HIS C 483 -15.74 16.57 4.67
CA HIS C 483 -15.69 18.01 4.55
C HIS C 483 -15.27 18.59 5.91
N ILE C 484 -14.21 19.39 5.90
CA ILE C 484 -13.59 19.97 7.05
C ILE C 484 -13.65 21.49 6.96
N TRP C 485 -14.21 22.11 8.01
CA TRP C 485 -14.46 23.57 8.03
C TRP C 485 -13.84 24.15 9.33
N GLY C 486 -12.73 24.86 9.18
CA GLY C 486 -12.20 25.76 10.22
C GLY C 486 -11.79 25.01 11.45
N CYS C 487 -11.16 23.85 11.28
CA CYS C 487 -10.54 23.16 12.38
C CYS C 487 -9.43 22.27 11.83
N ASP C 488 -8.52 21.88 12.70
CA ASP C 488 -7.29 21.16 12.27
C ASP C 488 -6.97 20.06 13.25
N HIS C 489 -7.60 18.93 13.05
CA HIS C 489 -7.43 17.81 13.91
C HIS C 489 -6.02 17.33 14.03
N TYR C 490 -5.16 17.51 13.00
CA TYR C 490 -3.76 17.12 13.10
C TYR C 490 -3.07 17.76 14.29
N LYS C 491 -3.44 18.98 14.61
CA LYS C 491 -2.86 19.70 15.79
C LYS C 491 -3.70 19.58 17.05
N THR C 492 -5.01 19.29 16.93
CA THR C 492 -5.91 19.45 18.08
C THR C 492 -6.84 18.35 18.51
N THR C 493 -6.95 17.24 17.77
CA THR C 493 -7.83 16.21 18.23
C THR C 493 -7.11 15.42 19.31
N LEU C 494 -7.88 14.52 19.91
CA LEU C 494 -7.33 13.52 20.81
C LEU C 494 -6.81 12.34 20.00
N ASN C 495 -5.93 11.55 20.60
CA ASN C 495 -5.35 10.35 19.98
C ASN C 495 -4.83 10.75 18.59
N ALA C 496 -4.11 11.88 18.55
CA ALA C 496 -3.87 12.56 17.30
C ALA C 496 -2.79 11.85 16.44
N HIS C 497 -1.96 11.03 17.09
CA HIS C 497 -0.85 10.36 16.37
C HIS C 497 -1.44 9.22 15.51
N GLU C 498 -2.28 8.39 16.12
CA GLU C 498 -3.03 7.42 15.37
C GLU C 498 -3.91 8.07 14.31
N PHE C 499 -4.59 9.13 14.64
CA PHE C 499 -5.47 9.80 13.67
C PHE C 499 -4.69 10.14 12.40
N LYS C 500 -3.56 10.81 12.56
CA LYS C 500 -2.71 11.28 11.46
C LYS C 500 -2.18 10.12 10.63
N ARG C 501 -1.76 9.05 11.27
CA ARG C 501 -1.30 7.85 10.56
C ARG C 501 -2.34 7.27 9.62
N VAL C 502 -3.55 7.09 10.14
CA VAL C 502 -4.62 6.54 9.33
C VAL C 502 -5.11 7.51 8.32
N TYR C 503 -5.25 8.79 8.73
CA TYR C 503 -5.81 9.77 7.85
C TYR C 503 -4.92 9.92 6.64
N LYS C 504 -3.62 9.95 6.86
CA LYS C 504 -2.66 10.03 5.74
C LYS C 504 -2.83 8.88 4.78
N LYS C 505 -2.84 7.69 5.28
CA LYS C 505 -2.96 6.50 4.43
C LYS C 505 -4.27 6.45 3.59
N ARG C 506 -5.40 6.79 4.23
CA ARG C 506 -6.67 6.74 3.53
C ARG C 506 -6.77 7.83 2.48
N THR C 507 -6.24 9.02 2.75
CA THR C 507 -6.27 10.11 1.72
C THR C 507 -5.19 9.87 0.65
N ASP C 508 -4.08 9.25 1.03
CA ASP C 508 -3.06 8.88 0.04
C ASP C 508 -3.67 7.95 -1.06
N MET C 509 -4.57 7.02 -0.65
CA MET C 509 -5.27 6.14 -1.60
C MET C 509 -5.96 6.92 -2.67
N VAL C 510 -6.64 8.00 -2.27
CA VAL C 510 -7.34 8.81 -3.25
C VAL C 510 -6.36 9.62 -4.06
N LYS C 511 -5.37 10.18 -3.38
CA LYS C 511 -4.31 10.94 -4.06
C LYS C 511 -3.66 10.13 -5.18
N ASP C 512 -3.34 8.90 -4.87
CA ASP C 512 -2.67 8.04 -5.88
C ASP C 512 -3.58 7.79 -7.08
N ALA C 513 -4.86 7.58 -6.81
CA ALA C 513 -5.81 7.42 -7.89
C ALA C 513 -5.98 8.67 -8.73
N MET C 514 -6.10 9.81 -8.07
CA MET C 514 -6.23 11.08 -8.80
C MET C 514 -5.01 11.39 -9.69
N SER C 515 -3.81 11.12 -9.19
CA SER C 515 -2.60 11.39 -9.98
C SER C 515 -2.51 10.54 -11.27
N ALA C 516 -3.13 9.37 -11.24
CA ALA C 516 -3.11 8.44 -12.34
C ALA C 516 -4.30 8.52 -13.26
N ALA C 517 -5.32 9.31 -12.94
CA ALA C 517 -6.48 9.49 -13.78
C ALA C 517 -6.39 10.82 -14.57
N PRO C 518 -7.13 10.92 -15.69
CA PRO C 518 -7.17 12.17 -16.47
C PRO C 518 -8.10 13.24 -15.86
N TYR C 519 -7.60 14.45 -15.59
CA TYR C 519 -8.45 15.48 -14.98
C TYR C 519 -9.42 16.08 -15.96
N GLY C 520 -8.91 16.35 -17.15
CA GLY C 520 -9.65 16.98 -18.21
C GLY C 520 -10.87 16.18 -18.63
N ASP C 521 -10.89 14.88 -18.41
CA ASP C 521 -12.13 14.08 -18.48
C ASP C 521 -12.69 13.93 -17.08
N ARG C 522 -13.54 14.86 -16.67
CA ARG C 522 -13.95 14.95 -15.26
C ARG C 522 -14.64 13.72 -14.76
N GLU C 523 -15.43 13.07 -15.62
CA GLU C 523 -16.16 11.91 -15.17
C GLU C 523 -15.22 10.72 -14.91
N ALA C 524 -14.14 10.61 -15.65
CA ALA C 524 -13.14 9.56 -15.35
C ALA C 524 -12.44 9.82 -13.96
N MET C 525 -12.14 11.10 -13.69
CA MET C 525 -11.52 11.47 -12.38
C MET C 525 -12.46 11.07 -11.23
N VAL C 526 -13.74 11.42 -11.37
CA VAL C 526 -14.73 11.14 -10.32
C VAL C 526 -14.84 9.69 -10.09
N ASN C 527 -14.88 8.94 -11.19
CA ASN C 527 -14.94 7.48 -11.04
C ASN C 527 -13.71 6.90 -10.39
N ALA C 528 -12.55 7.41 -10.74
CA ALA C 528 -11.31 6.90 -10.13
C ALA C 528 -11.32 7.23 -8.65
N ILE C 529 -11.80 8.44 -8.31
CA ILE C 529 -11.91 8.78 -6.84
C ILE C 529 -12.81 7.84 -6.03
N VAL C 530 -13.98 7.63 -6.57
CA VAL C 530 -14.95 6.77 -5.94
C VAL C 530 -14.46 5.32 -5.82
N ASP C 531 -13.77 4.82 -6.87
CA ASP C 531 -13.18 3.47 -6.84
C ASP C 531 -12.20 3.39 -5.60
N ALA C 532 -11.35 4.42 -5.46
CA ALA C 532 -10.40 4.44 -4.30
C ALA C 532 -11.14 4.52 -2.98
N ILE C 533 -12.20 5.31 -2.92
CA ILE C 533 -13.07 5.36 -1.72
C ILE C 533 -13.68 3.99 -1.42
N ASN C 534 -14.20 3.30 -2.43
CA ASN C 534 -14.75 1.96 -2.24
C ASN C 534 -13.73 1.00 -1.70
N GLN C 535 -12.42 1.23 -1.96
CA GLN C 535 -11.38 0.37 -1.40
C GLN C 535 -10.94 0.74 -0.01
N GLY C 536 -11.52 1.76 0.61
CA GLY C 536 -11.09 2.14 1.93
C GLY C 536 -10.50 3.56 2.01
N GLY C 537 -10.40 4.24 0.88
CA GLY C 537 -9.86 5.56 0.88
C GLY C 537 -10.81 6.65 1.40
N LEU C 538 -10.38 7.91 1.36
CA LEU C 538 -11.20 8.99 1.79
C LEU C 538 -10.90 10.18 0.93
N PHE C 539 -11.94 10.82 0.38
CA PHE C 539 -11.76 12.06 -0.35
C PHE C 539 -12.12 13.21 0.65
N ALA C 540 -11.25 14.21 0.76
CA ALA C 540 -11.26 15.20 1.83
C ALA C 540 -11.13 16.62 1.27
N VAL C 541 -12.00 17.50 1.72
CA VAL C 541 -12.16 18.87 1.28
C VAL C 541 -11.95 19.74 2.53
N ASN C 542 -11.07 20.76 2.43
CA ASN C 542 -10.75 21.65 3.55
C ASN C 542 -11.18 23.07 3.22
N VAL C 543 -11.97 23.70 4.10
CA VAL C 543 -12.36 25.09 3.96
C VAL C 543 -11.62 25.79 5.11
N ASP C 544 -10.70 26.67 4.76
CA ASP C 544 -9.82 27.32 5.73
C ASP C 544 -9.28 28.61 5.16
N ILE C 545 -8.50 29.31 5.97
CA ILE C 545 -7.90 30.57 5.57
C ILE C 545 -6.39 30.44 5.36
N ILE C 546 -5.82 29.31 5.78
CA ILE C 546 -4.39 29.02 5.62
C ILE C 546 -4.16 27.57 5.13
N PRO C 547 -2.91 27.23 4.72
CA PRO C 547 -2.58 25.79 4.50
C PRO C 547 -2.48 25.17 5.86
N THR C 548 -3.40 24.27 6.15
CA THR C 548 -3.43 23.64 7.44
C THR C 548 -2.59 22.37 7.44
N LYS C 549 -2.44 21.77 8.60
CA LYS C 549 -1.76 20.50 8.71
C LYS C 549 -2.60 19.38 8.15
N ILE C 550 -3.88 19.27 8.56
CA ILE C 550 -4.77 18.31 7.95
C ILE C 550 -4.93 18.52 6.46
N GLY C 551 -4.85 19.78 6.04
CA GLY C 551 -4.90 20.22 4.65
C GLY C 551 -3.88 19.56 3.78
N GLU C 552 -2.77 19.17 4.38
CA GLU C 552 -1.76 18.48 3.63
C GLU C 552 -2.21 17.12 3.11
N ALA C 553 -3.25 16.55 3.73
CA ALA C 553 -3.84 15.28 3.35
C ALA C 553 -5.08 15.46 2.46
N CYS C 554 -5.49 16.70 2.20
CA CYS C 554 -6.74 16.99 1.50
C CYS C 554 -6.60 17.13 -0.01
N HIS C 555 -7.69 16.87 -0.72
CA HIS C 555 -7.70 16.83 -2.17
C HIS C 555 -8.23 18.06 -2.77
N VAL C 556 -9.03 18.79 -1.99
CA VAL C 556 -9.50 20.12 -2.44
C VAL C 556 -9.43 21.07 -1.24
N ILE C 557 -9.02 22.28 -1.51
CA ILE C 557 -8.93 23.32 -0.48
C ILE C 557 -9.72 24.48 -1.01
N LEU C 558 -10.63 25.03 -0.16
CA LEU C 558 -11.42 26.19 -0.56
C LEU C 558 -11.09 27.37 0.39
N PRO C 559 -10.71 28.56 -0.18
CA PRO C 559 -10.26 29.71 0.61
C PRO C 559 -11.42 30.51 1.24
N ALA C 560 -11.45 30.55 2.56
CA ALA C 560 -12.41 31.36 3.30
C ALA C 560 -11.97 32.77 3.60
N ALA C 561 -12.93 33.65 3.83
CA ALA C 561 -12.69 35.00 4.32
C ALA C 561 -13.01 35.02 5.77
N THR C 562 -12.23 35.72 6.58
CA THR C 562 -12.53 35.67 8.02
C THR C 562 -13.04 37.06 8.56
N SER C 563 -13.28 37.13 9.87
CA SER C 563 -13.98 38.27 10.45
C SER C 563 -13.17 39.48 10.12
N GLY C 564 -13.83 40.55 9.74
CA GLY C 564 -13.11 41.78 9.38
C GLY C 564 -13.08 41.93 7.90
N GLU C 565 -12.90 40.81 7.18
CA GLU C 565 -13.05 40.77 5.72
C GLU C 565 -14.49 40.52 5.35
N MET C 566 -15.29 40.30 6.37
CA MET C 566 -16.77 40.20 6.29
C MET C 566 -17.35 40.79 7.60
N ASN C 567 -18.61 41.09 7.54
CA ASN C 567 -19.42 41.32 8.70
C ASN C 567 -19.66 39.99 9.42
N LEU C 568 -19.71 40.08 10.74
CA LEU C 568 -19.86 38.89 11.55
C LEU C 568 -20.46 39.26 12.90
N THR C 569 -21.37 38.41 13.36
CA THR C 569 -22.03 38.57 14.65
C THR C 569 -21.73 37.42 15.55
N SER C 570 -21.53 37.75 16.81
CA SER C 570 -21.35 36.75 17.84
C SER C 570 -21.60 37.40 19.16
N MET C 571 -21.60 36.59 20.20
CA MET C 571 -21.71 37.08 21.56
C MET C 571 -20.60 36.57 22.45
N ASN C 572 -20.42 37.26 23.57
CA ASN C 572 -19.38 36.91 24.53
C ASN C 572 -19.90 36.10 25.67
N GLY C 573 -19.10 35.99 26.70
CA GLY C 573 -19.41 35.12 27.79
C GLY C 573 -20.43 35.63 28.79
N GLU C 574 -20.94 36.84 28.53
CA GLU C 574 -22.15 37.38 29.19
C GLU C 574 -23.26 37.62 28.19
N ARG C 575 -23.17 36.90 27.07
CA ARG C 575 -24.15 36.98 26.03
C ARG C 575 -24.23 38.33 25.36
N ARG C 576 -23.13 39.07 25.38
CA ARG C 576 -23.12 40.37 24.70
C ARG C 576 -22.83 40.21 23.23
N MET C 577 -23.87 40.40 22.43
CA MET C 577 -23.87 40.30 20.99
C MET C 577 -23.52 41.61 20.33
N ARG C 578 -22.56 41.55 19.40
CA ARG C 578 -22.07 42.69 18.61
C ARG C 578 -21.92 42.33 17.14
N LEU C 579 -21.99 43.33 16.29
CA LEU C 579 -21.66 43.18 14.92
C LEU C 579 -20.24 43.68 14.70
N THR C 580 -19.38 42.85 14.10
CA THR C 580 -18.08 43.29 13.65
C THR C 580 -18.32 43.76 12.26
N GLU C 581 -17.97 45.01 11.99
CA GLU C 581 -18.22 45.63 10.70
C GLU C 581 -17.03 45.47 9.81
N ARG C 582 -17.27 45.01 8.58
CA ARG C 582 -16.22 44.68 7.66
C ARG C 582 -15.41 45.95 7.31
N TYR C 583 -14.10 45.85 7.46
CA TYR C 583 -13.21 46.97 7.16
C TYR C 583 -12.21 46.73 6.04
N MET C 584 -12.16 45.49 5.51
CA MET C 584 -11.18 45.11 4.50
C MET C 584 -11.72 44.03 3.52
N ASP C 585 -10.99 43.78 2.44
CA ASP C 585 -11.37 42.78 1.44
C ASP C 585 -10.83 41.41 1.84
N PRO C 586 -11.59 40.37 1.52
CA PRO C 586 -10.97 39.02 1.59
C PRO C 586 -9.71 38.91 0.68
N PRO C 587 -8.69 38.21 1.13
CA PRO C 587 -7.57 37.96 0.22
C PRO C 587 -7.94 37.16 -1.05
N GLY C 588 -7.45 37.60 -2.20
CA GLY C 588 -7.62 36.85 -3.42
C GLY C 588 -9.08 36.59 -3.80
N GLN C 589 -9.44 35.33 -4.02
CA GLN C 589 -10.82 34.97 -4.33
C GLN C 589 -11.52 34.35 -3.12
N SER C 590 -11.02 34.64 -1.96
CA SER C 590 -11.55 33.95 -0.81
C SER C 590 -13.03 34.44 -0.50
N MET C 591 -13.79 33.66 0.23
CA MET C 591 -15.20 33.91 0.35
C MET C 591 -15.65 33.56 1.82
N PRO C 592 -16.49 34.37 2.46
CA PRO C 592 -17.03 33.93 3.74
C PRO C 592 -17.63 32.50 3.75
N ASP C 593 -17.46 31.79 4.86
CA ASP C 593 -17.84 30.40 4.95
C ASP C 593 -19.34 30.14 4.66
N CYS C 594 -20.21 31.04 5.13
CA CYS C 594 -21.62 30.92 4.83
C CYS C 594 -21.85 30.99 3.36
N LEU C 595 -21.12 31.80 2.61
CA LEU C 595 -21.32 31.84 1.15
C LEU C 595 -20.68 30.65 0.42
N ILE C 596 -19.60 30.11 0.97
CA ILE C 596 -19.04 28.85 0.48
C ILE C 596 -20.10 27.77 0.62
N ALA C 597 -20.74 27.73 1.76
CA ALA C 597 -21.79 26.76 1.98
C ALA C 597 -22.95 26.90 0.96
N ALA C 598 -23.33 28.14 0.71
CA ALA C 598 -24.32 28.42 -0.27
C ALA C 598 -23.93 27.97 -1.71
N ARG C 599 -22.75 28.38 -2.17
CA ARG C 599 -22.25 27.96 -3.44
C ARG C 599 -22.10 26.44 -3.54
N LEU C 600 -21.74 25.79 -2.45
CA LEU C 600 -21.67 24.36 -2.48
C LEU C 600 -23.08 23.77 -2.67
N ALA C 601 -24.04 24.30 -1.91
CA ALA C 601 -25.45 23.90 -2.05
C ALA C 601 -25.94 24.15 -3.50
N ASN C 602 -25.66 25.34 -4.04
CA ASN C 602 -26.04 25.60 -5.41
C ASN C 602 -25.44 24.57 -6.43
N THR C 603 -24.18 24.24 -6.26
CA THR C 603 -23.49 23.29 -7.10
C THR C 603 -24.06 21.89 -6.96
N MET C 604 -24.36 21.46 -5.73
CA MET C 604 -25.04 20.18 -5.51
C MET C 604 -26.37 20.15 -6.26
N GLU C 605 -27.12 21.25 -6.17
CA GLU C 605 -28.34 21.32 -6.88
C GLU C 605 -28.09 21.16 -8.33
N ARG C 606 -27.16 21.89 -8.88
CA ARG C 606 -26.97 21.88 -10.32
C ARG C 606 -26.63 20.46 -10.83
N VAL C 607 -25.76 19.82 -10.09
CA VAL C 607 -25.16 18.54 -10.43
C VAL C 607 -26.22 17.47 -10.27
N LEU C 608 -26.82 17.43 -9.12
CA LEU C 608 -27.95 16.54 -8.96
C LEU C 608 -29.08 16.73 -10.06
N THR C 609 -29.32 17.95 -10.51
CA THR C 609 -30.33 18.19 -11.48
C THR C 609 -29.81 17.59 -12.81
N GLU C 610 -28.58 17.91 -13.22
CA GLU C 610 -28.03 17.43 -14.50
C GLU C 610 -28.07 15.91 -14.63
N MET C 611 -27.87 15.24 -13.48
CA MET C 611 -27.94 13.77 -13.33
C MET C 611 -29.35 13.16 -13.36
N GLY C 612 -30.39 14.02 -13.30
CA GLY C 612 -31.77 13.59 -13.20
C GLY C 612 -32.27 13.28 -11.79
N ASP C 613 -31.47 13.51 -10.76
CA ASP C 613 -31.93 13.40 -9.39
CA ASP C 613 -31.98 13.39 -9.40
C ASP C 613 -32.64 14.69 -8.92
N VAL C 614 -33.71 15.09 -9.64
CA VAL C 614 -34.41 16.34 -9.41
C VAL C 614 -35.03 16.43 -8.02
N GLY C 615 -35.45 15.31 -7.46
CA GLY C 615 -36.05 15.36 -6.09
C GLY C 615 -35.03 15.71 -5.04
N TYR C 616 -33.89 15.01 -5.09
CA TYR C 616 -32.85 15.29 -4.11
C TYR C 616 -32.24 16.67 -4.38
N ALA C 617 -32.21 17.13 -5.65
CA ALA C 617 -31.71 18.44 -6.00
C ALA C 617 -32.45 19.53 -5.25
N ALA C 618 -33.76 19.34 -5.09
CA ALA C 618 -34.64 20.37 -4.52
C ALA C 618 -34.30 20.64 -3.07
N GLN C 619 -33.70 19.65 -2.42
CA GLN C 619 -33.33 19.78 -1.01
C GLN C 619 -32.25 20.82 -0.79
N PHE C 620 -31.49 21.14 -1.85
CA PHE C 620 -30.39 22.12 -1.79
C PHE C 620 -30.77 23.54 -2.17
N LYS C 621 -32.09 23.80 -2.35
CA LYS C 621 -32.61 25.14 -2.53
C LYS C 621 -32.57 25.84 -1.16
N GLY C 622 -32.80 27.13 -1.20
CA GLY C 622 -32.76 27.97 0.01
C GLY C 622 -31.38 28.66 0.25
N PHE C 623 -30.54 28.75 -0.78
CA PHE C 623 -29.16 29.26 -0.60
C PHE C 623 -28.85 30.28 -1.67
N ASP C 624 -29.73 31.25 -1.87
CA ASP C 624 -29.48 32.30 -2.86
C ASP C 624 -28.75 33.49 -2.30
N TRP C 625 -28.10 33.31 -1.18
CA TRP C 625 -27.34 34.35 -0.53
C TRP C 625 -26.20 35.00 -1.35
N GLN C 626 -26.15 36.33 -1.32
CA GLN C 626 -25.10 37.05 -1.98
C GLN C 626 -24.18 37.72 -1.00
N THR C 627 -24.56 37.90 0.27
CA THR C 627 -23.69 38.49 1.19
C THR C 627 -24.00 37.84 2.54
N GLU C 628 -23.09 37.98 3.45
CA GLU C 628 -23.21 37.28 4.75
C GLU C 628 -24.44 37.74 5.55
N GLU C 629 -24.88 38.98 5.31
CA GLU C 629 -26.11 39.48 5.95
C GLU C 629 -27.35 38.64 5.60
N ASP C 630 -27.41 38.09 4.38
CA ASP C 630 -28.47 37.19 3.98
C ASP C 630 -28.52 35.97 4.84
N ALA C 631 -27.36 35.46 5.22
CA ALA C 631 -27.32 34.32 6.13
C ALA C 631 -27.75 34.71 7.58
N PHE C 632 -27.33 35.89 8.02
CA PHE C 632 -27.79 36.42 9.31
C PHE C 632 -29.33 36.49 9.38
N MET C 633 -29.91 37.02 8.31
CA MET C 633 -31.32 37.22 8.24
C MET C 633 -32.07 35.90 8.13
N ASP C 634 -31.56 34.95 7.32
CA ASP C 634 -32.16 33.66 7.23
C ASP C 634 -32.06 32.83 8.49
N GLY C 635 -30.99 33.01 9.26
CA GLY C 635 -30.71 32.18 10.42
C GLY C 635 -31.09 32.86 11.73
N TYR C 636 -30.19 33.67 12.26
CA TYR C 636 -30.39 34.37 13.54
C TYR C 636 -31.75 35.09 13.61
N ASN C 637 -32.02 36.00 12.69
CA ASN C 637 -33.20 36.84 12.75
C ASN C 637 -34.52 36.04 12.75
N LYS C 638 -34.57 34.89 12.07
CA LYS C 638 -35.72 34.06 11.98
C LYS C 638 -35.73 33.00 13.02
N ASN C 639 -34.60 32.67 13.62
CA ASN C 639 -34.56 31.53 14.57
C ASN C 639 -34.24 31.84 16.03
N ALA C 640 -33.50 32.90 16.30
CA ALA C 640 -33.07 33.15 17.67
C ALA C 640 -34.24 33.76 18.44
N HIS C 641 -34.27 33.54 19.75
CA HIS C 641 -35.18 34.24 20.66
C HIS C 641 -34.86 35.72 20.62
N GLY C 642 -35.87 36.54 20.29
CA GLY C 642 -35.69 37.98 20.19
C GLY C 642 -35.12 38.37 18.83
N GLY C 643 -34.91 37.39 17.95
CA GLY C 643 -34.31 37.66 16.65
C GLY C 643 -34.96 38.77 15.88
N GLU C 644 -36.29 38.87 15.92
CA GLU C 644 -36.99 39.96 15.22
C GLU C 644 -36.54 41.39 15.63
N PHE C 645 -35.96 41.55 16.80
CA PHE C 645 -35.43 42.85 17.24
C PHE C 645 -34.05 43.25 16.69
N VAL C 646 -33.35 42.30 16.05
CA VAL C 646 -31.92 42.47 15.77
C VAL C 646 -31.70 42.53 14.27
N THR C 647 -31.03 43.61 13.86
CA THR C 647 -30.60 43.74 12.49
C THR C 647 -29.19 44.33 12.50
N TYR C 648 -28.48 44.20 11.37
CA TYR C 648 -27.12 44.80 11.29
C TYR C 648 -27.15 46.31 11.63
N GLU C 649 -28.09 47.00 11.05
CA GLU C 649 -28.19 48.45 11.26
C GLU C 649 -28.40 48.83 12.77
N ARG C 650 -29.28 48.08 13.43
CA ARG C 650 -29.52 48.28 14.82
C ARG C 650 -28.35 47.87 15.66
N LEU C 651 -27.72 46.74 15.31
CA LEU C 651 -26.50 46.36 16.07
C LEU C 651 -25.40 47.39 15.88
N SER C 652 -25.29 47.88 14.68
CA SER C 652 -24.22 48.83 14.40
C SER C 652 -24.35 50.08 15.27
N ALA C 653 -25.60 50.60 15.36
CA ALA C 653 -25.89 51.80 16.16
C ALA C 653 -25.53 51.57 17.63
N MET C 654 -25.59 50.33 18.10
CA MET C 654 -25.23 50.04 19.48
C MET C 654 -23.74 49.96 19.78
N GLY C 655 -22.93 49.94 18.72
CA GLY C 655 -21.48 49.90 18.86
C GLY C 655 -20.95 48.64 19.51
N THR C 656 -19.79 48.78 20.16
CA THR C 656 -19.10 47.66 20.71
C THR C 656 -19.71 47.19 22.01
N ASN C 657 -20.58 48.00 22.62
CA ASN C 657 -21.32 47.48 23.80
C ASN C 657 -22.49 46.56 23.45
N GLY C 658 -22.96 46.63 22.21
CA GLY C 658 -24.00 45.72 21.73
C GLY C 658 -25.21 45.65 22.68
N PHE C 659 -25.69 44.44 22.97
CA PHE C 659 -26.76 44.22 23.95
C PHE C 659 -26.60 42.78 24.42
N GLN C 660 -27.14 42.46 25.58
CA GLN C 660 -27.12 41.09 26.09
C GLN C 660 -28.32 40.26 25.61
N GLU C 661 -28.06 39.08 25.06
CA GLU C 661 -29.11 38.27 24.51
C GLU C 661 -29.81 37.55 25.65
N PRO C 662 -31.11 37.22 25.52
CA PRO C 662 -31.92 37.46 24.35
C PRO C 662 -32.41 38.88 24.29
N ALA C 663 -32.62 39.41 23.09
CA ALA C 663 -33.27 40.70 22.95
C ALA C 663 -34.72 40.51 23.38
N THR C 664 -35.24 41.50 24.08
CA THR C 664 -36.67 41.47 24.50
C THR C 664 -37.49 42.56 23.86
N GLY C 665 -36.85 43.55 23.28
CA GLY C 665 -37.58 44.57 22.56
C GLY C 665 -36.66 45.54 21.89
N PHE C 666 -37.25 46.55 21.24
CA PHE C 666 -36.51 47.59 20.63
C PHE C 666 -37.25 48.91 20.82
N THR C 667 -36.59 49.89 21.44
CA THR C 667 -37.15 51.24 21.68
C THR C 667 -36.09 52.31 21.57
N ASP C 668 -36.44 53.42 20.93
CA ASP C 668 -35.61 54.61 20.94
C ASP C 668 -34.22 54.27 20.47
N GLY C 669 -34.12 53.55 19.35
CA GLY C 669 -32.82 53.12 18.80
C GLY C 669 -32.01 52.15 19.64
N LYS C 670 -32.61 51.44 20.60
CA LYS C 670 -31.87 50.53 21.45
C LYS C 670 -32.49 49.17 21.47
N ILE C 671 -31.71 48.14 21.16
CA ILE C 671 -32.15 46.77 21.34
C ILE C 671 -32.10 46.53 22.85
N GLU C 672 -33.17 46.04 23.41
CA GLU C 672 -33.21 45.81 24.82
C GLU C 672 -32.89 44.38 25.07
N GLY C 673 -32.04 44.17 26.07
CA GLY C 673 -31.53 42.86 26.35
C GLY C 673 -31.78 42.35 27.74
N THR C 674 -31.03 41.34 28.12
CA THR C 674 -31.26 40.53 29.26
C THR C 674 -29.95 40.41 29.99
N GLN C 675 -29.82 41.08 31.13
CA GLN C 675 -28.54 41.14 31.84
C GLN C 675 -28.16 39.83 32.52
N ARG C 676 -29.13 39.12 33.02
CA ARG C 676 -28.90 37.86 33.75
C ARG C 676 -30.02 36.93 33.45
N LEU C 677 -29.76 35.64 33.47
CA LEU C 677 -30.81 34.68 33.19
C LEU C 677 -31.31 34.22 34.52
N TYR C 678 -32.51 33.63 34.50
CA TYR C 678 -33.05 32.93 35.64
C TYR C 678 -33.36 33.86 36.88
N THR C 679 -33.55 35.13 36.65
CA THR C 679 -33.72 36.06 37.75
C THR C 679 -35.06 35.82 38.43
N ASP C 680 -36.05 35.38 37.66
CA ASP C 680 -37.32 34.93 38.23
C ASP C 680 -37.33 33.52 38.79
N GLY C 681 -36.19 32.82 38.91
CA GLY C 681 -36.22 31.44 39.41
C GLY C 681 -36.84 30.36 38.53
N VAL C 682 -37.16 30.71 37.29
CA VAL C 682 -37.72 29.76 36.30
C VAL C 682 -36.62 29.19 35.37
N PHE C 683 -36.31 27.91 35.50
CA PHE C 683 -35.20 27.31 34.78
C PHE C 683 -35.66 26.61 33.52
N SER C 684 -34.72 26.06 32.76
CA SER C 684 -34.95 25.67 31.39
C SER C 684 -35.33 24.22 31.37
N THR C 685 -36.48 23.86 31.94
CA THR C 685 -36.97 22.48 32.04
C THR C 685 -38.44 22.63 31.78
N ASP C 686 -39.14 21.53 31.53
CA ASP C 686 -40.56 21.59 31.15
C ASP C 686 -41.42 22.20 32.24
N ASP C 687 -41.08 21.91 33.50
CA ASP C 687 -41.82 22.43 34.64
C ASP C 687 -41.19 23.66 35.30
N GLY C 688 -40.06 24.17 34.78
CA GLY C 688 -39.44 25.38 35.31
C GLY C 688 -38.61 25.19 36.52
N LYS C 689 -38.46 23.97 37.03
CA LYS C 689 -37.63 23.80 38.24
C LYS C 689 -36.21 23.32 37.86
N ALA C 690 -35.20 23.72 38.61
CA ALA C 690 -33.88 23.15 38.37
C ALA C 690 -33.87 21.77 39.03
N ARG C 691 -33.01 20.90 38.54
CA ARG C 691 -32.69 19.64 39.13
C ARG C 691 -31.36 19.75 39.77
N PHE C 692 -31.20 19.06 40.90
CA PHE C 692 -29.84 18.78 41.45
C PHE C 692 -29.39 17.49 40.81
N MET C 693 -28.10 17.18 40.97
CA MET C 693 -27.60 15.89 40.41
C MET C 693 -26.98 15.04 41.50
N ASP C 694 -27.43 13.79 41.54
CA ASP C 694 -26.90 12.77 42.43
C ASP C 694 -25.74 12.20 41.63
N ALA C 695 -24.55 12.59 42.01
CA ALA C 695 -23.34 12.43 41.19
C ALA C 695 -22.15 11.90 42.00
N PRO C 696 -22.24 10.63 42.45
CA PRO C 696 -21.20 10.06 43.21
C PRO C 696 -19.91 9.90 42.42
N TRP C 697 -18.83 10.17 43.12
CA TRP C 697 -17.46 9.90 42.68
C TRP C 697 -17.33 8.47 42.24
N ARG C 698 -16.70 8.24 41.09
CA ARG C 698 -16.46 6.86 40.67
C ARG C 698 -15.07 6.70 40.08
N GLY C 699 -14.13 7.48 40.60
CA GLY C 699 -12.75 7.48 40.12
C GLY C 699 -12.55 8.11 38.73
N LEU C 700 -11.51 7.66 38.01
CA LEU C 700 -11.22 8.11 36.63
C LEU C 700 -12.18 7.37 35.75
N GLN C 701 -13.09 8.10 35.12
CA GLN C 701 -14.22 7.49 34.44
C GLN C 701 -13.81 6.94 33.06
N ALA C 702 -13.00 7.65 32.29
CA ALA C 702 -12.77 7.30 30.89
C ALA C 702 -11.92 6.03 30.74
N PRO C 703 -12.20 5.22 29.69
CA PRO C 703 -11.48 3.99 29.51
C PRO C 703 -9.99 4.21 29.40
N GLY C 704 -9.25 3.42 30.16
CA GLY C 704 -7.80 3.45 30.06
C GLY C 704 -7.04 4.48 30.90
N LYS C 705 -7.71 5.44 31.50
CA LYS C 705 -6.98 6.51 32.18
C LYS C 705 -6.25 6.05 33.40
N GLN C 706 -6.89 5.27 34.24
CA GLN C 706 -6.14 4.76 35.44
C GLN C 706 -4.90 3.94 35.04
N GLN C 707 -5.06 3.13 34.01
CA GLN C 707 -3.98 2.30 33.52
C GLN C 707 -2.83 3.19 32.99
N GLN C 708 -3.17 4.23 32.22
CA GLN C 708 -2.19 5.15 31.69
C GLN C 708 -1.49 5.87 32.82
N LYS C 709 -2.26 6.33 33.80
CA LYS C 709 -1.62 6.96 34.95
C LYS C 709 -0.66 6.03 35.69
N ASP C 710 -1.08 4.77 35.89
CA ASP C 710 -0.29 3.83 36.67
C ASP C 710 0.95 3.37 35.92
N SER C 711 0.99 3.47 34.59
CA SER C 711 2.12 2.93 33.85
C SER C 711 3.08 3.95 33.35
N HIS C 712 2.86 5.26 33.59
CA HIS C 712 3.83 6.25 33.18
C HIS C 712 4.23 7.16 34.30
N LYS C 713 5.30 7.91 34.08
CA LYS C 713 5.98 8.65 35.11
C LYS C 713 5.35 10.01 35.42
N TYR C 714 4.98 10.74 34.38
CA TYR C 714 4.54 12.12 34.56
C TYR C 714 3.14 12.37 34.11
N LEU C 715 2.46 13.26 34.84
CA LEU C 715 1.26 13.90 34.36
C LEU C 715 1.67 14.84 33.23
N ILE C 716 0.98 14.71 32.09
CA ILE C 716 1.12 15.64 30.97
C ILE C 716 -0.12 16.50 30.88
N ASN C 717 -0.20 17.43 31.83
CA ASN C 717 -1.24 18.44 31.82
C ASN C 717 -0.99 19.28 30.53
N ASN C 718 -1.99 20.00 30.06
CA ASN C 718 -1.91 20.68 28.82
C ASN C 718 -2.98 21.72 28.75
N GLY C 719 -2.76 22.69 27.88
CA GLY C 719 -3.64 23.82 27.75
C GLY C 719 -2.94 24.97 27.08
N ARG C 720 -3.34 26.19 27.46
CA ARG C 720 -2.99 27.37 26.73
C ARG C 720 -1.78 28.09 27.26
N ALA C 721 -1.25 28.93 26.40
CA ALA C 721 -0.28 29.99 26.74
C ALA C 721 -0.88 31.30 26.36
N ASN C 722 -0.65 32.30 27.22
CA ASN C 722 -1.12 33.63 26.96
C ASN C 722 -0.77 34.16 25.56
N VAL C 723 0.49 34.03 25.14
CA VAL C 723 0.97 34.65 23.90
C VAL C 723 0.41 33.94 22.62
N VAL C 724 -0.01 32.69 22.73
CA VAL C 724 -0.35 31.87 21.55
C VAL C 724 -1.86 31.84 21.43
N TRP C 725 -2.38 32.11 20.24
CA TRP C 725 -3.77 31.85 19.94
C TRP C 725 -3.99 30.51 19.22
N GLN C 726 -4.64 29.62 19.96
CA GLN C 726 -5.13 28.35 19.50
C GLN C 726 -3.96 27.50 18.87
N SER C 727 -4.15 26.93 17.67
CA SER C 727 -3.15 26.06 17.02
C SER C 727 -2.12 26.87 16.27
N ALA C 728 -2.04 28.16 16.59
CA ALA C 728 -1.00 29.06 16.07
C ALA C 728 -1.15 29.13 14.59
N TYR C 729 -2.38 28.99 14.11
CA TYR C 729 -2.62 29.13 12.67
C TYR C 729 -2.18 30.46 12.01
N LEU C 730 -2.48 31.54 12.71
CA LEU C 730 -1.97 32.86 12.37
C LEU C 730 -0.61 33.09 13.01
N ASP C 731 -0.41 32.63 14.23
CA ASP C 731 0.83 32.95 14.91
C ASP C 731 2.10 32.34 14.30
N GLN C 732 1.96 31.23 13.54
CA GLN C 732 3.15 30.66 12.91
C GLN C 732 3.78 31.60 11.90
N GLU C 733 3.06 32.61 11.43
CA GLU C 733 3.62 33.63 10.59
C GLU C 733 3.70 35.00 11.33
N ASN C 734 3.87 34.92 12.64
CA ASN C 734 4.04 36.10 13.47
C ASN C 734 5.34 35.95 14.26
N ASP C 735 6.35 36.76 13.89
CA ASP C 735 7.69 36.64 14.49
C ASP C 735 7.68 36.84 16.03
N PHE C 736 6.83 37.76 16.50
CA PHE C 736 6.72 38.04 17.95
C PHE C 736 6.34 36.76 18.66
N VAL C 737 5.38 35.99 18.14
CA VAL C 737 5.04 34.77 18.82
C VAL C 737 6.12 33.72 18.64
N MET C 738 6.49 33.44 17.39
CA MET C 738 7.40 32.33 17.11
C MET C 738 8.79 32.54 17.65
N ASP C 739 9.19 33.82 17.78
CA ASP C 739 10.50 34.18 18.44
C ASP C 739 10.50 33.81 19.93
N ARG C 740 9.33 33.88 20.55
CA ARG C 740 9.22 33.48 21.95
C ARG C 740 9.15 31.95 22.18
N PHE C 741 8.34 31.25 21.37
CA PHE C 741 8.24 29.78 21.50
C PHE C 741 8.33 29.12 20.11
N PRO C 742 9.55 28.88 19.61
CA PRO C 742 9.65 28.13 18.35
C PRO C 742 9.15 26.66 18.48
N TYR C 743 9.32 26.07 19.65
CA TYR C 743 8.77 24.80 19.99
C TYR C 743 7.71 25.01 21.07
N PRO C 744 6.73 24.10 21.18
CA PRO C 744 5.88 24.25 22.35
C PRO C 744 6.73 24.01 23.60
N PHE C 745 6.42 24.71 24.69
CA PHE C 745 7.06 24.42 25.99
C PHE C 745 6.41 23.28 26.71
N ILE C 746 7.20 22.55 27.48
CA ILE C 746 6.72 21.62 28.47
C ILE C 746 7.32 22.11 29.81
N GLU C 747 6.43 22.63 30.68
CA GLU C 747 6.84 23.08 32.01
C GLU C 747 7.19 21.89 32.83
N MET C 748 8.39 21.89 33.41
CA MET C 748 8.82 20.78 34.24
C MET C 748 9.49 21.30 35.50
N ASN C 749 9.18 20.61 36.58
CA ASN C 749 9.81 20.92 37.87
C ASN C 749 11.34 20.78 37.70
N PRO C 750 12.13 21.75 38.23
CA PRO C 750 13.59 21.72 38.04
C PRO C 750 14.28 20.50 38.65
N GLU C 751 13.79 20.00 39.79
CA GLU C 751 14.38 18.79 40.34
C GLU C 751 14.05 17.61 39.42
N ASP C 752 12.83 17.54 38.91
CA ASP C 752 12.51 16.53 37.92
C ASP C 752 13.49 16.59 36.76
N MET C 753 13.77 17.78 36.23
CA MET C 753 14.74 17.92 35.13
C MET C 753 16.11 17.39 35.47
N ALA C 754 16.66 17.84 36.58
CA ALA C 754 17.94 17.36 37.07
C ALA C 754 17.98 15.86 37.25
N GLU C 755 16.98 15.27 37.88
CA GLU C 755 16.98 13.81 38.00
C GLU C 755 16.93 13.07 36.67
N ALA C 756 16.31 13.65 35.66
CA ALA C 756 16.26 13.09 34.30
C ALA C 756 17.44 13.46 33.39
N GLY C 757 18.32 14.35 33.81
CA GLY C 757 19.46 14.71 32.94
C GLY C 757 19.11 15.79 31.92
N LEU C 758 18.00 16.50 32.13
CA LEU C 758 17.50 17.51 31.20
C LEU C 758 17.91 18.88 31.64
N LYS C 759 18.06 19.73 30.66
CA LYS C 759 18.45 21.12 30.84
C LYS C 759 17.47 22.00 30.09
N GLU C 760 17.46 23.28 30.46
CA GLU C 760 16.53 24.20 29.87
C GLU C 760 16.75 24.23 28.37
N GLY C 761 15.65 24.28 27.64
CA GLY C 761 15.68 24.30 26.18
C GLY C 761 15.87 22.93 25.48
N ASP C 762 16.13 21.86 26.23
CA ASP C 762 16.32 20.53 25.64
C ASP C 762 15.06 20.12 24.87
N LEU C 763 15.24 19.50 23.71
CA LEU C 763 14.14 19.02 22.95
C LEU C 763 13.88 17.63 23.44
N VAL C 764 12.68 17.39 23.94
CA VAL C 764 12.28 16.13 24.53
C VAL C 764 11.13 15.49 23.83
N GLU C 765 11.10 14.16 23.94
CA GLU C 765 10.01 13.38 23.46
C GLU C 765 9.14 13.03 24.62
N ILE C 766 7.85 13.31 24.47
CA ILE C 766 6.83 12.77 25.40
C ILE C 766 6.17 11.58 24.67
N TYR C 767 6.01 10.43 25.34
CA TYR C 767 5.49 9.20 24.70
C TYR C 767 4.75 8.33 25.72
N ASN C 768 3.77 7.58 25.23
CA ASN C 768 3.00 6.66 25.99
C ASN C 768 2.31 5.66 25.00
N ASP C 769 1.26 5.00 25.45
CA ASP C 769 0.50 4.01 24.72
C ASP C 769 -0.23 4.63 23.53
N ALA C 770 -0.56 5.91 23.62
CA ALA C 770 -1.26 6.56 22.56
C ALA C 770 -0.38 7.04 21.40
N GLY C 771 0.90 7.35 21.67
CA GLY C 771 1.73 8.03 20.68
C GLY C 771 2.94 8.75 21.26
N ALA C 772 3.43 9.74 20.52
CA ALA C 772 4.62 10.43 20.87
C ALA C 772 4.66 11.76 20.19
N THR C 773 5.43 12.64 20.79
CA THR C 773 5.56 14.03 20.33
C THR C 773 6.78 14.69 20.97
N GLN C 774 7.01 15.95 20.63
CA GLN C 774 8.19 16.68 21.13
C GLN C 774 7.76 17.99 21.77
N ALA C 775 8.60 18.47 22.65
CA ALA C 775 8.48 19.81 23.21
C ALA C 775 9.84 20.25 23.77
N MET C 776 9.95 21.54 24.13
CA MET C 776 11.11 22.13 24.73
C MET C 776 10.97 22.24 26.25
N ALA C 777 11.95 21.72 26.97
CA ALA C 777 11.84 21.69 28.44
C ALA C 777 11.98 23.11 28.96
N TYR C 778 11.03 23.50 29.83
CA TYR C 778 11.00 24.85 30.41
C TYR C 778 10.96 24.72 31.95
N PRO C 779 12.10 24.98 32.58
CA PRO C 779 12.15 24.78 34.03
C PRO C 779 11.21 25.77 34.70
N THR C 780 10.39 25.21 35.59
CA THR C 780 9.22 25.88 36.13
C THR C 780 9.17 25.53 37.60
N PRO C 781 9.84 26.36 38.45
CA PRO C 781 9.95 26.08 39.91
C PRO C 781 8.59 25.88 40.57
N THR C 782 7.53 26.49 40.03
CA THR C 782 6.17 26.24 40.57
C THR C 782 5.51 24.90 40.23
N ALA C 783 6.07 24.15 39.27
CA ALA C 783 5.51 22.88 38.96
C ALA C 783 5.75 21.91 40.12
N ARG C 784 4.75 21.10 40.43
CA ARG C 784 4.89 19.99 41.37
C ARG C 784 5.66 18.85 40.74
N ARG C 785 6.39 18.13 41.56
CA ARG C 785 7.20 17.02 41.03
C ARG C 785 6.27 15.99 40.39
N GLY C 786 6.63 15.52 39.22
CA GLY C 786 5.85 14.51 38.55
C GLY C 786 4.72 15.09 37.71
N GLU C 787 4.55 16.42 37.70
CA GLU C 787 3.50 17.05 36.98
C GLU C 787 4.14 18.03 36.03
N THR C 788 3.85 17.85 34.74
CA THR C 788 4.29 18.76 33.69
C THR C 788 3.07 19.40 33.05
N PHE C 789 3.32 20.47 32.28
CA PHE C 789 2.32 21.11 31.51
C PHE C 789 2.87 21.44 30.12
N MET C 790 2.20 20.92 29.10
CA MET C 790 2.65 21.14 27.73
C MET C 790 1.62 21.98 26.97
N LEU C 791 2.12 23.00 26.29
CA LEU C 791 1.30 23.77 25.44
C LEU C 791 0.62 22.85 24.37
N PHE C 792 -0.70 22.99 24.24
CA PHE C 792 -1.50 22.23 23.29
C PHE C 792 -1.49 22.85 21.91
N GLY C 793 -1.89 22.04 20.94
CA GLY C 793 -2.24 22.54 19.61
C GLY C 793 -1.15 23.09 18.73
N PHE C 794 0.09 22.93 19.13
CA PHE C 794 1.15 23.69 18.53
C PHE C 794 1.81 22.95 17.35
N PRO C 795 2.10 23.67 16.27
CA PRO C 795 2.47 22.98 15.06
C PRO C 795 3.83 22.29 15.15
N THR C 796 4.73 22.78 15.98
CA THR C 796 6.09 22.24 16.05
C THR C 796 6.22 21.25 17.23
N GLY C 797 5.10 20.70 17.68
CA GLY C 797 5.07 19.65 18.72
C GLY C 797 3.64 19.54 19.25
N VAL C 798 2.90 18.55 18.78
CA VAL C 798 1.50 18.44 19.01
C VAL C 798 1.26 17.57 20.25
N GLN C 799 0.71 18.19 21.27
CA GLN C 799 0.45 17.49 22.53
C GLN C 799 -0.58 16.38 22.42
N GLY C 800 -1.55 16.62 21.54
CA GLY C 800 -2.61 15.72 21.19
C GLY C 800 -2.21 14.30 20.83
N ASN C 801 -0.97 14.14 20.34
CA ASN C 801 -0.38 12.83 20.04
C ASN C 801 -0.28 11.86 21.20
N VAL C 802 -0.17 12.36 22.43
CA VAL C 802 -0.05 11.54 23.61
C VAL C 802 -1.35 11.43 24.45
N THR C 803 -2.45 11.98 23.95
CA THR C 803 -3.75 11.84 24.59
C THR C 803 -4.39 10.57 24.04
N SER C 804 -4.95 9.73 24.89
CA SER C 804 -5.67 8.57 24.45
C SER C 804 -6.97 8.91 23.78
N ALA C 805 -7.56 7.87 23.20
CA ALA C 805 -8.86 7.96 22.58
C ALA C 805 -10.02 8.04 23.61
N GLY C 806 -9.69 8.00 24.90
CA GLY C 806 -10.70 7.93 26.01
C GLY C 806 -11.59 9.18 26.16
N THR C 807 -12.89 8.94 26.07
CA THR C 807 -13.92 9.92 26.23
C THR C 807 -14.84 9.39 27.34
N ASN C 808 -15.75 10.25 27.84
CA ASN C 808 -16.83 9.80 28.71
C ASN C 808 -17.96 9.21 27.88
N GLU C 809 -19.09 8.91 28.52
CA GLU C 809 -20.14 8.17 27.84
C GLU C 809 -20.75 8.97 26.69
N LEU C 810 -20.68 10.30 26.83
CA LEU C 810 -21.24 11.19 25.83
C LEU C 810 -20.22 11.67 24.84
N ILE C 811 -19.04 11.04 24.83
CA ILE C 811 -18.00 11.28 23.84
C ILE C 811 -17.32 12.65 24.01
N ILE C 812 -17.16 13.07 25.27
CA ILE C 812 -16.38 14.21 25.63
C ILE C 812 -14.93 13.77 25.81
N PRO C 813 -14.00 14.46 25.13
CA PRO C 813 -12.59 14.09 25.20
C PRO C 813 -11.95 14.51 26.49
N ASN C 814 -11.35 13.55 27.15
CA ASN C 814 -10.74 13.80 28.44
C ASN C 814 -9.26 14.17 28.31
N TYR C 815 -9.00 15.27 27.61
CA TYR C 815 -7.63 15.66 27.34
C TYR C 815 -6.78 15.89 28.57
N LYS C 816 -7.37 16.47 29.62
CA LYS C 816 -6.53 16.91 30.73
C LYS C 816 -5.88 15.78 31.51
N GLN C 817 -6.57 14.65 31.59
CA GLN C 817 -5.99 13.48 32.22
C GLN C 817 -5.17 12.65 31.21
N THR C 818 -3.89 12.97 31.20
CA THR C 818 -2.91 12.32 30.38
C THR C 818 -1.62 12.21 31.14
N TRP C 819 -1.03 11.03 31.06
CA TRP C 819 0.22 10.67 31.67
C TRP C 819 1.11 10.06 30.58
N GLY C 820 2.39 10.37 30.70
CA GLY C 820 3.39 9.90 29.76
C GLY C 820 4.75 9.86 30.35
N ASN C 821 5.68 9.31 29.56
CA ASN C 821 7.12 9.36 29.87
C ASN C 821 7.80 10.42 29.07
N ILE C 822 9.00 10.82 29.46
CA ILE C 822 9.72 11.92 28.82
C ILE C 822 11.17 11.49 28.68
N ARG C 823 11.77 11.68 27.50
CA ARG C 823 13.22 11.40 27.26
C ARG C 823 13.79 12.39 26.26
N LYS C 824 15.09 12.64 26.33
CA LYS C 824 15.73 13.67 25.51
C LYS C 824 15.84 13.21 24.04
N ILE C 825 15.55 14.09 23.12
CA ILE C 825 15.71 13.89 21.70
C ILE C 825 16.98 14.61 21.33
N SER C 826 17.17 15.83 21.81
CA SER C 826 18.33 16.61 21.46
C SER C 826 18.69 17.54 22.63
N ASP C 827 19.99 17.78 22.78
CA ASP C 827 20.49 18.94 23.49
C ASP C 827 19.83 20.22 22.99
N ALA C 828 19.57 21.16 23.90
CA ALA C 828 18.88 22.41 23.53
C ALA C 828 19.31 22.91 22.13
N PRO C 829 18.39 23.04 21.18
CA PRO C 829 18.90 23.50 19.91
C PRO C 829 19.40 24.91 19.92
N ARG C 830 20.22 25.23 18.94
CA ARG C 830 20.75 26.59 18.80
C ARG C 830 19.64 27.59 18.55
N ASN C 831 18.51 27.18 17.97
CA ASN C 831 17.42 28.10 17.70
C ASN C 831 16.62 28.50 18.94
N VAL C 832 16.91 27.95 20.11
CA VAL C 832 16.37 28.47 21.40
C VAL C 832 17.38 29.15 22.34
N ALA C 833 18.56 29.39 21.84
CA ALA C 833 19.59 30.05 22.64
C ALA C 833 19.22 31.44 23.10
N HIS C 834 18.46 32.15 22.28
CA HIS C 834 18.01 33.49 22.55
C HIS C 834 16.83 33.58 23.58
N LEU C 835 16.24 32.47 23.98
CA LEU C 835 15.04 32.50 24.82
C LEU C 835 15.29 32.82 26.28
N SER C 836 14.41 33.61 26.86
CA SER C 836 14.33 33.59 28.31
C SER C 836 13.67 32.32 28.86
N PHE C 837 14.31 31.71 29.85
CA PHE C 837 13.72 30.60 30.60
C PHE C 837 13.31 31.00 32.03
N LYS C 838 13.22 32.31 32.25
CA LYS C 838 12.83 32.86 33.56
C LYS C 838 11.36 32.60 33.89
N SER C 839 11.02 32.79 35.16
CA SER C 839 9.66 32.60 35.60
C SER C 839 8.68 33.57 34.91
N LYS C 840 7.50 33.05 34.62
CA LYS C 840 6.43 33.80 34.08
C LYS C 840 5.70 34.61 35.17
N GLU C 841 6.02 34.37 36.44
CA GLU C 841 5.31 35.06 37.54
C GLU C 841 5.90 36.47 37.78
N TYR C 842 5.05 37.46 37.65
CA TYR C 842 5.32 38.82 38.08
C TYR C 842 5.81 38.81 39.54
N GLN C 843 6.85 39.58 39.76
CA GLN C 843 7.47 39.78 41.05
C GLN C 843 7.31 41.27 41.49
N SER C 844 6.73 41.48 42.67
CA SER C 844 6.67 42.78 43.36
C SER C 844 7.99 43.51 43.53
N ALA D 44 12.82 63.28 5.18
CA ALA D 44 13.65 62.05 5.60
C ALA D 44 12.85 60.77 5.84
N ALA D 45 13.28 59.69 5.19
CA ALA D 45 12.57 58.41 5.22
C ALA D 45 12.54 57.78 6.60
N GLY D 46 13.59 57.99 7.39
CA GLY D 46 13.66 57.44 8.76
C GLY D 46 13.67 58.50 9.84
N VAL D 47 13.34 58.06 11.04
CA VAL D 47 13.48 58.83 12.23
C VAL D 47 14.95 59.24 12.41
N GLU D 48 15.15 60.51 12.75
CA GLU D 48 16.48 61.04 13.00
C GLU D 48 16.73 61.03 14.49
N TYR D 49 17.44 60.01 14.94
CA TYR D 49 17.74 59.91 16.35
C TYR D 49 18.91 60.86 16.71
N PRO D 50 18.83 61.47 17.87
CA PRO D 50 19.99 62.20 18.34
C PRO D 50 20.94 61.25 19.09
N ALA D 51 22.24 61.54 19.03
CA ALA D 51 23.24 60.78 19.78
C ALA D 51 23.48 61.46 21.14
N ASN D 52 22.88 60.95 22.22
CA ASN D 52 22.86 61.67 23.48
C ASN D 52 23.71 60.94 24.50
N ARG D 53 24.57 61.69 25.20
CA ARG D 53 25.29 61.22 26.40
C ARG D 53 24.29 60.85 27.45
N LEU D 54 24.39 59.64 27.97
CA LEU D 54 23.49 59.22 29.03
C LEU D 54 24.23 59.19 30.37
N ALA D 55 25.49 58.78 30.39
CA ALA D 55 26.24 58.55 31.61
C ALA D 55 27.66 58.17 31.26
N ASN D 56 28.46 57.92 32.28
CA ASN D 56 29.78 57.40 32.05
C ASN D 56 29.77 56.04 32.65
N ILE D 57 30.54 55.15 32.03
CA ILE D 57 30.63 53.79 32.50
C ILE D 57 30.94 53.67 33.98
N SER D 58 31.68 54.64 34.51
CA SER D 58 32.06 54.67 35.92
C SER D 58 30.94 54.96 36.86
N GLU D 59 29.80 55.46 36.38
CA GLU D 59 28.66 55.73 37.23
C GLU D 59 27.83 54.50 37.62
N LEU D 60 28.13 53.34 37.01
CA LEU D 60 27.26 52.18 37.11
C LEU D 60 27.74 51.15 38.07
N THR D 61 26.86 50.70 38.96
CA THR D 61 27.12 49.51 39.77
C THR D 61 26.41 48.25 39.19
N LEU D 62 27.09 47.12 39.31
CA LEU D 62 26.52 45.81 39.01
C LEU D 62 25.09 45.72 39.50
N ASN D 63 24.18 45.46 38.59
CA ASN D 63 22.81 45.11 38.90
C ASN D 63 22.02 46.16 39.66
N GLU D 64 22.33 47.40 39.35
CA GLU D 64 21.65 48.53 39.97
C GLU D 64 21.29 49.46 38.84
N PRO D 65 20.00 49.49 38.47
CA PRO D 65 19.59 50.35 37.37
C PRO D 65 19.91 51.79 37.62
N LEU D 66 20.37 52.52 36.62
CA LEU D 66 20.56 53.96 36.70
C LEU D 66 19.50 54.59 35.87
N ASP D 67 18.70 55.50 36.44
CA ASP D 67 17.61 56.17 35.66
C ASP D 67 18.18 57.11 34.61
N VAL D 68 17.60 57.09 33.42
CA VAL D 68 18.04 57.91 32.31
C VAL D 68 16.81 58.21 31.52
N ALA D 69 16.96 58.97 30.47
CA ALA D 69 15.85 59.27 29.59
C ALA D 69 16.37 59.35 28.16
N TYR D 70 15.69 58.65 27.24
CA TYR D 70 16.10 58.67 25.82
C TYR D 70 14.93 58.26 24.95
N PRO D 71 14.66 58.93 23.83
CA PRO D 71 15.52 60.02 23.23
C PRO D 71 15.29 61.47 23.69
N ASP D 72 14.45 61.66 24.69
CA ASP D 72 14.20 62.99 25.24
C ASP D 72 13.76 62.78 26.71
N GLU D 73 13.61 63.89 27.44
CA GLU D 73 13.41 63.81 28.92
C GLU D 73 12.08 63.15 29.32
N ASP D 74 11.09 63.05 28.43
CA ASP D 74 9.84 62.39 28.75
C ASP D 74 9.81 60.85 28.47
N ALA D 75 10.96 60.22 28.26
CA ALA D 75 10.98 58.84 27.82
C ALA D 75 11.93 58.14 28.73
N ALA D 76 11.40 57.80 29.89
CA ALA D 76 12.15 57.18 30.97
C ALA D 76 12.66 55.79 30.61
N GLY D 77 13.90 55.52 30.97
CA GLY D 77 14.41 54.18 31.05
C GLY D 77 15.56 54.09 32.03
N VAL D 78 16.41 53.09 31.82
CA VAL D 78 17.56 52.82 32.67
C VAL D 78 18.74 52.29 31.90
N LEU D 79 19.95 52.54 32.42
CA LEU D 79 21.15 51.80 32.06
C LEU D 79 21.35 50.78 33.13
N LEU D 80 21.91 49.66 32.74
CA LEU D 80 22.05 48.54 33.66
C LEU D 80 23.19 47.68 33.28
N LYS D 81 24.07 47.44 34.24
CA LYS D 81 25.26 46.64 34.07
C LYS D 81 24.94 45.29 34.62
N LEU D 82 25.00 44.27 33.77
CA LEU D 82 24.46 42.96 34.14
C LEU D 82 25.46 41.93 34.62
N GLY D 83 26.73 42.18 34.39
CA GLY D 83 27.75 41.24 34.81
C GLY D 83 27.97 40.09 33.87
N THR D 84 27.29 40.06 32.73
CA THR D 84 27.45 38.94 31.82
C THR D 84 27.16 39.42 30.41
N ARG D 85 27.91 38.91 29.43
CA ARG D 85 27.77 39.36 28.04
C ARG D 85 26.36 39.04 27.51
N VAL D 86 25.66 40.08 27.02
CA VAL D 86 24.30 39.93 26.57
C VAL D 86 24.02 40.75 25.29
N GLU D 87 22.86 40.48 24.71
CA GLU D 87 22.44 41.08 23.48
C GLU D 87 22.29 42.56 23.70
N GLY D 88 22.88 43.31 22.79
CA GLY D 88 22.81 44.76 22.85
C GLY D 88 23.70 45.38 23.92
N GLY D 89 24.54 44.54 24.55
CA GLY D 89 25.31 44.96 25.72
C GLY D 89 26.60 45.62 25.26
N VAL D 90 26.98 46.72 25.91
CA VAL D 90 28.23 47.42 25.63
C VAL D 90 29.22 47.42 26.79
N GLY D 91 30.40 47.99 26.50
CA GLY D 91 31.46 48.15 27.48
C GLY D 91 32.44 47.02 27.41
N PRO D 92 33.49 47.05 28.26
CA PRO D 92 34.47 45.95 28.33
C PRO D 92 33.82 44.59 28.41
N ASP D 93 32.81 44.41 29.27
CA ASP D 93 32.20 43.08 29.48
C ASP D 93 31.01 42.74 28.56
N GLY D 94 30.61 43.68 27.68
CA GLY D 94 29.43 43.53 26.82
C GLY D 94 28.16 43.36 27.63
N ASP D 95 28.14 43.96 28.82
CA ASP D 95 27.10 43.72 29.79
C ASP D 95 26.31 44.96 30.16
N ILE D 96 26.53 46.08 29.49
CA ILE D 96 25.74 47.29 29.77
C ILE D 96 24.61 47.45 28.78
N VAL D 97 23.37 47.53 29.27
CA VAL D 97 22.22 47.65 28.37
C VAL D 97 21.38 48.83 28.74
N GLY D 98 20.64 49.37 27.77
CA GLY D 98 19.65 50.38 28.07
C GLY D 98 18.25 50.06 27.57
N PHE D 99 17.25 50.26 28.41
CA PHE D 99 15.86 50.00 28.04
C PHE D 99 14.97 51.11 28.49
N SER D 100 13.94 51.37 27.68
CA SER D 100 12.75 52.02 28.14
C SER D 100 12.19 51.26 29.34
N THR D 101 11.72 51.98 30.38
CA THR D 101 11.10 51.36 31.56
C THR D 101 9.64 51.67 31.71
N ILE D 102 9.04 52.05 30.61
CA ILE D 102 7.61 52.23 30.50
C ILE D 102 7.00 51.01 29.73
N CYS D 103 6.09 50.31 30.40
CA CYS D 103 5.48 49.07 29.85
C CYS D 103 4.85 49.34 28.51
N PRO D 104 5.24 48.57 27.51
CA PRO D 104 4.64 48.79 26.19
C PRO D 104 3.17 48.33 26.06
N HIS D 105 2.60 47.75 27.09
CA HIS D 105 1.16 47.45 27.09
C HIS D 105 0.32 48.69 27.38
N LYS D 106 0.33 49.18 28.62
CA LYS D 106 -0.45 50.37 28.94
C LYS D 106 0.36 51.50 29.62
N GLY D 107 1.67 51.39 29.68
CA GLY D 107 2.53 52.49 30.07
C GLY D 107 2.81 52.65 31.55
N PHE D 108 2.46 51.64 32.34
CA PHE D 108 2.79 51.61 33.74
C PHE D 108 4.31 51.50 33.86
N PRO D 109 4.89 52.18 34.86
CA PRO D 109 6.32 52.07 35.05
C PRO D 109 6.71 50.69 35.57
N LEU D 110 7.83 50.19 35.06
CA LEU D 110 8.32 48.90 35.42
C LEU D 110 9.25 48.99 36.60
N SER D 111 9.14 48.04 37.48
CA SER D 111 10.08 47.87 38.54
C SER D 111 11.09 46.79 38.19
N TYR D 112 12.28 46.89 38.77
CA TYR D 112 13.37 45.99 38.55
C TYR D 112 13.53 45.05 39.70
N SER D 113 13.63 43.76 39.43
CA SER D 113 13.90 42.80 40.49
C SER D 113 15.31 42.40 40.28
N ALA D 114 16.15 42.74 41.25
CA ALA D 114 17.54 42.42 41.22
C ALA D 114 17.81 40.93 41.44
N ASP D 115 17.01 40.23 42.22
CA ASP D 115 17.23 38.79 42.41
C ASP D 115 17.06 37.99 41.14
N ASN D 116 16.09 38.36 40.31
CA ASN D 116 15.69 37.71 39.04
C ASN D 116 16.33 38.30 37.81
N LYS D 117 16.76 39.55 37.96
CA LYS D 117 17.13 40.44 36.87
C LYS D 117 16.04 40.49 35.83
N THR D 118 14.86 40.89 36.29
CA THR D 118 13.74 41.07 35.41
C THR D 118 13.11 42.43 35.65
N PHE D 119 12.53 43.00 34.60
CA PHE D 119 11.57 44.09 34.77
C PHE D 119 10.17 43.53 34.90
N ASN D 120 9.40 44.15 35.80
CA ASN D 120 8.11 43.64 36.24
C ASN D 120 7.08 44.74 36.22
N CYS D 121 5.88 44.43 35.73
CA CYS D 121 4.84 45.45 35.52
C CYS D 121 3.65 45.29 36.45
N PRO D 122 3.42 46.33 37.29
CA PRO D 122 2.32 46.23 38.24
C PRO D 122 0.92 46.50 37.62
N GLY D 123 0.87 46.96 36.38
CA GLY D 123 -0.38 47.13 35.68
C GLY D 123 -1.09 45.78 35.52
N HIS D 124 -0.52 44.93 34.68
CA HIS D 124 -1.13 43.63 34.39
C HIS D 124 -0.17 42.43 34.30
N PHE D 125 0.93 42.51 35.03
CA PHE D 125 1.77 41.40 35.43
C PHE D 125 2.82 40.95 34.43
N SER D 126 3.13 41.81 33.44
CA SER D 126 4.15 41.49 32.46
C SER D 126 5.53 41.42 33.11
N VAL D 127 6.40 40.57 32.56
CA VAL D 127 7.77 40.38 32.94
C VAL D 127 8.64 40.45 31.68
N PHE D 128 9.72 41.24 31.70
CA PHE D 128 10.63 41.39 30.56
C PHE D 128 12.04 41.00 31.00
N ASP D 129 12.77 40.31 30.13
CA ASP D 129 14.06 39.79 30.52
C ASP D 129 15.19 40.65 29.90
N PRO D 130 15.85 41.50 30.71
CA PRO D 130 16.87 42.36 30.10
C PRO D 130 18.17 41.61 29.75
N GLU D 131 18.37 40.42 30.30
CA GLU D 131 19.45 39.54 29.85
C GLU D 131 19.22 38.83 28.48
N LYS D 132 18.03 39.01 27.86
CA LYS D 132 17.68 38.41 26.59
C LYS D 132 16.99 39.43 25.69
N GLY D 133 17.66 40.56 25.48
CA GLY D 133 17.16 41.61 24.61
C GLY D 133 15.83 42.23 24.99
N GLY D 134 15.45 42.16 26.27
CA GLY D 134 14.16 42.69 26.68
C GLY D 134 13.01 41.75 26.33
N GLN D 135 13.29 40.46 26.08
CA GLN D 135 12.21 39.56 25.70
C GLN D 135 11.12 39.55 26.78
N GLN D 136 9.86 39.71 26.35
CA GLN D 136 8.76 39.51 27.31
C GLN D 136 8.71 38.03 27.72
N VAL D 137 8.97 37.75 28.96
CA VAL D 137 8.88 36.39 29.51
C VAL D 137 7.44 35.87 29.52
N TRP D 138 6.54 36.77 29.85
CA TRP D 138 5.11 36.55 30.01
C TRP D 138 4.53 37.96 30.02
N GLY D 139 3.38 38.21 29.42
CA GLY D 139 2.85 39.56 29.47
C GLY D 139 1.87 39.89 28.39
N GLN D 140 1.38 41.13 28.51
CA GLN D 140 0.34 41.62 27.67
C GLN D 140 0.77 42.54 26.61
N ALA D 141 2.03 42.93 26.56
CA ALA D 141 2.52 43.77 25.47
C ALA D 141 2.67 42.90 24.18
N THR D 142 2.54 43.53 23.03
CA THR D 142 2.86 42.88 21.77
C THR D 142 4.24 43.24 21.26
N GLN D 143 5.04 43.80 22.16
CA GLN D 143 6.42 44.19 21.87
C GLN D 143 7.30 43.68 22.96
N ASN D 144 8.51 43.32 22.58
CA ASN D 144 9.54 43.14 23.55
C ASN D 144 10.06 44.52 23.94
N LEU D 145 10.74 44.59 25.03
CA LEU D 145 11.00 45.92 25.68
C LEU D 145 11.95 46.73 24.81
N PRO D 146 11.53 47.93 24.39
CA PRO D 146 12.41 48.80 23.59
C PRO D 146 13.77 48.98 24.23
N GLN D 147 14.81 48.79 23.43
CA GLN D 147 16.18 48.71 23.83
C GLN D 147 16.99 49.73 23.05
N TYR D 148 17.89 50.39 23.77
CA TYR D 148 18.67 51.46 23.16
C TYR D 148 19.87 50.87 22.44
N VAL D 149 20.19 51.52 21.34
CA VAL D 149 21.43 51.27 20.62
C VAL D 149 22.58 52.13 21.30
N LEU D 150 23.42 51.49 22.09
CA LEU D 150 24.46 52.15 22.87
C LEU D 150 25.86 52.04 22.25
N ARG D 151 26.68 53.01 22.63
CA ARG D 151 28.04 53.22 22.14
C ARG D 151 28.82 53.78 23.33
N VAL D 152 29.91 53.13 23.72
CA VAL D 152 30.86 53.66 24.72
C VAL D 152 32.01 54.39 24.01
N ALA D 153 32.17 55.68 24.29
CA ALA D 153 33.26 56.50 23.70
C ALA D 153 34.64 56.11 24.30
N ASP D 154 35.72 56.65 23.75
CA ASP D 154 37.07 56.37 24.33
C ASP D 154 37.14 56.78 25.82
N ASN D 155 36.52 57.88 26.18
CA ASN D 155 36.47 58.27 27.60
C ASN D 155 35.51 57.48 28.52
N GLY D 156 34.86 56.40 28.05
CA GLY D 156 33.82 55.71 28.87
C GLY D 156 32.44 56.39 28.86
N ASP D 157 32.27 57.42 28.05
CA ASP D 157 30.96 58.07 27.94
C ASP D 157 30.05 57.11 27.15
N ILE D 158 28.92 56.77 27.76
CA ILE D 158 27.86 55.95 27.14
C ILE D 158 26.84 56.81 26.43
N PHE D 159 26.75 56.63 25.11
CA PHE D 159 25.77 57.33 24.24
C PHE D 159 24.65 56.35 23.74
N ALA D 160 23.43 56.87 23.60
CA ALA D 160 22.35 56.16 22.96
C ALA D 160 22.17 56.80 21.62
N GLU D 161 21.96 55.99 20.58
CA GLU D 161 21.76 56.50 19.21
C GLU D 161 20.58 55.86 18.48
N GLY D 162 19.67 55.19 19.18
CA GLY D 162 18.53 54.57 18.54
C GLY D 162 17.78 53.71 19.50
N VAL D 163 16.57 53.34 19.12
CA VAL D 163 15.70 52.45 19.93
C VAL D 163 15.08 51.46 18.92
N ASP D 164 14.95 50.20 19.33
CA ASP D 164 14.58 49.09 18.39
C ASP D 164 13.06 48.75 18.27
N GLU D 165 12.23 49.45 19.05
CA GLU D 165 10.78 49.28 19.04
C GLU D 165 10.16 50.62 19.31
N LEU D 166 8.84 50.73 19.17
CA LEU D 166 8.12 51.98 19.40
C LEU D 166 7.87 52.12 20.90
N ILE D 167 8.38 53.22 21.44
CA ILE D 167 8.28 53.52 22.88
C ILE D 167 6.83 53.79 23.20
N TYR D 168 6.33 53.34 24.35
CA TYR D 168 4.95 53.62 24.79
C TYR D 168 4.58 55.08 24.74
N GLY D 169 3.38 55.34 24.31
CA GLY D 169 2.78 56.64 24.38
C GLY D 169 3.34 57.70 23.45
N ARG D 170 4.13 57.30 22.47
CA ARG D 170 4.49 58.18 21.35
C ARG D 170 4.35 57.42 20.02
N LEU D 171 3.89 58.10 18.99
CA LEU D 171 3.66 57.47 17.70
C LEU D 171 4.85 57.65 16.80
N SER D 172 5.85 58.35 17.32
CA SER D 172 7.13 58.45 16.70
C SER D 172 8.11 58.56 17.83
N ASN D 173 9.20 57.84 17.73
CA ASN D 173 10.11 57.73 18.86
C ASN D 173 10.80 59.08 19.09
N VAL D 174 10.98 59.87 18.06
CA VAL D 174 11.51 61.24 18.21
C VAL D 174 10.32 62.13 17.96
N LEU D 175 9.88 62.81 19.00
CA LEU D 175 8.76 63.74 18.93
C LEU D 175 9.24 65.14 18.51
N ALA E 2 10.72 -45.47 3.46
CA ALA E 2 10.58 -45.44 1.99
C ALA E 2 9.14 -45.58 1.63
N PHE E 3 8.73 -44.87 0.59
CA PHE E 3 7.39 -44.95 0.08
C PHE E 3 7.20 -46.28 -0.65
N LYS E 4 6.11 -46.98 -0.35
CA LYS E 4 5.76 -48.25 -0.98
C LYS E 4 4.28 -48.23 -1.29
N ARG E 5 3.88 -48.59 -2.52
CA ARG E 5 2.46 -48.48 -2.95
C ARG E 5 1.57 -49.54 -2.41
N HIS E 6 2.14 -50.67 -2.03
CA HIS E 6 1.36 -51.81 -1.53
C HIS E 6 0.41 -52.30 -2.61
N ILE E 7 0.73 -52.10 -3.89
CA ILE E 7 -0.05 -52.69 -4.97
C ILE E 7 0.60 -54.05 -5.34
N ASP E 8 -0.18 -55.11 -5.06
CA ASP E 8 0.24 -56.53 -4.99
C ASP E 8 -0.03 -57.18 -6.35
N ARG E 9 -0.97 -56.63 -7.09
CA ARG E 9 -1.19 -57.07 -8.42
C ARG E 9 -1.84 -56.02 -9.25
N LEU E 10 -1.62 -56.13 -10.55
CA LEU E 10 -2.23 -55.26 -11.53
C LEU E 10 -3.17 -55.99 -12.52
N PRO E 11 -4.25 -55.33 -12.92
CA PRO E 11 -5.06 -55.81 -14.03
C PRO E 11 -4.18 -56.13 -15.25
N ILE E 12 -4.59 -57.14 -16.01
CA ILE E 12 -3.77 -57.62 -17.14
C ILE E 12 -4.37 -57.03 -18.36
N ILE E 13 -3.52 -56.53 -19.23
CA ILE E 13 -4.02 -55.92 -20.46
C ILE E 13 -4.61 -57.07 -21.31
N PRO E 14 -5.88 -56.99 -21.71
CA PRO E 14 -6.43 -58.06 -22.53
C PRO E 14 -5.91 -58.02 -23.97
N ALA E 15 -6.10 -59.13 -24.70
CA ALA E 15 -5.71 -59.21 -26.11
C ALA E 15 -6.36 -58.18 -27.02
N ASP E 16 -7.60 -57.83 -26.76
CA ASP E 16 -8.31 -56.85 -27.59
C ASP E 16 -8.25 -55.34 -27.04
N ALA E 17 -7.28 -55.03 -26.20
CA ALA E 17 -7.15 -53.66 -25.65
C ALA E 17 -6.88 -52.74 -26.81
N LYS E 18 -7.39 -51.52 -26.74
CA LYS E 18 -7.15 -50.51 -27.76
C LYS E 18 -5.75 -49.92 -27.62
N LYS E 19 -4.97 -49.94 -28.70
CA LYS E 19 -3.60 -49.49 -28.68
C LYS E 19 -3.52 -48.03 -29.20
N HIS E 20 -2.73 -47.21 -28.49
CA HIS E 20 -2.44 -45.81 -28.89
C HIS E 20 -1.01 -45.59 -28.91
N ASN E 21 -0.51 -44.96 -29.96
CA ASN E 21 0.91 -44.53 -29.96
C ASN E 21 1.13 -43.30 -29.07
N VAL E 22 2.16 -43.35 -28.24
CA VAL E 22 2.41 -42.23 -27.28
C VAL E 22 3.88 -41.94 -27.20
N THR E 23 4.27 -40.70 -27.46
CA THR E 23 5.60 -40.25 -27.12
C THR E 23 5.59 -39.80 -25.65
N CYS E 24 6.65 -40.08 -24.94
CA CYS E 24 6.84 -39.58 -23.60
C CYS E 24 6.49 -38.10 -23.55
N HIS E 25 5.71 -37.76 -22.52
CA HIS E 25 5.28 -36.38 -22.23
C HIS E 25 6.43 -35.42 -22.02
N PHE E 26 7.54 -35.97 -21.56
CA PHE E 26 8.63 -35.24 -20.93
C PHE E 26 9.87 -34.87 -21.76
N CYS E 27 11.02 -35.52 -21.54
CA CYS E 27 12.26 -34.95 -22.04
C CYS E 27 12.45 -35.13 -23.56
N ILE E 28 13.41 -34.38 -24.06
CA ILE E 28 13.84 -34.33 -25.44
C ILE E 28 14.00 -35.68 -26.13
N VAL E 29 14.43 -36.70 -25.39
CA VAL E 29 14.66 -38.04 -26.03
C VAL E 29 13.42 -38.55 -26.76
N GLY E 30 12.23 -38.31 -26.21
CA GLY E 30 11.01 -38.62 -26.93
C GLY E 30 10.84 -40.14 -27.07
N CYS E 31 11.09 -40.86 -25.98
CA CYS E 31 10.92 -42.33 -25.93
C CYS E 31 9.56 -42.74 -26.39
N GLY E 32 9.48 -43.87 -27.10
CA GLY E 32 8.22 -44.33 -27.60
C GLY E 32 7.54 -45.22 -26.55
N TYR E 33 6.20 -45.11 -26.48
CA TYR E 33 5.38 -45.86 -25.57
C TYR E 33 4.11 -46.24 -26.27
N HIS E 34 3.36 -47.13 -25.69
CA HIS E 34 1.95 -47.30 -26.11
C HIS E 34 1.03 -47.17 -24.91
N ALA E 35 -0.13 -46.62 -25.14
CA ALA E 35 -1.22 -46.64 -24.15
C ALA E 35 -2.24 -47.66 -24.60
N TYR E 36 -2.44 -48.65 -23.76
CA TYR E 36 -3.49 -49.66 -23.98
C TYR E 36 -4.64 -49.39 -22.99
N THR E 37 -5.83 -49.23 -23.53
CA THR E 37 -7.04 -49.03 -22.73
C THR E 37 -8.11 -50.09 -23.02
N TRP E 38 -8.89 -50.39 -22.01
CA TRP E 38 -9.96 -51.38 -22.12
C TRP E 38 -10.99 -51.14 -21.03
N PRO E 39 -12.25 -51.67 -21.22
CA PRO E 39 -13.32 -51.28 -20.36
C PRO E 39 -13.11 -51.69 -18.90
N ILE E 40 -13.60 -50.80 -18.01
CA ILE E 40 -13.44 -50.94 -16.56
C ILE E 40 -13.86 -52.32 -15.95
N ASN E 41 -14.94 -52.87 -16.49
CA ASN E 41 -15.43 -54.19 -16.04
C ASN E 41 -14.89 -55.39 -16.83
N LYS E 42 -13.84 -55.20 -17.63
CA LYS E 42 -13.08 -56.27 -18.23
C LYS E 42 -11.64 -56.32 -17.81
N GLN E 43 -11.04 -57.47 -18.12
CA GLN E 43 -9.64 -57.66 -17.90
C GLN E 43 -9.09 -58.81 -18.75
N GLY E 44 -7.77 -58.84 -18.90
CA GLY E 44 -7.08 -59.99 -19.50
C GLY E 44 -6.77 -61.06 -18.49
N GLY E 45 -6.14 -62.14 -18.96
CA GLY E 45 -5.90 -63.35 -18.17
C GLY E 45 -4.46 -63.76 -18.35
N THR E 46 -3.99 -64.66 -17.49
CA THR E 46 -2.63 -65.13 -17.57
C THR E 46 -2.35 -66.02 -18.80
N ASP E 47 -3.38 -66.62 -19.42
CA ASP E 47 -3.15 -67.41 -20.63
C ASP E 47 -2.85 -66.51 -21.82
N PRO E 48 -1.87 -66.91 -22.65
CA PRO E 48 -1.38 -66.16 -23.80
C PRO E 48 -2.43 -65.54 -24.69
N GLN E 49 -3.46 -66.32 -25.01
CA GLN E 49 -4.61 -65.82 -25.81
C GLN E 49 -5.53 -64.76 -25.14
N ASN E 50 -5.45 -64.67 -23.81
CA ASN E 50 -6.21 -63.72 -23.02
C ASN E 50 -5.38 -62.45 -22.63
N ASN E 51 -4.17 -62.25 -23.17
CA ASN E 51 -3.48 -61.00 -22.95
C ASN E 51 -2.80 -60.48 -24.19
N ILE E 52 -2.48 -59.18 -24.14
CA ILE E 52 -1.90 -58.46 -25.29
C ILE E 52 -0.52 -59.00 -25.65
N PHE E 53 0.15 -59.69 -24.74
CA PHE E 53 1.49 -60.13 -25.04
C PHE E 53 1.63 -61.52 -25.72
N GLY E 54 0.56 -62.34 -25.76
CA GLY E 54 0.71 -63.80 -26.06
C GLY E 54 1.77 -64.56 -25.24
N VAL E 55 1.85 -64.27 -23.95
CA VAL E 55 2.86 -64.86 -23.03
C VAL E 55 2.03 -65.41 -21.87
N ASP E 56 2.53 -66.44 -21.23
CA ASP E 56 1.83 -67.03 -20.13
C ASP E 56 2.24 -66.24 -18.91
N LEU E 57 1.31 -65.43 -18.39
CA LEU E 57 1.67 -64.54 -17.24
C LEU E 57 1.56 -65.18 -15.90
N SER E 58 1.30 -66.50 -15.81
CA SER E 58 1.45 -67.20 -14.52
C SER E 58 2.89 -67.58 -14.19
N GLU E 59 3.82 -67.20 -15.06
CA GLU E 59 5.24 -67.42 -14.80
C GLU E 59 6.09 -66.17 -14.70
N GLN E 60 7.09 -66.20 -13.82
CA GLN E 60 8.08 -65.15 -13.70
C GLN E 60 8.72 -64.83 -15.04
N GLN E 61 8.55 -63.59 -15.51
CA GLN E 61 9.25 -63.08 -16.67
C GLN E 61 10.73 -62.78 -16.33
N GLN E 62 11.59 -62.85 -17.33
CA GLN E 62 13.03 -62.55 -17.18
C GLN E 62 13.35 -61.08 -17.39
N ALA E 63 14.58 -60.70 -17.14
CA ALA E 63 15.01 -59.33 -17.32
C ALA E 63 14.64 -58.81 -18.69
N GLU E 64 14.31 -57.53 -18.75
CA GLU E 64 13.96 -56.86 -20.00
C GLU E 64 12.75 -57.41 -20.73
N SER E 65 11.81 -57.95 -19.99
CA SER E 65 10.61 -58.45 -20.61
C SER E 65 9.67 -57.33 -21.10
N ASP E 66 9.07 -57.55 -22.25
CA ASP E 66 8.01 -56.75 -22.75
C ASP E 66 6.71 -57.03 -21.98
N ALA E 67 6.64 -58.16 -21.28
CA ALA E 67 5.38 -58.63 -20.69
C ALA E 67 5.28 -58.31 -19.19
N TRP E 68 5.64 -57.08 -18.83
CA TRP E 68 5.55 -56.61 -17.47
C TRP E 68 5.37 -55.10 -17.53
N TYR E 69 4.73 -54.58 -16.49
CA TYR E 69 4.72 -53.13 -16.26
C TYR E 69 4.67 -52.83 -14.77
N SER E 70 5.23 -51.69 -14.39
CA SER E 70 5.23 -51.28 -13.01
C SER E 70 3.90 -50.65 -12.68
N PRO E 71 3.60 -50.55 -11.40
CA PRO E 71 2.33 -49.90 -10.99
C PRO E 71 2.19 -48.44 -11.44
N SER E 72 3.31 -47.74 -11.58
CA SER E 72 3.32 -46.33 -12.04
C SER E 72 2.85 -46.22 -13.50
N MET E 73 2.83 -47.36 -14.23
CA MET E 73 2.38 -47.47 -15.63
C MET E 73 0.92 -47.81 -15.80
N TYR E 74 0.20 -48.01 -14.69
CA TYR E 74 -1.18 -48.38 -14.71
C TYR E 74 -2.02 -47.29 -14.05
N ASN E 75 -3.19 -46.99 -14.61
CA ASN E 75 -4.20 -46.21 -13.90
C ASN E 75 -5.58 -46.57 -14.43
N VAL E 76 -6.60 -45.85 -13.93
CA VAL E 76 -7.93 -45.78 -14.56
C VAL E 76 -8.24 -44.35 -14.95
N VAL E 77 -8.69 -44.15 -16.16
CA VAL E 77 -8.89 -42.77 -16.67
C VAL E 77 -10.19 -42.69 -17.39
N LYS E 78 -10.77 -41.48 -17.51
CA LYS E 78 -11.91 -41.28 -18.40
C LYS E 78 -11.50 -41.26 -19.90
N GLN E 79 -12.26 -42.01 -20.71
CA GLN E 79 -12.10 -42.04 -22.18
C GLN E 79 -13.51 -42.04 -22.75
N ASP E 80 -13.82 -40.99 -23.53
CA ASP E 80 -15.15 -40.73 -24.10
C ASP E 80 -16.25 -40.84 -23.05
N GLY E 81 -15.98 -40.32 -21.85
CA GLY E 81 -16.99 -40.23 -20.84
C GLY E 81 -17.07 -41.49 -20.00
N ARG E 82 -16.26 -42.52 -20.25
CA ARG E 82 -16.32 -43.78 -19.47
C ARG E 82 -15.01 -44.10 -18.87
N ASP E 83 -15.06 -44.74 -17.72
CA ASP E 83 -13.85 -45.12 -17.07
C ASP E 83 -13.29 -46.32 -17.84
N VAL E 84 -11.97 -46.30 -18.09
CA VAL E 84 -11.21 -47.35 -18.69
C VAL E 84 -9.92 -47.62 -17.90
N HIS E 85 -9.48 -48.87 -17.90
CA HIS E 85 -8.14 -49.17 -17.48
C HIS E 85 -7.17 -48.61 -18.53
N VAL E 86 -5.98 -48.23 -18.08
CA VAL E 86 -4.90 -47.79 -18.97
C VAL E 86 -3.57 -48.30 -18.50
N VAL E 87 -2.77 -48.79 -19.45
CA VAL E 87 -1.37 -49.02 -19.22
C VAL E 87 -0.57 -48.20 -20.26
N ILE E 88 0.46 -47.52 -19.76
CA ILE E 88 1.31 -46.67 -20.62
C ILE E 88 2.72 -47.17 -20.39
N LYS E 89 3.21 -47.88 -21.40
CA LYS E 89 4.30 -48.85 -21.29
C LYS E 89 5.28 -48.52 -22.42
N PRO E 90 6.56 -48.61 -22.16
CA PRO E 90 7.50 -48.29 -23.20
C PRO E 90 7.57 -49.35 -24.33
N ASP E 91 7.69 -48.84 -25.55
CA ASP E 91 7.74 -49.62 -26.80
C ASP E 91 9.14 -50.21 -27.09
N HIS E 92 9.26 -51.53 -26.94
CA HIS E 92 10.45 -52.33 -27.35
C HIS E 92 10.91 -52.10 -28.78
N GLU E 93 9.99 -51.80 -29.67
CA GLU E 93 10.30 -51.62 -31.13
C GLU E 93 10.61 -50.16 -31.53
N CYS E 94 10.56 -49.25 -30.58
CA CYS E 94 10.90 -47.86 -30.88
C CYS E 94 12.43 -47.75 -30.90
N VAL E 95 13.00 -47.26 -32.00
CA VAL E 95 14.48 -47.20 -32.12
C VAL E 95 15.10 -46.18 -31.17
N VAL E 96 14.33 -45.19 -30.71
CA VAL E 96 14.92 -44.28 -29.70
C VAL E 96 15.34 -44.97 -28.37
N ASN E 97 14.39 -45.64 -27.73
CA ASN E 97 14.57 -46.18 -26.42
C ASN E 97 14.69 -47.73 -26.38
N SER E 98 14.18 -48.43 -27.41
CA SER E 98 14.27 -49.93 -27.45
C SER E 98 13.64 -50.54 -26.17
N GLY E 99 12.49 -49.97 -25.74
CA GLY E 99 11.82 -50.41 -24.59
C GLY E 99 12.24 -49.86 -23.23
N LEU E 100 13.33 -49.10 -23.14
CA LEU E 100 13.63 -48.35 -21.93
C LEU E 100 12.58 -47.27 -21.66
N GLY E 101 12.20 -47.17 -20.39
CA GLY E 101 11.32 -46.12 -19.87
C GLY E 101 12.05 -45.54 -18.65
N SER E 102 12.32 -44.23 -18.64
CA SER E 102 12.99 -43.59 -17.49
C SER E 102 12.05 -43.54 -16.28
N VAL E 103 12.63 -43.20 -15.14
CA VAL E 103 11.87 -42.93 -13.93
C VAL E 103 10.71 -41.91 -14.10
N ARG E 104 10.85 -41.01 -15.08
CA ARG E 104 9.84 -40.03 -15.37
C ARG E 104 8.82 -40.56 -16.31
N GLY E 105 9.24 -41.07 -17.45
CA GLY E 105 8.26 -41.57 -18.45
C GLY E 105 7.43 -42.75 -17.99
N ALA E 106 8.05 -43.61 -17.20
CA ALA E 106 7.35 -44.76 -16.67
C ALA E 106 6.28 -44.41 -15.64
N ARG E 107 6.24 -43.14 -15.22
CA ARG E 107 5.18 -42.72 -14.32
C ARG E 107 4.12 -41.85 -15.01
N MET E 108 4.05 -41.88 -16.33
CA MET E 108 3.00 -41.18 -17.04
C MET E 108 1.57 -41.56 -16.63
N ALA E 109 1.30 -42.84 -16.46
CA ALA E 109 -0.02 -43.28 -16.12
C ALA E 109 -0.44 -42.75 -14.72
N GLU E 110 0.40 -43.01 -13.78
CA GLU E 110 0.22 -42.62 -12.37
C GLU E 110 0.22 -41.07 -12.15
N THR E 111 0.85 -40.27 -13.02
CA THR E 111 0.67 -38.83 -12.98
C THR E 111 -0.47 -38.34 -13.92
N SER E 112 -1.26 -39.23 -14.50
CA SER E 112 -2.49 -38.88 -15.15
C SER E 112 -3.59 -38.62 -14.09
N PHE E 113 -4.59 -37.85 -14.51
CA PHE E 113 -5.77 -37.56 -13.74
C PHE E 113 -6.65 -38.78 -13.67
N SER E 114 -6.90 -39.24 -12.47
CA SER E 114 -7.92 -40.27 -12.25
C SER E 114 -8.79 -39.92 -11.07
N GLU E 115 -10.09 -39.74 -11.30
CA GLU E 115 -11.06 -39.73 -10.21
C GLU E 115 -11.22 -41.08 -9.53
N ALA E 116 -11.26 -42.17 -10.29
CA ALA E 116 -11.48 -43.48 -9.67
C ALA E 116 -10.35 -43.86 -8.73
N ARG E 117 -9.11 -43.52 -9.11
CA ARG E 117 -7.96 -43.91 -8.27
C ARG E 117 -7.33 -42.74 -7.54
N ASN E 118 -7.95 -41.58 -7.62
CA ASN E 118 -7.51 -40.43 -6.88
C ASN E 118 -6.11 -39.93 -7.22
N THR E 119 -5.72 -39.96 -8.47
CA THR E 119 -4.41 -39.42 -8.84
C THR E 119 -4.56 -38.05 -9.42
N GLN E 120 -3.64 -37.17 -9.03
CA GLN E 120 -3.54 -35.80 -9.56
C GLN E 120 -4.83 -35.02 -9.40
N GLN E 121 -5.40 -35.12 -8.21
CA GLN E 121 -6.61 -34.41 -7.92
C GLN E 121 -6.41 -32.89 -7.86
N GLN E 122 -5.18 -32.44 -7.84
CA GLN E 122 -4.84 -31.00 -8.03
C GLN E 122 -5.14 -30.49 -9.45
N ARG E 123 -5.38 -31.36 -10.43
CA ARG E 123 -5.58 -30.81 -11.79
C ARG E 123 -6.69 -29.83 -11.84
N LEU E 124 -6.56 -28.81 -12.67
CA LEU E 124 -7.59 -27.83 -12.87
C LEU E 124 -8.72 -28.38 -13.72
N THR E 125 -9.93 -28.09 -13.32
CA THR E 125 -11.13 -28.55 -14.00
C THR E 125 -12.01 -27.40 -14.49
N ASP E 126 -11.94 -26.23 -13.88
CA ASP E 126 -12.84 -25.15 -14.23
C ASP E 126 -12.06 -23.80 -14.29
N PRO E 127 -12.49 -22.89 -15.17
CA PRO E 127 -12.02 -21.50 -15.16
C PRO E 127 -12.19 -20.95 -13.77
N LEU E 128 -11.21 -20.21 -13.29
CA LEU E 128 -11.34 -19.53 -11.99
C LEU E 128 -11.19 -18.03 -12.14
N VAL E 129 -11.98 -17.23 -11.43
CA VAL E 129 -11.85 -15.79 -11.40
C VAL E 129 -11.76 -15.32 -9.95
N TRP E 130 -10.89 -14.36 -9.69
CA TRP E 130 -10.80 -13.67 -8.40
C TRP E 130 -12.01 -12.76 -8.24
N ARG E 131 -12.90 -13.15 -7.31
CA ARG E 131 -14.05 -12.34 -7.00
C ARG E 131 -14.62 -12.73 -5.69
N TYR E 132 -15.20 -11.74 -5.04
CA TYR E 132 -15.90 -11.97 -3.75
C TYR E 132 -14.89 -12.35 -2.68
N GLY E 133 -13.62 -12.04 -2.94
CA GLY E 133 -12.57 -12.18 -1.96
C GLY E 133 -11.69 -13.40 -2.03
N GLN E 134 -11.88 -14.22 -3.03
CA GLN E 134 -11.08 -15.43 -3.25
CA GLN E 134 -11.14 -15.47 -3.22
C GLN E 134 -11.28 -15.88 -4.69
N MET E 135 -10.54 -16.87 -5.12
CA MET E 135 -10.75 -17.49 -6.44
C MET E 135 -12.07 -18.29 -6.41
N GLN E 136 -12.84 -18.19 -7.48
CA GLN E 136 -14.13 -18.82 -7.56
C GLN E 136 -14.26 -19.46 -8.97
N PRO E 137 -14.84 -20.66 -9.02
CA PRO E 137 -15.05 -21.29 -10.35
C PRO E 137 -16.21 -20.63 -11.12
N THR E 138 -16.13 -20.73 -12.44
CA THR E 138 -17.12 -20.10 -13.28
C THR E 138 -17.10 -20.81 -14.65
N SER E 139 -17.87 -20.28 -15.58
CA SER E 139 -17.93 -20.80 -16.94
C SER E 139 -16.80 -20.21 -17.85
N TRP E 140 -16.51 -20.90 -18.93
CA TRP E 140 -15.63 -20.38 -19.94
C TRP E 140 -16.06 -19.06 -20.48
N ASP E 141 -17.34 -18.97 -20.76
CA ASP E 141 -17.88 -17.76 -21.35
C ASP E 141 -17.67 -16.55 -20.48
N ASP E 142 -17.84 -16.71 -19.18
CA ASP E 142 -17.63 -15.64 -18.22
C ASP E 142 -16.15 -15.24 -18.13
N ALA E 143 -15.29 -16.21 -17.88
CA ALA E 143 -13.88 -15.95 -17.67
C ALA E 143 -13.23 -15.35 -18.91
N LEU E 144 -13.56 -15.91 -20.08
CA LEU E 144 -12.94 -15.37 -21.37
C LEU E 144 -13.44 -13.99 -21.65
N ASP E 145 -14.73 -13.75 -21.37
CA ASP E 145 -15.28 -12.42 -21.52
C ASP E 145 -14.48 -11.41 -20.69
N LEU E 146 -14.19 -11.76 -19.43
CA LEU E 146 -13.46 -10.88 -18.57
C LEU E 146 -12.03 -10.58 -19.06
N VAL E 147 -11.31 -11.64 -19.41
CA VAL E 147 -9.96 -11.58 -19.92
C VAL E 147 -9.93 -10.68 -21.16
N ALA E 148 -10.83 -10.93 -22.06
CA ALA E 148 -10.87 -10.14 -23.35
C ALA E 148 -11.19 -8.67 -23.11
N ARG E 149 -12.16 -8.41 -22.24
CA ARG E 149 -12.56 -7.04 -21.93
CA ARG E 149 -12.57 -7.04 -22.00
C ARG E 149 -11.45 -6.22 -21.38
N VAL E 150 -10.75 -6.76 -20.38
CA VAL E 150 -9.59 -6.02 -19.77
C VAL E 150 -8.46 -5.89 -20.81
N THR E 151 -8.13 -6.97 -21.50
CA THR E 151 -7.07 -7.01 -22.49
C THR E 151 -7.35 -6.02 -23.58
N ALA E 152 -8.55 -6.03 -24.10
CA ALA E 152 -8.92 -5.14 -25.22
C ALA E 152 -8.88 -3.66 -24.81
N LYS E 153 -9.32 -3.38 -23.58
CA LYS E 153 -9.38 -2.01 -23.11
C LYS E 153 -7.99 -1.45 -22.89
N ILE E 154 -7.14 -2.24 -22.25
CA ILE E 154 -5.76 -1.84 -22.00
C ILE E 154 -4.94 -1.61 -23.27
N VAL E 155 -5.10 -2.55 -24.17
CA VAL E 155 -4.41 -2.49 -25.41
C VAL E 155 -4.98 -1.33 -26.29
N LYS E 156 -6.28 -1.11 -26.29
CA LYS E 156 -6.79 0.04 -27.02
C LYS E 156 -6.34 1.36 -26.40
N GLU E 157 -6.24 1.48 -25.08
CA GLU E 157 -5.79 2.72 -24.47
C GLU E 157 -4.26 2.97 -24.44
N LYS E 158 -3.45 1.93 -24.37
CA LYS E 158 -2.01 2.07 -24.21
C LYS E 158 -1.21 1.39 -25.29
N GLY E 159 -1.84 0.70 -26.24
CA GLY E 159 -1.12 -0.06 -27.26
C GLY E 159 -0.79 -1.48 -26.82
N GLU E 160 -0.46 -2.29 -27.83
CA GLU E 160 -0.07 -3.69 -27.60
C GLU E 160 1.11 -3.90 -26.70
N ASP E 161 1.96 -2.90 -26.55
CA ASP E 161 3.11 -2.99 -25.65
C ASP E 161 2.70 -3.17 -24.18
N ALA E 162 1.48 -2.74 -23.83
CA ALA E 162 0.98 -2.91 -22.46
C ALA E 162 0.58 -4.38 -22.17
N LEU E 163 0.47 -5.21 -23.22
CA LEU E 163 0.25 -6.64 -23.09
C LEU E 163 1.57 -7.34 -23.01
N ILE E 164 1.76 -8.05 -21.90
CA ILE E 164 2.95 -8.84 -21.61
C ILE E 164 2.52 -10.31 -21.72
N VAL E 165 3.35 -11.11 -22.35
CA VAL E 165 3.07 -12.55 -22.51
C VAL E 165 4.28 -13.34 -22.07
N SER E 166 4.00 -14.41 -21.32
CA SER E 166 4.97 -15.42 -21.00
C SER E 166 4.39 -16.74 -21.53
N ALA E 167 5.11 -17.43 -22.40
CA ALA E 167 4.60 -18.69 -22.94
C ALA E 167 5.67 -19.69 -23.25
N PHE E 168 5.34 -20.94 -23.02
CA PHE E 168 6.10 -22.04 -23.62
C PHE E 168 6.37 -21.79 -25.09
N ASP E 169 7.54 -22.22 -25.55
CA ASP E 169 7.84 -22.40 -26.96
C ASP E 169 8.28 -23.80 -27.28
N HIS E 170 8.11 -24.70 -26.34
CA HIS E 170 8.65 -26.04 -26.45
C HIS E 170 7.65 -27.11 -26.99
N GLY E 171 8.15 -28.33 -27.11
CA GLY E 171 7.37 -29.47 -27.59
C GLY E 171 6.95 -30.31 -26.44
N GLY E 172 6.33 -31.43 -26.76
CA GLY E 172 5.82 -32.36 -25.77
C GLY E 172 4.65 -31.80 -25.00
N ALA E 173 4.36 -32.43 -23.88
CA ALA E 173 3.26 -31.96 -23.00
C ALA E 173 3.51 -30.51 -22.57
N GLY E 174 2.50 -29.68 -22.72
CA GLY E 174 2.63 -28.25 -22.40
C GLY E 174 3.29 -27.49 -23.55
N GLY E 175 3.18 -28.07 -24.71
CA GLY E 175 3.75 -27.48 -25.88
C GLY E 175 3.30 -28.22 -27.13
N GLY E 176 4.15 -28.21 -28.17
CA GLY E 176 3.82 -28.92 -29.39
C GLY E 176 3.36 -28.07 -30.51
N TYR E 177 3.34 -28.65 -31.72
CA TYR E 177 3.10 -27.87 -32.90
C TYR E 177 1.76 -27.21 -32.90
N GLU E 178 0.76 -27.93 -32.38
CA GLU E 178 -0.59 -27.40 -32.35
C GLU E 178 -0.60 -26.16 -31.44
N ASN E 179 -0.01 -26.34 -30.27
CA ASN E 179 -0.08 -25.35 -29.18
C ASN E 179 0.87 -24.14 -29.35
N THR E 180 2.09 -24.35 -29.85
CA THR E 180 2.89 -23.21 -30.25
C THR E 180 2.27 -22.39 -31.41
N TRP E 181 1.63 -23.08 -32.36
CA TRP E 181 0.90 -22.39 -33.41
C TRP E 181 -0.26 -21.64 -32.86
N GLY E 182 -1.07 -22.24 -32.00
CA GLY E 182 -2.24 -21.53 -31.51
C GLY E 182 -1.90 -20.20 -30.76
N THR E 183 -0.97 -20.29 -29.85
CA THR E 183 -0.52 -19.12 -29.11
C THR E 183 0.24 -18.12 -30.02
N GLY E 184 1.14 -18.63 -30.84
CA GLY E 184 1.84 -17.77 -31.79
C GLY E 184 0.97 -17.00 -32.74
N LYS E 185 -0.09 -17.65 -33.20
CA LYS E 185 -0.98 -17.01 -34.14
C LYS E 185 -1.71 -15.91 -33.42
N LEU E 186 -2.08 -16.18 -32.17
CA LEU E 186 -2.81 -15.17 -31.41
C LEU E 186 -1.93 -13.91 -31.22
N TYR E 187 -0.69 -14.10 -30.80
CA TYR E 187 0.12 -12.95 -30.38
C TYR E 187 0.99 -12.32 -31.46
N PHE E 188 1.28 -13.07 -32.55
CA PHE E 188 2.15 -12.65 -33.66
C PHE E 188 1.45 -12.47 -34.99
N GLU E 189 0.26 -13.04 -35.18
CA GLU E 189 -0.53 -12.80 -36.36
C GLU E 189 -1.66 -11.86 -36.11
N ALA E 190 -2.57 -12.20 -35.16
CA ALA E 190 -3.67 -11.32 -34.81
C ALA E 190 -3.14 -10.01 -34.22
N MET E 191 -2.06 -10.10 -33.48
CA MET E 191 -1.46 -8.95 -32.80
C MET E 191 -0.01 -8.98 -33.16
N LYS E 192 0.74 -8.00 -32.63
CA LYS E 192 2.18 -7.91 -32.79
C LYS E 192 2.79 -7.65 -31.44
N VAL E 193 2.68 -8.62 -30.55
CA VAL E 193 3.19 -8.49 -29.20
C VAL E 193 4.69 -8.55 -29.21
N LYS E 194 5.29 -7.47 -28.76
CA LYS E 194 6.72 -7.42 -28.59
C LYS E 194 7.18 -7.85 -27.22
N ASN E 195 6.39 -7.56 -26.18
CA ASN E 195 6.85 -7.86 -24.81
C ASN E 195 6.46 -9.25 -24.40
N ILE E 196 7.13 -10.19 -25.08
CA ILE E 196 6.87 -11.60 -24.95
C ILE E 196 8.15 -12.32 -24.54
N ARG E 197 8.02 -13.22 -23.56
CA ARG E 197 9.13 -14.08 -23.21
C ARG E 197 8.72 -15.54 -23.32
N ILE E 198 9.74 -16.36 -23.17
CA ILE E 198 9.65 -17.80 -23.34
C ILE E 198 9.67 -18.40 -21.95
N HIS E 199 9.27 -19.67 -21.85
CA HIS E 199 9.18 -20.29 -20.53
C HIS E 199 10.48 -20.36 -19.74
N ASN E 200 11.65 -20.34 -20.40
CA ASN E 200 12.91 -20.56 -19.67
C ASN E 200 13.87 -19.44 -19.71
N ARG E 201 13.47 -18.33 -20.34
CA ARG E 201 14.37 -17.22 -20.55
C ARG E 201 13.53 -15.95 -20.79
N PRO E 202 14.01 -14.80 -20.29
CA PRO E 202 13.13 -13.64 -20.07
C PRO E 202 12.96 -12.72 -21.25
N ALA E 203 13.19 -13.21 -22.46
CA ALA E 203 13.05 -12.41 -23.68
C ALA E 203 12.76 -13.38 -24.82
N TYR E 204 12.31 -12.87 -25.96
CA TYR E 204 11.97 -13.69 -27.10
C TYR E 204 13.21 -13.87 -27.99
N ASN E 205 14.09 -14.74 -27.54
CA ASN E 205 15.39 -14.97 -28.17
C ASN E 205 15.58 -16.47 -28.42
N SER E 206 16.67 -16.80 -29.10
CA SER E 206 17.12 -18.16 -29.28
C SER E 206 18.15 -18.42 -28.23
N GLU E 207 18.11 -19.63 -27.69
CA GLU E 207 19.16 -20.12 -26.81
C GLU E 207 20.52 -20.16 -27.50
N VAL E 208 20.52 -20.35 -28.81
CA VAL E 208 21.78 -20.65 -29.55
C VAL E 208 21.89 -19.80 -30.80
N HIS E 209 21.82 -18.49 -30.59
CA HIS E 209 22.06 -17.59 -31.68
C HIS E 209 23.47 -17.84 -32.30
N GLY E 210 24.46 -18.25 -31.50
CA GLY E 210 25.82 -18.38 -32.04
C GLY E 210 25.90 -19.44 -33.15
N THR E 211 25.48 -20.66 -32.84
CA THR E 211 25.49 -21.72 -33.86
C THR E 211 24.57 -21.37 -35.01
N ARG E 212 23.42 -20.75 -34.76
CA ARG E 212 22.53 -20.48 -35.88
C ARG E 212 23.09 -19.42 -36.84
N ASP E 213 23.73 -18.40 -36.27
CA ASP E 213 24.33 -17.35 -37.08
C ASP E 213 25.50 -17.93 -37.90
N MET E 214 26.22 -18.91 -37.35
CA MET E 214 27.27 -19.59 -38.05
C MET E 214 26.78 -20.44 -39.23
N GLY E 215 25.48 -20.69 -39.29
CA GLY E 215 24.86 -21.51 -40.33
C GLY E 215 24.62 -22.92 -39.89
N VAL E 216 24.85 -23.22 -38.63
CA VAL E 216 24.64 -24.57 -38.15
C VAL E 216 23.44 -24.68 -37.18
N GLY E 217 22.32 -25.14 -37.70
CA GLY E 217 21.11 -25.49 -36.88
C GLY E 217 21.57 -26.48 -35.81
N GLU E 218 20.99 -26.36 -34.63
CA GLU E 218 21.52 -27.07 -33.43
C GLU E 218 21.16 -28.53 -33.30
N LEU E 219 20.27 -29.02 -34.15
CA LEU E 219 19.89 -30.43 -34.12
C LEU E 219 20.16 -30.97 -35.52
N ASN E 220 21.43 -31.26 -35.74
CA ASN E 220 21.90 -31.55 -37.11
C ASN E 220 22.29 -33.05 -37.35
N ASN E 221 22.29 -33.89 -36.31
CA ASN E 221 22.76 -35.27 -36.44
C ASN E 221 21.64 -36.24 -36.16
N CYS E 222 21.96 -37.49 -35.81
CA CYS E 222 20.96 -38.48 -35.46
C CYS E 222 21.56 -39.19 -34.30
N TYR E 223 20.73 -39.92 -33.57
CA TYR E 223 21.11 -40.56 -32.32
C TYR E 223 22.08 -41.72 -32.59
N GLU E 224 21.98 -42.28 -33.79
CA GLU E 224 22.94 -43.30 -34.24
C GLU E 224 24.33 -42.73 -34.28
N ASP E 225 24.49 -41.43 -34.53
CA ASP E 225 25.83 -40.83 -34.48
C ASP E 225 26.53 -41.00 -33.15
N ALA E 226 25.80 -41.05 -32.04
CA ALA E 226 26.48 -41.33 -30.72
C ALA E 226 26.95 -42.75 -30.58
N GLU E 227 26.39 -43.65 -31.38
CA GLU E 227 26.85 -45.03 -31.46
C GLU E 227 28.11 -45.15 -32.30
N LEU E 228 28.24 -44.29 -33.33
CA LEU E 228 29.26 -44.42 -34.37
C LEU E 228 30.52 -43.59 -34.13
N ALA E 229 30.46 -42.58 -33.23
CA ALA E 229 31.59 -41.70 -32.99
C ALA E 229 32.78 -42.44 -32.44
N ASP E 230 33.99 -41.90 -32.71
CA ASP E 230 35.15 -42.36 -32.03
C ASP E 230 35.23 -41.76 -30.64
N THR E 231 34.90 -40.49 -30.56
CA THR E 231 34.96 -39.74 -29.29
C THR E 231 33.63 -38.94 -29.17
N ILE E 232 33.04 -39.02 -28.00
CA ILE E 232 31.92 -38.15 -27.66
C ILE E 232 32.43 -37.01 -26.79
N VAL E 233 32.14 -35.77 -27.20
CA VAL E 233 32.50 -34.58 -26.38
C VAL E 233 31.17 -34.04 -25.73
N ALA E 234 30.98 -34.25 -24.44
CA ALA E 234 29.69 -33.92 -23.75
C ALA E 234 29.92 -32.69 -22.91
N VAL E 235 29.42 -31.54 -23.32
CA VAL E 235 29.73 -30.31 -22.60
C VAL E 235 28.47 -29.85 -21.80
N GLY E 236 28.56 -29.66 -20.49
CA GLY E 236 27.43 -29.08 -19.75
C GLY E 236 26.13 -29.88 -19.87
N THR E 237 26.29 -31.21 -19.85
CA THR E 237 25.21 -32.18 -19.92
C THR E 237 25.42 -33.11 -18.81
N ASN E 238 24.34 -33.54 -18.21
CA ASN E 238 24.39 -34.62 -17.22
C ASN E 238 23.46 -35.70 -17.76
N ALA E 239 23.78 -36.13 -18.99
CA ALA E 239 22.93 -37.00 -19.82
C ALA E 239 22.30 -38.21 -19.16
N LEU E 240 22.98 -38.88 -18.23
CA LEU E 240 22.29 -40.00 -17.57
C LEU E 240 21.02 -39.58 -16.78
N GLU E 241 21.08 -38.37 -16.19
CA GLU E 241 19.97 -37.81 -15.42
C GLU E 241 18.98 -37.08 -16.31
N THR E 242 19.49 -36.43 -17.36
CA THR E 242 18.70 -35.46 -18.15
C THR E 242 18.39 -35.74 -19.61
N GLN E 243 19.13 -36.66 -20.22
CA GLN E 243 18.79 -37.20 -21.53
C GLN E 243 18.96 -38.73 -21.45
N THR E 244 18.29 -39.31 -20.46
CA THR E 244 18.58 -40.62 -19.92
C THR E 244 18.61 -41.71 -20.96
N ASN E 245 17.53 -41.91 -21.71
CA ASN E 245 17.52 -43.05 -22.63
C ASN E 245 18.33 -42.85 -23.92
N TYR E 246 18.68 -41.60 -24.27
CA TYR E 246 19.67 -41.34 -25.34
C TYR E 246 21.03 -41.85 -24.88
N PHE E 247 21.41 -41.44 -23.69
CA PHE E 247 22.59 -41.93 -23.09
C PHE E 247 22.61 -43.48 -22.98
N LEU E 248 21.55 -44.10 -22.50
CA LEU E 248 21.60 -45.53 -22.17
C LEU E 248 21.45 -46.38 -23.46
N ASN E 249 20.66 -45.95 -24.42
CA ASN E 249 20.39 -46.75 -25.57
C ASN E 249 21.32 -46.42 -26.77
N HIS E 250 22.12 -45.35 -26.70
CA HIS E 250 22.96 -44.97 -27.82
C HIS E 250 24.38 -44.66 -27.40
N TRP E 251 24.62 -43.97 -26.29
CA TRP E 251 25.99 -43.64 -25.95
C TRP E 251 26.67 -44.87 -25.31
N ILE E 252 25.98 -45.49 -24.37
CA ILE E 252 26.54 -46.62 -23.64
C ILE E 252 27.04 -47.76 -24.58
N PRO E 253 26.26 -48.14 -25.61
CA PRO E 253 26.73 -49.17 -26.57
C PRO E 253 28.03 -48.81 -27.23
N ASN E 254 28.18 -47.54 -27.61
CA ASN E 254 29.48 -47.06 -28.06
C ASN E 254 30.58 -47.28 -27.03
N LEU E 255 30.37 -46.84 -25.79
CA LEU E 255 31.40 -46.92 -24.74
C LEU E 255 31.78 -48.34 -24.35
N ARG E 256 30.85 -49.26 -24.57
CA ARG E 256 30.97 -50.63 -24.17
C ARG E 256 31.59 -51.45 -25.30
N GLY E 257 31.60 -50.91 -26.52
CA GLY E 257 32.14 -51.62 -27.69
C GLY E 257 31.13 -52.36 -28.51
N GLU E 258 29.86 -52.31 -28.09
CA GLU E 258 28.81 -53.08 -28.74
C GLU E 258 28.46 -52.60 -30.15
N SER E 259 28.72 -51.31 -30.46
CA SER E 259 28.46 -50.75 -31.78
C SER E 259 29.60 -50.99 -32.82
N LEU E 260 30.71 -51.61 -32.42
CA LEU E 260 31.86 -51.89 -33.31
C LEU E 260 31.51 -52.62 -34.62
N GLY E 261 30.69 -53.67 -34.52
CA GLY E 261 30.20 -54.35 -35.71
C GLY E 261 29.48 -53.36 -36.60
N LYS E 262 28.67 -52.46 -36.02
CA LYS E 262 27.94 -51.43 -36.80
C LYS E 262 28.87 -50.44 -37.45
N LYS E 263 29.85 -49.98 -36.70
CA LYS E 263 30.79 -49.00 -37.20
C LYS E 263 31.56 -49.58 -38.41
N LYS E 264 31.95 -50.85 -38.27
CA LYS E 264 32.77 -51.57 -39.29
C LYS E 264 32.01 -51.79 -40.59
N GLU E 265 30.73 -52.08 -40.44
CA GLU E 265 29.84 -52.19 -41.56
C GLU E 265 29.63 -50.85 -42.23
N LEU E 266 29.27 -49.79 -41.49
CA LEU E 266 29.04 -48.50 -42.18
C LEU E 266 30.34 -47.77 -42.58
N MET E 267 31.44 -48.03 -41.89
CA MET E 267 32.68 -47.25 -42.13
C MET E 267 33.90 -48.21 -42.28
N PRO E 268 33.92 -48.96 -43.39
CA PRO E 268 34.91 -50.07 -43.53
C PRO E 268 36.38 -49.68 -43.75
N GLU E 269 36.65 -48.47 -44.20
CA GLU E 269 37.98 -48.14 -44.68
C GLU E 269 38.79 -47.45 -43.62
N GLU E 270 38.50 -47.72 -42.34
CA GLU E 270 39.14 -46.96 -41.26
C GLU E 270 39.12 -47.73 -39.95
N PRO E 271 40.08 -47.47 -39.06
CA PRO E 271 40.01 -48.21 -37.79
C PRO E 271 38.84 -47.75 -36.83
N HIS E 272 38.42 -48.65 -35.94
CA HIS E 272 37.38 -48.41 -34.96
C HIS E 272 37.77 -49.06 -33.65
N GLU E 273 37.58 -48.30 -32.58
CA GLU E 273 37.70 -48.79 -31.24
C GLU E 273 36.44 -48.35 -30.52
N ALA E 274 36.22 -48.95 -29.36
CA ALA E 274 35.16 -48.54 -28.47
C ALA E 274 35.29 -46.99 -28.21
N GLY E 275 34.13 -46.35 -28.07
CA GLY E 275 34.04 -44.91 -27.92
C GLY E 275 34.75 -44.44 -26.71
N ARG E 276 35.37 -43.29 -26.82
CA ARG E 276 35.88 -42.55 -25.65
C ARG E 276 34.96 -41.35 -25.46
N ILE E 277 35.05 -40.74 -24.29
CA ILE E 277 34.14 -39.64 -23.97
C ILE E 277 34.85 -38.64 -23.12
N ILE E 278 34.72 -37.39 -23.53
CA ILE E 278 35.22 -36.25 -22.78
C ILE E 278 33.95 -35.53 -22.17
N ILE E 279 33.99 -35.34 -20.87
CA ILE E 279 32.91 -34.70 -20.15
C ILE E 279 33.44 -33.39 -19.56
N VAL E 280 32.88 -32.30 -20.06
CA VAL E 280 33.25 -30.96 -19.60
C VAL E 280 32.13 -30.47 -18.65
N ASP E 281 32.41 -30.55 -17.38
CA ASP E 281 31.43 -30.18 -16.33
C ASP E 281 32.24 -29.90 -15.10
N PRO E 282 32.05 -28.75 -14.41
CA PRO E 282 32.73 -28.57 -13.12
C PRO E 282 32.50 -29.59 -12.05
N ARG E 283 31.35 -30.22 -12.12
CA ARG E 283 30.91 -31.19 -11.13
C ARG E 283 31.07 -32.61 -11.65
N ARG E 284 31.47 -33.52 -10.75
CA ARG E 284 31.42 -34.94 -11.06
C ARG E 284 30.00 -35.47 -10.84
N THR E 285 29.42 -35.93 -11.93
CA THR E 285 28.08 -36.41 -11.94
C THR E 285 28.03 -37.90 -11.98
N VAL E 286 26.84 -38.43 -11.72
CA VAL E 286 26.54 -39.84 -11.97
C VAL E 286 26.79 -40.24 -13.45
N THR E 287 26.78 -39.27 -14.37
CA THR E 287 27.02 -39.56 -15.78
C THR E 287 28.54 -39.89 -15.94
N VAL E 288 29.39 -39.10 -15.32
CA VAL E 288 30.80 -39.39 -15.24
C VAL E 288 31.06 -40.80 -14.65
N ASN E 289 30.46 -41.05 -13.51
CA ASN E 289 30.60 -42.35 -12.89
C ASN E 289 30.19 -43.49 -13.82
N ALA E 290 29.07 -43.35 -14.54
CA ALA E 290 28.57 -44.41 -15.37
C ALA E 290 29.49 -44.60 -16.60
N CYS E 291 30.09 -43.52 -17.07
CA CYS E 291 31.00 -43.62 -18.20
C CYS E 291 32.20 -44.49 -17.79
N GLU E 292 32.76 -44.19 -16.63
CA GLU E 292 33.90 -44.90 -16.06
C GLU E 292 33.59 -46.35 -15.88
N GLN E 293 32.45 -46.67 -15.34
CA GLN E 293 32.04 -48.04 -15.10
C GLN E 293 31.79 -48.81 -16.39
N THR E 294 31.48 -48.15 -17.46
CA THR E 294 31.14 -48.84 -18.67
C THR E 294 32.30 -48.90 -19.62
N ALA E 295 33.02 -47.78 -19.78
CA ALA E 295 34.13 -47.66 -20.70
C ALA E 295 35.48 -47.97 -20.10
N GLY E 296 35.59 -47.98 -18.78
CA GLY E 296 36.86 -47.85 -18.07
C GLY E 296 37.40 -46.44 -17.91
N ALA E 297 38.02 -46.13 -16.76
CA ALA E 297 38.52 -44.79 -16.44
C ALA E 297 39.46 -44.23 -17.52
N ASP E 298 40.26 -45.10 -18.15
CA ASP E 298 41.16 -44.68 -19.24
C ASP E 298 40.47 -44.15 -20.48
N ASN E 299 39.19 -44.54 -20.69
CA ASN E 299 38.42 -44.02 -21.78
C ASN E 299 37.45 -42.85 -21.49
N VAL E 300 37.60 -42.29 -20.30
CA VAL E 300 36.74 -41.17 -19.91
C VAL E 300 37.65 -40.05 -19.49
N LEU E 301 37.49 -38.92 -20.12
CA LEU E 301 38.22 -37.76 -19.69
C LEU E 301 37.24 -36.72 -19.07
N HIS E 302 37.17 -36.67 -17.74
CA HIS E 302 36.35 -35.67 -17.05
C HIS E 302 37.15 -34.42 -16.87
N LEU E 303 36.87 -33.44 -17.68
CA LEU E 303 37.44 -32.13 -17.49
C LEU E 303 36.57 -31.28 -16.48
N ALA E 304 36.93 -31.31 -15.22
CA ALA E 304 36.26 -30.56 -14.19
C ALA E 304 36.73 -29.10 -14.20
N ILE E 305 36.34 -28.37 -15.21
CA ILE E 305 36.69 -26.96 -15.30
C ILE E 305 36.15 -26.09 -14.15
N ASN E 306 36.76 -24.92 -13.97
CA ASN E 306 36.19 -23.89 -13.09
C ASN E 306 34.92 -23.48 -13.75
N SER E 307 33.87 -23.32 -12.94
CA SER E 307 32.57 -22.79 -13.46
C SER E 307 32.77 -21.62 -14.43
N GLY E 308 32.12 -21.71 -15.57
CA GLY E 308 32.09 -20.61 -16.48
C GLY E 308 33.32 -20.41 -17.37
N THR E 309 34.23 -21.38 -17.39
CA THR E 309 35.50 -21.21 -18.15
C THR E 309 35.58 -22.07 -19.46
N ASP E 310 34.44 -22.57 -19.92
CA ASP E 310 34.38 -23.42 -21.09
C ASP E 310 35.00 -22.74 -22.33
N LEU E 311 34.74 -21.47 -22.52
CA LEU E 311 35.21 -20.73 -23.69
C LEU E 311 36.76 -20.73 -23.77
N ALA E 312 37.42 -20.66 -22.61
CA ALA E 312 38.86 -20.69 -22.58
C ALA E 312 39.35 -22.05 -23.01
N LEU E 313 38.67 -23.11 -22.53
CA LEU E 313 39.02 -24.48 -22.91
C LEU E 313 38.86 -24.64 -24.39
N PHE E 314 37.70 -24.33 -24.93
CA PHE E 314 37.51 -24.54 -26.35
C PHE E 314 38.44 -23.74 -27.25
N ASN E 315 38.81 -22.54 -26.83
CA ASN E 315 39.67 -21.72 -27.66
C ASN E 315 41.08 -22.33 -27.64
N ALA E 316 41.52 -22.85 -26.52
CA ALA E 316 42.81 -23.54 -26.46
C ALA E 316 42.80 -24.81 -27.32
N LEU E 317 41.71 -25.56 -27.31
CA LEU E 317 41.63 -26.79 -28.07
C LEU E 317 41.66 -26.46 -29.52
N PHE E 318 40.92 -25.42 -29.91
CA PHE E 318 40.84 -24.97 -31.29
C PHE E 318 42.24 -24.52 -31.80
N THR E 319 42.94 -23.79 -30.94
CA THR E 319 44.27 -23.32 -31.21
C THR E 319 45.25 -24.53 -31.43
N TYR E 320 45.21 -25.51 -30.57
CA TYR E 320 46.14 -26.64 -30.60
C TYR E 320 45.91 -27.50 -31.85
N ILE E 321 44.65 -27.85 -32.09
CA ILE E 321 44.24 -28.60 -33.25
C ILE E 321 44.52 -27.90 -34.57
N ALA E 322 44.34 -26.61 -34.62
CA ALA E 322 44.66 -25.84 -35.82
C ALA E 322 46.16 -25.81 -36.09
N ASP E 323 46.94 -25.55 -35.07
CA ASP E 323 48.39 -25.52 -35.14
C ASP E 323 49.01 -26.88 -35.47
N LYS E 324 48.36 -27.99 -35.10
CA LYS E 324 48.82 -29.32 -35.47
C LYS E 324 48.40 -29.64 -36.87
N GLY E 325 47.59 -28.80 -37.49
CA GLY E 325 46.88 -29.18 -38.71
C GLY E 325 45.97 -30.41 -38.59
N TRP E 326 45.49 -30.76 -37.40
CA TRP E 326 44.45 -31.84 -37.26
C TRP E 326 43.01 -31.43 -37.72
N VAL E 327 42.87 -31.00 -38.97
CA VAL E 327 41.65 -30.40 -39.45
C VAL E 327 41.24 -30.97 -40.80
N ASP E 328 40.01 -30.74 -41.21
CA ASP E 328 39.50 -31.25 -42.46
C ASP E 328 39.61 -30.14 -43.47
N ARG E 329 40.76 -30.12 -44.17
CA ARG E 329 41.13 -29.02 -45.04
C ARG E 329 40.17 -28.85 -46.13
N ASP E 330 39.71 -29.96 -46.68
CA ASP E 330 38.75 -29.95 -47.79
C ASP E 330 37.36 -29.44 -47.40
N PHE E 331 36.89 -29.87 -46.22
CA PHE E 331 35.62 -29.33 -45.63
C PHE E 331 35.72 -27.79 -45.43
N ILE E 332 36.84 -27.35 -44.85
CA ILE E 332 37.09 -25.93 -44.69
C ILE E 332 37.06 -25.20 -46.04
N ASP E 333 37.81 -25.73 -47.01
CA ASP E 333 37.91 -25.00 -48.30
C ASP E 333 36.60 -24.99 -49.01
N LYS E 334 35.91 -26.12 -48.99
CA LYS E 334 34.69 -26.31 -49.76
C LYS E 334 33.43 -25.68 -49.08
N SER E 335 33.37 -25.78 -47.75
CA SER E 335 32.10 -25.53 -47.02
C SER E 335 32.06 -24.32 -46.05
N THR E 336 33.18 -23.67 -45.79
CA THR E 336 33.25 -22.60 -44.85
C THR E 336 33.65 -21.32 -45.52
N LEU E 337 33.37 -20.20 -44.84
CA LEU E 337 33.54 -18.88 -45.39
C LEU E 337 35.06 -18.59 -45.55
N ARG E 338 35.47 -18.25 -46.77
CA ARG E 338 36.90 -18.15 -47.03
C ARG E 338 37.51 -16.75 -46.90
N GLU E 339 36.83 -15.69 -47.29
CA GLU E 339 37.36 -14.32 -46.99
C GLU E 339 36.88 -13.79 -45.62
N GLY E 340 37.79 -13.78 -44.66
CA GLY E 340 37.52 -13.15 -43.39
C GLY E 340 37.24 -11.66 -43.56
N THR E 341 36.85 -11.05 -42.47
CA THR E 341 36.38 -9.71 -42.52
C THR E 341 36.93 -9.04 -41.27
N ALA E 342 36.97 -7.71 -41.25
CA ALA E 342 37.67 -7.01 -40.17
C ALA E 342 36.88 -6.97 -38.88
N ARG E 343 37.59 -7.12 -37.77
CA ARG E 343 36.99 -7.02 -36.48
C ARG E 343 36.28 -5.70 -36.27
N PRO E 344 35.14 -5.75 -35.57
CA PRO E 344 34.46 -4.48 -35.26
C PRO E 344 35.28 -3.59 -34.31
N PRO E 345 34.99 -2.30 -34.30
CA PRO E 345 35.85 -1.36 -33.57
C PRO E 345 36.06 -1.59 -32.06
N LEU E 346 35.10 -2.18 -31.37
CA LEU E 346 35.18 -2.41 -29.91
C LEU E 346 35.72 -3.79 -29.56
N TYR E 347 36.08 -4.59 -30.57
CA TYR E 347 36.63 -5.96 -30.31
C TYR E 347 37.93 -5.80 -29.64
N PRO E 348 38.35 -6.73 -28.79
CA PRO E 348 37.68 -7.95 -28.46
C PRO E 348 36.64 -7.87 -27.32
N ALA E 349 36.58 -6.76 -26.58
CA ALA E 349 35.70 -6.72 -25.37
C ALA E 349 34.20 -6.82 -25.75
N ARG E 350 33.81 -6.20 -26.85
CA ARG E 350 32.43 -6.15 -27.30
C ARG E 350 32.39 -6.29 -28.83
N GLY E 351 31.27 -6.81 -29.32
CA GLY E 351 30.99 -6.83 -30.77
C GLY E 351 30.52 -5.55 -31.40
N VAL E 352 30.08 -5.64 -32.64
CA VAL E 352 29.57 -4.47 -33.38
C VAL E 352 28.34 -3.78 -32.71
N SER E 353 27.47 -4.58 -32.09
CA SER E 353 26.40 -4.08 -31.20
C SER E 353 26.01 -5.18 -30.22
N GLU E 354 25.04 -4.89 -29.36
CA GLU E 354 24.50 -5.97 -28.45
C GLU E 354 23.87 -7.14 -29.23
N ALA E 355 23.38 -6.87 -30.44
CA ALA E 355 22.84 -7.91 -31.31
C ALA E 355 23.85 -8.99 -31.70
N ASN E 356 25.13 -8.62 -31.72
CA ASN E 356 26.22 -9.46 -32.28
C ASN E 356 27.43 -9.47 -31.35
N PRO E 357 27.36 -10.31 -30.32
CA PRO E 357 28.45 -10.31 -29.34
C PRO E 357 29.81 -10.89 -29.80
N GLY E 358 29.82 -11.56 -30.93
CA GLY E 358 31.00 -12.25 -31.44
C GLY E 358 31.16 -11.90 -32.91
N HIS E 359 32.29 -12.28 -33.45
CA HIS E 359 32.66 -11.85 -34.77
C HIS E 359 32.76 -13.10 -35.68
N LEU E 360 31.89 -13.18 -36.68
CA LEU E 360 31.85 -14.30 -37.64
C LEU E 360 32.94 -14.06 -38.71
N SER E 361 33.74 -15.09 -39.01
CA SER E 361 34.82 -14.95 -39.99
C SER E 361 35.25 -16.32 -40.55
N SER E 362 36.42 -16.34 -41.20
CA SER E 362 37.01 -17.53 -41.79
C SER E 362 37.72 -18.27 -40.69
N PHE E 363 37.96 -19.55 -40.96
CA PHE E 363 38.79 -20.39 -40.13
C PHE E 363 40.07 -19.73 -39.60
N GLU E 364 40.87 -19.16 -40.49
CA GLU E 364 42.19 -18.64 -40.13
C GLU E 364 42.11 -17.42 -39.23
N ASP E 365 41.21 -16.54 -39.60
CA ASP E 365 40.93 -15.38 -38.81
C ASP E 365 40.42 -15.76 -37.41
N ALA E 366 39.55 -16.76 -37.35
CA ALA E 366 38.98 -17.22 -36.10
C ALA E 366 40.05 -17.84 -35.23
N VAL E 367 40.95 -18.62 -35.84
CA VAL E 367 42.03 -19.26 -35.02
C VAL E 367 42.89 -18.17 -34.35
N GLU E 368 43.20 -17.12 -35.08
CA GLU E 368 44.06 -16.05 -34.54
C GLU E 368 43.31 -15.22 -33.53
N GLY E 369 42.06 -14.90 -33.81
CA GLY E 369 41.18 -14.27 -32.81
C GLY E 369 40.95 -15.05 -31.54
N CYS E 370 40.71 -16.38 -31.66
CA CYS E 370 40.53 -17.26 -30.49
C CYS E 370 41.79 -17.61 -29.78
N ARG E 371 42.94 -17.37 -30.44
CA ARG E 371 44.20 -17.98 -30.04
C ARG E 371 44.42 -17.89 -28.56
N MET E 372 44.65 -19.03 -27.92
CA MET E 372 44.95 -19.07 -26.52
C MET E 372 45.82 -20.28 -26.29
N SER E 373 46.94 -20.08 -25.61
CA SER E 373 47.89 -21.16 -25.35
C SER E 373 47.32 -22.14 -24.37
N ILE E 374 47.96 -23.29 -24.28
CA ILE E 374 47.62 -24.32 -23.32
C ILE E 374 47.81 -23.84 -21.91
N GLU E 375 48.89 -23.09 -21.67
CA GLU E 375 49.25 -22.62 -20.33
C GLU E 375 48.23 -21.58 -19.83
N GLU E 376 47.79 -20.66 -20.69
CA GLU E 376 46.77 -19.67 -20.32
C GLU E 376 45.44 -20.39 -20.00
N ALA E 377 44.98 -21.27 -20.88
CA ALA E 377 43.78 -22.04 -20.65
C ALA E 377 43.86 -22.87 -19.39
N ALA E 378 45.04 -23.43 -19.11
CA ALA E 378 45.17 -24.20 -17.87
C ALA E 378 45.01 -23.30 -16.60
N GLU E 379 45.50 -22.07 -16.67
CA GLU E 379 45.30 -21.09 -15.60
C GLU E 379 43.82 -20.76 -15.36
N ILE E 380 43.12 -20.42 -16.42
CA ILE E 380 41.75 -19.96 -16.31
C ILE E 380 40.85 -21.12 -15.88
N THR E 381 41.05 -22.30 -16.50
CA THR E 381 40.15 -23.42 -16.31
C THR E 381 40.44 -24.16 -15.07
N GLY E 382 41.63 -23.95 -14.54
CA GLY E 382 42.15 -24.80 -13.45
C GLY E 382 42.49 -26.22 -13.88
N LEU E 383 42.30 -26.57 -15.14
CA LEU E 383 42.75 -27.86 -15.61
C LEU E 383 44.32 -27.91 -15.71
N ASP E 384 44.86 -29.12 -15.65
CA ASP E 384 46.29 -29.43 -15.99
C ASP E 384 46.52 -29.27 -17.48
N ALA E 385 47.66 -28.70 -17.90
CA ALA E 385 48.05 -28.68 -19.33
C ALA E 385 47.92 -30.06 -19.99
N ALA E 386 48.26 -31.12 -19.28
CA ALA E 386 48.22 -32.43 -19.90
C ALA E 386 46.80 -32.88 -20.29
N GLN E 387 45.83 -32.45 -19.48
CA GLN E 387 44.43 -32.83 -19.68
C GLN E 387 43.88 -32.17 -20.93
N ILE E 388 44.28 -30.93 -21.16
CA ILE E 388 43.84 -30.17 -22.32
C ILE E 388 44.47 -30.73 -23.59
N ILE E 389 45.75 -31.04 -23.48
CA ILE E 389 46.47 -31.68 -24.59
C ILE E 389 45.83 -33.03 -24.90
N LYS E 390 45.61 -33.86 -23.88
CA LYS E 390 44.94 -35.12 -24.12
C LYS E 390 43.58 -34.94 -24.85
N ALA E 391 42.83 -33.92 -24.45
CA ALA E 391 41.50 -33.66 -25.06
C ALA E 391 41.64 -33.27 -26.50
N ALA E 392 42.63 -32.41 -26.81
CA ALA E 392 42.88 -32.06 -28.20
C ALA E 392 43.20 -33.34 -29.00
N GLU E 393 43.91 -34.27 -28.38
CA GLU E 393 44.26 -35.51 -29.06
C GLU E 393 43.05 -36.38 -29.33
N TRP E 394 42.15 -36.50 -28.33
CA TRP E 394 40.93 -37.31 -28.47
C TRP E 394 39.95 -36.67 -29.40
N ILE E 395 40.16 -35.41 -29.71
CA ILE E 395 39.30 -34.77 -30.67
C ILE E 395 39.85 -34.74 -32.11
N GLY E 396 41.14 -34.43 -32.23
CA GLY E 396 41.72 -33.99 -33.53
C GLY E 396 42.72 -34.96 -34.21
N MET E 397 43.43 -35.73 -33.41
CA MET E 397 44.49 -36.55 -33.90
C MET E 397 43.98 -37.63 -34.83
N PRO E 398 44.59 -37.78 -36.01
CA PRO E 398 44.17 -38.83 -36.93
C PRO E 398 44.26 -40.23 -36.36
N LYS E 399 43.37 -41.10 -36.81
CA LYS E 399 43.46 -42.51 -36.46
C LYS E 399 44.57 -43.14 -37.35
N GLU E 400 45.08 -44.30 -36.98
CA GLU E 400 46.05 -45.00 -37.88
C GLU E 400 45.63 -45.02 -39.39
N GLY E 401 46.59 -44.76 -40.26
CA GLY E 401 46.31 -44.61 -41.69
C GLY E 401 46.01 -43.18 -42.02
N GLY E 402 46.23 -42.28 -41.05
CA GLY E 402 45.73 -40.89 -41.11
C GLY E 402 44.26 -40.69 -41.48
N LYS E 403 43.37 -41.55 -40.99
CA LYS E 403 41.93 -41.31 -41.17
C LYS E 403 41.34 -40.31 -40.07
N ARG E 404 40.43 -39.45 -40.53
CA ARG E 404 39.81 -38.36 -39.72
C ARG E 404 39.15 -38.92 -38.47
N ARG E 405 39.45 -38.40 -37.29
CA ARG E 405 38.68 -38.79 -36.09
C ARG E 405 37.19 -38.23 -36.13
N ARG E 406 36.26 -39.16 -35.93
CA ARG E 406 34.85 -38.88 -35.87
C ARG E 406 34.48 -38.52 -34.44
N VAL E 407 33.93 -37.33 -34.29
CA VAL E 407 33.61 -36.74 -32.95
C VAL E 407 32.22 -36.15 -32.97
N MET E 408 31.38 -36.62 -32.06
CA MET E 408 30.04 -36.03 -31.79
C MET E 408 30.18 -35.07 -30.63
N PHE E 409 29.95 -33.79 -30.91
CA PHE E 409 30.04 -32.76 -29.89
C PHE E 409 28.60 -32.49 -29.40
N GLY E 410 28.36 -32.80 -28.15
CA GLY E 410 27.02 -32.55 -27.60
C GLY E 410 27.05 -31.58 -26.41
N TYR E 411 26.14 -30.62 -26.38
CA TYR E 411 26.15 -29.62 -25.30
C TYR E 411 24.74 -29.35 -24.82
N GLU E 412 24.60 -28.98 -23.54
CA GLU E 412 23.29 -28.51 -23.08
C GLU E 412 23.42 -27.33 -22.13
N LYS E 413 22.72 -27.35 -21.00
CA LYS E 413 22.51 -26.09 -20.19
C LYS E 413 23.73 -25.65 -19.41
N GLY E 414 24.68 -26.54 -19.17
CA GLY E 414 25.99 -26.09 -18.62
C GLY E 414 26.72 -25.12 -19.52
N LEU E 415 26.49 -25.20 -20.82
CA LEU E 415 26.98 -24.23 -21.73
C LEU E 415 25.93 -23.16 -21.99
N ILE E 416 24.71 -23.53 -22.31
CA ILE E 416 23.73 -22.49 -22.76
C ILE E 416 23.41 -21.43 -21.65
N TRP E 417 23.32 -21.88 -20.42
CA TRP E 417 23.10 -21.00 -19.30
C TRP E 417 24.42 -20.70 -18.57
N GLY E 418 25.56 -20.97 -19.23
CA GLY E 418 26.92 -20.75 -18.65
C GLY E 418 27.44 -19.47 -19.26
N ASN E 419 28.66 -19.14 -18.95
CA ASN E 419 29.24 -17.82 -19.22
C ASN E 419 29.35 -17.56 -20.70
N ASP E 420 28.94 -16.38 -21.13
CA ASP E 420 29.18 -15.86 -22.48
C ASP E 420 28.61 -16.80 -23.51
N ASN E 421 27.29 -16.97 -23.44
CA ASN E 421 26.60 -17.96 -24.24
C ASN E 421 27.02 -17.87 -25.72
N TYR E 422 27.03 -16.68 -26.30
CA TYR E 422 27.18 -16.52 -27.76
C TYR E 422 28.59 -17.03 -28.19
N ARG E 423 29.61 -16.68 -27.42
CA ARG E 423 30.98 -16.91 -27.79
C ARG E 423 31.36 -18.31 -27.46
N THR E 424 30.84 -18.83 -26.35
CA THR E 424 31.16 -20.18 -25.92
C THR E 424 30.47 -21.17 -26.89
N ASN E 425 29.22 -20.92 -27.28
CA ASN E 425 28.49 -21.74 -28.29
C ASN E 425 29.36 -21.79 -29.60
N GLY E 426 29.74 -20.60 -30.09
CA GLY E 426 30.57 -20.43 -31.28
C GLY E 426 31.92 -21.14 -31.21
N ALA E 427 32.60 -21.01 -30.08
CA ALA E 427 33.88 -21.69 -29.92
C ALA E 427 33.83 -23.20 -29.97
N LEU E 428 32.69 -23.78 -29.60
CA LEU E 428 32.51 -25.22 -29.64
C LEU E 428 32.16 -25.60 -31.05
N VAL E 429 31.36 -24.78 -31.69
CA VAL E 429 31.03 -25.04 -33.07
C VAL E 429 32.31 -24.97 -33.93
N ASN E 430 33.26 -24.08 -33.60
CA ASN E 430 34.53 -23.91 -34.36
C ASN E 430 35.24 -25.28 -34.42
N LEU E 431 35.25 -26.00 -33.30
CA LEU E 431 35.89 -27.27 -33.24
C LEU E 431 35.29 -28.29 -34.16
N ALA E 432 33.95 -28.37 -34.17
CA ALA E 432 33.28 -29.34 -35.03
C ALA E 432 33.51 -28.98 -36.50
N LEU E 433 33.35 -27.70 -36.84
CA LEU E 433 33.63 -27.24 -38.22
C LEU E 433 35.10 -27.57 -38.64
N ALA E 434 36.07 -27.20 -37.81
CA ALA E 434 37.47 -27.44 -38.13
C ALA E 434 37.71 -28.94 -38.43
N THR E 435 37.04 -29.86 -37.73
CA THR E 435 37.33 -31.28 -37.83
C THR E 435 36.40 -32.01 -38.77
N GLY E 436 35.61 -31.28 -39.55
CA GLY E 436 34.60 -31.87 -40.43
C GLY E 436 33.59 -32.77 -39.76
N ASN E 437 33.21 -32.42 -38.54
CA ASN E 437 32.30 -33.26 -37.83
C ASN E 437 30.89 -32.72 -37.81
N ILE E 438 30.40 -32.33 -38.97
CA ILE E 438 29.02 -31.97 -39.15
C ILE E 438 28.56 -32.54 -40.46
N GLY E 439 27.41 -33.18 -40.43
CA GLY E 439 26.71 -33.76 -41.58
C GLY E 439 27.26 -35.13 -41.98
N ARG E 440 28.11 -35.72 -41.15
CA ARG E 440 28.73 -36.99 -41.45
C ARG E 440 28.45 -37.93 -40.31
N PRO E 441 28.48 -39.27 -40.58
CA PRO E 441 28.32 -40.29 -39.55
C PRO E 441 29.29 -40.12 -38.43
N GLY E 442 28.84 -40.34 -37.19
CA GLY E 442 29.72 -40.27 -36.02
C GLY E 442 30.09 -38.86 -35.61
N GLY E 443 29.44 -37.88 -36.25
CA GLY E 443 29.65 -36.50 -35.95
C GLY E 443 28.42 -35.77 -35.44
N GLY E 444 28.55 -34.44 -35.46
CA GLY E 444 27.50 -33.52 -35.00
C GLY E 444 28.04 -32.54 -33.97
N VAL E 445 27.52 -31.33 -34.03
CA VAL E 445 27.68 -30.35 -32.97
C VAL E 445 26.27 -29.86 -32.59
N VAL E 446 25.73 -30.50 -31.54
CA VAL E 446 24.32 -30.48 -31.27
C VAL E 446 23.98 -30.16 -29.83
N ARG E 447 22.88 -29.46 -29.67
CA ARG E 447 22.12 -29.50 -28.41
C ARG E 447 21.69 -30.87 -28.10
N LEU E 448 21.93 -31.33 -26.89
CA LEU E 448 21.36 -32.57 -26.38
C LEU E 448 19.92 -32.41 -25.96
N GLY E 449 19.50 -31.14 -25.74
CA GLY E 449 18.11 -30.80 -25.56
C GLY E 449 17.58 -30.93 -24.16
N GLY E 450 16.35 -30.43 -24.03
CA GLY E 450 15.64 -30.45 -22.77
C GLY E 450 14.23 -30.99 -22.86
N HIS E 451 13.34 -30.12 -23.34
CA HIS E 451 12.06 -30.57 -23.80
C HIS E 451 12.22 -31.11 -25.22
N GLN E 452 11.19 -31.85 -25.67
CA GLN E 452 11.01 -32.08 -27.10
C GLN E 452 10.76 -30.71 -27.78
N GLU E 453 10.77 -30.69 -29.13
CA GLU E 453 10.65 -29.48 -29.91
C GLU E 453 9.36 -29.58 -30.72
N GLY E 454 8.62 -28.49 -30.80
CA GLY E 454 7.41 -28.46 -31.56
C GLY E 454 6.97 -27.05 -31.87
N TYR E 455 7.86 -26.31 -32.53
CA TYR E 455 7.69 -24.89 -32.69
C TYR E 455 7.29 -24.61 -34.10
N VAL E 456 6.10 -24.06 -34.29
CA VAL E 456 5.75 -23.37 -35.48
C VAL E 456 4.87 -22.15 -35.15
N ARG E 457 5.32 -20.98 -35.58
CA ARG E 457 4.67 -19.72 -35.29
C ARG E 457 4.82 -18.74 -36.44
N PRO E 458 3.99 -17.70 -36.47
CA PRO E 458 4.24 -16.64 -37.42
C PRO E 458 5.57 -15.94 -37.10
N SER E 459 5.98 -15.09 -38.04
CA SER E 459 7.17 -14.33 -37.93
C SER E 459 7.19 -13.56 -36.59
N ASP E 460 8.36 -13.59 -35.97
CA ASP E 460 8.61 -12.82 -34.79
C ASP E 460 9.53 -11.62 -35.08
N ALA E 461 9.56 -11.15 -36.32
CA ALA E 461 10.52 -10.10 -36.71
C ALA E 461 10.38 -8.87 -35.83
N HIS E 462 9.15 -8.56 -35.47
CA HIS E 462 8.84 -7.40 -34.66
C HIS E 462 9.39 -7.43 -33.26
N VAL E 463 9.82 -8.57 -32.70
CA VAL E 463 10.31 -8.54 -31.32
C VAL E 463 11.66 -7.86 -31.17
N GLY E 464 12.42 -7.76 -32.27
CA GLY E 464 13.76 -7.23 -32.22
C GLY E 464 14.83 -8.17 -31.74
N ARG E 465 16.09 -7.74 -31.95
CA ARG E 465 17.26 -8.43 -31.42
C ARG E 465 18.29 -7.42 -31.01
N PRO E 466 18.64 -7.30 -29.73
CA PRO E 466 18.04 -7.99 -28.65
C PRO E 466 16.54 -7.68 -28.44
N ALA E 467 15.84 -8.67 -27.93
CA ALA E 467 14.41 -8.54 -27.62
C ALA E 467 14.26 -7.93 -26.18
N ALA E 468 13.06 -7.54 -25.83
CA ALA E 468 12.81 -6.92 -24.53
C ALA E 468 13.03 -7.89 -23.38
N TYR E 469 13.65 -7.39 -22.33
CA TYR E 469 13.91 -8.12 -21.11
C TYR E 469 12.63 -8.01 -20.24
N VAL E 470 11.72 -8.93 -20.50
CA VAL E 470 10.39 -8.90 -19.93
C VAL E 470 10.35 -8.85 -18.39
N ASP E 471 11.04 -9.71 -17.72
CA ASP E 471 11.01 -9.65 -16.28
C ASP E 471 11.38 -8.25 -15.71
N GLN E 472 12.31 -7.54 -16.37
CA GLN E 472 12.77 -6.22 -15.95
C GLN E 472 11.71 -5.16 -16.21
N LEU E 473 10.96 -5.27 -17.29
CA LEU E 473 9.77 -4.47 -17.43
C LEU E 473 8.77 -4.68 -16.25
N LEU E 474 8.55 -5.94 -15.87
CA LEU E 474 7.57 -6.25 -14.89
C LEU E 474 8.03 -5.74 -13.53
N ILE E 475 9.28 -6.04 -13.18
CA ILE E 475 9.91 -5.58 -11.94
C ILE E 475 9.92 -4.03 -11.83
N GLY E 476 10.05 -3.35 -12.97
CA GLY E 476 10.10 -1.89 -13.06
C GLY E 476 8.77 -1.19 -13.12
N GLY E 477 7.69 -1.98 -12.99
CA GLY E 477 6.35 -1.44 -12.90
C GLY E 477 5.70 -1.18 -14.22
N GLN E 478 6.21 -1.77 -15.28
CA GLN E 478 5.61 -1.58 -16.58
C GLN E 478 4.73 -2.74 -17.01
N GLY E 479 3.95 -2.44 -18.03
CA GLY E 479 2.97 -3.39 -18.57
C GLY E 479 1.68 -3.34 -17.74
N GLY E 480 0.61 -3.76 -18.36
CA GLY E 480 -0.69 -3.75 -17.75
C GLY E 480 -1.40 -5.04 -17.57
N VAL E 481 -1.32 -5.89 -18.60
CA VAL E 481 -1.97 -7.21 -18.57
C VAL E 481 -0.90 -8.26 -18.88
N HIS E 482 -0.89 -9.37 -18.17
CA HIS E 482 0.07 -10.45 -18.38
C HIS E 482 -0.70 -11.74 -18.62
N HIS E 483 -0.48 -12.36 -19.79
CA HIS E 483 -0.95 -13.71 -20.04
C HIS E 483 0.21 -14.67 -19.95
N ILE E 484 0.03 -15.69 -19.10
CA ILE E 484 0.99 -16.71 -18.78
C ILE E 484 0.46 -18.05 -19.25
N TRP E 485 1.21 -18.68 -20.12
CA TRP E 485 0.84 -19.98 -20.64
C TRP E 485 1.92 -21.01 -20.29
N GLY E 486 1.60 -21.96 -19.43
CA GLY E 486 2.43 -23.13 -19.20
C GLY E 486 3.89 -22.91 -18.78
N CYS E 487 4.07 -21.96 -17.86
CA CYS E 487 5.36 -21.72 -17.22
C CYS E 487 5.12 -21.06 -15.89
N ASP E 488 6.07 -21.20 -14.99
CA ASP E 488 5.84 -20.72 -13.61
C ASP E 488 7.06 -20.03 -13.09
N HIS E 489 7.13 -18.74 -13.41
CA HIS E 489 8.34 -17.95 -13.13
C HIS E 489 8.65 -17.95 -11.63
N TYR E 490 7.63 -18.04 -10.78
CA TYR E 490 7.87 -18.14 -9.34
C TYR E 490 8.86 -19.21 -8.91
N LYS E 491 8.92 -20.30 -9.67
CA LYS E 491 9.86 -21.40 -9.45
C LYS E 491 11.09 -21.39 -10.33
N THR E 492 11.07 -20.73 -11.47
CA THR E 492 12.06 -21.02 -12.49
C THR E 492 12.68 -19.85 -13.18
N THR E 493 12.24 -18.63 -12.92
CA THR E 493 12.91 -17.47 -13.51
C THR E 493 14.19 -17.13 -12.76
N LEU E 494 14.95 -16.25 -13.38
CA LEU E 494 16.14 -15.72 -12.73
C LEU E 494 15.68 -14.57 -11.81
N ASN E 495 16.52 -14.24 -10.85
CA ASN E 495 16.28 -13.13 -9.95
C ASN E 495 14.85 -13.30 -9.37
N ALA E 496 14.55 -14.52 -8.92
CA ALA E 496 13.17 -14.89 -8.65
C ALA E 496 12.54 -14.32 -7.35
N HIS E 497 13.39 -13.94 -6.40
CA HIS E 497 12.96 -13.40 -5.14
C HIS E 497 12.43 -12.01 -5.35
N GLU E 498 13.22 -11.18 -5.94
CA GLU E 498 12.74 -9.90 -6.39
C GLU E 498 11.48 -9.96 -7.32
N PHE E 499 11.51 -10.86 -8.30
CA PHE E 499 10.39 -11.00 -9.21
C PHE E 499 9.08 -11.21 -8.40
N LYS E 500 9.14 -12.14 -7.46
CA LYS E 500 8.02 -12.51 -6.64
C LYS E 500 7.54 -11.32 -5.78
N ARG E 501 8.46 -10.51 -5.26
CA ARG E 501 8.07 -9.45 -4.37
C ARG E 501 7.28 -8.43 -5.13
N VAL E 502 7.77 -8.08 -6.30
CA VAL E 502 7.09 -7.14 -7.08
C VAL E 502 5.81 -7.66 -7.69
N TYR E 503 5.82 -8.90 -8.17
CA TYR E 503 4.68 -9.44 -8.88
C TYR E 503 3.47 -9.50 -7.92
N LYS E 504 3.73 -9.95 -6.71
CA LYS E 504 2.76 -9.98 -5.67
C LYS E 504 2.13 -8.61 -5.40
N LYS E 505 2.96 -7.59 -5.26
CA LYS E 505 2.47 -6.23 -5.01
C LYS E 505 1.64 -5.65 -6.12
N ARG E 506 2.07 -5.87 -7.35
CA ARG E 506 1.38 -5.31 -8.45
C ARG E 506 0.07 -6.01 -8.70
N THR E 507 0.05 -7.35 -8.54
CA THR E 507 -1.18 -8.12 -8.72
C THR E 507 -2.15 -7.87 -7.52
N ASP E 508 -1.59 -7.70 -6.31
CA ASP E 508 -2.40 -7.29 -5.14
C ASP E 508 -3.20 -6.01 -5.38
N MET E 509 -2.64 -5.02 -6.05
CA MET E 509 -3.40 -3.82 -6.39
C MET E 509 -4.70 -4.18 -7.14
N VAL E 510 -4.60 -5.08 -8.07
CA VAL E 510 -5.73 -5.36 -8.93
C VAL E 510 -6.72 -6.23 -8.16
N LYS E 511 -6.20 -7.14 -7.37
CA LYS E 511 -7.03 -7.95 -6.48
C LYS E 511 -7.83 -7.08 -5.50
N ASP E 512 -7.15 -6.15 -4.81
CA ASP E 512 -7.87 -5.23 -3.89
C ASP E 512 -8.97 -4.44 -4.62
N ALA E 513 -8.70 -3.97 -5.82
CA ALA E 513 -9.70 -3.27 -6.61
C ALA E 513 -10.90 -4.16 -7.01
N MET E 514 -10.60 -5.39 -7.42
CA MET E 514 -11.61 -6.35 -7.75
C MET E 514 -12.50 -6.82 -6.58
N SER E 515 -11.92 -7.00 -5.38
CA SER E 515 -12.71 -7.40 -4.26
C SER E 515 -13.67 -6.31 -3.85
N ALA E 516 -13.37 -5.05 -4.17
CA ALA E 516 -14.22 -3.93 -3.78
C ALA E 516 -15.22 -3.49 -4.84
N ALA E 517 -15.17 -4.04 -6.04
CA ALA E 517 -16.07 -3.61 -7.11
C ALA E 517 -17.16 -4.67 -7.32
N PRO E 518 -18.28 -4.24 -7.92
CA PRO E 518 -19.36 -5.17 -8.20
C PRO E 518 -19.01 -6.11 -9.40
N TYR E 519 -19.12 -7.43 -9.25
CA TYR E 519 -18.84 -8.36 -10.37
C TYR E 519 -19.98 -8.49 -11.40
N GLY E 520 -21.20 -8.67 -10.86
CA GLY E 520 -22.44 -8.71 -11.62
C GLY E 520 -22.62 -7.52 -12.53
N ASP E 521 -22.10 -6.35 -12.17
CA ASP E 521 -21.87 -5.21 -13.13
C ASP E 521 -20.47 -5.27 -13.81
N ARG E 522 -20.37 -5.96 -14.97
CA ARG E 522 -19.02 -6.33 -15.49
C ARG E 522 -18.27 -5.09 -15.95
N GLU E 523 -19.00 -4.08 -16.41
CA GLU E 523 -18.32 -2.86 -16.86
C GLU E 523 -17.69 -2.14 -15.68
N ALA E 524 -18.38 -2.05 -14.51
CA ALA E 524 -17.73 -1.47 -13.32
C ALA E 524 -16.45 -2.26 -12.90
N MET E 525 -16.51 -3.58 -12.94
CA MET E 525 -15.39 -4.43 -12.57
C MET E 525 -14.22 -4.17 -13.51
N VAL E 526 -14.49 -4.09 -14.83
CA VAL E 526 -13.45 -3.81 -15.81
C VAL E 526 -12.82 -2.49 -15.54
N ASN E 527 -13.65 -1.49 -15.29
CA ASN E 527 -13.13 -0.15 -14.99
C ASN E 527 -12.35 -0.07 -13.75
N ALA E 528 -12.79 -0.76 -12.71
CA ALA E 528 -11.98 -0.75 -11.49
C ALA E 528 -10.56 -1.46 -11.71
N ILE E 529 -10.56 -2.50 -12.52
CA ILE E 529 -9.31 -3.21 -12.83
C ILE E 529 -8.36 -2.27 -13.58
N VAL E 530 -8.90 -1.60 -14.56
CA VAL E 530 -8.07 -0.70 -15.39
C VAL E 530 -7.52 0.50 -14.60
N ASP E 531 -8.32 1.00 -13.65
CA ASP E 531 -7.85 2.08 -12.74
C ASP E 531 -6.65 1.61 -11.93
N ALA E 532 -6.73 0.41 -11.39
CA ALA E 532 -5.62 -0.20 -10.64
C ALA E 532 -4.39 -0.42 -11.54
N ILE E 533 -4.58 -0.95 -12.74
CA ILE E 533 -3.50 -1.01 -13.67
C ILE E 533 -2.89 0.36 -13.94
N ASN E 534 -3.71 1.40 -14.17
CA ASN E 534 -3.19 2.73 -14.47
C ASN E 534 -2.33 3.25 -13.28
N GLN E 535 -2.60 2.80 -12.08
CA GLN E 535 -1.80 3.19 -10.90
C GLN E 535 -0.56 2.36 -10.71
N GLY E 536 -0.33 1.39 -11.58
CA GLY E 536 0.83 0.53 -11.48
C GLY E 536 0.60 -0.94 -11.21
N GLY E 537 -0.67 -1.34 -11.21
CA GLY E 537 -1.01 -2.67 -10.94
C GLY E 537 -0.83 -3.52 -12.19
N LEU E 538 -1.05 -4.82 -12.01
CA LEU E 538 -0.96 -5.79 -13.05
C LEU E 538 -2.13 -6.81 -12.99
N PHE E 539 -2.87 -6.94 -14.09
CA PHE E 539 -3.89 -7.95 -14.27
C PHE E 539 -3.25 -9.17 -14.98
N ALA E 540 -3.40 -10.32 -14.37
CA ALA E 540 -2.67 -11.51 -14.75
C ALA E 540 -3.62 -12.71 -14.95
N VAL E 541 -3.38 -13.42 -16.06
CA VAL E 541 -4.16 -14.56 -16.46
C VAL E 541 -3.24 -15.72 -16.65
N ASN E 542 -3.56 -16.89 -16.06
CA ASN E 542 -2.69 -18.04 -16.09
C ASN E 542 -3.43 -19.19 -16.80
N VAL E 543 -2.81 -19.73 -17.84
CA VAL E 543 -3.28 -20.97 -18.51
C VAL E 543 -2.33 -22.09 -18.12
N ASP E 544 -2.86 -23.04 -17.40
CA ASP E 544 -2.13 -24.13 -16.87
C ASP E 544 -3.04 -25.34 -16.62
N ILE E 545 -2.42 -26.44 -16.13
CA ILE E 545 -3.09 -27.66 -15.75
C ILE E 545 -3.19 -27.91 -14.25
N ILE E 546 -2.41 -27.17 -13.48
CA ILE E 546 -2.50 -27.24 -12.02
C ILE E 546 -2.61 -25.82 -11.45
N PRO E 547 -2.90 -25.69 -10.14
CA PRO E 547 -2.62 -24.44 -9.42
C PRO E 547 -1.15 -24.24 -9.27
N THR E 548 -0.65 -23.21 -9.95
CA THR E 548 0.75 -22.91 -9.98
C THR E 548 1.14 -21.91 -8.87
N LYS E 549 2.44 -21.67 -8.69
CA LYS E 549 2.92 -20.70 -7.69
C LYS E 549 2.60 -19.30 -8.17
N ILE E 550 2.93 -18.99 -9.43
CA ILE E 550 2.61 -17.68 -9.97
C ILE E 550 1.09 -17.53 -10.04
N GLY E 551 0.38 -18.64 -10.17
CA GLY E 551 -1.09 -18.65 -10.19
C GLY E 551 -1.72 -18.06 -8.92
N GLU E 552 -1.04 -18.15 -7.78
CA GLU E 552 -1.49 -17.60 -6.55
C GLU E 552 -1.55 -16.11 -6.64
N ALA E 553 -0.93 -15.48 -7.62
CA ALA E 553 -1.07 -14.00 -7.86
C ALA E 553 -2.00 -13.62 -8.99
N CYS E 554 -2.47 -14.61 -9.76
CA CYS E 554 -3.29 -14.27 -10.90
C CYS E 554 -4.77 -14.09 -10.60
N HIS E 555 -5.43 -13.38 -11.50
CA HIS E 555 -6.83 -13.02 -11.37
C HIS E 555 -7.79 -13.90 -12.13
N VAL E 556 -7.30 -14.55 -13.19
CA VAL E 556 -8.05 -15.51 -13.93
C VAL E 556 -7.19 -16.73 -14.21
N ILE E 557 -7.76 -17.93 -14.01
CA ILE E 557 -7.09 -19.21 -14.30
C ILE E 557 -7.92 -19.95 -15.30
N LEU E 558 -7.26 -20.43 -16.36
CA LEU E 558 -7.93 -21.14 -17.42
C LEU E 558 -7.35 -22.54 -17.54
N PRO E 559 -8.21 -23.59 -17.46
CA PRO E 559 -7.71 -24.91 -17.33
C PRO E 559 -7.38 -25.56 -18.67
N ALA E 560 -6.15 -26.01 -18.83
CA ALA E 560 -5.65 -26.65 -20.03
C ALA E 560 -5.72 -28.17 -19.94
N ALA E 561 -5.80 -28.77 -21.11
CA ALA E 561 -5.63 -30.21 -21.27
C ALA E 561 -4.24 -30.42 -21.85
N THR E 562 -3.57 -31.46 -21.41
CA THR E 562 -2.23 -31.77 -21.82
C THR E 562 -2.14 -33.04 -22.72
N SER E 563 -0.94 -33.37 -23.16
CA SER E 563 -0.68 -34.49 -24.05
C SER E 563 -1.37 -35.79 -23.56
N GLY E 564 -2.08 -36.47 -24.43
CA GLY E 564 -2.76 -37.75 -24.08
C GLY E 564 -4.21 -37.51 -23.80
N GLU E 565 -4.54 -36.31 -23.31
CA GLU E 565 -5.89 -35.81 -23.28
C GLU E 565 -6.24 -35.14 -24.60
N MET E 566 -5.22 -34.91 -25.41
CA MET E 566 -5.38 -34.34 -26.73
C MET E 566 -4.37 -35.09 -27.61
N ASN E 567 -4.56 -34.92 -28.92
CA ASN E 567 -3.52 -35.32 -29.89
C ASN E 567 -2.44 -34.28 -29.87
N LEU E 568 -1.20 -34.69 -30.05
CA LEU E 568 -0.11 -33.77 -29.99
C LEU E 568 1.09 -34.23 -30.84
N THR E 569 1.70 -33.30 -31.57
CA THR E 569 2.92 -33.55 -32.34
C THR E 569 4.14 -32.76 -31.82
N SER E 570 5.30 -33.42 -31.87
CA SER E 570 6.57 -32.87 -31.52
C SER E 570 7.66 -33.74 -32.06
N MET E 571 8.88 -33.24 -32.04
CA MET E 571 10.07 -33.97 -32.50
C MET E 571 11.07 -34.07 -31.40
N ASN E 572 11.93 -35.09 -31.46
CA ASN E 572 12.92 -35.31 -30.43
C ASN E 572 14.23 -34.68 -30.78
N GLY E 573 15.28 -35.00 -30.07
CA GLY E 573 16.57 -34.39 -30.31
C GLY E 573 17.32 -34.81 -31.57
N GLU E 574 16.66 -35.68 -32.34
CA GLU E 574 17.05 -36.23 -33.64
C GLU E 574 16.14 -35.70 -34.75
N ARG E 575 15.28 -34.76 -34.40
CA ARG E 575 14.19 -34.32 -35.27
C ARG E 575 13.13 -35.40 -35.57
N ARG E 576 13.06 -36.46 -34.78
CA ARG E 576 12.09 -37.49 -35.02
C ARG E 576 10.74 -37.05 -34.52
N MET E 577 9.89 -36.68 -35.47
CA MET E 577 8.50 -36.29 -35.28
C MET E 577 7.56 -37.46 -35.13
N ARG E 578 6.82 -37.52 -33.99
CA ARG E 578 5.69 -38.41 -33.76
C ARG E 578 4.37 -37.70 -33.44
N LEU E 579 3.28 -38.42 -33.62
CA LEU E 579 1.95 -38.10 -33.14
C LEU E 579 1.68 -38.93 -31.86
N THR E 580 1.40 -38.25 -30.76
CA THR E 580 0.84 -38.85 -29.59
C THR E 580 -0.68 -38.82 -29.82
N GLU E 581 -1.28 -40.02 -29.82
CA GLU E 581 -2.69 -40.19 -30.09
C GLU E 581 -3.50 -40.11 -28.81
N ARG E 582 -4.56 -39.28 -28.79
CA ARG E 582 -5.30 -39.09 -27.55
C ARG E 582 -5.88 -40.42 -27.04
N TYR E 583 -5.72 -40.74 -25.77
CA TYR E 583 -6.24 -41.97 -25.15
C TYR E 583 -7.16 -41.71 -23.92
N MET E 584 -7.32 -40.44 -23.51
CA MET E 584 -8.20 -40.11 -22.41
C MET E 584 -8.79 -38.72 -22.60
N ASP E 585 -9.69 -38.37 -21.72
CA ASP E 585 -10.40 -37.13 -21.77
C ASP E 585 -9.70 -36.07 -20.91
N PRO E 586 -9.80 -34.79 -21.30
CA PRO E 586 -9.36 -33.69 -20.45
C PRO E 586 -10.14 -33.71 -19.08
N PRO E 587 -9.48 -33.47 -17.96
CA PRO E 587 -10.22 -33.30 -16.68
C PRO E 587 -11.26 -32.20 -16.76
N GLY E 588 -12.46 -32.46 -16.24
CA GLY E 588 -13.48 -31.40 -16.16
C GLY E 588 -13.71 -30.64 -17.44
N GLN E 589 -13.64 -29.31 -17.43
CA GLN E 589 -13.89 -28.52 -18.64
C GLN E 589 -12.60 -28.09 -19.32
N SER E 590 -11.51 -28.75 -19.02
CA SER E 590 -10.24 -28.31 -19.43
C SER E 590 -10.14 -28.49 -20.94
N MET E 591 -9.24 -27.76 -21.57
CA MET E 591 -9.24 -27.54 -23.01
C MET E 591 -7.81 -27.45 -23.54
N PRO E 592 -7.49 -28.09 -24.70
CA PRO E 592 -6.18 -27.86 -25.27
C PRO E 592 -5.79 -26.39 -25.45
N ASP E 593 -4.55 -26.08 -25.24
CA ASP E 593 -4.03 -24.70 -25.29
C ASP E 593 -4.32 -24.04 -26.63
N CYS E 594 -4.18 -24.78 -27.73
CA CYS E 594 -4.46 -24.17 -29.00
C CYS E 594 -5.89 -23.78 -29.09
N LEU E 595 -6.79 -24.58 -28.51
CA LEU E 595 -8.17 -24.21 -28.52
C LEU E 595 -8.55 -23.06 -27.55
N ILE E 596 -7.84 -23.00 -26.41
CA ILE E 596 -7.92 -21.84 -25.51
C ILE E 596 -7.59 -20.56 -26.30
N ALA E 597 -6.48 -20.60 -27.00
CA ALA E 597 -6.08 -19.46 -27.80
C ALA E 597 -7.15 -19.07 -28.83
N ALA E 598 -7.70 -20.07 -29.51
CA ALA E 598 -8.73 -19.81 -30.50
C ALA E 598 -9.95 -19.19 -29.84
N ARG E 599 -10.36 -19.75 -28.69
CA ARG E 599 -11.52 -19.18 -27.96
C ARG E 599 -11.31 -17.79 -27.46
N LEU E 600 -10.10 -17.51 -27.06
CA LEU E 600 -9.74 -16.17 -26.62
C LEU E 600 -9.75 -15.22 -27.85
N ALA E 601 -9.18 -15.67 -28.99
CA ALA E 601 -9.26 -14.87 -30.23
C ALA E 601 -10.71 -14.57 -30.58
N ASN E 602 -11.58 -15.57 -30.56
CA ASN E 602 -12.99 -15.38 -30.85
C ASN E 602 -13.65 -14.35 -29.92
N THR E 603 -13.30 -14.42 -28.64
CA THR E 603 -13.84 -13.50 -27.67
C THR E 603 -13.32 -12.13 -27.90
N MET E 604 -12.03 -12.00 -28.22
CA MET E 604 -11.45 -10.72 -28.58
C MET E 604 -12.20 -10.11 -29.75
N GLU E 605 -12.53 -10.94 -30.74
CA GLU E 605 -13.28 -10.43 -31.90
C GLU E 605 -14.63 -9.89 -31.48
N ARG E 606 -15.35 -10.63 -30.65
CA ARG E 606 -16.68 -10.20 -30.17
C ARG E 606 -16.59 -8.89 -29.40
N VAL E 607 -15.70 -8.83 -28.43
CA VAL E 607 -15.65 -7.68 -27.55
C VAL E 607 -15.19 -6.39 -28.29
N LEU E 608 -14.18 -6.51 -29.12
CA LEU E 608 -13.71 -5.40 -29.92
C LEU E 608 -14.78 -4.90 -30.90
N THR E 609 -15.53 -5.84 -31.46
CA THR E 609 -16.67 -5.49 -32.27
C THR E 609 -17.66 -4.67 -31.42
N GLU E 610 -18.00 -5.17 -30.21
CA GLU E 610 -18.96 -4.49 -29.34
C GLU E 610 -18.42 -3.11 -28.96
N MET E 611 -17.10 -2.97 -28.82
CA MET E 611 -16.50 -1.66 -28.53
C MET E 611 -16.49 -0.70 -29.75
N GLY E 612 -16.79 -1.21 -30.93
CA GLY E 612 -16.83 -0.41 -32.13
C GLY E 612 -15.52 -0.42 -32.86
N ASP E 613 -14.50 -1.14 -32.39
CA ASP E 613 -13.26 -1.22 -33.14
CA ASP E 613 -13.26 -1.20 -33.14
C ASP E 613 -13.29 -2.44 -34.04
N VAL E 614 -14.00 -2.28 -35.13
CA VAL E 614 -14.26 -3.40 -36.00
C VAL E 614 -13.08 -3.83 -36.81
N GLY E 615 -12.20 -2.87 -37.11
CA GLY E 615 -10.97 -3.18 -37.81
C GLY E 615 -10.04 -3.97 -36.94
N TYR E 616 -9.88 -3.53 -35.68
CA TYR E 616 -9.06 -4.37 -34.75
C TYR E 616 -9.64 -5.79 -34.55
N ALA E 617 -10.97 -5.87 -34.41
CA ALA E 617 -11.67 -7.14 -34.22
C ALA E 617 -11.39 -8.14 -35.32
N ALA E 618 -11.38 -7.62 -36.54
CA ALA E 618 -11.15 -8.46 -37.71
C ALA E 618 -9.77 -9.08 -37.75
N GLN E 619 -8.78 -8.54 -37.04
CA GLN E 619 -7.49 -9.21 -36.91
C GLN E 619 -7.54 -10.55 -36.21
N PHE E 620 -8.54 -10.80 -35.38
CA PHE E 620 -8.63 -12.05 -34.60
C PHE E 620 -9.42 -13.18 -35.30
N LYS E 621 -9.61 -13.06 -36.59
CA LYS E 621 -10.17 -14.19 -37.35
C LYS E 621 -9.13 -15.24 -37.64
N GLY E 622 -9.62 -16.36 -38.15
CA GLY E 622 -8.76 -17.45 -38.52
C GLY E 622 -8.58 -18.41 -37.33
N PHE E 623 -9.55 -18.43 -36.47
CA PHE E 623 -9.49 -19.27 -35.29
C PHE E 623 -10.80 -20.03 -35.13
N ASP E 624 -11.27 -20.72 -36.19
CA ASP E 624 -12.52 -21.43 -36.05
C ASP E 624 -12.29 -22.86 -35.65
N TRP E 625 -11.13 -23.18 -35.13
CA TRP E 625 -10.73 -24.51 -34.87
C TRP E 625 -11.64 -25.20 -33.85
N GLN E 626 -12.03 -26.44 -34.11
CA GLN E 626 -12.82 -27.21 -33.15
C GLN E 626 -12.04 -28.32 -32.51
N THR E 627 -10.93 -28.73 -33.10
CA THR E 627 -10.13 -29.76 -32.55
C THR E 627 -8.69 -29.41 -32.81
N GLU E 628 -7.78 -29.99 -32.04
CA GLU E 628 -6.36 -29.66 -32.14
C GLU E 628 -5.75 -30.00 -33.52
N GLU E 629 -6.27 -31.03 -34.19
CA GLU E 629 -5.85 -31.26 -35.59
C GLU E 629 -6.06 -30.04 -36.49
N ASP E 630 -7.11 -29.23 -36.25
CA ASP E 630 -7.31 -27.99 -37.04
C ASP E 630 -6.13 -27.03 -36.94
N ALA E 631 -5.46 -27.00 -35.79
CA ALA E 631 -4.33 -26.13 -35.53
C ALA E 631 -3.08 -26.73 -36.13
N PHE E 632 -3.00 -28.04 -36.11
CA PHE E 632 -1.95 -28.76 -36.80
C PHE E 632 -1.93 -28.42 -38.27
N MET E 633 -3.11 -28.44 -38.87
CA MET E 633 -3.24 -28.25 -40.30
C MET E 633 -3.03 -26.78 -40.70
N ASP E 634 -3.58 -25.85 -39.91
CA ASP E 634 -3.32 -24.42 -40.15
C ASP E 634 -1.88 -24.01 -39.86
N GLY E 635 -1.17 -24.76 -39.01
CA GLY E 635 0.16 -24.37 -38.62
C GLY E 635 1.23 -25.16 -39.33
N TYR E 636 1.54 -26.29 -38.72
CA TYR E 636 2.58 -27.16 -39.20
C TYR E 636 2.41 -27.54 -40.70
N ASN E 637 1.22 -27.95 -41.10
CA ASN E 637 1.02 -28.53 -42.44
C ASN E 637 1.23 -27.46 -43.54
N LYS E 638 0.78 -26.25 -43.27
CA LYS E 638 0.98 -25.10 -44.13
C LYS E 638 2.29 -24.37 -43.97
N ASN E 639 3.03 -24.51 -42.88
CA ASN E 639 4.22 -23.69 -42.62
C ASN E 639 5.52 -24.41 -42.40
N ALA E 640 5.53 -25.68 -41.99
CA ALA E 640 6.82 -26.37 -41.89
C ALA E 640 7.35 -26.72 -43.28
N HIS E 641 8.69 -26.81 -43.37
CA HIS E 641 9.33 -27.34 -44.59
C HIS E 641 9.00 -28.81 -44.60
N GLY E 642 8.41 -29.25 -45.71
CA GLY E 642 7.94 -30.60 -45.83
C GLY E 642 6.55 -30.82 -45.28
N GLY E 643 5.89 -29.74 -44.86
CA GLY E 643 4.63 -29.84 -44.15
C GLY E 643 3.51 -30.50 -44.92
N GLU E 644 3.47 -30.26 -46.23
CA GLU E 644 2.52 -30.92 -47.13
C GLU E 644 2.48 -32.42 -47.00
N PHE E 645 3.58 -33.03 -46.68
CA PHE E 645 3.65 -34.46 -46.63
C PHE E 645 3.09 -35.10 -45.35
N VAL E 646 2.80 -34.27 -44.33
CA VAL E 646 2.52 -34.77 -43.01
C VAL E 646 1.06 -34.46 -42.65
N THR E 647 0.38 -35.50 -42.19
CA THR E 647 -1.00 -35.43 -41.69
C THR E 647 -1.03 -36.36 -40.45
N TYR E 648 -2.06 -36.22 -39.61
CA TYR E 648 -2.22 -37.12 -38.47
C TYR E 648 -2.33 -38.58 -38.93
N GLU E 649 -3.13 -38.82 -39.95
CA GLU E 649 -3.27 -40.22 -40.47
C GLU E 649 -1.99 -40.82 -40.93
N ARG E 650 -1.20 -40.09 -41.68
CA ARG E 650 0.14 -40.56 -42.04
C ARG E 650 1.12 -40.69 -40.92
N LEU E 651 1.09 -39.74 -39.99
CA LEU E 651 1.94 -39.91 -38.83
C LEU E 651 1.58 -41.10 -38.01
N SER E 652 0.31 -41.27 -37.76
CA SER E 652 -0.17 -42.42 -37.03
C SER E 652 0.30 -43.76 -37.60
N ALA E 653 0.23 -43.90 -38.93
CA ALA E 653 0.71 -45.13 -39.61
C ALA E 653 2.17 -45.44 -39.33
N MET E 654 2.96 -44.40 -39.10
CA MET E 654 4.39 -44.59 -38.78
C MET E 654 4.75 -44.88 -37.37
N GLY E 655 3.77 -44.85 -36.45
CA GLY E 655 4.04 -45.36 -35.11
C GLY E 655 4.99 -44.47 -34.33
N THR E 656 5.61 -45.06 -33.33
CA THR E 656 6.50 -44.36 -32.44
C THR E 656 7.84 -44.03 -33.07
N ASN E 657 8.19 -44.66 -34.20
CA ASN E 657 9.40 -44.32 -34.88
C ASN E 657 9.22 -43.13 -35.78
N GLY E 658 8.02 -42.80 -36.15
CA GLY E 658 7.77 -41.52 -36.79
C GLY E 658 8.68 -41.34 -38.01
N PHE E 659 9.20 -40.14 -38.24
CA PHE E 659 10.16 -39.87 -39.34
C PHE E 659 10.99 -38.66 -38.88
N GLN E 660 12.18 -38.48 -39.46
CA GLN E 660 13.08 -37.38 -39.12
C GLN E 660 12.83 -36.17 -39.98
N GLU E 661 12.56 -35.02 -39.36
CA GLU E 661 12.21 -33.82 -40.10
C GLU E 661 13.48 -33.24 -40.72
N PRO E 662 13.36 -32.50 -41.83
CA PRO E 662 12.15 -32.32 -42.59
C PRO E 662 11.74 -33.49 -43.50
N ALA E 663 10.44 -33.59 -43.73
CA ALA E 663 9.84 -34.50 -44.66
C ALA E 663 10.25 -34.05 -46.07
N THR E 664 10.60 -35.03 -46.92
CA THR E 664 11.00 -34.77 -48.33
C THR E 664 10.02 -35.37 -49.30
N GLY E 665 9.25 -36.37 -48.85
CA GLY E 665 8.13 -36.85 -49.65
C GLY E 665 7.25 -37.85 -48.92
N PHE E 666 6.23 -38.34 -49.62
CA PHE E 666 5.39 -39.41 -49.14
C PHE E 666 5.28 -40.48 -50.27
N THR E 667 5.75 -41.67 -50.01
CA THR E 667 5.64 -42.79 -50.94
C THR E 667 5.35 -44.09 -50.18
N ASP E 668 4.33 -44.84 -50.62
CA ASP E 668 4.01 -46.21 -50.11
C ASP E 668 3.70 -46.22 -48.63
N GLY E 669 2.85 -45.30 -48.22
CA GLY E 669 2.53 -45.10 -46.80
C GLY E 669 3.65 -44.72 -45.86
N LYS E 670 4.77 -44.23 -46.35
CA LYS E 670 5.82 -43.74 -45.50
C LYS E 670 6.11 -42.26 -45.80
N ILE E 671 6.21 -41.45 -44.74
CA ILE E 671 6.82 -40.10 -44.85
C ILE E 671 8.31 -40.30 -44.95
N GLU E 672 8.94 -39.67 -45.95
CA GLU E 672 10.36 -39.77 -46.14
C GLU E 672 11.00 -38.59 -45.46
N GLY E 673 12.04 -38.85 -44.68
CA GLY E 673 12.65 -37.84 -43.87
C GLY E 673 14.11 -37.64 -44.19
N THR E 674 14.80 -37.00 -43.25
CA THR E 674 16.15 -36.53 -43.42
C THR E 674 16.87 -37.00 -42.21
N GLN E 675 17.82 -37.92 -42.39
CA GLN E 675 18.50 -38.52 -41.25
C GLN E 675 19.51 -37.59 -40.59
N ARG E 676 20.18 -36.76 -41.39
CA ARG E 676 21.17 -35.80 -40.92
C ARG E 676 21.07 -34.58 -41.75
N LEU E 677 21.45 -33.45 -41.18
CA LEU E 677 21.47 -32.19 -41.92
C LEU E 677 22.87 -31.93 -42.39
N TYR E 678 22.99 -31.05 -43.38
CA TYR E 678 24.29 -30.57 -43.87
C TYR E 678 25.20 -31.69 -44.49
N THR E 679 24.56 -32.73 -45.02
CA THR E 679 25.31 -33.89 -45.60
C THR E 679 26.02 -33.45 -46.90
N ASP E 680 25.41 -32.54 -47.64
CA ASP E 680 26.05 -31.93 -48.81
C ASP E 680 26.98 -30.77 -48.47
N GLY E 681 27.25 -30.54 -47.20
CA GLY E 681 28.00 -29.35 -46.75
C GLY E 681 27.47 -27.98 -47.14
N VAL E 682 26.19 -27.86 -47.41
CA VAL E 682 25.59 -26.56 -47.69
C VAL E 682 24.85 -26.07 -46.43
N PHE E 683 25.33 -24.98 -45.85
CA PHE E 683 24.87 -24.57 -44.52
C PHE E 683 23.78 -23.50 -44.57
N SER E 684 23.23 -23.12 -43.40
CA SER E 684 22.05 -22.29 -43.32
C SER E 684 22.44 -20.80 -43.36
N THR E 685 23.03 -20.40 -44.46
CA THR E 685 23.45 -19.02 -44.70
C THR E 685 23.10 -18.70 -46.12
N ASP E 686 23.15 -17.44 -46.53
CA ASP E 686 22.66 -17.07 -47.87
C ASP E 686 23.58 -17.64 -48.95
N ASP E 687 24.88 -17.67 -48.69
CA ASP E 687 25.85 -18.21 -49.64
C ASP E 687 26.14 -19.73 -49.40
N GLY E 688 25.55 -20.36 -48.37
CA GLY E 688 25.70 -21.80 -48.12
C GLY E 688 26.90 -22.18 -47.32
N LYS E 689 27.73 -21.23 -46.92
CA LYS E 689 28.94 -21.58 -46.19
C LYS E 689 28.75 -21.39 -44.71
N ALA E 690 29.35 -22.25 -43.91
CA ALA E 690 29.39 -22.05 -42.48
C ALA E 690 30.40 -20.94 -42.23
N ARG E 691 30.17 -20.15 -41.17
CA ARG E 691 31.20 -19.23 -40.65
C ARG E 691 31.81 -19.80 -39.41
N PHE E 692 33.07 -19.53 -39.17
CA PHE E 692 33.68 -19.76 -37.89
C PHE E 692 33.44 -18.54 -37.04
N MET E 693 33.74 -18.63 -35.78
CA MET E 693 33.60 -17.43 -34.90
C MET E 693 34.90 -17.07 -34.21
N ASP E 694 35.26 -15.83 -34.40
CA ASP E 694 36.40 -15.22 -33.70
C ASP E 694 35.80 -14.79 -32.37
N ALA E 695 36.16 -15.49 -31.32
CA ALA E 695 35.43 -15.48 -30.08
C ALA E 695 36.35 -15.51 -28.87
N PRO E 696 37.12 -14.42 -28.68
CA PRO E 696 38.09 -14.44 -27.61
C PRO E 696 37.45 -14.45 -26.23
N TRP E 697 38.13 -15.09 -25.28
CA TRP E 697 37.80 -15.06 -23.87
C TRP E 697 37.77 -13.64 -23.35
N ARG E 698 36.76 -13.33 -22.53
CA ARG E 698 36.66 -12.04 -21.92
C ARG E 698 36.20 -12.11 -20.53
N GLY E 699 36.55 -13.17 -19.85
CA GLY E 699 36.12 -13.32 -18.42
C GLY E 699 34.62 -13.66 -18.32
N LEU E 700 34.08 -13.45 -17.11
CA LEU E 700 32.65 -13.56 -16.78
C LEU E 700 31.98 -12.42 -17.41
N GLN E 701 31.18 -12.67 -18.40
CA GLN E 701 30.67 -11.63 -19.24
C GLN E 701 29.48 -10.90 -18.64
N ALA E 702 28.62 -11.59 -17.91
CA ALA E 702 27.33 -10.97 -17.49
C ALA E 702 27.49 -10.00 -16.31
N PRO E 703 26.69 -8.96 -16.30
CA PRO E 703 26.91 -7.95 -15.24
C PRO E 703 26.82 -8.51 -13.81
N GLY E 704 27.72 -8.05 -12.98
CA GLY E 704 27.73 -8.45 -11.56
C GLY E 704 28.29 -9.81 -11.22
N LYS E 705 28.53 -10.63 -12.22
CA LYS E 705 28.89 -12.03 -11.93
C LYS E 705 30.20 -12.11 -11.20
N GLN E 706 31.21 -11.36 -11.67
CA GLN E 706 32.54 -11.44 -11.00
C GLN E 706 32.48 -10.96 -9.53
N GLN E 707 31.80 -9.84 -9.34
CA GLN E 707 31.51 -9.28 -7.98
C GLN E 707 30.77 -10.30 -7.14
N GLN E 708 29.79 -11.00 -7.74
CA GLN E 708 29.09 -12.02 -6.97
C GLN E 708 30.01 -13.14 -6.51
N LYS E 709 30.84 -13.65 -7.43
CA LYS E 709 31.83 -14.62 -7.13
C LYS E 709 32.78 -14.12 -6.03
N ASP E 710 33.25 -12.88 -6.13
CA ASP E 710 34.29 -12.39 -5.23
C ASP E 710 33.72 -12.12 -3.89
N SER E 711 32.44 -11.89 -3.77
CA SER E 711 31.95 -11.49 -2.45
C SER E 711 31.13 -12.56 -1.68
N HIS E 712 31.09 -13.81 -2.14
CA HIS E 712 30.34 -14.88 -1.52
C HIS E 712 31.16 -16.12 -1.42
N LYS E 713 30.81 -16.96 -0.49
CA LYS E 713 31.59 -18.12 -0.21
C LYS E 713 31.49 -19.31 -1.17
N TYR E 714 30.33 -19.63 -1.72
CA TYR E 714 30.19 -20.90 -2.39
C TYR E 714 29.68 -20.71 -3.80
N LEU E 715 30.08 -21.61 -4.70
CA LEU E 715 29.39 -21.69 -6.00
C LEU E 715 28.05 -22.34 -5.68
N ILE E 716 26.99 -21.76 -6.22
CA ILE E 716 25.66 -22.45 -6.15
C ILE E 716 25.29 -22.88 -7.55
N ASN E 717 25.94 -23.96 -7.94
CA ASN E 717 25.63 -24.61 -9.19
C ASN E 717 24.19 -25.18 -9.01
N ASN E 718 23.53 -25.42 -10.11
CA ASN E 718 22.14 -25.74 -10.09
C ASN E 718 21.74 -26.49 -11.37
N GLY E 719 20.67 -27.22 -11.24
CA GLY E 719 20.13 -27.98 -12.35
C GLY E 719 19.30 -29.10 -11.87
N ARG E 720 19.30 -30.19 -12.68
CA ARG E 720 18.35 -31.28 -12.63
C ARG E 720 18.70 -32.40 -11.66
N ALA E 721 17.65 -33.06 -11.15
CA ALA E 721 17.76 -34.43 -10.61
C ALA E 721 17.01 -35.38 -11.51
N ASN E 722 17.57 -36.57 -11.67
CA ASN E 722 16.91 -37.67 -12.41
C ASN E 722 15.47 -37.93 -11.99
N VAL E 723 15.20 -37.99 -10.69
CA VAL E 723 13.86 -38.34 -10.21
C VAL E 723 12.78 -37.20 -10.43
N VAL E 724 13.20 -35.94 -10.53
CA VAL E 724 12.26 -34.81 -10.59
C VAL E 724 12.11 -34.32 -12.01
N TRP E 725 10.87 -34.13 -12.47
CA TRP E 725 10.55 -33.53 -13.73
C TRP E 725 10.25 -32.03 -13.50
N GLN E 726 11.19 -31.19 -13.97
CA GLN E 726 11.01 -29.74 -14.10
C GLN E 726 10.65 -29.14 -12.74
N SER E 727 9.63 -28.29 -12.65
CA SER E 727 9.30 -27.64 -11.37
C SER E 727 8.42 -28.46 -10.45
N ALA E 728 8.36 -29.78 -10.75
CA ALA E 728 7.64 -30.70 -9.93
C ALA E 728 6.14 -30.40 -9.89
N TYR E 729 5.64 -29.82 -10.98
CA TYR E 729 4.25 -29.48 -11.07
C TYR E 729 3.38 -30.71 -10.93
N LEU E 730 3.74 -31.81 -11.60
CA LEU E 730 3.09 -33.09 -11.36
C LEU E 730 3.66 -33.83 -10.18
N ASP E 731 4.94 -33.67 -9.96
CA ASP E 731 5.63 -34.52 -8.98
C ASP E 731 5.23 -34.16 -7.58
N GLN E 732 4.88 -32.90 -7.35
CA GLN E 732 4.40 -32.50 -6.03
C GLN E 732 3.18 -33.31 -5.57
N GLU E 733 2.42 -33.93 -6.44
CA GLU E 733 1.37 -34.85 -5.93
C GLU E 733 1.73 -36.31 -6.31
N ASN E 734 3.01 -36.63 -6.28
CA ASN E 734 3.46 -37.99 -6.53
C ASN E 734 4.29 -38.38 -5.34
N ASP E 735 3.77 -39.23 -4.49
CA ASP E 735 4.50 -39.61 -3.27
C ASP E 735 5.85 -40.24 -3.53
N PHE E 736 6.01 -40.96 -4.64
CA PHE E 736 7.31 -41.59 -4.89
C PHE E 736 8.41 -40.52 -4.96
N VAL E 737 8.14 -39.44 -5.69
CA VAL E 737 9.07 -38.35 -5.81
C VAL E 737 9.22 -37.57 -4.51
N MET E 738 8.09 -37.15 -3.93
CA MET E 738 8.15 -36.24 -2.78
C MET E 738 8.62 -36.97 -1.51
N ASP E 739 8.41 -38.28 -1.40
CA ASP E 739 9.00 -39.06 -0.27
C ASP E 739 10.53 -39.06 -0.36
N ARG E 740 11.07 -38.97 -1.59
CA ARG E 740 12.48 -39.00 -1.78
C ARG E 740 13.13 -37.65 -1.45
N PHE E 741 12.54 -36.56 -1.97
CA PHE E 741 13.06 -35.22 -1.73
C PHE E 741 11.89 -34.26 -1.35
N PRO E 742 11.56 -34.16 -0.07
CA PRO E 742 10.55 -33.19 0.44
C PRO E 742 10.98 -31.77 0.28
N TYR E 743 12.31 -31.58 0.37
CA TYR E 743 13.01 -30.36 0.10
C TYR E 743 13.95 -30.58 -1.11
N PRO E 744 14.30 -29.49 -1.80
CA PRO E 744 15.35 -29.64 -2.79
C PRO E 744 16.64 -29.93 -2.04
N PHE E 745 17.46 -30.82 -2.59
CA PHE E 745 18.81 -31.01 -2.07
C PHE E 745 19.76 -29.89 -2.47
N ILE E 746 20.72 -29.61 -1.62
CA ILE E 746 21.93 -28.88 -1.97
C ILE E 746 23.09 -29.81 -1.62
N GLU E 747 23.69 -30.34 -2.71
CA GLU E 747 24.87 -31.22 -2.61
C GLU E 747 25.97 -30.38 -2.04
N MET E 748 26.50 -30.82 -0.91
CA MET E 748 27.67 -30.16 -0.33
C MET E 748 28.78 -31.18 0.01
N ASN E 749 30.01 -30.78 -0.22
CA ASN E 749 31.17 -31.53 0.23
C ASN E 749 31.10 -31.72 1.78
N PRO E 750 31.36 -32.94 2.26
CA PRO E 750 31.25 -33.17 3.73
C PRO E 750 32.19 -32.31 4.58
N GLU E 751 33.35 -31.92 4.05
CA GLU E 751 34.22 -31.02 4.80
C GLU E 751 33.65 -29.62 4.89
N ASP E 752 33.09 -29.13 3.78
CA ASP E 752 32.43 -27.87 3.80
C ASP E 752 31.28 -27.84 4.83
N MET E 753 30.49 -28.90 4.84
CA MET E 753 29.43 -29.02 5.79
C MET E 753 29.97 -28.94 7.22
N ALA E 754 30.96 -29.78 7.57
CA ALA E 754 31.55 -29.72 8.90
C ALA E 754 32.08 -28.34 9.22
N GLU E 755 32.79 -27.71 8.28
CA GLU E 755 33.22 -26.33 8.50
C GLU E 755 32.06 -25.35 8.75
N ALA E 756 30.92 -25.47 8.06
CA ALA E 756 29.77 -24.57 8.31
C ALA E 756 28.92 -25.03 9.50
N GLY E 757 29.27 -26.11 10.21
CA GLY E 757 28.46 -26.59 11.32
C GLY E 757 27.17 -27.25 10.90
N LEU E 758 27.11 -27.81 9.68
CA LEU E 758 25.92 -28.46 9.15
C LEU E 758 26.03 -29.96 9.21
N LYS E 759 24.88 -30.61 9.33
CA LYS E 759 24.72 -32.05 9.29
C LYS E 759 23.76 -32.41 8.20
N GLU E 760 23.80 -33.67 7.81
CA GLU E 760 22.96 -34.12 6.75
C GLU E 760 21.49 -33.90 7.07
N GLY E 761 20.74 -33.39 6.10
CA GLY E 761 19.34 -33.16 6.26
C GLY E 761 19.03 -31.79 6.85
N ASP E 762 20.04 -31.04 7.28
CA ASP E 762 19.81 -29.76 7.83
C ASP E 762 19.19 -28.87 6.78
N LEU E 763 18.26 -28.08 7.24
CA LEU E 763 17.66 -27.05 6.39
C LEU E 763 18.48 -25.78 6.42
N VAL E 764 18.95 -25.37 5.26
CA VAL E 764 19.88 -24.27 5.20
C VAL E 764 19.29 -23.21 4.32
N GLU E 765 19.64 -21.98 4.68
CA GLU E 765 19.42 -20.80 3.83
C GLU E 765 20.61 -20.48 2.95
N ILE E 766 20.34 -20.37 1.64
CA ILE E 766 21.30 -19.88 0.69
C ILE E 766 20.98 -18.43 0.43
N TYR E 767 21.94 -17.52 0.53
CA TYR E 767 21.66 -16.10 0.30
C TYR E 767 22.77 -15.29 -0.33
N ASN E 768 22.40 -14.25 -1.08
CA ASN E 768 23.39 -13.37 -1.61
C ASN E 768 22.71 -12.06 -1.90
N ASP E 769 23.29 -11.26 -2.75
CA ASP E 769 22.74 -9.97 -3.15
C ASP E 769 21.40 -10.06 -3.87
N ALA E 770 21.12 -11.18 -4.54
CA ALA E 770 19.87 -11.38 -5.31
C ALA E 770 18.65 -11.78 -4.42
N GLY E 771 18.90 -12.52 -3.34
CA GLY E 771 17.83 -12.99 -2.51
C GLY E 771 18.27 -14.10 -1.62
N ALA E 772 17.31 -14.93 -1.25
CA ALA E 772 17.49 -15.99 -0.29
C ALA E 772 16.51 -17.14 -0.55
N THR E 773 16.89 -18.36 -0.20
CA THR E 773 16.05 -19.50 -0.37
C THR E 773 16.50 -20.60 0.62
N GLN E 774 15.89 -21.76 0.52
CA GLN E 774 16.18 -22.86 1.39
C GLN E 774 16.43 -24.15 0.65
N ALA E 775 17.11 -25.06 1.29
CA ALA E 775 17.41 -26.36 0.73
C ALA E 775 17.88 -27.26 1.85
N MET E 776 17.95 -28.53 1.58
CA MET E 776 18.33 -29.53 2.54
C MET E 776 19.77 -29.97 2.18
N ALA E 777 20.69 -29.88 3.13
CA ALA E 777 22.09 -30.29 2.95
C ALA E 777 22.17 -31.80 2.69
N TYR E 778 22.78 -32.14 1.55
CA TYR E 778 22.93 -33.53 1.20
C TYR E 778 24.48 -33.77 1.07
N PRO E 779 25.06 -34.53 1.97
CA PRO E 779 26.53 -34.66 1.93
C PRO E 779 26.98 -35.44 0.69
N THR E 780 27.89 -34.84 -0.09
CA THR E 780 28.19 -35.30 -1.44
C THR E 780 29.72 -35.38 -1.53
N PRO E 781 30.32 -36.57 -1.20
CA PRO E 781 31.79 -36.71 -1.21
C PRO E 781 32.42 -36.32 -2.52
N THR E 782 31.72 -36.49 -3.65
CA THR E 782 32.28 -36.05 -4.96
C THR E 782 32.28 -34.56 -5.29
N ALA E 783 31.63 -33.76 -4.45
CA ALA E 783 31.63 -32.34 -4.66
C ALA E 783 32.98 -31.80 -4.29
N ARG E 784 33.48 -30.89 -5.11
CA ARG E 784 34.64 -30.14 -4.75
C ARG E 784 34.38 -29.12 -3.60
N ARG E 785 35.35 -28.96 -2.74
CA ARG E 785 35.30 -27.92 -1.73
C ARG E 785 34.93 -26.56 -2.30
N GLY E 786 33.92 -25.93 -1.73
CA GLY E 786 33.57 -24.60 -2.14
C GLY E 786 32.49 -24.62 -3.17
N GLU E 787 32.11 -25.80 -3.65
CA GLU E 787 31.16 -25.90 -4.77
C GLU E 787 29.98 -26.80 -4.41
N THR E 788 28.79 -26.22 -4.47
CA THR E 788 27.53 -26.88 -4.14
C THR E 788 26.66 -26.98 -5.36
N PHE E 789 25.73 -27.88 -5.31
CA PHE E 789 24.74 -28.00 -6.36
C PHE E 789 23.32 -28.10 -5.76
N MET E 790 22.47 -27.15 -6.09
CA MET E 790 21.11 -27.16 -5.66
C MET E 790 20.17 -27.49 -6.81
N LEU E 791 19.26 -28.43 -6.55
CA LEU E 791 18.12 -28.75 -7.47
C LEU E 791 17.32 -27.47 -7.77
N PHE E 792 17.17 -27.13 -9.08
CA PHE E 792 16.45 -25.96 -9.52
C PHE E 792 14.95 -26.22 -9.55
N GLY E 793 14.19 -25.14 -9.62
CA GLY E 793 12.77 -25.14 -9.94
C GLY E 793 11.82 -25.72 -8.90
N PHE E 794 12.34 -25.99 -7.71
CA PHE E 794 11.62 -26.85 -6.77
C PHE E 794 10.67 -26.07 -5.82
N PRO E 795 9.40 -26.52 -5.70
CA PRO E 795 8.45 -25.69 -4.96
C PRO E 795 8.80 -25.50 -3.47
N THR E 796 9.44 -26.45 -2.85
CA THR E 796 9.78 -26.31 -1.38
C THR E 796 11.15 -25.66 -1.10
N GLY E 797 11.74 -25.06 -2.11
CA GLY E 797 12.92 -24.21 -1.98
C GLY E 797 13.42 -23.82 -3.36
N VAL E 798 13.18 -22.60 -3.80
CA VAL E 798 13.40 -22.15 -5.17
C VAL E 798 14.84 -21.61 -5.34
N GLN E 799 15.65 -22.34 -6.11
CA GLN E 799 17.04 -21.92 -6.40
C GLN E 799 17.17 -20.59 -7.13
N GLY E 800 16.25 -20.32 -8.02
CA GLY E 800 16.30 -19.10 -8.74
C GLY E 800 16.24 -17.83 -7.93
N ASN E 801 15.74 -17.91 -6.69
CA ASN E 801 15.78 -16.73 -5.80
C ASN E 801 17.18 -16.17 -5.62
N VAL E 802 18.21 -17.02 -5.72
CA VAL E 802 19.57 -16.55 -5.56
C VAL E 802 20.33 -16.32 -6.84
N THR E 803 19.65 -16.39 -7.98
CA THR E 803 20.29 -16.05 -9.24
C THR E 803 20.11 -14.62 -9.48
N SER E 804 21.16 -13.97 -9.95
CA SER E 804 21.06 -12.59 -10.27
C SER E 804 20.23 -12.36 -11.54
N ALA E 805 19.94 -11.10 -11.78
CA ALA E 805 19.28 -10.64 -13.01
C ALA E 805 20.18 -10.63 -14.24
N GLY E 806 21.44 -11.02 -14.03
CA GLY E 806 22.43 -10.92 -15.07
C GLY E 806 22.22 -11.85 -16.23
N THR E 807 22.20 -11.24 -17.43
CA THR E 807 22.15 -11.91 -18.69
C THR E 807 23.31 -11.42 -19.66
N ASN E 808 23.51 -12.17 -20.75
CA ASN E 808 24.34 -11.70 -21.84
C ASN E 808 23.64 -10.61 -22.64
N GLU E 809 24.26 -10.16 -23.70
CA GLU E 809 23.81 -9.05 -24.46
C GLU E 809 22.51 -9.40 -25.11
N LEU E 810 22.30 -10.68 -25.41
CA LEU E 810 21.05 -11.16 -26.09
C LEU E 810 19.92 -11.60 -25.13
N ILE E 811 20.19 -11.40 -23.84
CA ILE E 811 19.26 -11.56 -22.77
C ILE E 811 19.09 -13.06 -22.44
N ILE E 812 20.19 -13.79 -22.58
CA ILE E 812 20.26 -15.15 -22.14
C ILE E 812 20.57 -15.14 -20.63
N PRO E 813 19.76 -15.82 -19.82
CA PRO E 813 19.98 -15.89 -18.37
C PRO E 813 21.14 -16.82 -18.00
N ASN E 814 22.05 -16.30 -17.19
CA ASN E 814 23.26 -16.98 -16.81
C ASN E 814 23.13 -17.68 -15.48
N TYR E 815 22.22 -18.62 -15.40
CA TYR E 815 21.81 -19.24 -14.15
C TYR E 815 22.90 -20.00 -13.49
N LYS E 816 23.73 -20.69 -14.27
CA LYS E 816 24.79 -21.56 -13.71
C LYS E 816 25.89 -20.85 -12.95
N GLN E 817 26.27 -19.63 -13.36
CA GLN E 817 27.23 -18.84 -12.62
C GLN E 817 26.51 -18.06 -11.53
N THR E 818 26.43 -18.69 -10.37
CA THR E 818 25.78 -18.15 -9.22
C THR E 818 26.59 -18.52 -7.97
N TRP E 819 26.86 -17.52 -7.14
CA TRP E 819 27.57 -17.68 -5.89
C TRP E 819 26.77 -17.10 -4.69
N GLY E 820 26.91 -17.71 -3.52
CA GLY E 820 26.22 -17.24 -2.37
C GLY E 820 26.76 -17.86 -1.11
N ASN E 821 26.21 -17.38 0.00
CA ASN E 821 26.49 -17.88 1.36
C ASN E 821 25.44 -18.84 1.81
N ILE E 822 25.75 -19.59 2.87
CA ILE E 822 24.89 -20.66 3.34
C ILE E 822 24.92 -20.62 4.86
N ARG E 823 23.78 -20.67 5.50
CA ARG E 823 23.70 -20.70 6.99
C ARG E 823 22.50 -21.52 7.39
N LYS E 824 22.58 -22.16 8.53
CA LYS E 824 21.57 -23.04 9.00
C LYS E 824 20.23 -22.26 9.35
N ILE E 825 19.08 -22.83 8.99
CA ILE E 825 17.74 -22.38 9.44
C ILE E 825 17.22 -23.34 10.51
N SER E 826 17.35 -24.64 10.31
CA SER E 826 16.90 -25.59 11.25
C SER E 826 17.78 -26.86 11.25
N ASP E 827 17.88 -27.52 12.41
CA ASP E 827 18.34 -28.86 12.42
C ASP E 827 17.47 -29.66 11.52
N ALA E 828 18.05 -30.75 10.96
CA ALA E 828 17.32 -31.71 10.13
C ALA E 828 15.92 -31.97 10.67
N PRO E 829 14.92 -31.60 9.92
CA PRO E 829 13.58 -31.82 10.38
C PRO E 829 13.20 -33.29 10.36
N ARG E 830 12.26 -33.64 11.23
CA ARG E 830 11.78 -35.01 11.29
C ARG E 830 11.23 -35.49 9.98
N ASN E 831 10.72 -34.63 9.13
CA ASN E 831 10.22 -35.14 7.86
C ASN E 831 11.31 -35.55 6.84
N VAL E 832 12.60 -35.45 7.20
CA VAL E 832 13.64 -36.09 6.40
C VAL E 832 14.34 -37.22 7.15
N ALA E 833 13.84 -37.62 8.33
CA ALA E 833 14.46 -38.72 9.05
C ALA E 833 14.52 -40.03 8.20
N HIS E 834 13.52 -40.31 7.40
CA HIS E 834 13.44 -41.55 6.62
C HIS E 834 14.36 -41.59 5.37
N LEU E 835 14.93 -40.46 4.97
CA LEU E 835 15.74 -40.39 3.73
C LEU E 835 17.09 -41.07 3.81
N SER E 836 17.49 -41.68 2.70
CA SER E 836 18.89 -42.06 2.50
C SER E 836 19.70 -40.84 2.08
N PHE E 837 20.83 -40.60 2.76
CA PHE E 837 21.82 -39.61 2.33
C PHE E 837 23.08 -40.28 1.77
N LYS E 838 22.95 -41.52 1.29
CA LYS E 838 24.06 -42.22 0.69
C LYS E 838 24.37 -41.70 -0.72
N SER E 839 25.50 -42.11 -1.24
CA SER E 839 25.94 -41.66 -2.54
C SER E 839 25.01 -42.12 -3.64
N LYS E 840 24.78 -41.25 -4.63
CA LYS E 840 24.00 -41.61 -5.79
C LYS E 840 24.79 -42.41 -6.86
N GLU E 841 26.10 -42.53 -6.69
CA GLU E 841 26.93 -43.28 -7.65
C GLU E 841 26.84 -44.83 -7.44
N TYR E 842 26.33 -45.53 -8.43
CA TYR E 842 26.49 -46.96 -8.56
C TYR E 842 27.92 -47.41 -8.25
N GLN E 843 28.03 -48.46 -7.43
CA GLN E 843 29.29 -49.20 -7.20
C GLN E 843 29.17 -50.60 -7.69
N SER E 844 30.11 -51.04 -8.51
CA SER E 844 30.14 -52.45 -8.99
C SER E 844 30.60 -53.40 -7.88
N ALA F 44 -12.32 -63.14 -4.02
CA ALA F 44 -11.01 -62.96 -3.37
C ALA F 44 -10.30 -61.52 -3.53
N ALA F 45 -10.49 -60.58 -2.59
CA ALA F 45 -10.20 -59.12 -2.87
C ALA F 45 -8.73 -58.79 -2.98
N GLY F 46 -7.93 -59.42 -2.14
CA GLY F 46 -6.49 -59.22 -2.17
C GLY F 46 -5.74 -60.49 -2.49
N VAL F 47 -4.44 -60.32 -2.71
CA VAL F 47 -3.47 -61.38 -2.90
C VAL F 47 -3.29 -62.17 -1.59
N GLU F 48 -3.34 -63.50 -1.69
CA GLU F 48 -3.08 -64.37 -0.51
C GLU F 48 -1.62 -64.76 -0.45
N TYR F 49 -0.87 -64.15 0.44
CA TYR F 49 0.54 -64.48 0.64
C TYR F 49 0.76 -65.69 1.54
N PRO F 50 1.69 -66.61 1.15
CA PRO F 50 1.97 -67.76 2.01
C PRO F 50 2.95 -67.31 3.04
N ALA F 51 2.85 -67.89 4.23
CA ALA F 51 3.82 -67.63 5.27
C ALA F 51 4.89 -68.68 5.09
N ASN F 52 6.09 -68.30 4.68
CA ASN F 52 7.14 -69.28 4.33
C ASN F 52 8.38 -69.06 5.14
N ARG F 53 8.89 -70.18 5.65
CA ARG F 53 10.10 -70.19 6.45
C ARG F 53 11.23 -69.87 5.49
N LEU F 54 12.08 -68.93 5.84
CA LEU F 54 13.21 -68.62 4.97
C LEU F 54 14.55 -69.05 5.58
N ALA F 55 14.67 -69.08 6.89
CA ALA F 55 15.95 -69.37 7.54
C ALA F 55 15.72 -69.20 9.02
N ASN F 56 16.79 -69.38 9.78
CA ASN F 56 16.76 -69.17 11.19
C ASN F 56 17.73 -68.02 11.47
N ILE F 57 17.39 -67.20 12.46
CA ILE F 57 18.26 -66.15 12.98
C ILE F 57 19.74 -66.57 13.05
N SER F 58 19.98 -67.81 13.50
CA SER F 58 21.33 -68.39 13.65
C SER F 58 22.16 -68.38 12.34
N GLU F 59 21.47 -68.54 11.22
CA GLU F 59 22.14 -68.72 9.97
C GLU F 59 22.76 -67.43 9.43
N LEU F 60 22.49 -66.26 10.00
CA LEU F 60 22.86 -65.00 9.32
C LEU F 60 24.03 -64.41 9.98
N THR F 61 24.98 -63.91 9.20
CA THR F 61 26.10 -63.12 9.74
C THR F 61 25.98 -61.64 9.38
N LEU F 62 26.26 -60.78 10.35
CA LEU F 62 26.29 -59.32 10.15
C LEU F 62 26.79 -58.99 8.78
N ASN F 63 25.95 -58.27 8.06
CA ASN F 63 26.32 -57.59 6.84
C ASN F 63 26.64 -58.50 5.71
N GLU F 64 26.12 -59.71 5.73
CA GLU F 64 26.34 -60.64 4.61
C GLU F 64 25.01 -61.20 4.09
N PRO F 65 24.64 -60.87 2.84
CA PRO F 65 23.32 -61.31 2.45
C PRO F 65 23.22 -62.81 2.42
N LEU F 66 22.06 -63.35 2.67
CA LEU F 66 21.77 -64.77 2.48
C LEU F 66 20.69 -64.93 1.46
N ASP F 67 20.94 -65.74 0.43
CA ASP F 67 20.02 -65.80 -0.70
C ASP F 67 18.84 -66.62 -0.23
N VAL F 68 17.70 -66.33 -0.86
CA VAL F 68 16.40 -66.65 -0.35
C VAL F 68 15.50 -66.46 -1.54
N ALA F 69 14.25 -66.91 -1.49
CA ALA F 69 13.28 -66.60 -2.54
C ALA F 69 11.88 -66.54 -1.93
N TYR F 70 11.10 -65.54 -2.32
CA TYR F 70 9.79 -65.30 -1.72
C TYR F 70 9.00 -64.43 -2.67
N PRO F 71 7.74 -64.72 -2.98
CA PRO F 71 6.92 -65.81 -2.41
C PRO F 71 6.94 -67.20 -3.12
N ASP F 72 7.83 -67.39 -4.06
CA ASP F 72 8.05 -68.69 -4.68
C ASP F 72 9.54 -68.79 -5.06
N GLU F 73 9.96 -69.93 -5.63
CA GLU F 73 11.39 -70.14 -5.95
C GLU F 73 11.89 -69.24 -7.07
N ASP F 74 10.98 -68.76 -7.94
CA ASP F 74 11.30 -67.90 -9.06
C ASP F 74 11.51 -66.40 -8.70
N ALA F 75 11.43 -66.00 -7.42
CA ALA F 75 11.53 -64.58 -7.04
C ALA F 75 12.66 -64.35 -6.11
N ALA F 76 13.83 -64.10 -6.67
CA ALA F 76 15.02 -64.08 -5.83
C ALA F 76 15.10 -62.91 -4.82
N GLY F 77 15.62 -63.15 -3.65
CA GLY F 77 15.93 -62.07 -2.74
C GLY F 77 16.93 -62.43 -1.66
N VAL F 78 17.05 -61.59 -0.65
CA VAL F 78 17.99 -61.84 0.44
C VAL F 78 17.44 -61.52 1.80
N LEU F 79 17.94 -62.22 2.82
CA LEU F 79 17.92 -61.71 4.16
C LEU F 79 19.24 -61.01 4.42
N LEU F 80 19.23 -60.02 5.30
CA LEU F 80 20.38 -59.24 5.55
C LEU F 80 20.25 -58.68 6.95
N LYS F 81 21.26 -58.89 7.78
CA LYS F 81 21.29 -58.38 9.14
C LYS F 81 22.21 -57.19 9.15
N LEU F 82 21.70 -56.03 9.54
CA LEU F 82 22.42 -54.77 9.26
C LEU F 82 23.15 -54.16 10.43
N GLY F 83 22.88 -54.60 11.65
CA GLY F 83 23.68 -54.15 12.76
C GLY F 83 23.13 -52.92 13.44
N THR F 84 22.01 -52.40 12.95
CA THR F 84 21.36 -51.25 13.53
C THR F 84 19.87 -51.39 13.30
N ARG F 85 19.05 -50.81 14.20
CA ARG F 85 17.55 -50.88 14.09
C ARG F 85 17.05 -50.14 12.81
N VAL F 86 16.30 -50.80 11.95
CA VAL F 86 15.88 -50.19 10.70
C VAL F 86 14.47 -50.56 10.34
N GLU F 87 13.92 -49.81 9.39
CA GLU F 87 12.54 -49.94 8.91
C GLU F 87 12.32 -51.32 8.37
N GLY F 88 11.29 -52.01 8.89
CA GLY F 88 10.97 -53.39 8.49
C GLY F 88 11.89 -54.49 9.04
N GLY F 89 12.76 -54.06 9.94
CA GLY F 89 13.84 -54.88 10.48
C GLY F 89 13.27 -55.68 11.64
N VAL F 90 13.56 -56.97 11.65
CA VAL F 90 13.10 -57.88 12.75
C VAL F 90 14.27 -58.48 13.51
N GLY F 91 13.96 -59.39 14.44
CA GLY F 91 14.93 -59.97 15.34
C GLY F 91 15.09 -59.11 16.59
N PRO F 92 15.78 -59.63 17.62
CA PRO F 92 16.16 -58.84 18.82
C PRO F 92 16.67 -57.42 18.52
N ASP F 93 17.55 -57.25 17.54
CA ASP F 93 18.10 -55.90 17.25
C ASP F 93 17.29 -55.09 16.23
N GLY F 94 16.24 -55.69 15.67
CA GLY F 94 15.38 -54.99 14.74
C GLY F 94 16.15 -54.61 13.50
N ASP F 95 17.11 -55.47 13.14
CA ASP F 95 18.10 -55.16 12.12
C ASP F 95 18.14 -56.15 10.95
N ILE F 96 17.18 -57.07 10.90
CA ILE F 96 17.09 -58.10 9.88
C ILE F 96 15.97 -57.73 8.92
N VAL F 97 16.35 -57.56 7.66
CA VAL F 97 15.48 -57.15 6.61
C VAL F 97 15.57 -58.16 5.52
N GLY F 98 14.50 -58.23 4.76
CA GLY F 98 14.43 -59.04 3.57
C GLY F 98 13.91 -58.27 2.37
N PHE F 99 14.53 -58.47 1.20
CA PHE F 99 14.27 -57.70 -0.03
C PHE F 99 14.37 -58.55 -1.32
N SER F 100 13.54 -58.27 -2.30
CA SER F 100 13.77 -58.65 -3.69
C SER F 100 15.11 -58.10 -4.11
N THR F 101 15.90 -58.93 -4.83
CA THR F 101 17.21 -58.50 -5.37
C THR F 101 17.17 -58.45 -6.88
N ILE F 102 15.96 -58.39 -7.41
CA ILE F 102 15.74 -58.20 -8.80
C ILE F 102 15.30 -56.71 -9.03
N CYS F 103 16.03 -56.00 -9.91
CA CYS F 103 15.84 -54.55 -10.08
C CYS F 103 14.43 -54.25 -10.62
N PRO F 104 13.67 -53.38 -9.93
CA PRO F 104 12.33 -53.05 -10.46
C PRO F 104 12.27 -52.23 -11.73
N HIS F 105 13.39 -51.79 -12.26
CA HIS F 105 13.44 -51.14 -13.57
C HIS F 105 13.27 -52.19 -14.69
N LYS F 106 14.34 -52.93 -14.96
CA LYS F 106 14.36 -53.87 -16.03
C LYS F 106 14.79 -55.32 -15.61
N GLY F 107 14.95 -55.59 -14.32
CA GLY F 107 15.14 -56.97 -13.90
C GLY F 107 16.55 -57.51 -13.81
N PHE F 108 17.57 -56.68 -13.84
CA PHE F 108 18.94 -57.20 -13.68
C PHE F 108 19.13 -57.55 -12.22
N PRO F 109 20.05 -58.46 -11.93
CA PRO F 109 20.27 -58.75 -10.54
C PRO F 109 21.10 -57.77 -9.83
N LEU F 110 20.72 -57.50 -8.58
CA LEU F 110 21.39 -56.45 -7.87
C LEU F 110 22.56 -57.02 -7.13
N SER F 111 23.65 -56.28 -7.09
CA SER F 111 24.78 -56.69 -6.29
C SER F 111 24.69 -55.92 -5.02
N TYR F 112 25.28 -56.46 -3.96
CA TYR F 112 25.31 -55.78 -2.70
C TYR F 112 26.71 -55.28 -2.42
N SER F 113 26.88 -54.01 -2.08
CA SER F 113 28.13 -53.48 -1.64
C SER F 113 28.14 -53.46 -0.11
N ALA F 114 28.98 -54.30 0.49
CA ALA F 114 29.11 -54.31 1.96
C ALA F 114 29.63 -53.03 2.56
N ASP F 115 30.58 -52.38 1.87
CA ASP F 115 31.22 -51.13 2.36
C ASP F 115 30.19 -50.02 2.66
N ASN F 116 29.16 -50.03 1.83
CA ASN F 116 28.18 -48.99 1.58
C ASN F 116 26.83 -49.37 2.24
N LYS F 117 26.62 -50.67 2.41
CA LYS F 117 25.30 -51.27 2.60
C LYS F 117 24.25 -50.76 1.63
N THR F 118 24.55 -50.90 0.35
CA THR F 118 23.63 -50.59 -0.70
C THR F 118 23.56 -51.75 -1.65
N PHE F 119 22.43 -51.86 -2.31
CA PHE F 119 22.23 -52.64 -3.51
C PHE F 119 22.41 -51.78 -4.77
N ASN F 120 23.03 -52.38 -5.83
CA ASN F 120 23.48 -51.67 -6.98
C ASN F 120 23.16 -52.43 -8.25
N CYS F 121 22.74 -51.71 -9.25
CA CYS F 121 22.24 -52.33 -10.45
C CYS F 121 23.16 -52.10 -11.62
N PRO F 122 23.70 -53.19 -12.19
CA PRO F 122 24.59 -53.06 -13.33
C PRO F 122 23.85 -52.82 -14.61
N GLY F 123 22.53 -52.93 -14.63
CA GLY F 123 21.79 -52.58 -15.82
C GLY F 123 21.91 -51.08 -16.17
N HIS F 124 21.34 -50.18 -15.34
CA HIS F 124 21.39 -48.70 -15.60
C HIS F 124 21.65 -47.84 -14.37
N PHE F 125 22.42 -48.44 -13.47
CA PHE F 125 23.16 -47.77 -12.41
C PHE F 125 22.34 -47.36 -11.17
N SER F 126 21.22 -48.03 -10.95
CA SER F 126 20.35 -47.76 -9.77
C SER F 126 20.99 -48.21 -8.51
N VAL F 127 20.68 -47.50 -7.41
CA VAL F 127 21.23 -47.75 -6.07
C VAL F 127 20.08 -47.70 -5.07
N PHE F 128 20.04 -48.70 -4.20
CA PHE F 128 18.97 -48.87 -3.24
C PHE F 128 19.56 -49.05 -1.84
N ASP F 129 18.88 -48.46 -0.85
CA ASP F 129 19.37 -48.37 0.52
C ASP F 129 18.53 -49.26 1.41
N PRO F 130 19.03 -50.45 1.71
CA PRO F 130 18.27 -51.34 2.59
C PRO F 130 18.21 -50.90 4.07
N GLU F 131 19.06 -49.99 4.50
CA GLU F 131 18.95 -49.34 5.80
C GLU F 131 17.81 -48.27 5.89
N LYS F 132 17.18 -47.93 4.74
CA LYS F 132 16.02 -47.01 4.68
C LYS F 132 14.92 -47.55 3.81
N GLY F 133 14.51 -48.75 4.15
CA GLY F 133 13.35 -49.35 3.51
C GLY F 133 13.49 -49.71 2.08
N GLY F 134 14.74 -49.78 1.60
CA GLY F 134 14.97 -49.95 0.18
C GLY F 134 14.73 -48.75 -0.73
N GLN F 135 14.83 -47.57 -0.14
CA GLN F 135 14.69 -46.35 -0.90
C GLN F 135 15.70 -46.28 -2.05
N GLN F 136 15.19 -46.06 -3.23
CA GLN F 136 16.07 -45.80 -4.34
C GLN F 136 16.79 -44.48 -4.13
N VAL F 137 18.07 -44.59 -3.80
CA VAL F 137 18.95 -43.48 -3.57
C VAL F 137 19.07 -42.68 -4.84
N TRP F 138 19.23 -43.37 -5.95
CA TRP F 138 19.33 -42.82 -7.31
C TRP F 138 18.93 -43.97 -8.25
N GLY F 139 18.09 -43.74 -9.23
CA GLY F 139 17.86 -44.80 -10.19
C GLY F 139 16.74 -44.62 -11.17
N GLN F 140 16.49 -45.69 -11.92
CA GLN F 140 15.52 -45.66 -12.97
C GLN F 140 14.19 -46.38 -12.66
N ALA F 141 14.12 -47.12 -11.57
CA ALA F 141 12.89 -47.72 -11.14
C ALA F 141 11.92 -46.62 -10.64
N THR F 142 10.62 -46.84 -10.85
CA THR F 142 9.58 -46.02 -10.24
C THR F 142 9.11 -46.61 -8.87
N GLN F 143 9.94 -47.45 -8.27
CA GLN F 143 9.61 -48.18 -7.06
C GLN F 143 10.78 -48.27 -6.15
N ASN F 144 10.51 -48.13 -4.87
CA ASN F 144 11.52 -48.51 -3.91
C ASN F 144 11.57 -50.09 -3.83
N LEU F 145 12.68 -50.60 -3.35
CA LEU F 145 12.95 -52.06 -3.54
C LEU F 145 11.90 -52.85 -2.76
N PRO F 146 11.18 -53.81 -3.39
CA PRO F 146 10.18 -54.61 -2.65
C PRO F 146 10.81 -55.26 -1.44
N GLN F 147 10.14 -55.08 -0.31
CA GLN F 147 10.61 -55.48 0.98
C GLN F 147 9.62 -56.49 1.57
N TYR F 148 10.17 -57.51 2.25
CA TYR F 148 9.35 -58.59 2.76
C TYR F 148 8.89 -58.16 4.15
N VAL F 149 7.68 -58.58 4.48
CA VAL F 149 7.15 -58.49 5.84
C VAL F 149 7.60 -59.78 6.55
N LEU F 150 8.49 -59.59 7.51
CA LEU F 150 9.16 -60.66 8.22
C LEU F 150 8.61 -60.83 9.65
N ARG F 151 8.65 -62.07 10.11
CA ARG F 151 8.28 -62.41 11.46
C ARG F 151 9.30 -63.45 11.97
N VAL F 152 9.82 -63.21 13.15
CA VAL F 152 10.69 -64.17 13.78
C VAL F 152 9.91 -65.00 14.80
N ALA F 153 9.76 -66.30 14.53
CA ALA F 153 9.06 -67.23 15.44
C ALA F 153 9.80 -67.46 16.73
N ASP F 154 9.10 -68.01 17.71
CA ASP F 154 9.64 -68.19 19.07
C ASP F 154 10.94 -69.00 19.10
N ASN F 155 11.18 -69.86 18.10
CA ASN F 155 12.45 -70.58 17.94
C ASN F 155 13.58 -69.92 17.07
N GLY F 156 13.37 -68.72 16.55
CA GLY F 156 14.38 -68.07 15.69
C GLY F 156 14.16 -68.24 14.21
N ASP F 157 13.19 -69.06 13.80
CA ASP F 157 12.79 -69.18 12.40
C ASP F 157 12.24 -67.85 11.84
N ILE F 158 12.59 -67.54 10.60
CA ILE F 158 12.23 -66.28 9.95
C ILE F 158 11.26 -66.59 8.87
N PHE F 159 10.04 -66.06 9.02
CA PHE F 159 8.98 -66.21 8.02
C PHE F 159 8.76 -64.89 7.24
N ALA F 160 8.26 -65.04 6.03
CA ALA F 160 7.95 -63.93 5.19
C ALA F 160 6.49 -64.12 4.92
N GLU F 161 5.72 -63.04 5.02
CA GLU F 161 4.29 -63.17 4.78
C GLU F 161 3.67 -62.02 4.01
N GLY F 162 4.51 -61.22 3.37
CA GLY F 162 4.03 -60.24 2.39
C GLY F 162 5.17 -59.54 1.74
N VAL F 163 4.85 -58.76 0.73
CA VAL F 163 5.82 -57.86 0.12
C VAL F 163 5.10 -56.54 -0.16
N ASP F 164 5.80 -55.43 0.05
CA ASP F 164 5.18 -54.05 0.03
C ASP F 164 5.14 -53.35 -1.36
N GLU F 165 5.64 -54.02 -2.41
CA GLU F 165 5.63 -53.51 -3.79
C GLU F 165 5.60 -54.65 -4.80
N LEU F 166 5.34 -54.31 -6.06
CA LEU F 166 5.22 -55.29 -7.11
C LEU F 166 6.61 -55.75 -7.61
N ILE F 167 6.90 -57.03 -7.38
CA ILE F 167 8.16 -57.66 -7.77
C ILE F 167 8.31 -57.61 -9.29
N TYR F 168 9.54 -57.36 -9.73
CA TYR F 168 9.82 -57.34 -11.18
C TYR F 168 9.36 -58.63 -11.85
N GLY F 169 8.68 -58.51 -12.99
CA GLY F 169 8.38 -59.62 -13.86
C GLY F 169 7.20 -60.49 -13.53
N ARG F 170 6.41 -60.03 -12.59
CA ARG F 170 5.13 -60.63 -12.33
C ARG F 170 4.06 -59.55 -12.14
N LEU F 171 2.88 -59.78 -12.70
CA LEU F 171 1.76 -58.85 -12.60
C LEU F 171 0.93 -59.08 -11.34
N SER F 172 1.29 -60.13 -10.60
CA SER F 172 0.75 -60.41 -9.31
C SER F 172 1.88 -60.99 -8.50
N ASN F 173 2.05 -60.62 -7.25
CA ASN F 173 3.21 -61.07 -6.51
C ASN F 173 3.12 -62.55 -6.14
N VAL F 174 1.93 -63.05 -6.02
CA VAL F 174 1.72 -64.48 -5.86
C VAL F 174 1.28 -64.96 -7.21
N LEU F 175 2.12 -65.76 -7.88
CA LEU F 175 1.75 -66.33 -9.19
C LEU F 175 0.94 -67.66 -9.05
N ALA G 2 -2.86 45.79 -11.13
CA ALA G 2 -1.37 45.68 -11.19
C ALA G 2 -0.86 45.80 -9.81
N PHE G 3 0.12 44.99 -9.46
CA PHE G 3 0.76 45.10 -8.18
C PHE G 3 1.63 46.38 -8.07
N LYS G 4 1.46 47.11 -6.97
CA LYS G 4 2.14 48.36 -6.71
C LYS G 4 2.51 48.31 -5.22
N ARG G 5 3.73 48.68 -4.92
CA ARG G 5 4.29 48.53 -3.60
C ARG G 5 3.87 49.66 -2.67
N HIS G 6 3.52 50.80 -3.23
CA HIS G 6 3.20 52.00 -2.43
C HIS G 6 4.39 52.40 -1.50
N ILE G 7 5.61 52.16 -1.95
CA ILE G 7 6.78 52.70 -1.28
C ILE G 7 7.11 54.01 -2.04
N ASP G 8 6.80 55.10 -1.34
CA ASP G 8 6.88 56.50 -1.79
C ASP G 8 8.33 57.08 -1.64
N ARG G 9 9.12 56.51 -0.75
CA ARG G 9 10.49 56.94 -0.59
C ARG G 9 11.31 55.85 0.05
N LEU G 10 12.63 55.90 -0.19
CA LEU G 10 13.58 54.97 0.36
C LEU G 10 14.61 55.68 1.19
N PRO G 11 15.14 54.99 2.22
CA PRO G 11 16.35 55.41 2.91
C PRO G 11 17.52 55.62 1.95
N ILE G 12 18.22 56.73 2.19
CA ILE G 12 19.35 57.14 1.39
C ILE G 12 20.60 56.49 1.89
N ILE G 13 21.39 55.95 0.94
CA ILE G 13 22.65 55.29 1.30
C ILE G 13 23.59 56.44 1.73
N PRO G 14 24.04 56.43 2.99
CA PRO G 14 24.96 57.42 3.51
C PRO G 14 26.37 57.24 3.00
N ALA G 15 27.15 58.31 3.10
CA ALA G 15 28.49 58.32 2.54
C ALA G 15 29.41 57.30 3.23
N ASP G 16 29.16 56.93 4.48
CA ASP G 16 29.98 55.90 5.14
C ASP G 16 29.40 54.44 5.09
N ALA G 17 28.54 54.14 4.13
CA ALA G 17 27.98 52.77 4.06
C ALA G 17 29.07 51.77 3.70
N LYS G 18 29.00 50.58 4.26
CA LYS G 18 29.89 49.50 3.90
C LYS G 18 29.53 48.94 2.54
N LYS G 19 30.52 48.80 1.67
CA LYS G 19 30.34 48.35 0.30
C LYS G 19 30.91 46.95 0.13
N HIS G 20 30.18 46.14 -0.62
CA HIS G 20 30.45 44.73 -0.86
C HIS G 20 30.31 44.52 -2.34
N ASN G 21 31.24 43.82 -2.98
CA ASN G 21 31.09 43.44 -4.38
C ASN G 21 30.13 42.25 -4.45
N VAL G 22 29.20 42.33 -5.38
CA VAL G 22 28.21 41.23 -5.57
C VAL G 22 28.04 40.97 -7.04
N THR G 23 28.18 39.71 -7.40
CA THR G 23 27.75 39.29 -8.70
C THR G 23 26.27 38.90 -8.55
N CYS G 24 25.50 39.14 -9.57
CA CYS G 24 24.12 38.70 -9.62
C CYS G 24 24.04 37.23 -9.21
N HIS G 25 23.08 36.93 -8.33
CA HIS G 25 22.75 35.58 -7.94
C HIS G 25 22.38 34.64 -9.10
N PHE G 26 21.85 35.23 -10.17
CA PHE G 26 21.08 34.49 -11.15
C PHE G 26 21.80 34.09 -12.44
N CYS G 27 21.53 34.74 -13.54
CA CYS G 27 21.95 34.17 -14.80
C CYS G 27 23.47 34.29 -15.10
N ILE G 28 23.79 33.54 -16.18
CA ILE G 28 25.11 33.42 -16.76
C ILE G 28 25.85 34.70 -16.96
N VAL G 29 25.15 35.75 -17.33
CA VAL G 29 25.79 37.02 -17.58
C VAL G 29 26.67 37.50 -16.44
N GLY G 30 26.24 37.28 -15.21
CA GLY G 30 26.96 37.66 -14.03
C GLY G 30 27.22 39.15 -13.92
N CYS G 31 26.22 39.92 -14.18
CA CYS G 31 26.25 41.40 -13.96
C CYS G 31 26.78 41.77 -12.59
N GLY G 32 27.54 42.87 -12.56
CA GLY G 32 28.15 43.27 -11.33
C GLY G 32 27.28 44.24 -10.57
N TYR G 33 27.25 44.11 -9.27
CA TYR G 33 26.48 44.98 -8.38
C TYR G 33 27.39 45.29 -7.15
N HIS G 34 26.95 46.23 -6.31
CA HIS G 34 27.42 46.35 -4.92
C HIS G 34 26.26 46.35 -3.95
N ALA G 35 26.44 45.70 -2.82
CA ALA G 35 25.56 45.82 -1.70
C ALA G 35 26.17 46.83 -0.73
N TYR G 36 25.43 47.90 -0.45
CA TYR G 36 25.77 48.87 0.57
C TYR G 36 24.94 48.61 1.81
N THR G 37 25.58 48.42 2.95
CA THR G 37 24.82 48.31 4.15
C THR G 37 25.17 49.36 5.19
N TRP G 38 24.22 49.67 6.03
CA TRP G 38 24.47 50.58 7.15
C TRP G 38 23.50 50.41 8.30
N PRO G 39 23.81 51.01 9.48
CA PRO G 39 23.00 50.68 10.64
C PRO G 39 21.57 51.15 10.51
N ILE G 40 20.68 50.33 11.06
CA ILE G 40 19.22 50.49 10.95
C ILE G 40 18.73 51.89 11.44
N ASN G 41 19.39 52.45 12.44
CA ASN G 41 19.01 53.76 12.92
C ASN G 41 19.80 54.89 12.28
N LYS G 42 20.51 54.64 11.18
CA LYS G 42 21.17 55.72 10.47
C LYS G 42 20.67 55.85 9.08
N GLN G 43 20.96 56.96 8.45
CA GLN G 43 20.57 57.11 7.06
C GLN G 43 21.39 58.25 6.45
N GLY G 44 21.40 58.31 5.14
CA GLY G 44 22.01 59.39 4.41
C GLY G 44 21.01 60.53 4.21
N GLY G 45 21.52 61.60 3.61
CA GLY G 45 20.75 62.79 3.30
C GLY G 45 20.95 63.19 1.89
N THR G 46 20.18 64.18 1.47
CA THR G 46 20.17 64.56 0.09
C THR G 46 21.38 65.42 -0.33
N ASP G 47 21.97 66.15 0.62
CA ASP G 47 23.17 66.98 0.34
C ASP G 47 24.32 66.04 -0.04
N PRO G 48 25.14 66.45 -1.01
CA PRO G 48 26.20 65.59 -1.55
C PRO G 48 27.11 64.92 -0.49
N GLN G 49 27.42 65.62 0.57
CA GLN G 49 28.34 65.10 1.56
C GLN G 49 27.68 64.01 2.42
N ASN G 50 26.37 63.94 2.41
CA ASN G 50 25.66 62.99 3.26
C ASN G 50 25.14 61.72 2.52
N ASN G 51 25.55 61.49 1.26
CA ASN G 51 25.19 60.25 0.58
C ASN G 51 26.34 59.66 -0.23
N ILE G 52 26.23 58.37 -0.49
CA ILE G 52 27.27 57.62 -1.20
C ILE G 52 27.57 58.12 -2.63
N PHE G 53 26.65 58.81 -3.25
CA PHE G 53 26.86 59.27 -4.61
C PHE G 53 27.59 60.62 -4.68
N GLY G 54 27.74 61.33 -3.57
CA GLY G 54 28.17 62.73 -3.62
C GLY G 54 27.36 63.59 -4.60
N VAL G 55 26.06 63.42 -4.66
CA VAL G 55 25.24 64.19 -5.60
C VAL G 55 24.15 64.82 -4.71
N ASP G 56 23.50 65.84 -5.23
CA ASP G 56 22.34 66.44 -4.57
C ASP G 56 21.05 65.68 -4.93
N LEU G 57 20.66 64.84 -4.02
CA LEU G 57 19.50 63.97 -4.27
C LEU G 57 18.14 64.74 -4.14
N SER G 58 18.13 66.04 -3.78
CA SER G 58 16.86 66.83 -3.83
C SER G 58 16.47 67.21 -5.25
N GLU G 59 17.35 66.98 -6.22
CA GLU G 59 17.04 67.19 -7.65
C GLU G 59 16.73 65.86 -8.32
N GLN G 60 15.80 65.90 -9.27
CA GLN G 60 15.45 64.77 -10.14
C GLN G 60 16.68 64.32 -10.91
N GLN G 61 16.98 63.02 -10.93
CA GLN G 61 18.07 62.50 -11.73
C GLN G 61 17.64 62.29 -13.13
N GLN G 62 18.58 62.27 -14.04
CA GLN G 62 18.28 62.01 -15.43
C GLN G 62 18.43 60.53 -15.74
N ALA G 63 18.11 60.16 -16.98
CA ALA G 63 18.12 58.77 -17.39
C ALA G 63 19.47 58.17 -17.14
N GLU G 64 19.52 56.88 -16.82
CA GLU G 64 20.75 56.15 -16.58
C GLU G 64 21.55 56.59 -15.38
N SER G 65 20.94 57.32 -14.45
CA SER G 65 21.68 57.77 -13.31
C SER G 65 22.12 56.63 -12.39
N ASP G 66 23.34 56.78 -11.87
CA ASP G 66 23.88 55.95 -10.83
C ASP G 66 23.29 56.32 -9.48
N ALA G 67 22.69 57.52 -9.33
CA ALA G 67 22.22 57.99 -8.04
C ALA G 67 20.71 57.78 -7.90
N TRP G 68 20.29 56.54 -8.16
CA TRP G 68 18.94 56.04 -7.96
C TRP G 68 18.99 54.50 -7.84
N TYR G 69 17.99 53.99 -7.14
CA TYR G 69 17.72 52.57 -7.04
C TYR G 69 16.22 52.39 -6.77
N SER G 70 15.74 51.25 -7.25
CA SER G 70 14.33 50.98 -7.22
C SER G 70 14.04 50.31 -5.91
N PRO G 71 12.75 50.24 -5.54
CA PRO G 71 12.44 49.64 -4.25
C PRO G 71 12.84 48.18 -4.13
N SER G 72 12.88 47.47 -5.24
CA SER G 72 13.30 46.03 -5.20
C SER G 72 14.81 45.86 -4.87
N MET G 73 15.56 46.98 -4.90
CA MET G 73 16.97 46.96 -4.60
C MET G 73 17.20 47.29 -3.14
N TYR G 74 16.13 47.57 -2.35
CA TYR G 74 16.26 48.00 -0.93
C TYR G 74 15.69 46.96 -0.03
N ASN G 75 16.30 46.71 1.12
CA ASN G 75 15.67 45.89 2.09
C ASN G 75 16.32 46.08 3.47
N VAL G 76 15.93 45.32 4.49
CA VAL G 76 16.58 45.35 5.80
C VAL G 76 16.96 43.94 6.11
N VAL G 77 18.23 43.68 6.43
CA VAL G 77 18.68 42.29 6.65
C VAL G 77 19.56 42.21 7.85
N LYS G 78 19.72 41.01 8.41
CA LYS G 78 20.63 40.83 9.53
C LYS G 78 22.06 40.69 8.98
N GLN G 79 23.01 41.30 9.70
CA GLN G 79 24.44 41.27 9.40
C GLN G 79 25.19 41.26 10.72
N ASP G 80 25.88 40.17 11.00
CA ASP G 80 26.53 39.93 12.25
C ASP G 80 25.55 40.15 13.37
N GLY G 81 24.33 39.65 13.21
CA GLY G 81 23.37 39.68 14.26
C GLY G 81 22.56 40.95 14.46
N ARG G 82 22.78 41.96 13.63
CA ARG G 82 22.11 43.24 13.79
C ARG G 82 21.38 43.58 12.48
N ASP G 83 20.17 44.12 12.58
CA ASP G 83 19.47 44.62 11.45
C ASP G 83 20.22 45.78 10.83
N VAL G 84 20.41 45.73 9.50
CA VAL G 84 21.01 46.80 8.73
C VAL G 84 20.14 47.10 7.52
N HIS G 85 20.17 48.35 7.04
CA HIS G 85 19.66 48.65 5.73
C HIS G 85 20.60 48.05 4.71
N VAL G 86 20.03 47.62 3.57
CA VAL G 86 20.85 47.19 2.46
C VAL G 86 20.31 47.72 1.15
N VAL G 87 21.20 48.15 0.30
CA VAL G 87 20.84 48.37 -1.10
C VAL G 87 21.80 47.55 -1.98
N ILE G 88 21.25 46.84 -2.95
CA ILE G 88 22.00 46.01 -3.86
C ILE G 88 21.63 46.56 -5.21
N LYS G 89 22.55 47.31 -5.83
CA LYS G 89 22.33 48.06 -7.05
C LYS G 89 23.49 47.83 -8.07
N PRO G 90 23.19 47.89 -9.35
CA PRO G 90 24.15 47.45 -10.30
C PRO G 90 25.27 48.42 -10.45
N ASP G 91 26.44 47.86 -10.75
CA ASP G 91 27.68 48.60 -10.83
C ASP G 91 27.90 49.22 -12.20
N HIS G 92 27.88 50.55 -12.28
CA HIS G 92 28.21 51.26 -13.54
C HIS G 92 29.58 50.96 -14.15
N GLU G 93 30.54 50.65 -13.30
CA GLU G 93 31.92 50.41 -13.77
C GLU G 93 32.15 48.96 -14.16
N CYS G 94 31.14 48.09 -14.08
CA CYS G 94 31.36 46.67 -14.41
C CYS G 94 31.29 46.61 -15.88
N VAL G 95 32.33 46.08 -16.52
CA VAL G 95 32.28 45.94 -17.99
C VAL G 95 31.19 45.00 -18.54
N VAL G 96 30.76 44.02 -17.74
CA VAL G 96 29.71 43.07 -18.18
C VAL G 96 28.43 43.80 -18.50
N ASN G 97 27.93 44.53 -17.50
CA ASN G 97 26.61 45.13 -17.56
C ASN G 97 26.57 46.64 -17.70
N SER G 98 27.68 47.32 -17.32
CA SER G 98 27.75 48.80 -17.36
C SER G 98 26.58 49.47 -16.62
N GLY G 99 26.28 49.01 -15.42
CA GLY G 99 25.15 49.61 -14.71
C GLY G 99 23.77 49.02 -14.96
N LEU G 100 23.59 48.20 -15.99
CA LEU G 100 22.28 47.54 -16.19
C LEU G 100 22.06 46.54 -15.12
N GLY G 101 20.85 46.54 -14.58
CA GLY G 101 20.33 45.41 -13.75
C GLY G 101 19.01 44.95 -14.37
N SER G 102 18.95 43.67 -14.69
CA SER G 102 17.74 43.08 -15.27
C SER G 102 16.62 43.05 -14.24
N VAL G 103 15.44 42.71 -14.73
CA VAL G 103 14.24 42.51 -13.88
C VAL G 103 14.46 41.49 -12.80
N ARG G 104 15.41 40.59 -12.99
CA ARG G 104 15.73 39.59 -11.97
C ARG G 104 16.77 40.06 -10.97
N GLY G 105 17.94 40.49 -11.48
CA GLY G 105 18.98 40.96 -10.57
C GLY G 105 18.59 42.15 -9.74
N ALA G 106 17.79 43.02 -10.31
CA ALA G 106 17.35 44.19 -9.59
C ALA G 106 16.40 43.94 -8.41
N ARG G 107 15.96 42.69 -8.22
CA ARG G 107 15.16 42.33 -7.08
C ARG G 107 15.90 41.38 -6.19
N MET G 108 17.21 41.31 -6.29
CA MET G 108 17.97 40.57 -5.25
C MET G 108 17.65 41.06 -3.87
N ALA G 109 17.61 42.37 -3.69
CA ALA G 109 17.40 42.84 -2.30
C ALA G 109 16.03 42.36 -1.78
N GLU G 110 15.01 42.54 -2.61
CA GLU G 110 13.63 42.29 -2.18
C GLU G 110 13.31 40.80 -2.07
N THR G 111 14.12 39.94 -2.71
CA THR G 111 14.03 38.48 -2.55
C THR G 111 14.99 37.91 -1.51
N SER G 112 15.66 38.80 -0.76
CA SER G 112 16.46 38.40 0.41
C SER G 112 15.56 38.17 1.61
N PHE G 113 16.05 37.44 2.58
CA PHE G 113 15.31 37.19 3.76
C PHE G 113 15.36 38.44 4.66
N SER G 114 14.18 38.98 4.98
CA SER G 114 14.04 40.05 6.00
C SER G 114 12.96 39.74 7.03
N GLU G 115 13.34 39.53 8.27
CA GLU G 115 12.37 39.54 9.39
C GLU G 115 11.76 40.92 9.54
N ALA G 116 12.56 41.99 9.45
CA ALA G 116 11.97 43.31 9.71
C ALA G 116 10.93 43.71 8.67
N ARG G 117 11.18 43.35 7.41
CA ARG G 117 10.30 43.76 6.35
C ARG G 117 9.50 42.56 5.75
N ASN G 118 9.54 41.42 6.40
CA ASN G 118 8.74 40.27 5.98
C ASN G 118 8.87 39.81 4.55
N THR G 119 10.07 39.89 4.00
CA THR G 119 10.31 39.31 2.69
C THR G 119 10.81 37.87 2.83
N GLN G 120 10.34 36.98 1.96
CA GLN G 120 10.88 35.58 1.89
C GLN G 120 10.82 34.85 3.21
N GLN G 121 9.65 35.00 3.83
CA GLN G 121 9.35 34.26 5.11
C GLN G 121 9.23 32.79 4.92
N GLN G 122 9.08 32.31 3.68
CA GLN G 122 9.21 30.89 3.35
C GLN G 122 10.61 30.34 3.56
N ARG G 123 11.64 31.17 3.65
CA ARG G 123 13.03 30.63 3.77
C ARG G 123 13.12 29.61 4.91
N LEU G 124 13.88 28.52 4.68
CA LEU G 124 14.10 27.53 5.76
C LEU G 124 15.01 28.10 6.81
N THR G 125 14.78 27.71 8.06
CA THR G 125 15.61 28.19 9.17
C THR G 125 16.12 27.07 10.07
N ASP G 126 15.48 25.91 10.04
CA ASP G 126 15.81 24.82 10.93
C ASP G 126 15.76 23.52 10.11
N PRO G 127 16.63 22.58 10.45
CA PRO G 127 16.46 21.20 10.02
C PRO G 127 15.05 20.69 10.38
N LEU G 128 14.44 19.94 9.45
CA LEU G 128 13.11 19.31 9.61
C LEU G 128 13.19 17.79 9.41
N VAL G 129 12.53 17.08 10.31
CA VAL G 129 12.41 15.65 10.27
C VAL G 129 10.92 15.23 10.30
N TRP G 130 10.60 14.28 9.44
CA TRP G 130 9.30 13.62 9.42
C TRP G 130 9.17 12.71 10.63
N ARG G 131 8.33 13.10 11.58
CA ARG G 131 8.12 12.32 12.76
C ARG G 131 6.84 12.76 13.48
N TYR G 132 6.20 11.84 14.21
CA TYR G 132 4.98 12.17 14.93
C TYR G 132 3.81 12.60 13.96
N GLY G 133 3.87 12.18 12.69
CA GLY G 133 2.80 12.43 11.72
C GLY G 133 2.94 13.65 10.80
N GLN G 134 4.01 14.42 10.97
CA GLN G 134 4.24 15.65 10.20
CA GLN G 134 4.24 15.64 10.16
C GLN G 134 5.72 16.03 10.23
N MET G 135 6.14 17.02 9.48
CA MET G 135 7.51 17.54 9.51
C MET G 135 7.65 18.31 10.82
N GLN G 136 8.77 18.17 11.49
CA GLN G 136 8.99 18.79 12.80
C GLN G 136 10.39 19.40 12.81
N PRO G 137 10.53 20.63 13.37
CA PRO G 137 11.88 21.21 13.52
C PRO G 137 12.72 20.49 14.55
N THR G 138 14.03 20.57 14.39
CA THR G 138 14.96 19.89 15.27
C THR G 138 16.32 20.54 15.17
N SER G 139 17.28 20.00 15.87
CA SER G 139 18.68 20.44 15.78
C SER G 139 19.42 19.83 14.59
N TRP G 140 20.54 20.43 14.23
CA TRP G 140 21.41 19.83 13.21
C TRP G 140 21.95 18.50 13.69
N ASP G 141 22.30 18.43 14.95
CA ASP G 141 22.92 17.20 15.41
C ASP G 141 21.99 16.01 15.29
N ASP G 142 20.74 16.22 15.67
CA ASP G 142 19.72 15.20 15.49
C ASP G 142 19.53 14.87 14.01
N ALA G 143 19.32 15.88 13.18
CA ALA G 143 18.97 15.61 11.83
C ALA G 143 20.12 14.90 11.06
N LEU G 144 21.31 15.48 11.15
CA LEU G 144 22.47 14.88 10.55
C LEU G 144 22.72 13.46 11.04
N ASP G 145 22.57 13.23 12.32
CA ASP G 145 22.73 11.90 12.85
C ASP G 145 21.77 10.91 12.16
N LEU G 146 20.51 11.31 11.91
CA LEU G 146 19.56 10.37 11.29
C LEU G 146 19.99 10.08 9.85
N VAL G 147 20.35 11.15 9.16
CA VAL G 147 20.69 11.07 7.73
C VAL G 147 21.89 10.15 7.58
N ALA G 148 22.85 10.30 8.47
CA ALA G 148 24.06 9.54 8.37
C ALA G 148 23.80 8.09 8.75
N ARG G 149 23.02 7.83 9.82
CA ARG G 149 22.74 6.44 10.23
CA ARG G 149 22.79 6.44 10.23
C ARG G 149 22.02 5.65 9.13
N VAL G 150 21.02 6.29 8.49
CA VAL G 150 20.34 5.65 7.42
C VAL G 150 21.28 5.43 6.25
N THR G 151 21.99 6.48 5.86
CA THR G 151 22.81 6.44 4.69
C THR G 151 23.88 5.35 4.79
N ALA G 152 24.47 5.24 5.97
CA ALA G 152 25.58 4.39 6.18
C ALA G 152 25.10 2.97 6.29
N LYS G 153 23.97 2.74 6.93
CA LYS G 153 23.40 1.41 6.97
C LYS G 153 23.05 0.85 5.55
N ILE G 154 22.45 1.70 4.71
CA ILE G 154 22.10 1.28 3.39
C ILE G 154 23.31 1.00 2.53
N VAL G 155 24.30 1.90 2.60
CA VAL G 155 25.52 1.83 1.78
C VAL G 155 26.35 0.61 2.25
N LYS G 156 26.35 0.32 3.55
CA LYS G 156 27.02 -0.89 4.02
C LYS G 156 26.33 -2.13 3.60
N GLU G 157 25.02 -2.12 3.54
CA GLU G 157 24.30 -3.38 3.26
C GLU G 157 24.17 -3.64 1.82
N LYS G 158 23.99 -2.61 1.03
CA LYS G 158 23.70 -2.81 -0.39
C LYS G 158 24.71 -2.21 -1.31
N GLY G 159 25.73 -1.54 -0.78
CA GLY G 159 26.69 -0.81 -1.62
C GLY G 159 26.29 0.64 -1.86
N GLU G 160 27.26 1.42 -2.35
CA GLU G 160 27.07 2.82 -2.62
C GLU G 160 26.14 3.01 -3.78
N ASP G 161 25.95 2.00 -4.63
CA ASP G 161 25.01 2.20 -5.70
C ASP G 161 23.57 2.41 -5.20
N ALA G 162 23.28 2.05 -3.96
CA ALA G 162 21.95 2.25 -3.37
C ALA G 162 21.69 3.74 -2.95
N LEU G 163 22.73 4.58 -2.90
CA LEU G 163 22.64 5.99 -2.65
C LEU G 163 22.51 6.66 -3.95
N ILE G 164 21.43 7.41 -4.12
CA ILE G 164 21.14 8.15 -5.30
C ILE G 164 21.37 9.60 -4.94
N VAL G 165 21.93 10.39 -5.85
CA VAL G 165 22.16 11.80 -5.57
C VAL G 165 21.68 12.65 -6.71
N SER G 166 20.97 13.73 -6.39
CA SER G 166 20.61 14.71 -7.37
C SER G 166 21.26 16.01 -6.86
N ALA G 167 22.04 16.71 -7.68
CA ALA G 167 22.70 17.92 -7.18
C ALA G 167 22.95 18.96 -8.25
N PHE G 168 22.82 20.23 -7.87
CA PHE G 168 23.35 21.33 -8.67
C PHE G 168 24.81 20.99 -9.13
N ASP G 169 25.22 21.41 -10.31
CA ASP G 169 26.66 21.45 -10.73
C ASP G 169 27.04 22.87 -11.22
N HIS G 170 26.11 23.81 -11.03
CA HIS G 170 26.21 25.15 -11.56
C HIS G 170 26.88 26.13 -10.57
N GLY G 171 27.01 27.35 -11.05
CA GLY G 171 27.57 28.46 -10.34
C GLY G 171 26.49 29.39 -9.83
N GLY G 172 26.95 30.49 -9.24
CA GLY G 172 26.02 31.49 -8.74
C GLY G 172 25.30 30.92 -7.53
N ALA G 173 24.21 31.55 -7.15
CA ALA G 173 23.45 31.16 -5.94
C ALA G 173 22.94 29.73 -6.16
N GLY G 174 23.10 28.93 -5.14
CA GLY G 174 22.75 27.50 -5.22
C GLY G 174 23.77 26.66 -5.96
N GLY G 175 25.00 27.16 -6.06
CA GLY G 175 26.12 26.43 -6.65
C GLY G 175 27.41 27.22 -6.37
N GLY G 176 28.34 27.20 -7.30
CA GLY G 176 29.62 27.93 -7.10
C GLY G 176 30.75 27.00 -6.67
N TYR G 177 31.99 27.52 -6.74
CA TYR G 177 33.18 26.66 -6.54
C TYR G 177 33.26 26.01 -5.16
N GLU G 178 32.82 26.75 -4.18
CA GLU G 178 32.85 26.24 -2.81
C GLU G 178 31.86 25.06 -2.72
N ASN G 179 30.68 25.27 -3.24
CA ASN G 179 29.61 24.33 -3.07
C ASN G 179 29.70 23.08 -3.94
N THR G 180 30.10 23.23 -5.19
CA THR G 180 30.32 22.07 -6.05
C THR G 180 31.46 21.23 -5.56
N TRP G 181 32.48 21.85 -4.96
CA TRP G 181 33.58 21.08 -4.34
C TRP G 181 33.12 20.32 -3.10
N GLY G 182 32.40 20.97 -2.21
CA GLY G 182 31.99 20.26 -1.00
C GLY G 182 31.16 19.05 -1.31
N THR G 183 30.16 19.22 -2.18
CA THR G 183 29.35 18.10 -2.60
C THR G 183 30.12 17.09 -3.40
N GLY G 184 30.95 17.55 -4.33
CA GLY G 184 31.75 16.64 -5.12
C GLY G 184 32.76 15.84 -4.32
N LYS G 185 33.33 16.45 -3.30
CA LYS G 185 34.25 15.73 -2.45
C LYS G 185 33.58 14.64 -1.63
N LEU G 186 32.42 14.97 -1.08
CA LEU G 186 31.63 13.97 -0.41
C LEU G 186 31.27 12.75 -1.29
N TYR G 187 30.80 12.97 -2.52
CA TYR G 187 30.24 11.90 -3.27
C TYR G 187 31.23 11.21 -4.19
N PHE G 188 32.32 11.91 -4.61
CA PHE G 188 33.34 11.38 -5.48
C PHE G 188 34.67 11.13 -4.86
N GLU G 189 34.95 11.72 -3.70
CA GLU G 189 36.21 11.42 -3.07
C GLU G 189 36.02 10.54 -1.90
N ALA G 190 35.22 10.95 -0.90
CA ALA G 190 34.94 10.06 0.22
C ALA G 190 34.20 8.83 -0.27
N MET G 191 33.40 8.96 -1.29
CA MET G 191 32.66 7.88 -1.87
C MET G 191 32.87 7.85 -3.38
N LYS G 192 32.28 6.84 -4.03
CA LYS G 192 32.28 6.73 -5.50
C LYS G 192 30.82 6.47 -5.97
N VAL G 193 30.03 7.50 -5.79
CA VAL G 193 28.63 7.47 -6.19
C VAL G 193 28.49 7.49 -7.68
N LYS G 194 27.94 6.42 -8.25
CA LYS G 194 27.67 6.39 -9.70
C LYS G 194 26.30 6.93 -10.02
N ASN G 195 25.33 6.67 -9.11
CA ASN G 195 23.95 7.01 -9.46
C ASN G 195 23.62 8.43 -9.03
N ILE G 196 24.20 9.38 -9.79
CA ILE G 196 24.17 10.79 -9.47
C ILE G 196 23.72 11.47 -10.71
N ARG G 197 22.82 12.43 -10.55
CA ARG G 197 22.36 13.26 -11.63
C ARG G 197 22.55 14.75 -11.30
N ILE G 198 22.38 15.56 -12.29
CA ILE G 198 22.60 16.98 -12.19
C ILE G 198 21.23 17.64 -12.14
N HIS G 199 21.22 18.93 -11.77
CA HIS G 199 19.97 19.65 -11.50
C HIS G 199 19.07 19.72 -12.74
N ASN G 200 19.65 19.75 -13.93
CA ASN G 200 18.87 19.93 -15.18
C ASN G 200 18.82 18.75 -16.12
N ARG G 201 19.44 17.63 -15.75
CA ARG G 201 19.50 16.50 -16.62
C ARG G 201 19.65 15.23 -15.84
N PRO G 202 19.06 14.13 -16.34
CA PRO G 202 18.89 12.96 -15.45
C PRO G 202 20.02 11.98 -15.37
N ALA G 203 21.20 12.41 -15.78
CA ALA G 203 22.40 11.62 -15.62
C ALA G 203 23.60 12.54 -15.43
N TYR G 204 24.75 11.98 -15.05
CA TYR G 204 26.01 12.75 -14.83
C TYR G 204 26.81 12.78 -16.12
N ASN G 205 26.34 13.63 -17.03
CA ASN G 205 26.86 13.84 -18.34
C ASN G 205 27.16 15.34 -18.50
N SER G 206 27.63 15.70 -19.67
CA SER G 206 27.78 17.05 -20.10
C SER G 206 26.70 17.35 -21.11
N GLU G 207 26.22 18.57 -21.09
CA GLU G 207 25.30 19.06 -22.07
C GLU G 207 25.87 19.08 -23.47
N VAL G 208 27.20 19.24 -23.59
CA VAL G 208 27.84 19.57 -24.86
C VAL G 208 29.05 18.62 -25.10
N HIS G 209 28.81 17.32 -24.99
CA HIS G 209 29.87 16.37 -25.26
C HIS G 209 30.40 16.53 -26.71
N GLY G 210 29.54 16.92 -27.64
CA GLY G 210 29.91 17.15 -29.04
C GLY G 210 31.08 18.10 -29.23
N THR G 211 30.89 19.34 -28.79
CA THR G 211 31.93 20.36 -28.87
C THR G 211 33.14 19.95 -28.06
N ARG G 212 32.97 19.35 -26.89
CA ARG G 212 34.10 19.00 -26.04
C ARG G 212 34.99 17.92 -26.71
N ASP G 213 34.33 16.90 -27.24
CA ASP G 213 35.01 15.81 -27.92
C ASP G 213 35.78 16.33 -29.17
N MET G 214 35.22 17.30 -29.83
CA MET G 214 35.88 17.94 -30.93
C MET G 214 37.11 18.81 -30.55
N GLY G 215 37.34 19.06 -29.28
CA GLY G 215 38.43 19.86 -28.76
C GLY G 215 38.09 21.31 -28.46
N VAL G 216 36.79 21.64 -28.50
CA VAL G 216 36.32 22.99 -28.42
C VAL G 216 35.44 23.20 -27.17
N GLY G 217 36.13 23.57 -26.08
CA GLY G 217 35.51 24.01 -24.82
C GLY G 217 34.40 24.98 -25.19
N GLU G 218 33.25 24.86 -24.52
CA GLU G 218 32.06 25.60 -24.98
C GLU G 218 32.03 27.07 -24.56
N LEU G 219 32.89 27.51 -23.60
CA LEU G 219 33.02 28.96 -23.30
C LEU G 219 34.40 29.49 -23.73
N ASN G 220 34.54 29.73 -25.04
CA ASN G 220 35.84 29.98 -25.61
C ASN G 220 36.15 31.40 -26.00
N ASN G 221 35.16 32.28 -25.81
CA ASN G 221 35.28 33.62 -26.33
C ASN G 221 35.09 34.68 -25.24
N CYS G 222 34.88 35.94 -25.64
CA CYS G 222 34.58 36.98 -24.66
C CYS G 222 33.43 37.82 -25.19
N TYR G 223 32.84 38.56 -24.26
CA TYR G 223 31.62 39.33 -24.58
C TYR G 223 31.88 40.43 -25.56
N GLU G 224 33.11 40.93 -25.56
CA GLU G 224 33.55 41.88 -26.60
C GLU G 224 33.35 41.30 -28.00
N ASP G 225 33.52 40.00 -28.16
CA ASP G 225 33.28 39.42 -29.46
C ASP G 225 31.90 39.70 -30.05
N ALA G 226 30.87 39.78 -29.19
CA ALA G 226 29.52 40.11 -29.71
C ALA G 226 29.45 41.55 -30.23
N GLU G 227 30.29 42.41 -29.71
CA GLU G 227 30.45 43.79 -30.24
C GLU G 227 31.19 43.85 -31.54
N LEU G 228 32.05 42.88 -31.76
CA LEU G 228 33.01 42.92 -32.90
C LEU G 228 32.63 42.10 -34.10
N ALA G 229 31.78 41.08 -33.93
CA ALA G 229 31.43 40.28 -35.05
C ALA G 229 30.81 41.07 -36.18
N ASP G 230 31.00 40.60 -37.40
CA ASP G 230 30.23 41.08 -38.56
C ASP G 230 28.83 40.48 -38.55
N THR G 231 28.76 39.20 -38.15
CA THR G 231 27.54 38.44 -38.07
C THR G 231 27.46 37.67 -36.76
N ILE G 232 26.32 37.80 -36.06
CA ILE G 232 25.99 36.94 -34.91
C ILE G 232 25.02 35.87 -35.36
N VAL G 233 25.31 34.63 -35.02
CA VAL G 233 24.40 33.55 -35.36
C VAL G 233 23.96 33.04 -34.01
N ALA G 234 22.66 33.24 -33.75
CA ALA G 234 22.06 32.96 -32.44
C ALA G 234 21.10 31.77 -32.57
N VAL G 235 21.48 30.64 -32.00
CA VAL G 235 20.72 29.41 -32.23
C VAL G 235 20.08 28.95 -30.92
N GLY G 236 18.75 28.87 -30.90
CA GLY G 236 18.06 28.28 -29.79
C GLY G 236 18.33 29.06 -28.51
N THR G 237 18.32 30.39 -28.64
CA THR G 237 18.52 31.33 -27.55
C THR G 237 17.48 32.42 -27.68
N ASN G 238 16.94 32.86 -26.56
CA ASN G 238 16.05 34.01 -26.56
C ASN G 238 16.71 35.04 -25.66
N ALA G 239 17.89 35.46 -26.08
CA ALA G 239 18.79 36.25 -25.28
C ALA G 239 18.24 37.52 -24.65
N LEU G 240 17.35 38.26 -25.30
CA LEU G 240 16.74 39.41 -24.62
C LEU G 240 16.08 39.02 -23.25
N GLU G 241 15.45 37.85 -23.21
CA GLU G 241 14.83 37.31 -22.00
C GLU G 241 15.75 36.48 -21.11
N THR G 242 16.74 35.81 -21.73
CA THR G 242 17.56 34.77 -21.01
C THR G 242 19.05 35.03 -20.82
N GLN G 243 19.60 35.97 -21.59
CA GLN G 243 20.95 36.45 -21.35
C GLN G 243 20.90 37.99 -21.49
N THR G 244 20.03 38.58 -20.70
CA THR G 244 19.52 39.89 -21.00
C THR G 244 20.61 40.96 -21.15
N ASN G 245 21.44 41.12 -20.13
CA ASN G 245 22.42 42.20 -20.15
C ASN G 245 23.62 41.95 -21.06
N TYR G 246 23.90 40.69 -21.43
CA TYR G 246 24.86 40.43 -22.45
C TYR G 246 24.29 40.95 -23.76
N PHE G 247 23.04 40.57 -24.01
CA PHE G 247 22.35 41.04 -25.20
C PHE G 247 22.31 42.57 -25.26
N LEU G 248 21.88 43.20 -24.18
CA LEU G 248 21.68 44.60 -24.25
C LEU G 248 22.96 45.40 -24.27
N ASN G 249 23.92 45.03 -23.45
CA ASN G 249 25.15 45.78 -23.32
C ASN G 249 26.26 45.42 -24.35
N HIS G 250 26.14 44.33 -25.12
CA HIS G 250 27.17 43.92 -26.07
C HIS G 250 26.65 43.59 -27.46
N TRP G 251 25.51 42.89 -27.59
CA TRP G 251 24.93 42.62 -28.93
C TRP G 251 24.31 43.87 -29.59
N ILE G 252 23.46 44.58 -28.86
CA ILE G 252 22.76 45.72 -29.36
C ILE G 252 23.73 46.80 -29.88
N PRO G 253 24.77 47.16 -29.13
CA PRO G 253 25.77 48.10 -29.68
C PRO G 253 26.30 47.70 -31.06
N ASN G 254 26.46 46.40 -31.31
CA ASN G 254 26.91 45.93 -32.64
C ASN G 254 25.82 46.16 -33.66
N LEU G 255 24.63 45.70 -33.34
CA LEU G 255 23.52 45.84 -34.27
C LEU G 255 23.18 47.32 -34.58
N ARG G 256 23.32 48.18 -33.58
CA ARG G 256 22.98 49.57 -33.78
C ARG G 256 24.13 50.32 -34.52
N GLY G 257 25.25 49.65 -34.78
CA GLY G 257 26.42 50.29 -35.36
C GLY G 257 27.20 51.16 -34.38
N GLU G 258 26.88 51.12 -33.09
CA GLU G 258 27.62 51.89 -32.12
C GLU G 258 29.00 51.38 -31.94
N SER G 259 29.25 50.09 -32.20
CA SER G 259 30.59 49.54 -32.02
C SER G 259 31.51 49.77 -33.21
N LEU G 260 31.06 50.42 -34.27
CA LEU G 260 31.89 50.61 -35.49
C LEU G 260 33.24 51.25 -35.23
N GLY G 261 33.23 52.27 -34.37
CA GLY G 261 34.43 52.98 -33.95
C GLY G 261 35.42 52.01 -33.36
N LYS G 262 34.99 51.28 -32.34
CA LYS G 262 35.85 50.27 -31.75
C LYS G 262 36.25 49.21 -32.80
N LYS G 263 35.36 48.78 -33.69
CA LYS G 263 35.74 47.76 -34.68
C LYS G 263 36.90 48.24 -35.54
N LYS G 264 36.72 49.41 -36.15
CA LYS G 264 37.74 50.05 -36.95
C LYS G 264 39.04 50.29 -36.21
N GLU G 265 38.97 50.65 -34.93
CA GLU G 265 40.16 50.83 -34.14
C GLU G 265 40.90 49.50 -33.94
N LEU G 266 40.21 48.43 -33.57
CA LEU G 266 40.89 47.17 -33.22
C LEU G 266 41.24 46.34 -34.44
N MET G 267 40.55 46.55 -35.55
CA MET G 267 40.72 45.71 -36.75
C MET G 267 40.80 46.64 -37.94
N PRO G 268 41.87 47.47 -37.99
CA PRO G 268 41.95 48.50 -39.01
C PRO G 268 42.17 48.02 -40.39
N GLU G 269 42.50 46.77 -40.61
CA GLU G 269 42.89 46.47 -41.97
C GLU G 269 41.85 45.73 -42.71
N GLU G 270 40.59 46.02 -42.40
CA GLU G 270 39.49 45.32 -43.05
C GLU G 270 38.30 46.15 -42.96
N PRO G 271 37.32 45.88 -43.81
CA PRO G 271 36.05 46.61 -43.70
C PRO G 271 35.08 46.14 -42.60
N HIS G 272 34.25 47.07 -42.15
CA HIS G 272 33.30 46.86 -41.07
C HIS G 272 31.99 47.57 -41.36
N GLU G 273 30.91 46.91 -41.03
CA GLU G 273 29.57 47.51 -40.98
C GLU G 273 28.86 47.10 -39.70
N ALA G 274 27.70 47.71 -39.43
CA ALA G 274 26.87 47.32 -38.30
C ALA G 274 26.59 45.80 -38.41
N GLY G 275 26.62 45.16 -37.25
CA GLY G 275 26.36 43.74 -37.19
C GLY G 275 25.02 43.38 -37.72
N ARG G 276 25.02 42.20 -38.30
CA ARG G 276 23.81 41.51 -38.76
C ARG G 276 23.64 40.31 -37.88
N ILE G 277 22.42 39.76 -37.85
CA ILE G 277 22.16 38.61 -36.93
C ILE G 277 21.22 37.64 -37.57
N ILE G 278 21.56 36.36 -37.40
CA ILE G 278 20.75 35.26 -37.87
C ILE G 278 20.23 34.66 -36.57
N ILE G 279 18.91 34.52 -36.47
CA ILE G 279 18.29 33.90 -35.32
C ILE G 279 17.66 32.59 -35.76
N VAL G 280 18.12 31.47 -35.17
CA VAL G 280 17.52 30.18 -35.46
C VAL G 280 16.63 29.73 -34.29
N ASP G 281 15.33 29.91 -34.46
CA ASP G 281 14.37 29.64 -33.47
C ASP G 281 13.04 29.39 -34.16
N PRO G 282 12.41 28.25 -33.91
CA PRO G 282 11.08 28.10 -34.53
C PRO G 282 10.06 29.20 -34.15
N ARG G 283 10.26 29.85 -33.02
CA ARG G 283 9.37 30.86 -32.51
C ARG G 283 9.97 32.26 -32.73
N ARG G 284 9.11 33.19 -33.11
CA ARG G 284 9.45 34.61 -33.14
C ARG G 284 9.31 35.16 -31.75
N THR G 285 10.45 35.54 -31.18
CA THR G 285 10.53 35.97 -29.80
C THR G 285 10.74 37.48 -29.69
N VAL G 286 10.61 38.01 -28.46
CA VAL G 286 10.93 39.41 -28.24
C VAL G 286 12.40 39.75 -28.63
N THR G 287 13.32 38.75 -28.65
CA THR G 287 14.67 38.93 -29.11
C THR G 287 14.64 39.28 -30.61
N VAL G 288 13.89 38.51 -31.36
CA VAL G 288 13.78 38.75 -32.78
C VAL G 288 13.27 40.16 -33.02
N ASN G 289 12.17 40.53 -32.36
CA ASN G 289 11.60 41.87 -32.44
C ASN G 289 12.63 43.00 -32.09
N ALA G 290 13.37 42.84 -31.01
CA ALA G 290 14.33 43.86 -30.55
C ALA G 290 15.47 44.07 -31.57
N CYS G 291 15.90 42.95 -32.18
CA CYS G 291 16.91 42.97 -33.21
C CYS G 291 16.42 43.74 -34.40
N GLU G 292 15.19 43.50 -34.84
CA GLU G 292 14.64 44.17 -35.98
C GLU G 292 14.49 45.67 -35.71
N GLN G 293 14.07 45.98 -34.51
CA GLN G 293 13.89 47.35 -34.08
C GLN G 293 15.23 48.07 -33.97
N THR G 294 16.31 47.35 -33.71
CA THR G 294 17.61 47.93 -33.50
C THR G 294 18.45 48.03 -34.76
N ALA G 295 18.44 46.96 -35.55
CA ALA G 295 19.32 46.79 -36.69
C ALA G 295 18.60 47.12 -37.97
N GLY G 296 17.26 47.14 -37.92
CA GLY G 296 16.45 47.12 -39.14
C GLY G 296 16.20 45.70 -39.63
N ALA G 297 15.05 45.49 -40.22
CA ALA G 297 14.65 44.15 -40.64
C ALA G 297 15.54 43.54 -41.74
N ASP G 298 16.15 44.37 -42.59
CA ASP G 298 17.15 43.88 -43.56
C ASP G 298 18.37 43.27 -42.95
N ASN G 299 18.70 43.60 -41.70
CA ASN G 299 19.84 42.99 -41.05
C ASN G 299 19.56 41.90 -40.04
N VAL G 300 18.34 41.39 -40.07
CA VAL G 300 17.95 40.31 -39.20
C VAL G 300 17.42 39.24 -40.10
N LEU G 301 17.93 38.04 -39.91
CA LEU G 301 17.44 36.88 -40.62
C LEU G 301 16.93 35.86 -39.59
N HIS G 302 15.59 35.78 -39.44
CA HIS G 302 14.94 34.90 -38.51
C HIS G 302 14.59 33.64 -39.30
N LEU G 303 15.31 32.57 -39.02
CA LEU G 303 15.11 31.33 -39.69
C LEU G 303 14.18 30.59 -38.72
N ALA G 304 12.90 30.65 -39.04
CA ALA G 304 11.87 30.05 -38.24
C ALA G 304 11.69 28.57 -38.64
N ILE G 305 12.68 27.80 -38.24
CA ILE G 305 12.78 26.39 -38.63
C ILE G 305 11.68 25.56 -38.00
N ASN G 306 11.34 24.45 -38.63
CA ASN G 306 10.53 23.48 -37.97
C ASN G 306 11.26 23.00 -36.74
N SER G 307 10.54 22.74 -35.67
CA SER G 307 11.12 22.24 -34.44
C SER G 307 12.01 20.99 -34.64
N GLY G 308 13.19 21.04 -34.03
CA GLY G 308 14.15 20.02 -34.06
C GLY G 308 14.90 19.73 -35.36
N THR G 309 14.92 20.71 -36.26
CA THR G 309 15.54 20.55 -37.59
C THR G 309 16.89 21.29 -37.82
N ASP G 310 17.41 21.91 -36.74
CA ASP G 310 18.65 22.62 -36.78
C ASP G 310 19.78 21.86 -37.52
N LEU G 311 19.94 20.58 -37.22
CA LEU G 311 21.01 19.76 -37.79
C LEU G 311 21.00 19.83 -39.33
N ALA G 312 19.83 19.73 -39.91
CA ALA G 312 19.67 19.79 -41.34
C ALA G 312 20.06 21.17 -41.91
N LEU G 313 19.68 22.23 -41.22
CA LEU G 313 20.10 23.54 -41.62
C LEU G 313 21.64 23.66 -41.61
N PHE G 314 22.29 23.19 -40.56
CA PHE G 314 23.70 23.44 -40.36
C PHE G 314 24.52 22.55 -41.30
N ASN G 315 24.06 21.33 -41.55
CA ASN G 315 24.65 20.48 -42.54
C ASN G 315 24.57 21.10 -43.94
N ALA G 316 23.46 21.70 -44.28
CA ALA G 316 23.36 22.39 -45.56
C ALA G 316 24.25 23.60 -45.69
N LEU G 317 24.38 24.35 -44.60
CA LEU G 317 25.22 25.54 -44.60
C LEU G 317 26.68 25.18 -44.72
N PHE G 318 27.06 24.12 -44.04
CA PHE G 318 28.41 23.63 -44.05
C PHE G 318 28.73 23.15 -45.49
N THR G 319 27.82 22.37 -46.06
CA THR G 319 27.95 21.92 -47.45
C THR G 319 28.12 23.09 -48.41
N TYR G 320 27.26 24.08 -48.34
CA TYR G 320 27.29 25.21 -49.25
C TYR G 320 28.56 26.07 -49.10
N ILE G 321 28.94 26.32 -47.86
CA ILE G 321 30.12 27.12 -47.58
C ILE G 321 31.44 26.39 -48.05
N ALA G 322 31.50 25.08 -47.78
CA ALA G 322 32.64 24.27 -48.17
C ALA G 322 32.75 24.21 -49.68
N ASP G 323 31.63 24.05 -50.40
CA ASP G 323 31.71 23.99 -51.85
C ASP G 323 32.12 25.30 -52.47
N LYS G 324 31.66 26.39 -51.89
CA LYS G 324 32.09 27.71 -52.28
C LYS G 324 33.55 28.00 -51.99
N GLY G 325 34.21 27.26 -51.10
CA GLY G 325 35.51 27.63 -50.66
C GLY G 325 35.55 28.80 -49.67
N TRP G 326 34.42 29.15 -49.07
CA TRP G 326 34.36 30.27 -48.11
C TRP G 326 34.88 29.79 -46.73
N VAL G 327 36.07 29.19 -46.72
CA VAL G 327 36.66 28.60 -45.52
C VAL G 327 38.05 29.12 -45.29
N ASP G 328 38.53 28.98 -44.07
CA ASP G 328 39.84 29.42 -43.64
C ASP G 328 40.76 28.19 -43.79
N ARG G 329 41.29 28.07 -45.01
CA ARG G 329 42.24 27.01 -45.41
C ARG G 329 43.40 26.85 -44.50
N ASP G 330 44.02 27.96 -44.09
CA ASP G 330 45.19 27.90 -43.20
C ASP G 330 44.82 27.33 -41.84
N PHE G 331 43.70 27.83 -41.31
CA PHE G 331 43.21 27.34 -40.02
C PHE G 331 42.96 25.84 -40.16
N ILE G 332 42.24 25.45 -41.21
CA ILE G 332 41.89 24.01 -41.39
C ILE G 332 43.16 23.18 -41.46
N ASP G 333 44.11 23.65 -42.28
CA ASP G 333 45.37 22.91 -42.50
C ASP G 333 46.22 22.86 -41.26
N LYS G 334 46.28 23.94 -40.51
CA LYS G 334 47.15 24.00 -39.30
C LYS G 334 46.64 23.47 -38.01
N SER G 335 45.33 23.61 -37.80
CA SER G 335 44.75 23.47 -36.44
C SER G 335 43.71 22.35 -36.29
N THR G 336 43.32 21.75 -37.43
CA THR G 336 42.35 20.63 -37.46
C THR G 336 42.91 19.28 -37.97
N LEU G 337 42.23 18.18 -37.64
CA LEU G 337 42.72 16.83 -37.93
C LEU G 337 42.66 16.62 -39.42
N ARG G 338 43.81 16.26 -39.94
CA ARG G 338 43.98 16.09 -41.40
C ARG G 338 43.80 14.63 -41.86
N GLU G 339 44.18 13.69 -41.00
CA GLU G 339 43.92 12.23 -41.13
C GLU G 339 42.48 11.80 -41.45
N GLY G 340 42.28 11.14 -42.59
CA GLY G 340 41.08 10.28 -42.82
C GLY G 340 40.85 9.28 -41.67
N THR G 341 39.61 8.89 -41.44
CA THR G 341 39.27 7.84 -40.46
C THR G 341 37.91 7.28 -40.80
N ALA G 342 37.80 5.96 -40.85
CA ALA G 342 36.57 5.37 -41.37
C ALA G 342 35.36 5.40 -40.41
N ARG G 343 34.22 5.52 -41.04
CA ARG G 343 32.92 5.53 -40.42
C ARG G 343 32.72 4.24 -39.70
N PRO G 344 32.08 4.30 -38.51
CA PRO G 344 31.86 3.00 -37.84
C PRO G 344 30.76 2.19 -38.57
N PRO G 345 30.64 0.91 -38.26
CA PRO G 345 29.79 0.00 -39.03
C PRO G 345 28.34 0.35 -39.04
N LEU G 346 27.78 0.88 -37.94
CA LEU G 346 26.36 1.18 -37.97
C LEU G 346 26.01 2.53 -38.54
N TYR G 347 27.02 3.27 -39.04
CA TYR G 347 26.80 4.64 -39.49
C TYR G 347 26.03 4.55 -40.77
N PRO G 348 25.23 5.53 -41.18
CA PRO G 348 24.98 6.78 -40.52
C PRO G 348 23.97 6.76 -39.38
N ALA G 349 23.16 5.70 -39.27
CA ALA G 349 22.05 5.67 -38.30
C ALA G 349 22.52 5.76 -36.86
N ARG G 350 23.65 5.15 -36.56
CA ARG G 350 24.12 5.01 -35.21
C ARG G 350 25.65 5.12 -35.19
N GLY G 351 26.20 5.69 -34.14
CA GLY G 351 27.61 5.72 -33.97
C GLY G 351 28.18 4.39 -33.66
N VAL G 352 29.45 4.44 -33.31
CA VAL G 352 30.22 3.29 -32.97
C VAL G 352 29.69 2.63 -31.69
N SER G 353 29.25 3.45 -30.74
CA SER G 353 28.52 2.99 -29.56
C SER G 353 27.61 4.11 -29.05
N GLU G 354 26.89 3.83 -27.97
CA GLU G 354 26.02 4.85 -27.33
C GLU G 354 26.86 5.99 -26.76
N ALA G 355 28.09 5.65 -26.34
CA ALA G 355 29.09 6.62 -25.89
C ALA G 355 29.44 7.64 -26.94
N ASN G 356 29.29 7.29 -28.22
CA ASN G 356 29.75 8.15 -29.34
C ASN G 356 28.75 8.22 -30.46
N PRO G 357 27.74 9.12 -30.34
CA PRO G 357 26.69 9.24 -31.36
C PRO G 357 27.13 9.69 -32.73
N GLY G 358 28.27 10.35 -32.79
CA GLY G 358 28.73 10.98 -34.02
C GLY G 358 30.19 10.57 -34.29
N HIS G 359 30.60 10.76 -35.51
CA HIS G 359 31.95 10.37 -35.94
C HIS G 359 32.90 11.59 -36.15
N LEU G 360 33.94 11.64 -35.36
CA LEU G 360 34.92 12.70 -35.44
C LEU G 360 35.88 12.44 -36.64
N SER G 361 36.13 13.48 -37.41
CA SER G 361 36.91 13.34 -38.61
C SER G 361 37.52 14.64 -39.07
N SER G 362 38.08 14.56 -40.29
CA SER G 362 38.69 15.66 -40.97
C SER G 362 37.62 16.50 -41.65
N PHE G 363 38.00 17.73 -41.96
CA PHE G 363 37.14 18.65 -42.68
C PHE G 363 36.51 17.97 -43.86
N GLU G 364 37.31 17.22 -44.64
CA GLU G 364 36.87 16.78 -46.00
C GLU G 364 35.89 15.67 -45.83
N ASP G 365 36.19 14.81 -44.89
CA ASP G 365 35.32 13.68 -44.58
C ASP G 365 34.01 14.09 -43.88
N ALA G 366 34.10 15.11 -43.06
CA ALA G 366 32.92 15.71 -42.46
C ALA G 366 32.00 16.38 -43.48
N VAL G 367 32.59 17.10 -44.42
CA VAL G 367 31.76 17.70 -45.44
C VAL G 367 31.02 16.63 -46.21
N GLU G 368 31.72 15.58 -46.61
CA GLU G 368 31.06 14.56 -47.42
C GLU G 368 30.01 13.78 -46.62
N GLY G 369 30.28 13.51 -45.36
CA GLY G 369 29.31 12.90 -44.45
C GLY G 369 28.07 13.74 -44.12
N CYS G 370 28.29 15.05 -43.86
CA CYS G 370 27.20 15.98 -43.52
C CYS G 370 26.42 16.37 -44.76
N ARG G 371 27.00 16.13 -45.94
CA ARG G 371 26.49 16.72 -47.18
C ARG G 371 24.96 16.69 -47.33
N MET G 372 24.38 17.86 -47.51
CA MET G 372 22.96 17.99 -47.70
C MET G 372 22.71 19.16 -48.60
N SER G 373 21.83 18.94 -49.56
CA SER G 373 21.49 20.00 -50.52
C SER G 373 20.60 21.08 -49.88
N ILE G 374 20.62 22.26 -50.47
CA ILE G 374 19.80 23.36 -50.05
C ILE G 374 18.34 22.95 -50.10
N GLU G 375 17.95 22.35 -51.22
CA GLU G 375 16.60 21.87 -51.45
C GLU G 375 16.17 20.80 -50.40
N GLU G 376 17.06 19.87 -50.06
CA GLU G 376 16.70 18.87 -49.07
C GLU G 376 16.50 19.54 -47.72
N ALA G 377 17.39 20.44 -47.36
CA ALA G 377 17.28 21.12 -46.03
C ALA G 377 16.07 22.04 -45.94
N ALA G 378 15.72 22.66 -47.07
CA ALA G 378 14.55 23.48 -47.18
C ALA G 378 13.26 22.68 -46.95
N GLU G 379 13.29 21.46 -47.43
CA GLU G 379 12.20 20.54 -47.21
C GLU G 379 12.08 20.11 -45.71
N ILE G 380 13.19 19.71 -45.10
CA ILE G 380 13.18 19.23 -43.71
C ILE G 380 12.90 20.43 -42.78
N THR G 381 13.56 21.57 -42.98
CA THR G 381 13.42 22.70 -42.04
C THR G 381 12.18 23.57 -42.28
N GLY G 382 11.55 23.46 -43.44
CA GLY G 382 10.48 24.37 -43.81
C GLY G 382 10.95 25.72 -44.32
N LEU G 383 12.25 25.98 -44.31
CA LEU G 383 12.74 27.32 -44.71
C LEU G 383 12.65 27.43 -46.23
N ASP G 384 12.71 28.64 -46.74
CA ASP G 384 12.90 28.80 -48.17
C ASP G 384 14.36 28.56 -48.48
N ALA G 385 14.61 27.94 -49.61
CA ALA G 385 15.94 27.83 -50.20
C ALA G 385 16.71 29.16 -50.15
N ALA G 386 16.06 30.25 -50.58
CA ALA G 386 16.70 31.56 -50.54
C ALA G 386 17.16 32.00 -49.13
N GLN G 387 16.41 31.64 -48.07
CA GLN G 387 16.86 31.92 -46.67
C GLN G 387 18.10 31.18 -46.27
N ILE G 388 18.18 29.92 -46.68
CA ILE G 388 19.35 29.09 -46.41
C ILE G 388 20.58 29.68 -47.11
N ILE G 389 20.44 30.03 -48.38
CA ILE G 389 21.56 30.55 -49.12
C ILE G 389 22.02 31.90 -48.57
N LYS G 390 21.07 32.79 -48.30
CA LYS G 390 21.39 34.08 -47.70
C LYS G 390 22.15 33.92 -46.39
N ALA G 391 21.79 32.93 -45.59
CA ALA G 391 22.47 32.70 -44.33
C ALA G 391 23.90 32.23 -44.58
N ALA G 392 24.06 31.36 -45.58
CA ALA G 392 25.41 30.88 -45.88
C ALA G 392 26.27 32.08 -46.26
N GLU G 393 25.70 32.98 -47.04
CA GLU G 393 26.38 34.22 -47.38
C GLU G 393 26.75 35.06 -46.20
N TRP G 394 25.85 35.19 -45.23
CA TRP G 394 26.07 36.08 -44.08
C TRP G 394 27.10 35.54 -43.13
N ILE G 395 27.30 34.22 -43.20
CA ILE G 395 28.27 33.49 -42.44
C ILE G 395 29.62 33.39 -43.17
N GLY G 396 29.60 32.95 -44.43
CA GLY G 396 30.85 32.56 -45.15
C GLY G 396 31.44 33.56 -46.15
N MET G 397 30.61 34.36 -46.79
CA MET G 397 31.11 35.13 -47.91
C MET G 397 32.12 36.14 -47.42
N PRO G 398 33.28 36.20 -48.08
CA PRO G 398 34.28 37.16 -47.70
C PRO G 398 33.82 38.59 -47.87
N LYS G 399 34.40 39.48 -47.07
CA LYS G 399 34.16 40.90 -47.16
C LYS G 399 34.98 41.49 -48.32
N GLU G 400 34.63 42.70 -48.76
CA GLU G 400 35.37 43.41 -49.83
C GLU G 400 36.89 43.38 -49.61
N GLY G 401 37.58 43.11 -50.72
CA GLY G 401 39.01 42.82 -50.68
C GLY G 401 39.37 41.46 -50.10
N GLY G 402 38.44 40.50 -50.15
CA GLY G 402 38.68 39.13 -49.69
C GLY G 402 38.97 38.89 -48.20
N LYS G 403 38.59 39.80 -47.32
CA LYS G 403 38.81 39.57 -45.88
C LYS G 403 37.76 38.58 -45.30
N ARG G 404 38.22 37.65 -44.46
CA ARG G 404 37.35 36.61 -43.83
C ARG G 404 36.23 37.30 -43.02
N ARG G 405 34.96 36.87 -43.16
CA ARG G 405 33.86 37.37 -42.31
C ARG G 405 33.93 36.79 -40.88
N ARG G 406 33.96 37.69 -39.91
CA ARG G 406 34.00 37.35 -38.48
C ARG G 406 32.53 37.09 -37.98
N VAL G 407 32.32 35.92 -37.39
CA VAL G 407 31.03 35.37 -37.04
C VAL G 407 31.10 34.81 -35.62
N MET G 408 30.22 35.31 -34.74
CA MET G 408 30.09 34.76 -33.41
C MET G 408 28.91 33.81 -33.49
N PHE G 409 29.15 32.54 -33.25
CA PHE G 409 28.10 31.54 -33.21
C PHE G 409 27.79 31.30 -31.72
N GLY G 410 26.57 31.67 -31.33
CA GLY G 410 26.09 31.42 -29.95
C GLY G 410 24.85 30.51 -29.90
N TYR G 411 24.87 29.50 -29.03
CA TYR G 411 23.72 28.58 -28.93
C TYR G 411 23.34 28.33 -27.48
N GLU G 412 22.05 28.01 -27.22
CA GLU G 412 21.68 27.63 -25.87
C GLU G 412 20.65 26.50 -25.94
N LYS G 413 19.60 26.50 -25.12
CA LYS G 413 18.83 25.28 -24.88
C LYS G 413 17.92 24.85 -26.03
N GLY G 414 17.63 25.76 -26.93
CA GLY G 414 16.93 25.32 -28.14
C GLY G 414 17.71 24.29 -28.95
N LEU G 415 19.03 24.42 -28.96
CA LEU G 415 19.92 23.39 -29.45
C LEU G 415 20.14 22.28 -28.46
N ILE G 416 20.56 22.67 -27.25
CA ILE G 416 21.03 21.65 -26.29
C ILE G 416 19.95 20.63 -25.82
N TRP G 417 18.76 21.16 -25.65
CA TRP G 417 17.59 20.33 -25.33
C TRP G 417 16.74 20.07 -26.59
N GLY G 418 17.32 20.36 -27.76
CA GLY G 418 16.73 20.04 -29.06
C GLY G 418 17.17 18.72 -29.60
N ASN G 419 16.77 18.48 -30.81
CA ASN G 419 16.94 17.18 -31.43
C ASN G 419 18.39 16.80 -31.67
N ASP G 420 18.74 15.59 -31.33
CA ASP G 420 20.02 15.01 -31.61
C ASP G 420 21.17 15.93 -31.16
N ASN G 421 21.21 16.15 -29.85
CA ASN G 421 22.16 17.03 -29.23
C ASN G 421 23.61 16.90 -29.75
N TYR G 422 24.11 15.66 -29.79
CA TYR G 422 25.51 15.41 -30.08
C TYR G 422 25.84 15.84 -31.51
N ARG G 423 25.03 15.42 -32.46
CA ARG G 423 25.25 15.74 -33.83
C ARG G 423 24.96 17.18 -34.13
N THR G 424 23.88 17.73 -33.57
CA THR G 424 23.58 19.12 -33.86
C THR G 424 24.64 20.10 -33.40
N ASN G 425 25.08 19.89 -32.19
CA ASN G 425 26.15 20.64 -31.60
C ASN G 425 27.45 20.56 -32.51
N GLY G 426 27.84 19.35 -32.89
CA GLY G 426 28.95 19.11 -33.79
C GLY G 426 28.79 19.87 -35.06
N ALA G 427 27.60 19.81 -35.64
CA ALA G 427 27.33 20.42 -36.95
C ALA G 427 27.43 21.92 -36.89
N LEU G 428 27.16 22.53 -35.74
CA LEU G 428 27.28 23.98 -35.63
C LEU G 428 28.75 24.32 -35.46
N VAL G 429 29.44 23.53 -34.65
CA VAL G 429 30.89 23.69 -34.44
C VAL G 429 31.69 23.57 -35.77
N ASN G 430 31.31 22.64 -36.62
CA ASN G 430 31.82 22.54 -38.00
C ASN G 430 31.85 23.87 -38.68
N LEU G 431 30.75 24.63 -38.64
CA LEU G 431 30.70 25.95 -39.29
C LEU G 431 31.73 26.94 -38.76
N ALA G 432 31.95 26.92 -37.46
CA ALA G 432 32.87 27.82 -36.85
C ALA G 432 34.35 27.38 -37.09
N LEU G 433 34.63 26.09 -37.05
CA LEU G 433 35.94 25.58 -37.41
C LEU G 433 36.25 25.88 -38.85
N ALA G 434 35.34 25.58 -39.74
CA ALA G 434 35.57 25.87 -41.15
C ALA G 434 35.85 27.32 -41.46
N THR G 435 35.25 28.26 -40.74
CA THR G 435 35.33 29.65 -41.09
C THR G 435 36.40 30.32 -40.28
N GLY G 436 37.12 29.56 -39.46
CA GLY G 436 38.17 30.11 -38.68
C GLY G 436 37.74 31.00 -37.56
N ASN G 437 36.50 30.81 -37.09
CA ASN G 437 35.93 31.71 -36.09
C ASN G 437 36.04 31.17 -34.69
N ILE G 438 37.17 30.56 -34.39
CA ILE G 438 37.46 30.20 -33.04
C ILE G 438 38.83 30.72 -32.65
N GLY G 439 38.86 31.48 -31.56
CA GLY G 439 40.05 31.92 -30.89
C GLY G 439 40.46 33.30 -31.34
N ARG G 440 39.57 33.96 -32.08
CA ARG G 440 39.83 35.22 -32.75
C ARG G 440 38.75 36.28 -32.48
N PRO G 441 39.14 37.57 -32.50
CA PRO G 441 38.20 38.65 -32.33
C PRO G 441 36.98 38.57 -33.19
N GLY G 442 35.82 38.85 -32.59
CA GLY G 442 34.56 38.76 -33.36
C GLY G 442 34.07 37.34 -33.69
N GLY G 443 34.70 36.31 -33.10
CA GLY G 443 34.35 34.92 -33.35
C GLY G 443 33.84 34.23 -32.10
N GLY G 444 33.90 32.91 -32.16
CA GLY G 444 33.51 32.04 -31.09
C GLY G 444 32.39 31.12 -31.56
N VAL G 445 32.37 29.92 -30.99
CA VAL G 445 31.18 29.07 -31.07
C VAL G 445 30.96 28.59 -29.66
N VAL G 446 30.00 29.23 -29.01
CA VAL G 446 29.88 29.17 -27.55
C VAL G 446 28.42 28.93 -27.07
N ARG G 447 28.29 28.25 -25.92
CA ARG G 447 27.06 28.33 -25.14
C ARG G 447 26.90 29.75 -24.75
N LEU G 448 25.65 30.22 -24.80
CA LEU G 448 25.30 31.51 -24.25
C LEU G 448 24.99 31.42 -22.74
N GLY G 449 24.71 30.19 -22.29
CA GLY G 449 24.62 29.85 -20.89
C GLY G 449 23.28 30.04 -20.23
N GLY G 450 23.26 29.59 -18.98
CA GLY G 450 22.03 29.48 -18.16
C GLY G 450 22.27 30.12 -16.81
N HIS G 451 22.80 29.31 -15.89
CA HIS G 451 23.43 29.74 -14.69
C HIS G 451 24.88 30.19 -15.03
N GLN G 452 25.48 30.92 -14.09
CA GLN G 452 26.93 31.05 -14.04
C GLN G 452 27.57 29.67 -13.76
N GLU G 453 28.89 29.60 -13.92
CA GLU G 453 29.62 28.31 -13.76
C GLU G 453 30.50 28.40 -12.51
N GLY G 454 30.66 27.31 -11.82
CA GLY G 454 31.43 27.21 -10.63
C GLY G 454 31.70 25.77 -10.25
N TYR G 455 32.19 25.04 -11.25
CA TYR G 455 32.42 23.63 -11.11
C TYR G 455 33.84 23.30 -10.76
N VAL G 456 34.03 22.72 -9.58
CA VAL G 456 35.25 22.00 -9.33
C VAL G 456 34.92 20.84 -8.46
N ARG G 457 35.29 19.64 -8.95
CA ARG G 457 34.99 18.37 -8.28
C ARG G 457 36.07 17.33 -8.48
N PRO G 458 36.17 16.37 -7.60
CA PRO G 458 37.01 15.22 -7.97
C PRO G 458 36.59 14.50 -9.24
N SER G 459 37.50 13.68 -9.75
CA SER G 459 37.25 12.81 -10.92
C SER G 459 35.86 12.11 -10.87
N ASP G 460 35.14 12.19 -11.99
CA ASP G 460 33.86 11.53 -12.15
C ASP G 460 33.98 10.25 -13.00
N ALA G 461 35.21 9.75 -13.15
CA ALA G 461 35.46 8.62 -14.09
C ALA G 461 34.63 7.41 -13.76
N HIS G 462 34.36 7.15 -12.49
CA HIS G 462 33.55 6.01 -12.14
C HIS G 462 32.08 6.07 -12.62
N VAL G 463 31.60 7.20 -13.11
CA VAL G 463 30.16 7.29 -13.47
C VAL G 463 29.85 6.68 -14.82
N GLY G 464 30.85 6.57 -15.68
CA GLY G 464 30.65 6.07 -16.99
C GLY G 464 30.10 7.02 -18.02
N ARG G 465 30.09 6.54 -19.24
CA ARG G 465 29.61 7.27 -20.37
C ARG G 465 29.11 6.20 -21.28
N PRO G 466 27.81 6.15 -21.58
CA PRO G 466 26.73 6.92 -20.93
C PRO G 466 26.63 6.62 -19.44
N ALA G 467 26.21 7.64 -18.70
CA ALA G 467 26.03 7.49 -17.22
C ALA G 467 24.61 6.97 -16.94
N ALA G 468 24.33 6.51 -15.72
CA ALA G 468 23.04 5.99 -15.32
C ALA G 468 21.90 7.01 -15.47
N TYR G 469 20.79 6.55 -16.03
CA TYR G 469 19.63 7.37 -16.14
C TYR G 469 18.92 7.30 -14.77
N VAL G 470 19.20 8.27 -13.94
CA VAL G 470 18.78 8.20 -12.53
C VAL G 470 17.26 8.19 -12.38
N ASP G 471 16.55 9.04 -13.12
CA ASP G 471 15.08 9.11 -13.01
C ASP G 471 14.45 7.75 -13.32
N GLN G 472 15.04 7.00 -14.26
CA GLN G 472 14.55 5.69 -14.61
C GLN G 472 14.83 4.70 -13.52
N LEU G 473 15.97 4.77 -12.85
CA LEU G 473 16.21 3.91 -11.72
C LEU G 473 15.11 4.10 -10.64
N LEU G 474 14.82 5.37 -10.31
CA LEU G 474 13.88 5.71 -9.26
C LEU G 474 12.47 5.28 -9.61
N ILE G 475 12.07 5.58 -10.85
CA ILE G 475 10.79 5.21 -11.37
C ILE G 475 10.61 3.71 -11.41
N GLY G 476 11.70 3.01 -11.69
CA GLY G 476 11.75 1.56 -11.74
C GLY G 476 11.86 0.91 -10.39
N GLY G 477 11.84 1.69 -9.31
CA GLY G 477 11.93 1.15 -7.99
C GLY G 477 13.31 0.82 -7.47
N GLN G 478 14.37 1.38 -8.04
CA GLN G 478 15.73 1.08 -7.53
C GLN G 478 16.24 2.24 -6.67
N GLY G 479 17.36 2.04 -5.96
CA GLY G 479 17.89 2.99 -5.01
C GLY G 479 17.17 2.91 -3.68
N GLY G 480 17.90 3.14 -2.62
CA GLY G 480 17.37 3.11 -1.28
C GLY G 480 17.33 4.51 -0.59
N VAL G 481 18.36 5.34 -0.81
CA VAL G 481 18.44 6.65 -0.18
C VAL G 481 18.70 7.69 -1.28
N HIS G 482 18.06 8.83 -1.22
CA HIS G 482 18.24 9.90 -2.19
C HIS G 482 18.64 11.17 -1.46
N HIS G 483 19.78 11.77 -1.82
CA HIS G 483 20.17 13.10 -1.35
C HIS G 483 19.96 14.07 -2.48
N ILE G 484 19.20 15.12 -2.20
CA ILE G 484 18.78 16.09 -3.18
C ILE G 484 19.34 17.43 -2.78
N TRP G 485 20.18 18.04 -3.63
CA TRP G 485 20.77 19.34 -3.28
C TRP G 485 20.40 20.37 -4.30
N GLY G 486 19.59 21.35 -3.91
CA GLY G 486 19.39 22.53 -4.75
C GLY G 486 18.84 22.30 -6.14
N CYS G 487 17.86 21.39 -6.22
CA CYS G 487 17.10 21.23 -7.43
C CYS G 487 15.71 20.59 -7.11
N ASP G 488 14.74 20.81 -7.99
CA ASP G 488 13.36 20.37 -7.68
C ASP G 488 12.74 19.65 -8.87
N HIS G 489 12.97 18.35 -8.92
CA HIS G 489 12.57 17.57 -10.09
C HIS G 489 11.04 17.60 -10.32
N TYR G 490 10.30 17.79 -9.24
CA TYR G 490 8.83 17.95 -9.35
C TYR G 490 8.42 19.03 -10.30
N LYS G 491 9.24 20.08 -10.43
CA LYS G 491 8.95 21.14 -11.35
C LYS G 491 9.71 21.12 -12.68
N THR G 492 10.86 20.48 -12.67
CA THR G 492 11.81 20.68 -13.75
C THR G 492 12.38 19.42 -14.41
N THR G 493 12.09 18.23 -13.93
CA THR G 493 12.54 17.05 -14.66
C THR G 493 11.71 16.75 -15.93
N LEU G 494 12.24 15.85 -16.74
CA LEU G 494 11.45 15.27 -17.80
C LEU G 494 10.57 14.17 -17.28
N ASN G 495 9.55 13.90 -18.05
CA ASN G 495 8.60 12.83 -17.69
C ASN G 495 8.13 13.00 -16.24
N ALA G 496 7.76 14.24 -15.90
CA ALA G 496 7.65 14.63 -14.50
C ALA G 496 6.37 14.17 -13.82
N HIS G 497 5.34 13.85 -14.61
CA HIS G 497 4.07 13.33 -14.05
C HIS G 497 4.27 11.94 -13.49
N GLU G 498 4.82 11.05 -14.34
CA GLU G 498 5.15 9.72 -13.86
C GLU G 498 6.19 9.80 -12.72
N PHE G 499 7.19 10.68 -12.86
CA PHE G 499 8.19 10.81 -11.81
C PHE G 499 7.49 11.01 -10.44
N LYS G 500 6.63 12.01 -10.41
CA LYS G 500 5.92 12.42 -9.17
C LYS G 500 5.05 11.30 -8.62
N ARG G 501 4.33 10.59 -9.51
CA ARG G 501 3.50 9.48 -9.03
C ARG G 501 4.29 8.41 -8.30
N VAL G 502 5.43 8.01 -8.88
CA VAL G 502 6.25 6.95 -8.21
C VAL G 502 7.00 7.49 -6.98
N TYR G 503 7.50 8.73 -7.09
CA TYR G 503 8.31 9.34 -6.02
C TYR G 503 7.46 9.40 -4.75
N LYS G 504 6.23 9.87 -4.90
CA LYS G 504 5.28 9.92 -3.80
C LYS G 504 5.05 8.59 -3.15
N LYS G 505 4.73 7.59 -3.96
CA LYS G 505 4.49 6.28 -3.42
C LYS G 505 5.65 5.71 -2.67
N ARG G 506 6.84 5.80 -3.24
CA ARG G 506 7.99 5.16 -2.62
C ARG G 506 8.39 5.90 -1.32
N THR G 507 8.28 7.23 -1.33
CA THR G 507 8.57 7.98 -0.10
C THR G 507 7.49 7.82 0.97
N ASP G 508 6.23 7.67 0.52
CA ASP G 508 5.12 7.40 1.47
C ASP G 508 5.35 6.13 2.23
N MET G 509 6.00 5.15 1.63
CA MET G 509 6.24 3.84 2.32
C MET G 509 7.16 4.10 3.51
N VAL G 510 8.13 4.99 3.33
CA VAL G 510 9.07 5.28 4.41
C VAL G 510 8.39 6.21 5.43
N LYS G 511 7.59 7.17 4.94
CA LYS G 511 6.78 8.03 5.84
C LYS G 511 5.90 7.24 6.79
N ASP G 512 5.23 6.24 6.25
CA ASP G 512 4.35 5.40 7.01
C ASP G 512 5.07 4.57 8.04
N ALA G 513 6.27 4.05 7.71
CA ALA G 513 7.10 3.35 8.73
C ALA G 513 7.57 4.31 9.87
N MET G 514 8.03 5.47 9.48
CA MET G 514 8.53 6.46 10.45
C MET G 514 7.41 6.95 11.42
N SER G 515 6.19 7.18 10.90
CA SER G 515 5.07 7.60 11.73
C SER G 515 4.72 6.56 12.72
N ALA G 516 5.03 5.31 12.45
CA ALA G 516 4.65 4.20 13.34
C ALA G 516 5.70 3.70 14.26
N ALA G 517 6.92 4.19 14.11
CA ALA G 517 8.03 3.77 14.94
C ALA G 517 8.35 4.84 15.96
N PRO G 518 9.06 4.46 17.03
CA PRO G 518 9.29 5.47 18.05
C PRO G 518 10.54 6.24 17.67
N TYR G 519 10.51 7.56 17.68
CA TYR G 519 11.68 8.35 17.31
C TYR G 519 12.75 8.34 18.40
N GLY G 520 12.34 8.44 19.65
CA GLY G 520 13.30 8.51 20.73
C GLY G 520 14.17 7.28 20.83
N ASP G 521 13.66 6.12 20.40
CA ASP G 521 14.48 4.94 20.16
C ASP G 521 15.05 4.96 18.72
N ARG G 522 16.22 5.54 18.58
CA ARG G 522 16.69 5.92 17.27
C ARG G 522 17.11 4.68 16.46
N GLU G 523 17.66 3.68 17.11
CA GLU G 523 18.03 2.44 16.44
C GLU G 523 16.77 1.79 15.80
N ALA G 524 15.66 1.77 16.55
CA ALA G 524 14.39 1.22 16.05
C ALA G 524 13.87 2.03 14.86
N MET G 525 13.99 3.36 14.92
CA MET G 525 13.57 4.21 13.81
C MET G 525 14.35 3.88 12.58
N VAL G 526 15.67 3.87 12.72
CA VAL G 526 16.51 3.54 11.60
C VAL G 526 16.17 2.16 11.00
N ASN G 527 15.95 1.16 11.85
CA ASN G 527 15.62 -0.19 11.38
C ASN G 527 14.28 -0.22 10.64
N ALA G 528 13.35 0.62 11.06
CA ALA G 528 12.05 0.66 10.42
C ALA G 528 12.19 1.31 9.07
N ILE G 529 12.97 2.39 8.99
CA ILE G 529 13.30 3.02 7.69
C ILE G 529 13.94 2.05 6.73
N VAL G 530 14.94 1.32 7.20
CA VAL G 530 15.62 0.38 6.34
C VAL G 530 14.75 -0.74 5.86
N ASP G 531 13.93 -1.28 6.74
CA ASP G 531 12.92 -2.27 6.33
C ASP G 531 11.99 -1.72 5.22
N ALA G 532 11.53 -0.48 5.37
CA ALA G 532 10.62 0.10 4.27
C ALA G 532 11.40 0.29 2.96
N ILE G 533 12.67 0.70 3.05
CA ILE G 533 13.54 0.77 1.89
C ILE G 533 13.74 -0.64 1.27
N ASN G 534 13.91 -1.64 2.08
CA ASN G 534 14.10 -2.97 1.53
C ASN G 534 12.85 -3.47 0.78
N GLN G 535 11.68 -2.95 1.13
CA GLN G 535 10.43 -3.35 0.55
C GLN G 535 10.17 -2.56 -0.72
N GLY G 536 11.05 -1.61 -1.06
CA GLY G 536 10.88 -0.80 -2.28
C GLY G 536 10.66 0.68 -2.07
N GLY G 537 10.64 1.11 -0.81
CA GLY G 537 10.56 2.53 -0.53
C GLY G 537 11.85 3.30 -0.81
N LEU G 538 11.85 4.61 -0.50
CA LEU G 538 12.95 5.50 -0.70
C LEU G 538 12.94 6.50 0.48
N PHE G 539 14.06 6.58 1.18
CA PHE G 539 14.38 7.66 2.16
C PHE G 539 15.04 8.83 1.43
N ALA G 540 14.44 10.00 1.56
CA ALA G 540 14.83 11.17 0.79
C ALA G 540 15.23 12.36 1.69
N VAL G 541 16.39 13.00 1.43
CA VAL G 541 16.93 14.15 2.17
C VAL G 541 17.04 15.32 1.21
N ASN G 542 16.47 16.46 1.59
CA ASN G 542 16.45 17.66 0.70
C ASN G 542 17.28 18.74 1.41
N VAL G 543 18.25 19.29 0.68
CA VAL G 543 19.06 20.41 1.08
C VAL G 543 18.67 21.55 0.18
N ASP G 544 18.04 22.57 0.76
CA ASP G 544 17.52 23.63 -0.03
C ASP G 544 17.39 24.90 0.86
N ILE G 545 16.88 25.98 0.29
CA ILE G 545 16.64 27.26 0.99
C ILE G 545 15.15 27.54 1.24
N ILE G 546 14.26 26.81 0.56
CA ILE G 546 12.82 26.91 0.82
C ILE G 546 12.16 25.51 0.90
N PRO G 547 10.85 25.47 1.22
CA PRO G 547 10.09 24.23 1.12
C PRO G 547 9.82 24.00 -0.33
N THR G 548 10.42 22.95 -0.85
CA THR G 548 10.32 22.70 -2.29
C THR G 548 9.10 21.78 -2.57
N LYS G 549 8.81 21.58 -3.85
CA LYS G 549 7.84 20.57 -4.25
C LYS G 549 8.27 19.13 -3.97
N ILE G 550 9.44 18.71 -4.42
CA ILE G 550 9.94 17.42 -4.08
C ILE G 550 10.13 17.31 -2.61
N GLY G 551 10.43 18.41 -1.94
CA GLY G 551 10.53 18.38 -0.52
C GLY G 551 9.28 17.97 0.26
N GLU G 552 8.10 18.13 -0.37
CA GLU G 552 6.84 17.56 0.22
C GLU G 552 6.90 16.01 0.34
N ALA G 553 7.82 15.38 -0.39
CA ALA G 553 7.99 13.94 -0.32
C ALA G 553 9.18 13.53 0.59
N CYS G 554 10.01 14.50 1.03
CA CYS G 554 11.22 14.14 1.76
C CYS G 554 11.01 13.91 3.24
N HIS G 555 11.95 13.20 3.82
CA HIS G 555 11.91 12.83 5.21
C HIS G 555 12.78 13.69 6.12
N VAL G 556 13.77 14.29 5.54
CA VAL G 556 14.67 15.20 6.24
C VAL G 556 14.95 16.37 5.32
N ILE G 557 14.82 17.57 5.86
CA ILE G 557 15.11 18.81 5.14
C ILE G 557 16.22 19.56 5.90
N LEU G 558 17.25 20.01 5.17
CA LEU G 558 18.37 20.67 5.80
C LEU G 558 18.48 22.02 5.18
N PRO G 559 18.48 23.12 5.97
CA PRO G 559 18.43 24.47 5.45
C PRO G 559 19.77 25.07 5.08
N ALA G 560 19.85 25.52 3.83
CA ALA G 560 21.05 26.06 3.24
C ALA G 560 21.02 27.58 3.29
N ALA G 561 22.22 28.16 3.22
CA ALA G 561 22.42 29.59 3.09
C ALA G 561 22.85 29.81 1.67
N THR G 562 22.39 30.85 1.02
CA THR G 562 22.78 31.09 -0.34
C THR G 562 23.70 32.31 -0.52
N SER G 563 24.05 32.60 -1.77
CA SER G 563 25.02 33.67 -2.08
C SER G 563 24.63 34.97 -1.42
N GLY G 564 25.60 35.67 -0.85
CA GLY G 564 25.28 36.91 -0.14
C GLY G 564 25.21 36.69 1.34
N GLU G 565 24.65 35.56 1.75
CA GLU G 565 24.69 35.09 3.13
C GLU G 565 25.97 34.30 3.35
N MET G 566 26.70 34.09 2.26
CA MET G 566 28.00 33.49 2.27
C MET G 566 28.82 34.17 1.20
N ASN G 567 30.12 33.99 1.30
CA ASN G 567 31.03 34.35 0.22
C ASN G 567 30.87 33.31 -0.87
N LEU G 568 30.95 33.72 -2.12
CA LEU G 568 30.75 32.74 -3.17
C LEU G 568 31.57 33.13 -4.38
N THR G 569 32.20 32.17 -5.06
CA THR G 569 32.87 32.37 -6.35
C THR G 569 32.23 31.63 -7.51
N SER G 570 32.22 32.30 -8.66
CA SER G 570 31.78 31.73 -9.90
C SER G 570 32.25 32.57 -11.05
N MET G 571 32.03 32.08 -12.25
CA MET G 571 32.38 32.79 -13.46
C MET G 571 31.17 32.85 -14.38
N ASN G 572 31.24 33.78 -15.32
CA ASN G 572 30.16 34.07 -16.22
C ASN G 572 30.42 33.46 -17.59
N GLY G 573 29.64 33.83 -18.58
CA GLY G 573 29.74 33.23 -19.91
C GLY G 573 30.99 33.59 -20.71
N GLU G 574 31.82 34.47 -20.12
CA GLU G 574 33.12 34.91 -20.63
C GLU G 574 34.22 34.37 -19.79
N ARG G 575 33.89 33.48 -18.88
CA ARG G 575 34.78 32.97 -17.84
C ARG G 575 35.23 34.01 -16.83
N ARG G 576 34.46 35.09 -16.67
CA ARG G 576 34.86 36.14 -15.73
C ARG G 576 34.54 35.77 -14.29
N MET G 577 35.60 35.40 -13.54
CA MET G 577 35.46 34.89 -12.17
C MET G 577 35.41 36.06 -11.19
N ARG G 578 34.41 36.06 -10.30
CA ARG G 578 34.28 37.07 -9.26
C ARG G 578 34.01 36.40 -7.92
N LEU G 579 34.34 37.15 -6.86
CA LEU G 579 33.98 36.87 -5.50
C LEU G 579 32.78 37.74 -5.16
N THR G 580 31.66 37.10 -4.77
CA THR G 580 30.55 37.77 -4.14
C THR G 580 30.87 37.79 -2.65
N GLU G 581 30.92 38.96 -2.07
CA GLU G 581 31.33 39.13 -0.65
C GLU G 581 30.11 39.11 0.24
N ARG G 582 30.17 38.31 1.29
CA ARG G 582 29.04 38.17 2.14
C ARG G 582 28.64 39.53 2.74
N TYR G 583 27.36 39.85 2.66
CA TYR G 583 26.80 41.07 3.20
C TYR G 583 25.67 40.84 4.21
N MET G 584 25.24 39.60 4.46
CA MET G 584 24.18 39.34 5.45
C MET G 584 24.37 37.96 6.07
N ASP G 585 23.52 37.67 7.07
CA ASP G 585 23.54 36.43 7.75
C ASP G 585 22.58 35.41 7.14
N PRO G 586 22.94 34.14 7.23
CA PRO G 586 21.98 33.11 6.88
C PRO G 586 20.71 33.21 7.81
N PRO G 587 19.52 33.01 7.27
CA PRO G 587 18.32 32.84 8.10
C PRO G 587 18.47 31.70 9.07
N GLY G 588 18.11 31.98 10.32
CA GLY G 588 17.98 30.95 11.30
C GLY G 588 19.28 30.22 11.48
N GLN G 589 19.23 28.89 11.41
CA GLN G 589 20.37 28.02 11.55
C GLN G 589 20.90 27.49 10.21
N SER G 590 20.58 28.16 9.14
CA SER G 590 20.90 27.71 7.80
C SER G 590 22.44 27.83 7.57
N MET G 591 23.00 27.00 6.67
CA MET G 591 24.41 26.87 6.55
C MET G 591 24.75 26.65 5.11
N PRO G 592 25.84 27.26 4.63
CA PRO G 592 26.34 27.01 3.27
C PRO G 592 26.43 25.52 2.92
N ASP G 593 26.08 25.21 1.68
CA ASP G 593 26.04 23.82 1.23
C ASP G 593 27.35 23.11 1.41
N CYS G 594 28.48 23.81 1.11
CA CYS G 594 29.78 23.16 1.37
C CYS G 594 29.94 22.77 2.77
N LEU G 595 29.38 23.56 3.69
CA LEU G 595 29.52 23.22 5.08
C LEU G 595 28.55 22.15 5.53
N ILE G 596 27.40 22.08 4.88
CA ILE G 596 26.46 20.95 5.11
C ILE G 596 27.17 19.67 4.70
N ALA G 597 27.79 19.69 3.55
CA ALA G 597 28.52 18.51 3.12
C ALA G 597 29.60 18.09 4.12
N ALA G 598 30.37 19.05 4.61
CA ALA G 598 31.41 18.75 5.55
C ALA G 598 30.85 18.20 6.83
N ARG G 599 29.78 18.80 7.33
CA ARG G 599 29.17 18.29 8.59
C ARG G 599 28.57 16.91 8.38
N LEU G 600 28.01 16.69 7.20
CA LEU G 600 27.49 15.38 6.88
C LEU G 600 28.64 14.37 6.85
N ALA G 601 29.74 14.72 6.18
CA ALA G 601 30.95 13.89 6.18
C ALA G 601 31.49 13.60 7.57
N ASN G 602 31.56 14.63 8.39
CA ASN G 602 31.98 14.43 9.80
C ASN G 602 31.03 13.45 10.53
N THR G 603 29.72 13.54 10.24
CA THR G 603 28.75 12.66 10.89
C THR G 603 28.90 11.20 10.40
N MET G 604 29.11 11.06 9.10
CA MET G 604 29.42 9.76 8.52
C MET G 604 30.65 9.07 9.20
N GLU G 605 31.72 9.85 9.37
CA GLU G 605 32.92 9.33 10.05
C GLU G 605 32.58 8.86 11.40
N ARG G 606 31.81 9.68 12.12
CA ARG G 606 31.41 9.30 13.49
C ARG G 606 30.54 8.03 13.50
N VAL G 607 29.51 8.06 12.68
CA VAL G 607 28.59 6.91 12.63
C VAL G 607 29.28 5.60 12.22
N LEU G 608 30.08 5.64 11.19
CA LEU G 608 30.80 4.46 10.71
C LEU G 608 31.76 3.92 11.73
N THR G 609 32.43 4.81 12.47
CA THR G 609 33.32 4.43 13.54
C THR G 609 32.55 3.71 14.62
N GLU G 610 31.45 4.31 15.05
CA GLU G 610 30.58 3.70 16.04
C GLU G 610 30.09 2.32 15.59
N MET G 611 29.76 2.14 14.32
CA MET G 611 29.41 0.84 13.71
C MET G 611 30.57 -0.18 13.57
N GLY G 612 31.73 0.12 14.16
CA GLY G 612 32.94 -0.61 13.99
C GLY G 612 33.60 -0.65 12.62
N ASP G 613 33.28 0.27 11.71
CA ASP G 613 33.91 0.31 10.41
C ASP G 613 34.90 1.48 10.22
N VAL G 614 36.09 1.34 10.82
CA VAL G 614 37.06 2.42 10.79
C VAL G 614 37.68 2.67 9.45
N GLY G 615 37.84 1.65 8.63
CA GLY G 615 38.39 1.89 7.29
C GLY G 615 37.48 2.76 6.45
N TYR G 616 36.19 2.45 6.47
CA TYR G 616 35.25 3.25 5.71
C TYR G 616 35.13 4.67 6.27
N ALA G 617 35.00 4.77 7.60
CA ALA G 617 34.99 6.08 8.29
C ALA G 617 36.13 7.01 7.86
N ALA G 618 37.33 6.43 7.75
CA ALA G 618 38.55 7.20 7.31
C ALA G 618 38.38 7.87 5.98
N GLN G 619 37.58 7.29 5.08
CA GLN G 619 37.40 7.96 3.79
C GLN G 619 36.67 9.34 3.86
N PHE G 620 35.98 9.61 4.98
CA PHE G 620 35.21 10.84 5.20
C PHE G 620 36.01 11.92 5.94
N LYS G 621 37.31 11.71 6.11
CA LYS G 621 38.24 12.77 6.62
C LYS G 621 38.49 13.79 5.53
N GLY G 622 39.08 14.94 5.87
CA GLY G 622 39.32 15.99 4.89
C GLY G 622 38.20 17.00 4.85
N PHE G 623 37.37 17.05 5.90
CA PHE G 623 36.25 17.99 5.89
C PHE G 623 36.17 18.83 7.17
N ASP G 624 37.29 19.46 7.53
CA ASP G 624 37.34 20.24 8.81
C ASP G 624 37.01 21.72 8.58
N TRP G 625 36.30 21.99 7.51
CA TRP G 625 36.03 23.34 7.12
C TRP G 625 35.13 24.03 8.14
N GLN G 626 35.47 25.27 8.41
CA GLN G 626 34.73 26.12 9.33
C GLN G 626 34.05 27.22 8.56
N THR G 627 34.51 27.54 7.40
CA THR G 627 33.92 28.62 6.64
C THR G 627 34.08 28.25 5.19
N GLU G 628 33.27 28.85 4.34
CA GLU G 628 33.25 28.50 2.92
C GLU G 628 34.60 28.72 2.21
N GLU G 629 35.39 29.68 2.70
CA GLU G 629 36.72 29.90 2.14
C GLU G 629 37.56 28.64 2.21
N ASP G 630 37.41 27.89 3.31
CA ASP G 630 38.15 26.66 3.46
C ASP G 630 37.85 25.70 2.31
N ALA G 631 36.62 25.72 1.81
CA ALA G 631 36.27 24.83 0.66
C ALA G 631 36.76 25.42 -0.64
N PHE G 632 36.73 26.73 -0.76
CA PHE G 632 37.41 27.37 -1.90
C PHE G 632 38.89 26.96 -2.00
N MET G 633 39.55 27.01 -0.87
CA MET G 633 41.01 26.77 -0.85
C MET G 633 41.33 25.28 -1.07
N ASP G 634 40.49 24.35 -0.59
CA ASP G 634 40.71 22.89 -0.73
C ASP G 634 40.33 22.49 -2.13
N GLY G 635 39.43 23.25 -2.74
CA GLY G 635 38.92 22.97 -4.08
C GLY G 635 39.55 23.72 -5.23
N TYR G 636 39.00 24.89 -5.47
CA TYR G 636 39.40 25.70 -6.62
C TYR G 636 40.93 25.92 -6.57
N ASN G 637 41.39 26.38 -5.41
CA ASN G 637 42.75 26.86 -5.25
C ASN G 637 43.76 25.72 -5.52
N LYS G 638 43.45 24.49 -5.13
CA LYS G 638 44.31 23.34 -5.39
C LYS G 638 44.06 22.63 -6.67
N ASN G 639 42.96 22.85 -7.37
CA ASN G 639 42.61 22.04 -8.53
C ASN G 639 42.35 22.78 -9.80
N ALA G 640 42.01 24.05 -9.76
CA ALA G 640 41.76 24.72 -11.04
C ALA G 640 43.14 24.98 -11.72
N HIS G 641 43.13 25.12 -13.04
CA HIS G 641 44.27 25.58 -13.77
C HIS G 641 44.57 26.97 -13.35
N GLY G 642 45.75 27.19 -12.78
CA GLY G 642 46.17 28.50 -12.35
C GLY G 642 45.54 28.86 -11.03
N GLY G 643 45.01 27.86 -10.33
CA GLY G 643 44.27 28.12 -9.11
C GLY G 643 45.07 28.75 -8.01
N GLU G 644 46.36 28.46 -8.02
CA GLU G 644 47.24 28.95 -6.94
C GLU G 644 47.35 30.48 -6.93
N PHE G 645 46.99 31.10 -8.03
CA PHE G 645 46.99 32.54 -8.16
C PHE G 645 45.77 33.21 -7.62
N VAL G 646 44.74 32.45 -7.26
CA VAL G 646 43.45 33.06 -6.92
C VAL G 646 43.18 32.83 -5.47
N THR G 647 42.93 33.92 -4.75
CA THR G 647 42.51 33.89 -3.36
C THR G 647 41.38 34.87 -3.21
N TYR G 648 40.68 34.76 -2.10
CA TYR G 648 39.59 35.70 -1.85
C TYR G 648 40.08 37.20 -1.82
N GLU G 649 41.21 37.43 -1.14
CA GLU G 649 41.77 38.84 -1.10
C GLU G 649 42.07 39.37 -2.43
N ARG G 650 42.63 38.53 -3.27
CA ARG G 650 42.93 39.03 -4.57
C ARG G 650 41.71 39.24 -5.39
N LEU G 651 40.73 38.33 -5.30
CA LEU G 651 39.47 38.54 -6.03
C LEU G 651 38.78 39.80 -5.56
N SER G 652 38.78 39.98 -4.27
CA SER G 652 38.15 41.16 -3.72
C SER G 652 38.75 42.46 -4.26
N ALA G 653 40.09 42.52 -4.40
CA ALA G 653 40.75 43.70 -4.91
C ALA G 653 40.44 43.95 -6.37
N MET G 654 40.19 42.91 -7.12
CA MET G 654 39.79 43.12 -8.50
C MET G 654 38.31 43.52 -8.71
N GLY G 655 37.51 43.44 -7.67
CA GLY G 655 36.13 43.92 -7.76
C GLY G 655 35.23 43.16 -8.70
N THR G 656 34.20 43.85 -9.15
CA THR G 656 33.17 43.19 -9.94
C THR G 656 33.66 42.79 -11.30
N ASN G 657 34.79 43.35 -11.76
CA ASN G 657 35.33 42.93 -13.07
C ASN G 657 36.14 41.64 -12.99
N GLY G 658 36.64 41.31 -11.81
CA GLY G 658 37.33 40.03 -11.58
C GLY G 658 38.41 39.82 -12.62
N PHE G 659 38.55 38.58 -13.06
CA PHE G 659 39.47 38.28 -14.17
C PHE G 659 38.88 37.13 -14.94
N GLN G 660 39.28 36.97 -16.20
CA GLN G 660 38.84 35.84 -16.99
C GLN G 660 39.71 34.58 -16.83
N GLU G 661 39.09 33.44 -16.55
CA GLU G 661 39.76 32.18 -16.29
C GLU G 661 40.22 31.54 -17.62
N PRO G 662 41.31 30.77 -17.60
CA PRO G 662 42.14 30.49 -16.43
C PRO G 662 43.15 31.62 -16.15
N ALA G 663 43.48 31.73 -14.88
CA ALA G 663 44.54 32.55 -14.45
C ALA G 663 45.87 31.90 -14.90
N THR G 664 46.76 32.76 -15.33
CA THR G 664 48.15 32.35 -15.64
C THR G 664 49.25 33.12 -14.91
N GLY G 665 48.88 34.11 -14.11
CA GLY G 665 49.84 34.86 -13.34
C GLY G 665 49.22 35.87 -12.43
N PHE G 666 50.10 36.53 -11.69
CA PHE G 666 49.77 37.60 -10.75
C PHE G 666 50.94 38.61 -10.62
N THR G 667 50.62 39.87 -10.79
CA THR G 667 51.55 41.01 -10.69
C THR G 667 50.78 42.23 -10.24
N ASP G 668 51.26 42.88 -9.19
CA ASP G 668 50.80 44.23 -8.83
C ASP G 668 49.26 44.28 -8.59
N GLY G 669 48.80 43.42 -7.70
CA GLY G 669 47.40 43.18 -7.44
C GLY G 669 46.47 42.86 -8.60
N LYS G 670 46.97 42.36 -9.74
CA LYS G 670 46.15 41.90 -10.86
C LYS G 670 46.40 40.44 -11.19
N ILE G 671 45.36 39.62 -11.03
CA ILE G 671 45.38 38.27 -11.57
C ILE G 671 45.38 38.41 -13.07
N GLU G 672 46.32 37.73 -13.70
CA GLU G 672 46.41 37.71 -15.14
C GLU G 672 45.52 36.59 -15.65
N GLY G 673 44.68 36.90 -16.62
CA GLY G 673 43.69 35.96 -17.10
C GLY G 673 43.86 35.61 -18.53
N THR G 674 42.83 35.00 -19.11
CA THR G 674 42.82 34.61 -20.51
C THR G 674 41.57 35.10 -21.14
N GLN G 675 41.70 35.97 -22.13
CA GLN G 675 40.55 36.72 -22.57
C GLN G 675 39.69 35.88 -23.52
N ARG G 676 40.35 35.10 -24.37
CA ARG G 676 39.76 34.18 -25.33
C ARG G 676 40.54 32.91 -25.25
N LEU G 677 39.87 31.76 -25.44
CA LEU G 677 40.57 30.47 -25.47
C LEU G 677 41.01 30.15 -26.87
N TYR G 678 41.95 29.21 -26.98
CA TYR G 678 42.40 28.75 -28.28
C TYR G 678 43.02 29.85 -29.19
N THR G 679 43.58 30.91 -28.60
CA THR G 679 44.22 31.96 -29.43
C THR G 679 45.53 31.45 -30.08
N ASP G 680 46.12 30.35 -29.58
CA ASP G 680 47.27 29.68 -30.18
C ASP G 680 46.89 28.55 -31.17
N GLY G 681 45.60 28.32 -31.44
CA GLY G 681 45.20 27.26 -32.40
C GLY G 681 45.42 25.85 -31.87
N VAL G 682 45.60 25.70 -30.56
CA VAL G 682 45.83 24.43 -29.95
C VAL G 682 44.57 24.08 -29.11
N PHE G 683 43.84 23.09 -29.60
CA PHE G 683 42.58 22.65 -29.07
C PHE G 683 42.72 21.57 -28.00
N SER G 684 41.61 21.27 -27.34
CA SER G 684 41.64 20.40 -26.19
C SER G 684 41.46 18.92 -26.58
N THR G 685 42.36 18.38 -27.40
CA THR G 685 42.36 16.97 -27.76
C THR G 685 43.75 16.48 -27.44
N ASP G 686 43.95 15.17 -27.50
CA ASP G 686 45.31 14.60 -27.37
C ASP G 686 46.31 15.37 -28.22
N ASP G 687 46.17 15.28 -29.53
CA ASP G 687 47.12 15.91 -30.41
C ASP G 687 46.97 17.45 -30.64
N GLY G 688 46.09 18.13 -29.90
CA GLY G 688 45.93 19.58 -30.04
C GLY G 688 45.22 20.04 -31.30
N LYS G 689 44.75 19.12 -32.13
CA LYS G 689 43.96 19.49 -33.33
C LYS G 689 42.47 19.34 -33.03
N ALA G 690 41.68 20.28 -33.55
CA ALA G 690 40.26 20.20 -33.46
C ALA G 690 39.82 19.17 -34.48
N ARG G 691 38.76 18.45 -34.13
CA ARG G 691 38.09 17.53 -35.08
C ARG G 691 36.86 18.16 -35.58
N PHE G 692 36.56 17.93 -36.84
CA PHE G 692 35.25 18.16 -37.39
C PHE G 692 34.36 16.94 -37.08
N MET G 693 33.07 17.06 -37.33
CA MET G 693 32.13 15.98 -37.04
C MET G 693 31.38 15.63 -38.26
N ASP G 694 31.44 14.34 -38.58
CA ASP G 694 30.64 13.75 -39.63
C ASP G 694 29.30 13.34 -38.95
N ALA G 695 28.25 14.09 -39.24
CA ALA G 695 27.02 14.14 -38.39
C ALA G 695 25.80 14.25 -39.27
N PRO G 696 25.51 13.17 -40.02
CA PRO G 696 24.37 13.30 -40.94
C PRO G 696 23.01 13.35 -40.20
N TRP G 697 22.08 14.12 -40.73
CA TRP G 697 20.67 14.15 -40.31
C TRP G 697 20.11 12.75 -40.28
N ARG G 698 19.46 12.38 -39.18
CA ARG G 698 18.75 11.08 -39.06
C ARG G 698 17.34 11.25 -38.45
N GLY G 699 16.68 12.35 -38.81
CA GLY G 699 15.34 12.66 -38.29
C GLY G 699 15.32 12.95 -36.77
N LEU G 700 14.16 12.75 -36.12
CA LEU G 700 14.00 12.91 -34.66
C LEU G 700 14.61 11.73 -34.02
N GLN G 701 15.66 11.95 -33.25
CA GLN G 701 16.51 10.86 -32.78
C GLN G 701 16.00 10.17 -31.55
N ALA G 702 15.44 10.95 -30.61
CA ALA G 702 15.10 10.42 -29.32
C ALA G 702 13.85 9.47 -29.45
N PRO G 703 13.83 8.39 -28.70
CA PRO G 703 12.73 7.44 -28.82
C PRO G 703 11.34 7.99 -28.49
N GLY G 704 10.38 7.64 -29.36
CA GLY G 704 8.99 8.04 -29.21
C GLY G 704 8.65 9.40 -29.73
N LYS G 705 9.64 10.18 -30.14
CA LYS G 705 9.39 11.57 -30.44
C LYS G 705 8.58 11.75 -31.70
N GLN G 706 8.98 11.06 -32.77
CA GLN G 706 8.21 11.12 -34.04
C GLN G 706 6.75 10.69 -33.80
N GLN G 707 6.54 9.62 -33.03
CA GLN G 707 5.20 9.13 -32.79
C GLN G 707 4.38 10.15 -31.96
N GLN G 708 5.03 10.80 -30.99
CA GLN G 708 4.37 11.86 -30.20
C GLN G 708 3.94 12.96 -31.11
N LYS G 709 4.83 13.37 -32.00
CA LYS G 709 4.48 14.41 -32.93
C LYS G 709 3.32 14.01 -33.88
N ASP G 710 3.38 12.79 -34.40
CA ASP G 710 2.38 12.34 -35.32
C ASP G 710 1.02 12.12 -34.66
N SER G 711 0.98 11.83 -33.36
CA SER G 711 -0.25 11.50 -32.70
C SER G 711 -0.91 12.60 -31.85
N HIS G 712 -0.42 13.85 -31.88
CA HIS G 712 -1.00 14.95 -31.09
C HIS G 712 -1.05 16.16 -31.91
N LYS G 713 -1.82 17.16 -31.50
CA LYS G 713 -2.17 18.26 -32.34
C LYS G 713 -1.19 19.40 -32.30
N TYR G 714 -0.59 19.71 -31.12
CA TYR G 714 0.21 20.92 -31.00
C TYR G 714 1.67 20.64 -30.66
N LEU G 715 2.56 21.44 -31.21
CA LEU G 715 3.89 21.56 -30.58
C LEU G 715 3.73 22.27 -29.20
N ILE G 716 4.27 21.63 -28.16
CA ILE G 716 4.42 22.25 -26.85
C ILE G 716 5.86 22.62 -26.62
N ASN G 717 6.26 23.68 -27.30
CA ASN G 717 7.56 24.30 -27.12
C ASN G 717 7.48 24.86 -25.68
N ASN G 718 8.65 25.07 -25.09
CA ASN G 718 8.74 25.40 -23.71
C ASN G 718 10.06 26.09 -23.41
N GLY G 719 10.09 26.83 -22.30
CA GLY G 719 11.30 27.56 -21.88
C GLY G 719 10.98 28.70 -20.96
N ARG G 720 11.73 29.77 -21.11
CA ARG G 720 11.76 30.83 -20.10
C ARG G 720 10.85 31.98 -20.39
N ALA G 721 10.53 32.69 -19.33
CA ALA G 721 10.05 34.09 -19.42
C ALA G 721 11.03 35.06 -18.71
N ASN G 722 11.18 36.23 -19.29
CA ASN G 722 12.00 37.32 -18.72
C ASN G 722 11.74 37.53 -17.20
N VAL G 723 10.46 37.56 -16.81
CA VAL G 723 10.16 38.02 -15.47
C VAL G 723 10.39 36.94 -14.43
N VAL G 724 10.35 35.67 -14.86
CA VAL G 724 10.49 34.59 -13.94
C VAL G 724 11.92 34.02 -13.84
N TRP G 725 12.43 33.76 -12.64
CA TRP G 725 13.65 33.10 -12.50
C TRP G 725 13.42 31.63 -12.15
N GLN G 726 13.83 30.79 -13.11
CA GLN G 726 13.87 29.33 -12.90
C GLN G 726 12.49 28.76 -12.48
N SER G 727 12.45 27.83 -11.50
CA SER G 727 11.20 27.26 -11.03
C SER G 727 10.40 28.16 -10.05
N ALA G 728 10.71 29.47 -10.07
CA ALA G 728 10.02 30.44 -9.22
C ALA G 728 10.17 30.13 -7.74
N TYR G 729 11.29 29.52 -7.36
CA TYR G 729 11.45 29.18 -5.98
C TYR G 729 11.42 30.43 -5.06
N LEU G 730 11.97 31.56 -5.54
CA LEU G 730 11.85 32.82 -4.84
C LEU G 730 10.69 33.59 -5.30
N ASP G 731 10.43 33.53 -6.60
CA ASP G 731 9.37 34.33 -7.19
C ASP G 731 7.99 34.09 -6.65
N GLN G 732 7.75 32.84 -6.18
CA GLN G 732 6.46 32.46 -5.71
C GLN G 732 6.13 33.23 -4.42
N GLU G 733 7.12 33.84 -3.74
CA GLU G 733 6.82 34.78 -2.67
C GLU G 733 7.10 36.22 -3.05
N ASN G 734 7.01 36.49 -4.33
CA ASN G 734 7.26 37.84 -4.84
C ASN G 734 6.04 38.29 -5.63
N ASP G 735 5.32 39.27 -5.09
CA ASP G 735 4.08 39.69 -5.67
C ASP G 735 4.19 40.33 -6.99
N PHE G 736 5.30 41.01 -7.25
CA PHE G 736 5.51 41.58 -8.56
C PHE G 736 5.50 40.50 -9.68
N VAL G 737 6.14 39.37 -9.41
CA VAL G 737 6.15 38.29 -10.37
C VAL G 737 4.81 37.58 -10.36
N MET G 738 4.38 37.12 -9.19
CA MET G 738 3.11 36.30 -9.15
C MET G 738 1.85 37.01 -9.59
N ASP G 739 1.80 38.32 -9.42
CA ASP G 739 0.70 39.17 -9.90
C ASP G 739 0.68 39.21 -11.41
N ARG G 740 1.86 39.09 -12.03
CA ARG G 740 1.88 39.10 -13.47
C ARG G 740 1.45 37.73 -14.08
N PHE G 741 1.95 36.62 -13.51
CA PHE G 741 1.64 35.24 -13.94
C PHE G 741 1.33 34.34 -12.76
N PRO G 742 0.05 34.31 -12.34
CA PRO G 742 -0.38 33.40 -11.30
C PRO G 742 -0.36 31.94 -11.79
N TYR G 743 -0.59 31.76 -13.08
CA TYR G 743 -0.46 30.46 -13.75
C TYR G 743 0.66 30.61 -14.78
N PRO G 744 1.30 29.49 -15.17
CA PRO G 744 2.19 29.62 -16.32
C PRO G 744 1.39 29.93 -17.53
N PHE G 745 1.92 30.80 -18.38
CA PHE G 745 1.27 31.08 -19.67
C PHE G 745 1.59 29.96 -20.64
N ILE G 746 0.64 29.75 -21.55
CA ILE G 746 0.88 29.03 -22.77
C ILE G 746 0.51 29.97 -23.93
N GLU G 747 1.53 30.37 -24.68
CA GLU G 747 1.33 31.19 -25.84
C GLU G 747 0.66 30.39 -26.93
N MET G 748 -0.43 30.91 -27.48
CA MET G 748 -1.20 30.25 -28.48
C MET G 748 -1.58 31.26 -29.53
N ASN G 749 -1.52 30.80 -30.77
CA ASN G 749 -1.91 31.59 -31.90
C ASN G 749 -3.43 31.84 -31.76
N PRO G 750 -3.90 33.03 -32.10
CA PRO G 750 -5.28 33.34 -31.82
C PRO G 750 -6.27 32.62 -32.65
N GLU G 751 -5.90 32.31 -33.86
CA GLU G 751 -6.76 31.50 -34.68
C GLU G 751 -6.83 30.07 -34.16
N ASP G 752 -5.72 29.48 -33.71
CA ASP G 752 -5.79 28.22 -32.93
C ASP G 752 -6.73 28.30 -31.77
N MET G 753 -6.64 29.39 -31.02
CA MET G 753 -7.53 29.55 -29.86
C MET G 753 -8.97 29.57 -30.28
N ALA G 754 -9.27 30.37 -31.27
CA ALA G 754 -10.65 30.52 -31.73
C ALA G 754 -11.17 29.19 -32.27
N GLU G 755 -10.37 28.45 -33.01
CA GLU G 755 -10.81 27.11 -33.48
C GLU G 755 -11.08 26.19 -32.36
N ALA G 756 -10.31 26.29 -31.29
CA ALA G 756 -10.58 25.41 -30.18
C ALA G 756 -11.60 25.96 -29.16
N GLY G 757 -12.24 27.10 -29.40
CA GLY G 757 -13.15 27.67 -28.40
C GLY G 757 -12.50 28.17 -27.10
N LEU G 758 -11.24 28.61 -27.19
CA LEU G 758 -10.53 29.12 -26.03
C LEU G 758 -10.49 30.65 -26.04
N LYS G 759 -10.49 31.23 -24.88
CA LYS G 759 -10.36 32.67 -24.73
C LYS G 759 -9.11 32.94 -23.87
N GLU G 760 -8.58 34.14 -23.98
CA GLU G 760 -7.51 34.58 -23.11
C GLU G 760 -7.80 34.34 -21.66
N GLY G 761 -6.82 33.80 -20.98
CA GLY G 761 -6.91 33.54 -19.58
C GLY G 761 -7.53 32.21 -19.23
N ASP G 762 -8.16 31.52 -20.21
CA ASP G 762 -8.70 30.18 -19.92
C ASP G 762 -7.64 29.28 -19.41
N LEU G 763 -8.04 28.50 -18.41
CA LEU G 763 -7.16 27.52 -17.81
C LEU G 763 -7.33 26.26 -18.66
N VAL G 764 -6.22 25.80 -19.26
CA VAL G 764 -6.22 24.69 -20.19
C VAL G 764 -5.39 23.53 -19.66
N GLU G 765 -5.81 22.31 -19.99
CA GLU G 765 -5.05 21.13 -19.74
C GLU G 765 -4.28 20.80 -21.03
N ILE G 766 -2.98 20.54 -20.86
CA ILE G 766 -2.11 20.02 -21.95
C ILE G 766 -1.93 18.58 -21.59
N TYR G 767 -2.17 17.67 -22.53
CA TYR G 767 -2.03 16.23 -22.23
C TYR G 767 -1.52 15.42 -23.40
N ASN G 768 -0.86 14.30 -23.10
CA ASN G 768 -0.36 13.39 -24.13
C ASN G 768 -0.05 12.08 -23.47
N ASP G 769 0.80 11.24 -24.09
CA ASP G 769 1.17 9.93 -23.60
C ASP G 769 1.98 10.05 -22.34
N ALA G 770 2.68 11.18 -22.13
CA ALA G 770 3.55 11.25 -20.92
C ALA G 770 2.82 11.68 -19.64
N GLY G 771 1.80 12.47 -19.80
CA GLY G 771 1.10 13.03 -18.64
C GLY G 771 0.22 14.17 -19.02
N ALA G 772 0.00 15.07 -18.04
CA ALA G 772 -0.92 16.13 -18.19
C ALA G 772 -0.61 17.24 -17.21
N THR G 773 -0.89 18.45 -17.60
CA THR G 773 -0.64 19.59 -16.74
C THR G 773 -1.55 20.73 -17.15
N GLN G 774 -1.35 21.91 -16.56
CA GLN G 774 -2.24 23.04 -16.80
C GLN G 774 -1.41 24.31 -17.06
N ALA G 775 -2.03 25.20 -17.82
CA ALA G 775 -1.50 26.51 -18.14
C ALA G 775 -2.65 27.46 -18.49
N MET G 776 -2.32 28.76 -18.56
CA MET G 776 -3.24 29.79 -18.87
C MET G 776 -3.02 30.23 -20.31
N ALA G 777 -4.07 30.25 -21.09
CA ALA G 777 -3.93 30.58 -22.52
C ALA G 777 -3.66 32.04 -22.69
N TYR G 778 -2.57 32.36 -23.40
CA TYR G 778 -2.13 33.73 -23.66
C TYR G 778 -2.12 33.96 -25.17
N PRO G 779 -3.09 34.71 -25.69
CA PRO G 779 -3.16 34.81 -27.15
C PRO G 779 -1.90 35.52 -27.64
N THR G 780 -1.25 34.92 -28.64
CA THR G 780 0.07 35.36 -29.09
C THR G 780 0.05 35.43 -30.61
N PRO G 781 -0.26 36.61 -31.17
CA PRO G 781 -0.39 36.67 -32.63
C PRO G 781 0.88 36.28 -33.42
N THR G 782 2.06 36.43 -32.81
CA THR G 782 3.29 36.05 -33.44
C THR G 782 3.51 34.50 -33.43
N ALA G 783 2.74 33.69 -32.72
CA ALA G 783 2.93 32.25 -32.72
C ALA G 783 2.43 31.72 -34.03
N ARG G 784 3.10 30.71 -34.53
CA ARG G 784 2.61 29.99 -35.69
C ARG G 784 1.50 29.04 -35.40
N ARG G 785 0.68 28.76 -36.41
CA ARG G 785 -0.45 27.87 -36.21
C ARG G 785 0.06 26.48 -35.88
N GLY G 786 -0.60 25.84 -34.91
CA GLY G 786 -0.19 24.56 -34.36
C GLY G 786 1.01 24.56 -33.45
N GLU G 787 1.62 25.72 -33.17
CA GLU G 787 2.76 25.78 -32.25
C GLU G 787 2.49 26.66 -31.04
N THR G 788 2.62 26.07 -29.89
CA THR G 788 2.43 26.78 -28.65
C THR G 788 3.75 26.84 -27.86
N PHE G 789 3.80 27.73 -26.87
CA PHE G 789 4.97 27.80 -26.01
C PHE G 789 4.51 27.97 -24.59
N MET G 790 4.81 26.99 -23.77
CA MET G 790 4.49 26.98 -22.37
C MET G 790 5.73 27.30 -21.50
N LEU G 791 5.52 28.18 -20.53
CA LEU G 791 6.53 28.50 -19.52
C LEU G 791 6.83 27.27 -18.74
N PHE G 792 8.12 26.98 -18.57
CA PHE G 792 8.62 25.79 -17.95
C PHE G 792 8.81 26.00 -16.46
N GLY G 793 8.91 24.90 -15.76
CA GLY G 793 9.26 24.86 -14.36
C GLY G 793 8.38 25.49 -13.28
N PHE G 794 7.14 25.85 -13.64
CA PHE G 794 6.36 26.75 -12.83
C PHE G 794 5.47 26.01 -11.85
N PRO G 795 5.47 26.46 -10.58
CA PRO G 795 4.80 25.66 -9.54
C PRO G 795 3.30 25.40 -9.74
N THR G 796 2.62 26.35 -10.40
CA THR G 796 1.19 26.34 -10.59
C THR G 796 0.80 25.74 -11.95
N GLY G 797 1.76 25.05 -12.59
CA GLY G 797 1.48 24.19 -13.75
C GLY G 797 2.75 23.84 -14.45
N VAL G 798 3.17 22.61 -14.27
CA VAL G 798 4.49 22.14 -14.59
C VAL G 798 4.53 21.61 -16.00
N GLN G 799 5.27 22.29 -16.87
CA GLN G 799 5.39 21.82 -18.26
C GLN G 799 6.03 20.44 -18.40
N GLY G 800 6.93 20.10 -17.49
CA GLY G 800 7.68 18.89 -17.62
C GLY G 800 6.81 17.64 -17.55
N ASN G 801 5.59 17.83 -17.07
CA ASN G 801 4.67 16.71 -16.93
C ASN G 801 4.34 16.11 -18.28
N VAL G 802 4.36 16.93 -19.33
CA VAL G 802 4.12 16.43 -20.65
C VAL G 802 5.33 16.09 -21.50
N THR G 803 6.54 16.10 -20.94
CA THR G 803 7.72 15.76 -21.70
C THR G 803 7.86 14.30 -21.55
N SER G 804 8.08 13.60 -22.65
CA SER G 804 8.40 12.18 -22.54
C SER G 804 9.71 11.91 -21.83
N ALA G 805 9.94 10.65 -21.51
CA ALA G 805 11.18 10.20 -20.94
C ALA G 805 12.33 10.16 -21.99
N GLY G 806 12.07 10.61 -23.20
CA GLY G 806 13.03 10.49 -24.31
C GLY G 806 14.30 11.32 -24.14
N THR G 807 15.43 10.62 -24.24
CA THR G 807 16.75 11.20 -24.22
C THR G 807 17.55 10.71 -25.41
N ASN G 808 18.67 11.36 -25.67
CA ASN G 808 19.59 10.85 -26.72
C ASN G 808 20.38 9.76 -26.11
N GLU G 809 21.45 9.32 -26.81
CA GLU G 809 22.24 8.14 -26.38
C GLU G 809 23.03 8.41 -25.10
N LEU G 810 23.39 9.67 -24.90
CA LEU G 810 24.16 10.12 -23.77
C LEU G 810 23.24 10.68 -22.64
N ILE G 811 21.95 10.40 -22.74
CA ILE G 811 20.94 10.70 -21.69
C ILE G 811 20.74 12.21 -21.51
N ILE G 812 20.76 12.93 -22.62
CA ILE G 812 20.42 14.30 -22.65
C ILE G 812 18.89 14.41 -22.84
N PRO G 813 18.22 15.21 -21.97
CA PRO G 813 16.75 15.35 -22.06
C PRO G 813 16.32 16.17 -23.26
N ASN G 814 15.46 15.60 -24.11
CA ASN G 814 15.06 16.30 -25.32
C ASN G 814 13.75 17.07 -25.01
N TYR G 815 13.85 18.07 -24.10
CA TYR G 815 12.64 18.79 -23.62
C TYR G 815 11.91 19.55 -24.67
N LYS G 816 12.65 20.19 -25.57
CA LYS G 816 12.00 21.06 -26.53
C LYS G 816 11.12 20.41 -27.60
N GLN G 817 11.41 19.16 -27.94
CA GLN G 817 10.55 18.40 -28.85
C GLN G 817 9.49 17.64 -28.06
N THR G 818 8.40 18.35 -27.85
CA THR G 818 7.26 17.86 -27.11
C THR G 818 6.00 18.28 -27.86
N TRP G 819 5.11 17.32 -28.03
CA TRP G 819 3.80 17.59 -28.67
C TRP G 819 2.68 17.06 -27.81
N GLY G 820 1.56 17.73 -27.90
CA GLY G 820 0.39 17.44 -27.07
C GLY G 820 -0.92 17.96 -27.55
N ASN G 821 -1.96 17.52 -26.87
CA ASN G 821 -3.29 18.06 -27.08
C ASN G 821 -3.64 19.07 -25.94
N ILE G 822 -4.60 19.94 -26.24
CA ILE G 822 -5.02 21.01 -25.33
C ILE G 822 -6.54 21.01 -25.24
N ARG G 823 -7.08 20.98 -24.01
CA ARG G 823 -8.53 21.14 -23.81
C ARG G 823 -8.80 22.02 -22.59
N LYS G 824 -9.97 22.63 -22.53
CA LYS G 824 -10.26 23.57 -21.50
C LYS G 824 -10.57 22.88 -20.17
N ILE G 825 -10.02 23.41 -19.09
CA ILE G 825 -10.31 22.94 -17.74
C ILE G 825 -11.33 23.92 -17.15
N SER G 826 -11.08 25.22 -17.28
CA SER G 826 -11.99 26.20 -16.71
C SER G 826 -11.98 27.44 -17.58
N ASP G 827 -13.12 28.10 -17.63
CA ASP G 827 -13.14 29.44 -18.11
C ASP G 827 -12.16 30.30 -17.27
N ALA G 828 -11.61 31.31 -17.92
CA ALA G 828 -10.64 32.24 -17.35
C ALA G 828 -10.99 32.48 -15.91
N PRO G 829 -10.12 32.08 -14.98
CA PRO G 829 -10.51 32.35 -13.62
C PRO G 829 -10.46 33.82 -13.19
N ARG G 830 -11.15 34.13 -12.11
CA ARG G 830 -11.26 35.50 -11.66
C ARG G 830 -9.86 36.01 -11.22
N ASN G 831 -8.97 35.15 -10.72
CA ASN G 831 -7.63 35.58 -10.30
C ASN G 831 -6.72 35.98 -11.45
N VAL G 832 -7.22 35.93 -12.66
CA VAL G 832 -6.50 36.36 -13.82
C VAL G 832 -7.15 37.58 -14.49
N ALA G 833 -8.26 38.11 -13.98
CA ALA G 833 -8.99 39.26 -14.64
C ALA G 833 -8.20 40.57 -14.74
N HIS G 834 -7.28 40.75 -13.79
CA HIS G 834 -6.43 41.93 -13.75
C HIS G 834 -5.26 41.90 -14.74
N LEU G 835 -5.02 40.79 -15.40
CA LEU G 835 -3.81 40.61 -16.24
C LEU G 835 -3.94 41.33 -17.54
N SER G 836 -2.84 41.89 -18.04
CA SER G 836 -2.77 42.26 -19.43
C SER G 836 -2.49 41.01 -20.24
N PHE G 837 -3.20 40.89 -21.34
CA PHE G 837 -2.90 39.85 -22.32
C PHE G 837 -2.41 40.46 -23.62
N LYS G 838 -1.88 41.68 -23.58
CA LYS G 838 -1.32 42.29 -24.76
C LYS G 838 0.01 41.69 -25.20
N SER G 839 0.40 42.10 -26.40
CA SER G 839 1.66 41.67 -26.97
C SER G 839 2.87 42.08 -26.15
N LYS G 840 3.78 41.14 -26.00
CA LYS G 840 5.02 41.39 -25.31
C LYS G 840 6.06 42.13 -26.18
N GLU G 841 5.77 42.33 -27.47
CA GLU G 841 6.64 43.03 -28.35
C GLU G 841 6.52 44.53 -28.29
N TYR G 842 7.63 45.16 -27.95
CA TYR G 842 7.87 46.57 -28.08
C TYR G 842 7.40 47.07 -29.42
N GLN G 843 6.63 48.16 -29.40
CA GLN G 843 6.26 48.89 -30.62
C GLN G 843 6.86 50.28 -30.61
N SER G 844 7.37 50.63 -31.76
CA SER G 844 8.10 51.86 -31.98
C SER G 844 7.09 53.01 -32.13
N ALA H 44 7.02 63.62 9.84
CA ALA H 44 5.89 62.82 9.23
C ALA H 44 6.29 61.45 8.69
N ALA H 45 5.48 60.48 9.09
CA ALA H 45 5.74 59.10 8.81
C ALA H 45 5.62 58.83 7.36
N GLY H 46 4.73 59.51 6.65
CA GLY H 46 4.58 59.33 5.18
C GLY H 46 4.95 60.60 4.39
N VAL H 47 5.25 60.42 3.09
CA VAL H 47 5.35 61.48 2.13
C VAL H 47 4.04 62.30 2.10
N GLU H 48 4.20 63.62 2.12
CA GLU H 48 3.12 64.59 2.02
C GLU H 48 2.96 65.03 0.58
N TYR H 49 1.94 64.47 -0.11
CA TYR H 49 1.69 64.75 -1.53
C TYR H 49 0.90 66.04 -1.70
N PRO H 50 1.30 66.92 -2.64
CA PRO H 50 0.41 68.04 -2.94
C PRO H 50 -0.79 67.57 -3.73
N ALA H 51 -1.91 68.27 -3.58
CA ALA H 51 -3.04 68.04 -4.43
C ALA H 51 -3.03 69.09 -5.57
N ASN H 52 -2.49 68.78 -6.76
CA ASN H 52 -2.33 69.74 -7.86
C ASN H 52 -3.30 69.48 -8.91
N ARG H 53 -3.88 70.57 -9.43
CA ARG H 53 -4.84 70.51 -10.50
C ARG H 53 -4.01 70.18 -11.73
N LEU H 54 -4.46 69.28 -12.59
CA LEU H 54 -3.71 68.92 -13.80
C LEU H 54 -4.35 69.36 -15.09
N ALA H 55 -5.68 69.36 -15.12
CA ALA H 55 -6.42 69.71 -16.32
C ALA H 55 -7.89 69.64 -15.94
N ASN H 56 -8.74 70.04 -16.87
CA ASN H 56 -10.14 69.76 -16.78
C ASN H 56 -10.41 68.55 -17.66
N ILE H 57 -11.35 67.75 -17.18
CA ILE H 57 -11.88 66.63 -17.90
C ILE H 57 -12.31 67.01 -19.33
N SER H 58 -12.85 68.23 -19.52
CA SER H 58 -13.23 68.75 -20.86
C SER H 58 -12.05 68.85 -21.85
N GLU H 59 -10.84 68.94 -21.35
CA GLU H 59 -9.65 68.96 -22.23
C GLU H 59 -9.25 67.61 -22.86
N LEU H 60 -9.76 66.45 -22.41
CA LEU H 60 -9.19 65.13 -22.81
C LEU H 60 -9.88 64.49 -23.99
N THR H 61 -9.15 64.12 -25.06
CA THR H 61 -9.79 63.43 -26.15
C THR H 61 -9.54 61.92 -25.97
N LEU H 62 -10.52 61.08 -26.35
CA LEU H 62 -10.43 59.61 -26.19
C LEU H 62 -9.11 59.11 -26.75
N ASN H 63 -8.31 58.43 -25.94
CA ASN H 63 -7.06 57.82 -26.42
C ASN H 63 -5.92 58.76 -26.94
N GLU H 64 -5.93 60.01 -26.52
CA GLU H 64 -4.91 60.98 -26.87
C GLU H 64 -4.28 61.43 -25.58
N PRO H 65 -3.01 61.08 -25.32
CA PRO H 65 -2.47 61.47 -24.01
C PRO H 65 -2.33 62.95 -23.91
N LEU H 66 -2.54 63.49 -22.72
CA LEU H 66 -2.25 64.90 -22.42
C LEU H 66 -1.05 64.99 -21.50
N ASP H 67 -0.03 65.77 -21.86
CA ASP H 67 1.17 65.84 -21.03
C ASP H 67 0.91 66.64 -19.77
N VAL H 68 1.36 66.13 -18.62
CA VAL H 68 1.29 66.79 -17.36
C VAL H 68 2.60 66.54 -16.64
N ALA H 69 2.75 67.02 -15.42
CA ALA H 69 3.82 66.66 -14.57
C ALA H 69 3.33 66.59 -13.16
N TYR H 70 3.70 65.54 -12.41
CA TYR H 70 3.23 65.39 -11.01
C TYR H 70 4.20 64.49 -10.24
N PRO H 71 4.59 64.80 -9.02
CA PRO H 71 4.12 65.93 -8.18
C PRO H 71 4.87 67.26 -8.27
N ASP H 72 5.75 67.38 -9.24
CA ASP H 72 6.40 68.64 -9.51
C ASP H 72 6.73 68.67 -10.98
N GLU H 73 7.33 69.76 -11.44
CA GLU H 73 7.50 69.98 -12.89
C GLU H 73 8.53 69.05 -13.52
N ASP H 74 9.41 68.49 -12.71
CA ASP H 74 10.41 67.53 -13.15
C ASP H 74 9.96 66.06 -13.29
N ALA H 75 8.71 65.73 -12.92
CA ALA H 75 8.18 64.37 -13.06
C ALA H 75 7.17 64.24 -14.18
N ALA H 76 7.63 64.00 -15.39
CA ALA H 76 6.70 63.93 -16.52
C ALA H 76 5.76 62.72 -16.42
N GLY H 77 4.53 62.99 -16.83
CA GLY H 77 3.48 62.02 -17.03
C GLY H 77 2.47 62.45 -18.08
N VAL H 78 1.36 61.72 -18.12
CA VAL H 78 0.23 62.02 -18.95
C VAL H 78 -1.05 61.65 -18.24
N LEU H 79 -2.10 62.34 -18.66
CA LEU H 79 -3.46 61.94 -18.43
C LEU H 79 -3.93 61.32 -19.71
N LEU H 80 -4.75 60.28 -19.59
CA LEU H 80 -5.24 59.54 -20.75
C LEU H 80 -6.64 59.06 -20.47
N LYS H 81 -7.52 59.29 -21.43
CA LYS H 81 -8.90 58.85 -21.35
C LYS H 81 -9.05 57.61 -22.22
N LEU H 82 -9.45 56.49 -21.63
CA LEU H 82 -9.31 55.16 -22.31
C LEU H 82 -10.57 54.56 -22.87
N GLY H 83 -11.71 55.15 -22.54
CA GLY H 83 -12.97 54.73 -23.11
C GLY H 83 -13.61 53.52 -22.49
N THR H 84 -13.01 52.97 -21.44
CA THR H 84 -13.61 51.85 -20.73
C THR H 84 -13.17 51.94 -19.28
N ARG H 85 -13.93 51.34 -18.39
CA ARG H 85 -13.67 51.55 -16.98
C ARG H 85 -12.44 50.76 -16.54
N VAL H 86 -11.43 51.41 -16.00
CA VAL H 86 -10.18 50.74 -15.69
C VAL H 86 -9.72 50.99 -14.28
N GLU H 87 -8.76 50.19 -13.83
CA GLU H 87 -8.11 50.35 -12.49
C GLU H 87 -7.43 51.71 -12.30
N GLY H 88 -7.75 52.39 -11.20
CA GLY H 88 -7.37 53.80 -10.98
C GLY H 88 -8.05 54.87 -11.85
N GLY H 89 -9.03 54.46 -12.66
CA GLY H 89 -9.69 55.36 -13.65
C GLY H 89 -10.76 56.16 -12.95
N VAL H 90 -10.86 57.46 -13.26
CA VAL H 90 -11.81 58.37 -12.62
C VAL H 90 -12.63 59.06 -13.68
N GLY H 91 -13.43 60.05 -13.25
CA GLY H 91 -14.47 60.63 -14.09
C GLY H 91 -15.73 59.74 -14.25
N PRO H 92 -16.75 60.23 -14.99
CA PRO H 92 -18.02 59.48 -15.16
C PRO H 92 -17.87 58.02 -15.62
N ASP H 93 -17.01 57.75 -16.58
CA ASP H 93 -16.85 56.37 -17.11
C ASP H 93 -15.74 55.55 -16.41
N GLY H 94 -15.10 56.13 -15.39
CA GLY H 94 -13.96 55.54 -14.70
C GLY H 94 -12.80 55.19 -15.63
N ASP H 95 -12.56 56.00 -16.67
CA ASP H 95 -11.65 55.66 -17.75
C ASP H 95 -10.50 56.63 -17.92
N ILE H 96 -10.32 57.54 -16.96
CA ILE H 96 -9.29 58.54 -16.99
C ILE H 96 -8.21 58.17 -15.98
N VAL H 97 -7.01 57.96 -16.53
CA VAL H 97 -5.85 57.52 -15.76
C VAL H 97 -4.72 58.53 -15.88
N GLY H 98 -3.85 58.57 -14.86
CA GLY H 98 -2.63 59.35 -14.90
C GLY H 98 -1.46 58.45 -14.55
N PHE H 99 -0.38 58.53 -15.35
CA PHE H 99 0.85 57.76 -15.14
C PHE H 99 2.12 58.59 -15.34
N SER H 100 3.17 58.31 -14.58
CA SER H 100 4.55 58.67 -14.98
C SER H 100 4.87 58.05 -16.33
N THR H 101 5.50 58.82 -17.21
CA THR H 101 5.96 58.38 -18.54
C THR H 101 7.49 58.32 -18.64
N ILE H 102 8.14 58.13 -17.52
CA ILE H 102 9.56 57.95 -17.46
C ILE H 102 9.77 56.50 -17.06
N CYS H 103 10.47 55.74 -17.90
CA CYS H 103 10.63 54.33 -17.66
C CYS H 103 11.23 54.03 -16.27
N PRO H 104 10.59 53.14 -15.46
CA PRO H 104 11.17 52.84 -14.15
C PRO H 104 12.41 51.95 -14.10
N HIS H 105 12.86 51.45 -15.25
CA HIS H 105 14.12 50.70 -15.32
C HIS H 105 15.30 51.68 -15.32
N LYS H 106 15.46 52.44 -16.40
CA LYS H 106 16.59 53.37 -16.54
C LYS H 106 16.17 54.78 -16.99
N GLY H 107 14.89 55.10 -16.94
CA GLY H 107 14.46 56.47 -17.13
C GLY H 107 14.36 57.01 -18.55
N PHE H 108 14.29 56.17 -19.56
CA PHE H 108 14.02 56.68 -20.87
C PHE H 108 12.55 57.07 -20.90
N PRO H 109 12.19 58.00 -21.81
CA PRO H 109 10.83 58.45 -21.91
C PRO H 109 10.02 57.46 -22.72
N LEU H 110 8.85 57.13 -22.20
CA LEU H 110 7.98 56.16 -22.85
C LEU H 110 7.17 56.82 -23.97
N SER H 111 6.94 56.12 -25.07
CA SER H 111 6.09 56.58 -26.15
C SER H 111 4.77 55.84 -25.97
N TYR H 112 3.73 56.39 -26.53
CA TYR H 112 2.40 55.80 -26.46
C TYR H 112 2.02 55.22 -27.79
N SER H 113 1.58 53.96 -27.85
CA SER H 113 0.99 53.43 -29.05
C SER H 113 -0.54 53.44 -28.93
N ALA H 114 -1.19 54.30 -29.72
CA ALA H 114 -2.62 54.42 -29.74
C ALA H 114 -3.30 53.16 -30.28
N ASP H 115 -2.70 52.48 -31.26
CA ASP H 115 -3.30 51.22 -31.74
C ASP H 115 -3.45 50.19 -30.61
N ASN H 116 -2.45 50.09 -29.73
CA ASN H 116 -2.40 49.02 -28.76
C ASN H 116 -2.86 49.50 -27.43
N LYS H 117 -2.88 50.80 -27.27
CA LYS H 117 -3.01 51.39 -25.98
C LYS H 117 -1.98 50.89 -24.97
N THR H 118 -0.72 51.13 -25.30
CA THR H 118 0.40 50.74 -24.45
C THR H 118 1.45 51.84 -24.49
N PHE H 119 2.19 51.92 -23.41
CA PHE H 119 3.43 52.69 -23.36
C PHE H 119 4.59 51.72 -23.67
N ASN H 120 5.55 52.28 -24.44
CA ASN H 120 6.66 51.54 -25.01
C ASN H 120 7.99 52.25 -24.77
N CYS H 121 8.97 51.52 -24.24
CA CYS H 121 10.26 52.07 -23.88
C CYS H 121 11.31 51.79 -24.95
N PRO H 122 11.78 52.86 -25.62
CA PRO H 122 12.89 52.69 -26.59
C PRO H 122 14.23 52.28 -25.96
N GLY H 123 14.38 52.43 -24.65
CA GLY H 123 15.56 51.98 -23.96
C GLY H 123 15.91 50.52 -24.14
N HIS H 124 15.10 49.63 -23.58
CA HIS H 124 15.34 48.20 -23.59
C HIS H 124 14.03 47.43 -23.74
N PHE H 125 13.07 48.06 -24.39
CA PHE H 125 11.94 47.40 -25.06
C PHE H 125 10.77 47.02 -24.12
N SER H 126 10.74 47.66 -22.95
CA SER H 126 9.67 47.45 -22.01
C SER H 126 8.31 47.94 -22.59
N VAL H 127 7.23 47.31 -22.15
CA VAL H 127 5.83 47.59 -22.57
C VAL H 127 4.96 47.60 -21.32
N PHE H 128 4.16 48.67 -21.18
CA PHE H 128 3.28 48.92 -19.98
C PHE H 128 1.86 49.14 -20.45
N ASP H 129 0.91 48.57 -19.70
CA ASP H 129 -0.52 48.56 -20.07
C ASP H 129 -1.35 49.48 -19.13
N PRO H 130 -1.68 50.69 -19.62
CA PRO H 130 -2.46 51.64 -18.83
C PRO H 130 -3.94 51.24 -18.64
N GLU H 131 -4.42 50.21 -19.37
CA GLU H 131 -5.75 49.62 -19.13
C GLU H 131 -5.71 48.60 -18.00
N LYS H 132 -4.53 48.21 -17.56
CA LYS H 132 -4.39 47.27 -16.45
C LYS H 132 -3.48 47.80 -15.40
N GLY H 133 -3.69 49.06 -15.04
CA GLY H 133 -3.00 49.67 -13.90
C GLY H 133 -1.52 49.91 -14.16
N GLY H 134 -1.16 49.98 -15.45
CA GLY H 134 0.27 50.13 -15.80
C GLY H 134 1.10 48.87 -15.67
N GLN H 135 0.44 47.72 -15.73
CA GLN H 135 1.13 46.46 -15.58
C GLN H 135 2.16 46.36 -16.71
N GLN H 136 3.36 45.98 -16.31
CA GLN H 136 4.44 45.73 -17.25
C GLN H 136 4.09 44.45 -17.98
N VAL H 137 3.76 44.58 -19.25
CA VAL H 137 3.38 43.42 -20.08
C VAL H 137 4.62 42.53 -20.31
N TRP H 138 5.72 43.22 -20.66
CA TRP H 138 7.03 42.65 -20.83
C TRP H 138 8.00 43.81 -20.50
N GLY H 139 8.98 43.57 -19.68
CA GLY H 139 10.05 44.56 -19.58
C GLY H 139 11.08 44.37 -18.53
N GLN H 140 11.92 45.40 -18.37
CA GLN H 140 13.09 45.31 -17.48
C GLN H 140 12.90 45.95 -16.17
N ALA H 141 11.79 46.66 -15.96
CA ALA H 141 11.57 47.33 -14.64
C ALA H 141 11.14 46.30 -13.59
N THR H 142 11.43 46.58 -12.32
CA THR H 142 10.90 45.80 -11.25
C THR H 142 9.63 46.43 -10.64
N GLN H 143 9.04 47.36 -11.39
CA GLN H 143 7.88 48.11 -10.98
C GLN H 143 6.97 48.21 -12.16
N ASN H 144 5.67 48.10 -11.85
CA ASN H 144 4.66 48.46 -12.79
C ASN H 144 4.63 50.02 -12.79
N LEU H 145 4.00 50.59 -13.82
CA LEU H 145 4.17 52.01 -14.10
C LEU H 145 3.55 52.86 -13.01
N PRO H 146 4.33 53.81 -12.43
CA PRO H 146 3.76 54.59 -11.31
C PRO H 146 2.55 55.34 -11.78
N GLN H 147 1.45 55.20 -11.06
CA GLN H 147 0.17 55.64 -11.52
C GLN H 147 -0.31 56.69 -10.51
N TYR H 148 -0.94 57.73 -11.00
CA TYR H 148 -1.46 58.83 -10.13
C TYR H 148 -2.82 58.47 -9.45
N VAL H 149 -2.93 58.87 -8.18
CA VAL H 149 -4.21 58.90 -7.45
C VAL H 149 -4.95 60.16 -7.89
N LEU H 150 -6.00 59.97 -8.70
CA LEU H 150 -6.74 61.09 -9.24
C LEU H 150 -8.09 61.34 -8.54
N ARG H 151 -8.52 62.60 -8.60
CA ARG H 151 -9.82 63.04 -8.10
C ARG H 151 -10.39 64.05 -9.08
N VAL H 152 -11.64 63.86 -9.48
CA VAL H 152 -12.32 64.81 -10.34
C VAL H 152 -13.25 65.66 -9.49
N ALA H 153 -13.06 66.97 -9.51
CA ALA H 153 -13.90 67.89 -8.71
C ALA H 153 -15.26 68.11 -9.36
N ASP H 154 -16.17 68.76 -8.63
CA ASP H 154 -17.54 69.02 -9.13
C ASP H 154 -17.48 69.76 -10.45
N ASN H 155 -16.61 70.75 -10.53
CA ASN H 155 -16.41 71.50 -11.78
C ASN H 155 -15.65 70.77 -12.91
N GLY H 156 -15.33 69.48 -12.76
CA GLY H 156 -14.55 68.74 -13.79
C GLY H 156 -13.03 68.85 -13.77
N ASP H 157 -12.48 69.62 -12.87
CA ASP H 157 -11.03 69.66 -12.68
C ASP H 157 -10.48 68.31 -12.11
N ILE H 158 -9.36 67.88 -12.68
CA ILE H 158 -8.73 66.61 -12.33
C ILE H 158 -7.54 66.97 -11.50
N PHE H 159 -7.56 66.46 -10.26
CA PHE H 159 -6.48 66.63 -9.33
C PHE H 159 -5.71 65.34 -9.16
N ALA H 160 -4.38 65.46 -9.01
CA ALA H 160 -3.53 64.36 -8.64
C ALA H 160 -3.10 64.54 -7.22
N GLU H 161 -3.22 63.45 -6.44
CA GLU H 161 -2.99 63.50 -4.99
C GLU H 161 -2.11 62.42 -4.40
N GLY H 162 -1.46 61.59 -5.21
CA GLY H 162 -0.57 60.54 -4.68
C GLY H 162 0.00 59.84 -5.88
N VAL H 163 0.97 58.95 -5.64
CA VAL H 163 1.56 58.09 -6.65
C VAL H 163 1.79 56.72 -6.00
N ASP H 164 1.57 55.63 -6.74
CA ASP H 164 1.58 54.28 -6.13
C ASP H 164 2.88 53.45 -6.22
N GLU H 165 3.89 54.03 -6.83
CA GLU H 165 5.23 53.46 -6.93
C GLU H 165 6.28 54.58 -6.91
N LEU H 166 7.53 54.22 -6.74
CA LEU H 166 8.59 55.23 -6.68
C LEU H 166 8.92 55.65 -8.07
N ILE H 167 8.77 56.94 -8.33
CA ILE H 167 9.00 57.55 -9.66
C ILE H 167 10.51 57.43 -9.97
N TYR H 168 10.84 57.22 -11.24
CA TYR H 168 12.22 57.06 -11.64
C TYR H 168 13.02 58.28 -11.27
N GLY H 169 14.16 58.03 -10.66
CA GLY H 169 15.14 59.09 -10.54
C GLY H 169 15.02 60.01 -9.34
N ARG H 170 14.16 59.63 -8.39
CA ARG H 170 14.05 60.30 -7.14
C ARG H 170 13.89 59.27 -6.04
N LEU H 171 14.49 59.48 -4.88
CA LEU H 171 14.42 58.53 -3.79
C LEU H 171 13.30 58.86 -2.85
N SER H 172 12.58 59.91 -3.18
CA SER H 172 11.37 60.28 -2.47
C SER H 172 10.52 60.93 -3.54
N ASN H 173 9.24 60.52 -3.64
CA ASN H 173 8.39 61.04 -4.74
C ASN H 173 8.19 62.54 -4.62
N VAL H 174 8.27 63.05 -3.39
CA VAL H 174 8.17 64.48 -3.20
C VAL H 174 9.56 64.90 -2.81
N LEU H 175 10.19 65.64 -3.71
CA LEU H 175 11.56 66.06 -3.51
C LEU H 175 11.60 67.35 -2.68
PB MGD I . -15.90 -25.60 9.78
O1B MGD I . -16.04 -26.03 8.35
O2B MGD I . -16.54 -26.40 10.91
O3B MGD I . -16.40 -24.10 9.83
O3A MGD I . -17.68 -22.28 10.88
PA MGD I . -16.23 -22.98 10.97
O1A MGD I . -15.88 -23.53 12.30
O2A MGD I . -15.40 -21.91 10.35
O5' MGD I . -14.33 -25.32 10.03
C5' MGD I . -13.60 -26.28 10.76
C4' MGD I . -12.14 -26.04 10.39
O4' MGD I . -11.43 -26.86 11.30
C3' MGD I . -11.78 -26.43 8.94
O3' MGD I . -10.84 -25.50 8.38
C2' MGD I . -11.21 -27.81 9.18
O2' MGD I . -10.25 -28.26 8.24
C1' MGD I . -10.56 -27.69 10.57
N9 MGD I . -10.36 -28.91 11.35
C8 MGD I . -11.09 -30.05 11.33
N7 MGD I . -10.61 -30.91 12.29
C5 MGD I . -9.58 -30.25 12.87
C6 MGD I . -8.67 -30.55 13.99
O6 MGD I . -8.70 -31.67 14.53
N1 MGD I . -7.85 -29.60 14.30
C2 MGD I . -7.74 -28.42 13.71
N2 MGD I . -6.85 -27.54 14.16
N3 MGD I . -8.51 -28.07 12.67
C4 MGD I . -9.43 -28.95 12.27
C10 MGD I . -18.78 -23.10 11.21
C11 MGD I . -19.86 -22.25 11.78
O11 MGD I . -20.43 -21.55 10.69
C12 MGD I . -20.90 -22.96 12.63
S12 MGD I . -20.51 -24.36 13.57
C13 MGD I . -22.10 -22.41 12.71
S13 MGD I . -23.34 -23.04 13.69
C14 MGD I . -22.44 -21.15 11.95
N15 MGD I . -23.50 -21.52 11.04
C16 MGD I . -23.82 -20.61 10.03
C17 MGD I . -25.16 -20.35 9.49
O17 MGD I . -26.15 -21.05 9.79
N18 MGD I . -25.29 -19.38 8.54
C19 MGD I . -24.28 -18.62 8.12
N19 MGD I . -24.46 -17.66 7.20
N20 MGD I . -23.07 -18.70 8.64
C21 MGD I . -22.80 -19.65 9.59
N22 MGD I . -21.54 -19.73 10.10
C23 MGD I . -21.24 -20.54 11.21
PB MGD J . -29.73 -24.96 9.57
O1B MGD J . -29.81 -25.55 8.16
O2B MGD J . -28.66 -23.99 9.89
O3B MGD J . -29.66 -26.32 10.43
O3A MGD J . -28.68 -27.41 12.43
PA MGD J . -29.98 -26.64 11.98
O1A MGD J . -30.15 -25.41 12.75
O2A MGD J . -31.08 -27.70 11.94
O5' MGD J . -31.09 -24.22 9.97
C5' MGD J . -32.29 -24.92 10.25
C4' MGD J . -33.54 -24.26 9.79
O4' MGD J . -33.67 -22.91 10.27
C3' MGD J . -33.60 -24.20 8.24
O3' MGD J . -34.41 -25.21 7.68
C2' MGD J . -34.16 -22.86 8.01
O2' MGD J . -35.15 -22.72 6.99
C1' MGD J . -34.63 -22.38 9.40
N9 MGD J . -34.77 -20.94 9.61
C8 MGD J . -34.25 -19.90 8.91
N7 MGD J . -34.64 -18.73 9.40
C5 MGD J . -35.49 -19.03 10.41
C6 MGD J . -36.25 -18.25 11.38
O6 MGD J . -36.27 -17.01 11.37
N1 MGD J . -37.00 -18.95 12.24
C2 MGD J . -37.01 -20.29 12.29
N2 MGD J . -37.74 -20.89 13.17
N3 MGD J . -36.31 -21.08 11.45
C4 MGD J . -35.57 -20.45 10.53
C10 MGD J . -27.43 -26.74 12.51
C11 MGD J . -26.41 -27.70 13.05
O11 MGD J . -26.40 -28.76 12.11
C12 MGD J . -25.05 -27.06 13.32
S12 MGD J . -24.94 -25.63 14.27
C13 MGD J . -23.93 -27.65 12.88
S13 MGD J . -22.38 -27.04 13.29
C14 MGD J . -23.95 -28.96 12.15
N15 MGD J . -23.62 -28.86 10.77
C16 MGD J . -24.10 -29.75 9.87
C17 MGD J . -23.66 -29.76 8.51
O17 MGD J . -22.82 -28.91 8.16
N18 MGD J . -24.19 -30.64 7.66
C19 MGD J . -25.13 -31.52 8.03
N19 MGD J . -25.59 -32.32 7.06
N20 MGD J . -25.62 -31.61 9.31
C21 MGD J . -25.07 -30.79 10.25
N22 MGD J . -25.49 -30.78 11.49
C23 MGD J . -25.31 -29.64 12.35
O O K . -21.00 -26.05 15.91
O O L . -23.13 -24.37 16.48
MO 4MO M . -22.62 -25.10 14.61
FE1 F3S N . -22.38 -38.74 12.13
FE3 F3S N . -24.69 -39.74 13.06
FE4 F3S N . -24.46 -37.05 12.74
S1 F3S N . -23.34 -40.68 11.49
S2 F3S N . -23.03 -36.86 11.01
S3 F3S N . -23.33 -38.37 14.14
S4 F3S N . -26.22 -38.35 12.29
S SO4 O . -43.84 -37.37 35.64
O1 SO4 O . -42.47 -37.95 35.64
O2 SO4 O . -44.08 -36.52 36.85
O3 SO4 O . -44.64 -38.62 35.53
O4 SO4 O . -44.08 -36.47 34.50
S SO4 P . -56.53 -31.62 15.67
O1 SO4 P . -56.97 -32.64 16.64
O2 SO4 P . -56.01 -30.42 16.36
O3 SO4 P . -55.49 -32.28 14.86
O4 SO4 P . -57.56 -31.18 14.67
S SO4 Q . 10.80 -30.97 14.08
O1 SO4 Q . 11.23 -29.75 14.87
O2 SO4 Q . 10.26 -31.98 15.05
O3 SO4 Q . 9.82 -30.75 12.98
O4 SO4 Q . 11.96 -31.61 13.34
C1 PGE R . -9.91 -47.26 -6.35
O1 PGE R . -10.31 -48.22 -7.39
C2 PGE R . -8.67 -47.57 -5.51
O2 PGE R . -7.62 -46.57 -5.32
C3 PGE R . -6.27 -47.08 -5.56
C4 PGE R . -5.40 -47.61 -4.42
O4 PGE R . -4.76 -51.12 -1.78
C6 PGE R . -4.02 -50.75 -2.96
C5 PGE R . -3.89 -49.26 -3.31
O3 PGE R . -4.49 -48.77 -4.56
C1 GOL S . -12.52 -41.17 -3.74
O1 GOL S . -11.97 -42.24 -2.95
C2 GOL S . -13.43 -40.18 -2.99
O2 GOL S . -13.11 -38.82 -3.43
C3 GOL S . -14.86 -40.66 -3.32
O3 GOL S . -15.99 -39.87 -2.89
SB SBO T . -21.94 -25.50 17.76
O1 SBO T . -20.56 -26.58 18.71
O2 SBO T . -22.94 -24.70 19.28
O3 SBO T . -22.99 -27.14 17.87
O22 P33 U . -19.29 -18.93 27.04
C21 P33 U . -19.65 -20.01 26.16
C20 P33 U . -19.12 -21.37 26.56
O19 P33 U . -20.04 -22.00 27.50
C18 P33 U . -19.76 -23.34 27.96
C17 P33 U . -20.00 -24.27 26.75
O16 P33 U . -20.66 -25.49 27.05
C15 P33 U . -21.50 -26.05 26.03
C14 P33 U . -22.00 -27.37 26.56
O13 P33 U . -23.41 -27.51 26.88
C12 P33 U . -23.67 -27.37 28.27
C11 P33 U . -24.53 -28.45 28.84
O10 P33 U . -23.70 -29.53 29.25
C9 P33 U . -23.88 -29.92 30.62
C8 P33 U . -22.96 -31.08 31.00
O7 P33 U . -21.62 -30.67 30.78
C6 P33 U . -20.67 -31.71 31.04
C5 P33 U . -19.23 -31.28 30.74
O4 P33 U . -18.88 -30.21 31.58
C3 P33 U . -17.45 -30.04 31.66
C2 P33 U . -17.08 -28.69 32.24
O1 P33 U . -17.45 -28.64 33.61
FE1 FES V . -32.00 -45.83 4.36
FE2 FES V . -32.80 -46.35 1.79
S1 FES V . -32.69 -44.36 2.80
S2 FES V . -32.38 -47.84 3.42
PB MGD W . -7.95 26.17 15.86
O1B MGD W . -6.52 26.51 15.88
O2B MGD W . -8.95 27.11 16.59
O3B MGD W . -8.01 24.70 16.48
O3A MGD W . -9.07 22.98 17.75
PA MGD W . -9.17 23.63 16.29
O1A MGD W . -10.47 24.28 16.09
O2A MGD W . -8.70 22.49 15.37
O5' MGD W . -8.34 25.81 14.35
C5' MGD W . -8.92 26.92 13.67
C4' MGD W . -8.78 26.62 12.20
O4' MGD W . -9.69 27.46 11.53
C3' MGD W . -7.38 26.95 11.68
O3' MGD W . -7.03 26.03 10.65
C2' MGD W . -7.59 28.32 11.14
O2' MGD W . -6.73 28.73 10.07
C1' MGD W . -9.00 28.25 10.61
N9 MGD W . -9.79 29.44 10.45
C8 MGD W . -9.71 30.60 11.17
N7 MGD W . -10.60 31.49 10.73
C5 MGD W . -11.33 30.83 9.80
C6 MGD W . -12.46 31.19 8.99
O6 MGD W . -12.98 32.31 9.15
N1 MGD W . -12.96 30.27 8.14
C2 MGD W . -12.47 29.07 8.03
N2 MGD W . -13.09 28.26 7.13
N3 MGD W . -11.38 28.64 8.73
C4 MGD W . -10.80 29.49 9.62
C10 MGD W . -9.17 23.81 18.94
C11 MGD W . -9.77 22.96 20.01
O11 MGD W . -8.63 22.19 20.45
C12 MGD W . -10.50 23.71 21.16
S12 MGD W . -11.28 25.18 20.84
C13 MGD W . -10.45 23.17 22.38
S13 MGD W . -11.28 23.86 23.72
C14 MGD W . -9.61 21.92 22.64
N15 MGD W . -8.62 22.13 23.65
C16 MGD W . -7.68 21.18 23.86
C17 MGD W . -7.01 21.00 25.12
O17 MGD W . -7.29 21.80 26.04
N18 MGD W . -6.10 20.03 25.24
C19 MGD W . -5.79 19.18 24.20
N19 MGD W . -4.88 18.20 24.34
N20 MGD W . -6.43 19.25 23.04
C21 MGD W . -7.34 20.20 22.83
N22 MGD W . -7.97 20.31 21.68
C23 MGD W . -9.02 21.24 21.39
PB MGD X . -6.65 25.66 29.74
O1B MGD X . -5.25 26.13 29.75
O2B MGD X . -7.06 24.68 28.62
O3B MGD X . -7.46 27.01 29.69
O3A MGD X . -9.39 28.25 28.79
PA MGD X . -8.97 27.41 30.10
O1A MGD X . -9.85 26.22 30.35
O2A MGD X . -8.74 28.43 31.16
O5' MGD X . -6.88 24.88 31.15
C5' MGD X . -7.18 25.62 32.32
C4' MGD X . -6.53 25.06 33.57
O4' MGD X . -7.05 23.71 33.77
C3' MGD X . -5.04 24.90 33.49
O3' MGD X . -4.36 25.91 34.20
C2' MGD X . -4.80 23.50 34.05
O2' MGD X . -3.74 23.35 34.99
C1' MGD X . -6.14 23.10 34.59
N9 MGD X . -6.41 21.68 34.74
C8 MGD X . -5.84 20.63 34.14
N7 MGD X . -6.33 19.47 34.65
C5 MGD X . -7.26 19.81 35.55
C6 MGD X . -8.14 19.07 36.44
O6 MGD X . -8.20 17.81 36.48
N1 MGD X . -8.91 19.80 37.22
C2 MGD X . -8.89 21.15 37.24
N2 MGD X . -9.73 21.83 38.08
N3 MGD X . -8.08 21.88 36.46
C4 MGD X . -7.30 21.25 35.61
C10 MGD X . -9.72 27.53 27.60
C11 MGD X . -10.26 28.51 26.56
O11 MGD X . -9.26 29.50 26.44
C12 MGD X . -10.65 27.86 25.22
S12 MGD X . -11.59 26.45 25.23
C13 MGD X . -10.33 28.43 24.07
S13 MGD X . -10.96 27.83 22.57
C14 MGD X . -9.51 29.72 24.06
N15 MGD X . -8.17 29.58 23.59
C16 MGD X . -7.19 30.39 23.99
C17 MGD X . -5.86 30.32 23.40
O17 MGD X . -5.61 29.49 22.50
N18 MGD X . -4.96 31.17 23.88
C19 MGD X . -5.24 32.12 24.86
N19 MGD X . -4.29 32.91 25.31
N20 MGD X . -6.42 32.20 25.49
C21 MGD X . -7.41 31.38 25.07
N22 MGD X . -8.60 31.43 25.62
C23 MGD X . -9.57 30.44 25.42
O O Y . -14.24 25.63 23.64
O O Z . -13.27 26.82 21.77
MO 4MO AA . -12.20 25.93 23.02
FE1 F3S BA . -9.13 39.45 22.40
FE3 F3S BA . -9.82 40.49 24.78
FE4 F3S BA . -9.72 37.82 24.55
S1 F3S BA . -8.37 41.41 23.31
S2 F3S BA . -8.18 37.54 22.98
S3 F3S BA . -11.05 39.16 23.48
S4 F3S BA . -9.10 39.10 26.28
S SO4 CA . -14.02 31.68 -10.43
O1 SO4 CA . -12.90 31.41 -9.54
O2 SO4 CA . -14.82 32.76 -9.77
O3 SO4 CA . -13.37 32.28 -11.66
O4 SO4 CA . -14.99 30.50 -10.78
S SO4 DA . -30.86 39.67 45.63
O1 SO4 DA . -29.66 38.83 45.60
O2 SO4 DA . -30.93 40.31 46.96
O3 SO4 DA . -30.84 40.80 44.64
O4 SO4 DA . -31.98 38.69 45.41
S SO4 EA . -10.43 32.79 56.86
O1 SO4 EA . -11.17 31.50 56.92
O2 SO4 EA . -9.89 33.20 58.19
O3 SO4 EA . -9.32 32.65 55.88
O4 SO4 EA . -11.32 33.90 56.49
C1 GOL FA . 5.12 40.66 11.07
O1 GOL FA . 6.22 41.61 11.26
C2 GOL FA . 5.13 39.73 12.28
O2 GOL FA . 5.92 38.51 11.97
C3 GOL FA . 5.64 40.52 13.56
O3 GOL FA . 5.43 39.86 14.88
SB SBO GA . -15.46 26.49 22.54
O1 SBO GA . -16.30 27.67 21.21
O2 SBO GA . -16.98 25.71 23.55
O3 SBO GA . -15.08 27.91 23.89
O22 P33 HA . -31.27 30.25 19.16
C21 P33 HA . -30.21 31.16 18.83
C20 P33 HA . -29.07 31.31 19.86
O19 P33 HA . -28.99 32.59 20.48
C18 P33 HA . -28.11 32.68 21.61
C17 P33 HA . -28.76 33.07 22.94
O16 P33 HA . -27.81 32.72 23.94
C15 P33 HA . -28.19 32.02 25.14
C14 P33 HA . -27.57 30.62 25.22
O13 P33 HA . -26.20 30.66 25.60
C12 P33 HA . -25.43 29.40 25.71
C11 P33 HA . -25.04 29.01 24.28
O10 P33 HA . -24.02 28.05 23.92
C9 P33 HA . -24.06 27.76 22.48
C8 P33 HA . -24.78 26.42 22.31
O7 P33 HA . -25.15 25.89 21.02
C6 P33 HA . -25.63 24.52 21.05
C5 P33 HA . -24.58 23.50 21.53
O4 P33 HA . -23.96 22.63 20.57
C3 P33 HA . -24.68 21.45 20.18
C2 P33 HA . -25.03 20.53 21.32
O1 P33 HA . -25.92 19.54 20.78
FE1 FES IA . -0.29 46.19 31.32
FE2 FES IA . 2.29 46.61 31.86
S1 FES IA . 1.24 44.64 31.78
S2 FES IA . 0.78 48.17 31.57
PB MGD JA . 7.98 -26.14 -15.84
O1B MGD JA . 7.99 -26.86 -14.54
O2B MGD JA . 8.29 -26.76 -17.22
O3B MGD JA . 8.94 -24.89 -15.61
O3A MGD JA . 10.58 -23.34 -16.37
PA MGD JA . 9.00 -23.52 -16.48
O1A MGD JA . 8.59 -23.77 -17.88
O2A MGD JA . 8.50 -22.42 -15.62
O5' MGD JA . 6.62 -25.32 -16.11
C5' MGD JA . 5.60 -25.92 -16.88
C4' MGD JA . 4.27 -25.38 -16.43
O4' MGD JA . 3.38 -25.75 -17.48
C3' MGD JA . 3.80 -26.03 -15.13
O3' MGD JA . 3.22 -25.03 -14.32
C2' MGD JA . 2.81 -27.07 -15.62
O2' MGD JA . 1.76 -27.41 -14.74
C1' MGD JA . 2.29 -26.46 -16.93
N9 MGD JA . 1.79 -27.39 -17.94
C8 MGD JA . 2.13 -28.71 -18.16
N7 MGD JA . 1.43 -29.18 -19.19
C5 MGD JA . 0.71 -28.15 -19.66
C6 MGD JA . -0.23 -27.94 -20.75
O6 MGD JA . -0.52 -28.88 -21.52
N1 MGD JA . -0.76 -26.73 -20.89
C2 MGD JA . -0.51 -25.73 -20.08
N2 MGD JA . -1.11 -24.52 -20.29
N3 MGD JA . 0.33 -25.83 -19.06
C4 MGD JA . 0.91 -27.00 -18.82
C10 MGD JA . 11.43 -24.41 -16.82
C11 MGD JA . 12.73 -23.76 -17.29
O11 MGD JA . 13.44 -23.46 -16.07
C12 MGD JA . 13.62 -24.51 -18.30
S12 MGD JA . 12.90 -25.56 -19.39
C13 MGD JA . 14.93 -24.28 -18.28
S13 MGD JA . 16.05 -24.99 -19.35
C14 MGD JA . 15.54 -23.34 -17.26
N15 MGD JA . 16.50 -24.10 -16.47
C16 MGD JA . 17.04 -23.56 -15.32
C17 MGD JA . 18.34 -23.89 -14.74
O17 MGD JA . 19.12 -24.77 -15.23
N18 MGD JA . 18.67 -23.22 -13.59
C19 MGD JA . 17.89 -22.25 -13.02
N19 MGD JA . 18.29 -21.64 -11.90
N20 MGD JA . 16.71 -21.90 -13.52
C21 MGD JA . 16.26 -22.52 -14.63
N22 MGD JA . 15.07 -22.14 -15.14
C23 MGD JA . 14.53 -22.60 -16.39
PB MGD KA . 21.46 -29.49 -15.99
O1B MGD KA . 21.37 -30.21 -14.69
O2B MGD KA . 20.74 -28.14 -16.10
O3B MGD KA . 21.07 -30.56 -17.13
O3A MGD KA . 19.84 -30.82 -19.34
PA MGD KA . 21.26 -30.52 -18.75
O1A MGD KA . 21.84 -29.24 -19.23
O2A MGD KA . 22.00 -31.83 -18.95
O5' MGD KA . 23.00 -29.06 -16.19
C5' MGD KA . 23.95 -29.97 -16.71
C4' MGD KA . 25.35 -29.73 -16.13
O4' MGD KA . 25.87 -28.43 -16.37
C3' MGD KA . 25.38 -29.96 -14.64
O3' MGD KA . 25.77 -31.30 -14.31
C2' MGD KA . 26.24 -28.86 -14.12
O2' MGD KA . 27.22 -29.25 -13.14
C1' MGD KA . 26.86 -28.37 -15.38
N9 MGD KA . 27.44 -27.04 -15.31
C8 MGD KA . 27.25 -26.08 -14.39
N7 MGD KA . 27.99 -25.00 -14.65
C5 MGD KA . 28.70 -25.31 -15.75
C6 MGD KA . 29.68 -24.61 -16.56
O6 MGD KA . 30.02 -23.45 -16.28
N1 MGD KA . 30.19 -25.27 -17.60
C2 MGD KA . 29.84 -26.53 -17.89
N2 MGD KA . 30.45 -27.07 -18.96
N3 MGD KA . 28.93 -27.26 -17.21
C4 MGD KA . 28.36 -26.66 -16.17
C10 MGD KA . 18.84 -29.82 -19.24
C11 MGD KA . 17.59 -30.38 -19.88
O11 MGD KA . 17.27 -31.53 -19.11
C12 MGD KA . 16.49 -29.35 -19.95
S12 MGD KA . 16.82 -27.78 -20.52
C13 MGD KA . 15.24 -29.67 -19.63
S13 MGD KA . 13.95 -28.58 -19.86
C14 MGD KA . 14.90 -31.03 -19.17
N15 MGD KA . 14.51 -31.13 -17.78
C16 MGD KA . 14.73 -32.27 -17.10
C17 MGD KA . 14.23 -32.48 -15.76
O17 MGD KA . 13.62 -31.56 -15.25
N18 MGD KA . 14.50 -33.62 -15.12
C19 MGD KA . 15.17 -34.64 -15.68
N19 MGD KA . 15.42 -35.74 -14.90
N20 MGD KA . 15.66 -34.56 -16.92
C21 MGD KA . 15.43 -33.44 -17.66
N22 MGD KA . 15.88 -33.28 -18.87
C23 MGD KA . 16.00 -32.01 -19.51
O O LA . 13.33 -26.87 -21.94
O O MA . 15.20 -25.79 -22.42
MO 4MO NA . 14.76 -26.54 -20.66
FE1 F3S OA . 10.63 -39.79 -20.99
FE3 F3S OA . 12.65 -41.16 -22.20
FE4 F3S OA . 13.14 -38.67 -21.34
S1 F3S OA . 11.10 -42.02 -20.78
S2 F3S OA . 11.74 -38.42 -19.59
S3 F3S OA . 11.71 -39.27 -22.92
S4 F3S OA . 14.48 -40.47 -21.24
S SO4 PA . 32.03 -39.86 -44.60
O1 SO4 PA . 32.64 -41.22 -44.50
O2 SO4 PA . 32.18 -39.20 -43.29
O3 SO4 PA . 32.64 -38.96 -45.61
O4 SO4 PA . 30.60 -40.10 -44.90
S SO4 QA . -19.04 -23.16 -20.34
O1 SO4 QA . -18.20 -23.54 -19.16
O2 SO4 QA . -20.33 -23.63 -19.76
O3 SO4 QA . -19.08 -21.68 -20.84
O4 SO4 QA . -18.74 -23.99 -21.56
S SO4 RA . 45.62 -41.75 -24.14
O1 SO4 RA . 46.73 -41.89 -23.16
O2 SO4 RA . 44.39 -41.95 -23.37
O3 SO4 RA . 45.57 -40.39 -24.72
O4 SO4 RA . 45.75 -42.79 -25.22
C1 GOL SA . 0.87 -40.71 -6.26
O1 GOL SA . 1.25 -40.16 -5.00
C2 GOL SA . 0.83 -42.20 -5.95
O2 GOL SA . -0.25 -42.76 -6.76
C3 GOL SA . 2.21 -42.93 -6.05
O3 GOL SA . 3.51 -42.24 -6.14
SB SBO TA . 14.02 -26.06 -23.88
O1 SBO TA . 12.46 -26.36 -25.03
O2 SBO TA . 15.16 -25.20 -25.29
O3 SBO TA . 14.74 -27.95 -23.97
O22 P33 UA . 13.41 -16.93 -31.26
C21 P33 UA . 13.36 -18.14 -32.04
C20 P33 UA . 13.30 -19.46 -31.26
O19 P33 UA . 13.66 -20.59 -32.10
C18 P33 UA . 12.86 -20.89 -33.27
C17 P33 UA . 12.49 -22.37 -33.31
O16 P33 UA . 13.43 -23.22 -32.59
C15 P33 UA . 13.03 -24.57 -32.36
C14 P33 UA . 14.24 -25.53 -32.40
O13 P33 UA . 14.48 -26.07 -33.71
C12 P33 UA . 15.59 -26.99 -33.85
C11 P33 UA . 15.87 -27.15 -35.36
O10 P33 UA . 14.97 -28.06 -36.02
C9 P33 UA . 14.86 -28.12 -37.45
C8 P33 UA . 13.63 -28.98 -37.84
O7 P33 UA . 12.44 -28.22 -38.11
C6 P33 UA . 11.19 -28.70 -37.60
C5 P33 UA . 9.88 -27.97 -37.99
O4 P33 UA . 10.03 -26.61 -38.22
C3 P33 UA . 8.85 -25.77 -38.41
C2 P33 UA . 9.47 -24.68 -39.24
O1 P33 UA . 8.53 -23.88 -39.96
FE1 FES VA . 17.75 -50.63 -15.11
FE2 FES VA . 18.33 -51.88 -12.83
S1 FES VA . 18.77 -49.72 -13.32
S2 FES VA . 17.64 -52.83 -14.65
PB MGD WA . 15.70 25.65 -10.02
O1B MGD WA . 14.45 26.51 -9.97
O2B MGD WA . 17.00 26.23 -10.56
O3B MGD WA . 15.34 24.40 -10.93
O3A MGD WA . 15.86 22.89 -12.67
PA MGD WA . 16.12 23.02 -11.07
O1A MGD WA . 17.52 23.22 -10.72
O2A MGD WA . 15.24 21.97 -10.48
O5' MGD WA . 15.91 24.83 -8.66
C5' MGD WA . 16.86 25.35 -7.77
C4' MGD WA . 16.57 24.85 -6.36
O4' MGD WA . 17.69 25.18 -5.58
C3' MGD WA . 15.34 25.58 -5.78
O3' MGD WA . 14.49 24.62 -5.09
C2' MGD WA . 15.98 26.62 -4.89
O2' MGD WA . 15.22 26.96 -3.72
C1' MGD WA . 17.24 25.91 -4.44
N9 MGD WA . 18.33 26.81 -4.03
C8 MGD WA . 18.57 28.09 -4.43
N7 MGD WA . 19.70 28.55 -3.84
C5 MGD WA . 20.14 27.49 -3.06
C6 MGD WA . 21.32 27.26 -2.27
O6 MGD WA . 22.16 28.22 -2.08
N1 MGD WA . 21.46 26.05 -1.74
C2 MGD WA . 20.57 25.04 -1.89
N2 MGD WA . 20.81 23.86 -1.25
N3 MGD WA . 19.47 25.16 -2.61
C4 MGD WA . 19.26 26.37 -3.23
C10 MGD WA . 16.32 23.88 -13.61
C11 MGD WA . 16.68 23.05 -14.84
O11 MGD WA . 15.40 22.74 -15.42
C12 MGD WA . 17.59 23.76 -15.85
S12 MGD WA . 18.77 24.84 -15.22
C13 MGD WA . 17.43 23.60 -17.18
S13 MGD WA . 18.42 24.32 -18.35
C14 MGD WA . 16.25 22.73 -17.71
N15 MGD WA . 15.38 23.46 -18.60
C16 MGD WA . 14.19 22.99 -18.98
C17 MGD WA . 13.55 23.32 -20.24
O17 MGD WA . 14.03 24.20 -21.03
N18 MGD WA . 12.38 22.73 -20.50
C19 MGD WA . 11.82 21.79 -19.70
N19 MGD WA . 10.67 21.17 -20.04
N20 MGD WA . 12.42 21.42 -18.59
C21 MGD WA . 13.57 21.97 -18.19
N22 MGD WA . 14.16 21.57 -17.07
C23 MGD WA . 15.48 21.98 -16.64
PB MGD XA . 14.83 28.81 -23.48
O1B MGD XA . 13.66 29.69 -23.28
O2B MGD XA . 14.95 27.55 -22.67
O3B MGD XA . 16.04 29.86 -23.22
O3A MGD XA . 18.19 30.10 -22.11
PA MGD XA . 17.63 29.87 -23.56
O1A MGD XA . 17.88 28.60 -24.17
O2A MGD XA . 17.83 31.15 -24.27
O5' MGD XA . 14.94 28.42 -25.06
C5' MGD XA . 15.36 29.38 -25.99
C4' MGD XA . 14.68 29.19 -27.32
O4' MGD XA . 14.74 27.83 -27.84
C3' MGD XA . 13.18 29.54 -27.31
O3' MGD XA . 12.94 30.88 -27.78
C2' MGD XA . 12.54 28.43 -28.18
O2' MGD XA . 11.53 28.84 -29.07
C1' MGD XA . 13.77 27.83 -28.87
N9 MGD XA . 13.61 26.47 -29.38
C8 MGD XA . 12.71 25.53 -29.06
N7 MGD XA . 12.85 24.41 -29.79
C5 MGD XA . 13.89 24.66 -30.57
C6 MGD XA . 14.58 23.92 -31.65
O6 MGD XA . 14.25 22.75 -31.91
N1 MGD XA . 15.57 24.59 -32.30
C2 MGD XA . 15.93 25.85 -32.01
N2 MGD XA . 16.92 26.42 -32.68
N3 MGD XA . 15.33 26.60 -31.01
C4 MGD XA . 14.34 26.03 -30.34
C10 MGD XA . 18.23 29.04 -21.19
C11 MGD XA . 18.99 29.54 -19.96
O11 MGD XA . 18.37 30.77 -19.56
C12 MGD XA . 19.15 28.52 -18.83
S12 MGD XA . 19.70 26.93 -19.13
C13 MGD XA . 18.98 28.90 -17.54
S13 MGD XA . 19.26 27.88 -16.23
C14 MGD XA . 18.64 30.31 -17.20
N15 MGD XA . 17.30 30.46 -16.68
C16 MGD XA . 16.63 31.64 -16.84
C17 MGD XA . 15.28 31.89 -16.22
O17 MGD XA . 14.73 31.02 -15.54
N18 MGD XA . 14.71 33.05 -16.48
C19 MGD XA . 15.27 33.97 -17.27
N19 MGD XA . 14.61 35.10 -17.47
N20 MGD XA . 16.50 33.87 -17.80
C21 MGD XA . 17.18 32.75 -17.66
N22 MGD XA . 18.37 32.57 -18.26
C23 MGD XA . 18.94 31.27 -18.35
O O YA . 21.77 24.99 -18.22
O O ZA . 21.36 26.04 -15.62
MO 4MO AB . 19.95 25.79 -17.16
FE1 F3S BB . 21.23 39.05 -13.19
FE3 F3S BB . 22.31 40.30 -15.28
FE4 F3S BB . 21.30 37.87 -15.71
S1 F3S BB . 21.10 41.29 -13.63
S2 F3S BB . 19.67 37.77 -14.19
S3 F3S BB . 23.03 38.38 -14.35
S4 F3S BB . 21.19 39.65 -17.07
S SO4 CB . 22.29 22.60 16.57
O1 SO4 CB . 22.63 21.13 16.63
O2 SO4 CB . 21.95 23.03 17.97
O3 SO4 CB . 23.42 23.44 16.08
O4 SO4 CB . 21.13 22.99 15.74
S SO4 DB . 21.66 40.67 -48.42
O1 SO4 DB . 22.24 39.38 -47.95
O2 SO4 DB . 20.46 41.03 -47.61
O3 SO4 DB . 22.68 41.78 -48.42
O4 SO4 DB . 21.19 40.45 -49.81
O22 P33 EB . 40.50 21.58 -14.71
C21 P33 EB . 40.40 22.14 -13.39
C20 P33 EB . 38.99 22.45 -12.93
O19 P33 EB . 38.56 23.80 -12.64
C18 P33 EB . 37.92 24.47 -13.74
C17 P33 EB . 37.53 25.87 -13.44
O16 P33 EB . 37.31 26.81 -14.51
C15 P33 EB . 37.60 26.48 -15.89
C14 P33 EB . 36.89 27.36 -16.86
O13 P33 EB . 36.78 26.89 -18.22
C12 P33 EB . 35.81 25.86 -18.56
C11 P33 EB . 34.51 26.21 -19.30
O10 P33 EB . 33.29 25.32 -19.18
C9 P33 EB . 32.95 24.78 -17.86
C8 P33 EB . 31.60 24.08 -17.57
O7 P33 EB . 31.55 23.08 -16.48
C6 P33 EB . 32.33 21.91 -16.59
C5 P33 EB . 31.92 20.61 -15.89
O4 P33 EB . 31.74 19.42 -16.74
C3 P33 EB . 30.43 18.72 -16.68
C2 P33 EB . 30.42 17.31 -16.01
O1 P33 EB . 30.23 16.16 -16.88
O22 P33 FB . 11.33 52.06 3.83
C21 P33 FB . 11.42 52.20 5.27
C20 P33 FB . 12.49 51.28 5.93
O19 P33 FB . 11.95 50.67 7.11
C18 P33 FB . 12.77 50.01 8.07
C17 P33 FB . 12.09 48.90 8.92
O16 P33 FB . 10.67 48.90 8.76
C15 P33 FB . 9.94 47.69 8.92
C14 P33 FB . 8.53 47.91 8.42
O13 P33 FB . 7.85 46.75 7.93
C12 P33 FB . 7.84 46.45 6.49
C11 P33 FB . 7.08 47.40 5.61
O10 P33 FB . 7.02 46.98 4.25
C9 P33 FB . 6.80 47.89 3.13
C8 P33 FB . 5.83 49.01 3.43
O7 P33 FB . 5.13 49.49 2.31
C6 P33 FB . 4.55 50.81 2.36
C5 P33 FB . 3.45 51.00 3.40
O4 P33 FB . 3.91 51.98 4.33
C3 P33 FB . 3.26 52.10 5.62
C2 P33 FB . 3.91 53.23 6.42
O1 P33 FB . 4.71 52.72 7.50
C1 GOL GB . 7.26 40.76 -2.38
O1 GOL GB . 5.99 40.04 -2.27
C2 GOL GB . 6.88 42.23 -2.53
O2 GOL GB . 7.30 42.92 -1.30
C3 GOL GB . 7.35 42.84 -3.88
O3 GOL GB . 7.23 42.19 -5.18
C1 GOL HB . 11.17 6.13 -32.14
O1 GOL HB . 10.60 5.19 -31.20
C2 GOL HB . 10.13 6.95 -32.95
O2 GOL HB . 8.80 7.34 -32.42
C3 GOL HB . 10.97 8.16 -33.48
O3 GOL HB . 11.36 9.39 -32.73
SB SBO IB . 23.14 25.17 -16.70
O1 SBO IB . 24.36 25.39 -15.15
O2 SBO IB . 24.47 24.23 -17.95
O3 SBO IB . 23.25 26.89 -17.53
FE1 FES JB . 15.26 50.12 -19.87
FE2 FES JB . 12.87 51.49 -20.25
S1 FES JB . 13.33 49.35 -20.74
S2 FES JB . 14.92 52.34 -19.68
#